data_8S1Z
#
_entry.id   8S1Z
#
_cell.length_a   127.959
_cell.length_b   127.959
_cell.length_c   220.361
_cell.angle_alpha   90.000
_cell.angle_beta   90.000
_cell.angle_gamma   90.000
#
_symmetry.space_group_name_H-M   'P 43'
#
loop_
_entity.id
_entity.type
_entity.pdbx_description
1 polymer 'Membrane primary amine oxidase'
2 branched alpha-D-mannopyranose-(1-6)-alpha-D-mannopyranose-(1-6)-alpha-D-mannopyranose-(1-4)-2-acetamido-2-deoxy-beta-D-glucopyranose-(1-4)-2-acetamido-2-deoxy-beta-D-glucopyranose
3 branched alpha-D-mannopyranose-(1-3)-[alpha-D-mannopyranose-(1-6)]alpha-D-mannopyranose-(1-4)-2-acetamido-2-deoxy-beta-D-glucopyranose-(1-4)-2-acetamido-2-deoxy-beta-D-glucopyranose
4 branched 2-acetamido-2-deoxy-beta-D-glucopyranose-(1-4)-2-acetamido-2-deoxy-beta-D-glucopyranose
5 branched alpha-D-mannopyranose-(1-6)-alpha-D-mannopyranose-(1-4)-2-acetamido-2-deoxy-beta-D-glucopyranose-(1-4)-[alpha-L-fucopyranose-(1-6)]2-acetamido-2-deoxy-beta-D-glucopyranose
6 branched 2-acetamido-2-deoxy-beta-D-glucopyranose-(1-3)-2-acetamido-2-deoxy-beta-D-glucopyranose
7 branched alpha-D-mannopyranose-(1-6)-alpha-D-mannopyranose-(1-4)-2-acetamido-2-deoxy-beta-D-glucopyranose-(1-4)-2-acetamido-2-deoxy-beta-D-glucopyranose
8 branched alpha-L-fucopyranose-(1-6)-2-acetamido-2-deoxy-beta-D-glucopyranose
9 branched alpha-D-mannopyranose-(1-2)-alpha-D-mannopyranose-(1-3)-[alpha-D-mannopyranose-(1-6)]alpha-D-mannopyranose-(1-4)-2-acetamido-2-deoxy-beta-D-glucopyranose-(1-4)-2-acetamido-2-deoxy-beta-D-glucopyranose
10 branched alpha-D-mannopyranose-(1-4)-2-acetamido-2-deoxy-beta-D-glucopyranose-(1-4)-2-acetamido-2-deoxy-beta-D-glucopyranose
11 branched alpha-D-mannopyranose-(1-4)-2-acetamido-2-deoxy-beta-D-glucopyranose-(1-4)-[alpha-L-fucopyranose-(1-6)]2-acetamido-2-deoxy-beta-D-glucopyranose
12 branched alpha-D-mannopyranose-(1-3)-alpha-D-mannopyranose-(1-4)-2-acetamido-2-deoxy-beta-D-glucopyranose-(1-4)-2-acetamido-2-deoxy-beta-D-glucopyranose
13 branched alpha-D-mannopyranose-(1-6)-alpha-D-mannopyranose-(1-6)-[alpha-D-mannopyranose-(1-3)]alpha-D-mannopyranose-(1-4)-2-acetamido-2-deoxy-beta-D-glucopyranose-(1-4)-2-acetamido-2-deoxy-beta-D-glucopyranose
14 non-polymer 'CALCIUM ION'
15 non-polymer 'COPPER (II) ION'
16 non-polymer 2-acetamido-2-deoxy-beta-D-glucopyranose
#
_entity_poly.entity_id   1
_entity_poly.type   'polypeptide(L)'
_entity_poly.pdbx_seq_one_letter_code
;GRGGDGGEPSQLPHCPSVSPSAQPWTHPGQSQLFADLSREELTAVMRFLTQRLGPGLVDAAQARPSDNCVFSVELQLPPK
AAALAHLDRGSPPPAREALAIVFFGRQPQPNVSELVVGPLPHPSYMRDVTVERHGGPLPYHRRPVLFQEYLDIDQMIFNR
ELPQASGLLHHCCFYKHRGRNLVTMTTAPRGLQSGDRATWFGLYYNISGAGFFLHHVGLELLVNHKALDPARWTIQKVFY
QGRYYDSLAQLEAQFEAGLVNVVLIPDNGTGGSWSLKSPVPPGPAPPLQFYPQGPRFSVQGSRVASSLWTFSFGLGAFSG
PRIFDVRFQGERLVYEISLQEALAIYGGNSPAAMTTRYVDGGFGMGKYTTPLTRGVDCPYLATYVDWHFLLESQAPKTIR
DAFCVFEQNQGLPLRRHHSDLYSHYFGGLAETVLVVRSMSTLLN(TPQ)DYVWDTVFHPSGAIEIRFYATGYISSAFLFG
ATGKYGNQVSEHTLGTVHTHSAHFKVDLDVAGLENWVWAEDMVFVPMAVPWSPEHQLQRLQVTRKLLEMEEQAAFLVGSA
TPRYLYLASNHSNKWGHPRGYRIQMLSFAGEPLPQNSSMARGFSWERYQLAVTQRKEEEPSSSSVFNQNDPWAPTVDFSD
FINNETIAGKDLVAWVTAGFLHIPHAEDIPNTVTVGNGVGFFLRPYNFFDEDPSFYSADSIYFRGDQDAGACEVNPLACL
PQAAACAPDLPAFSHGGFSHN
;
_entity_poly.pdbx_strand_id   A,B,C,D
#
loop_
_chem_comp.id
_chem_comp.type
_chem_comp.name
_chem_comp.formula
CA non-polymer 'CALCIUM ION' 'Ca 2'
CU non-polymer 'COPPER (II) ION' 'Cu 2'
FUC L-saccharide, alpha linking alpha-L-fucopyranose 'C6 H12 O5'
MAN D-saccharide, alpha linking alpha-D-mannopyranose 'C6 H12 O6'
NAG D-saccharide, beta linking 2-acetamido-2-deoxy-beta-D-glucopyranose 'C8 H15 N O6'
#
# COMPACT_ATOMS: atom_id res chain seq x y z
N SER A 10 74.45 8.51 6.61
CA SER A 10 73.46 9.27 5.87
C SER A 10 73.32 10.70 6.42
N GLN A 11 73.00 11.65 5.53
CA GLN A 11 72.83 13.07 5.86
C GLN A 11 71.88 13.67 4.82
N LEU A 12 70.61 13.23 4.87
CA LEU A 12 69.54 13.52 3.91
C LEU A 12 69.64 14.93 3.34
N PRO A 13 69.67 15.07 2.00
CA PRO A 13 70.01 16.37 1.41
C PRO A 13 68.82 17.20 0.97
N HIS A 14 69.10 18.35 0.35
CA HIS A 14 68.06 19.25 -0.13
C HIS A 14 67.57 18.84 -1.51
N CYS A 15 66.30 19.10 -1.75
CA CYS A 15 65.64 18.89 -3.04
C CYS A 15 66.06 20.03 -3.95
N PRO A 16 66.04 19.85 -5.29
CA PRO A 16 66.49 20.95 -6.17
C PRO A 16 65.68 22.24 -6.05
N GLN A 30 58.63 30.76 -30.10
CA GLN A 30 58.68 31.30 -28.74
C GLN A 30 59.03 32.78 -28.77
N SER A 31 58.00 33.64 -28.76
CA SER A 31 58.23 35.08 -28.83
C SER A 31 57.42 35.80 -27.76
N GLN A 32 57.90 36.98 -27.40
CA GLN A 32 57.27 37.85 -26.40
C GLN A 32 56.44 38.93 -27.11
N LEU A 33 55.47 38.50 -27.90
CA LEU A 33 54.70 39.46 -28.69
C LEU A 33 53.44 39.93 -27.96
N PHE A 34 52.99 39.17 -26.96
CA PHE A 34 51.81 39.50 -26.17
C PHE A 34 52.17 39.94 -24.76
N ALA A 35 53.46 40.05 -24.45
CA ALA A 35 53.89 40.45 -23.12
C ALA A 35 53.38 41.85 -22.80
N ASP A 36 53.01 42.07 -21.55
CA ASP A 36 52.65 43.40 -21.12
C ASP A 36 53.85 44.34 -21.22
N LEU A 37 53.57 45.64 -21.26
CA LEU A 37 54.62 46.62 -21.43
C LEU A 37 55.53 46.65 -20.21
N SER A 38 56.83 46.79 -20.45
CA SER A 38 57.82 46.82 -19.40
C SER A 38 57.97 48.25 -18.86
N ARG A 39 58.71 48.35 -17.75
CA ARG A 39 59.00 49.65 -17.14
C ARG A 39 59.56 50.62 -18.17
N GLU A 40 60.53 50.15 -18.97
CA GLU A 40 61.15 51.00 -19.98
C GLU A 40 60.13 51.41 -21.03
N GLU A 41 59.40 50.43 -21.57
CA GLU A 41 58.42 50.70 -22.62
C GLU A 41 57.39 51.72 -22.16
N LEU A 42 56.89 51.57 -20.93
CA LEU A 42 55.95 52.55 -20.38
C LEU A 42 56.60 53.92 -20.28
N THR A 43 57.82 53.97 -19.74
CA THR A 43 58.57 55.22 -19.66
C THR A 43 58.73 55.85 -21.04
N ALA A 44 59.10 55.04 -22.04
CA ALA A 44 59.36 55.56 -23.37
C ALA A 44 58.11 56.20 -23.97
N VAL A 45 56.93 55.63 -23.69
CA VAL A 45 55.70 56.20 -24.24
C VAL A 45 55.33 57.48 -23.50
N MET A 46 55.54 57.51 -22.18
CA MET A 46 55.22 58.71 -21.41
C MET A 46 56.10 59.88 -21.83
N ARG A 47 57.41 59.64 -21.95
CA ARG A 47 58.31 60.65 -22.50
C ARG A 47 57.80 61.17 -23.83
N PHE A 48 57.56 60.24 -24.76
CA PHE A 48 57.03 60.59 -26.08
C PHE A 48 55.74 61.38 -25.96
N LEU A 49 54.91 61.07 -24.96
CA LEU A 49 53.64 61.76 -24.81
C LEU A 49 53.82 63.16 -24.24
N THR A 50 54.57 63.30 -23.15
CA THR A 50 54.82 64.63 -22.59
C THR A 50 55.41 65.57 -23.63
N GLN A 51 56.30 65.04 -24.48
CA GLN A 51 56.91 65.84 -25.54
C GLN A 51 55.89 66.29 -26.57
N ARG A 52 55.31 65.33 -27.30
CA ARG A 52 54.52 65.63 -28.49
C ARG A 52 53.07 65.98 -28.20
N LEU A 53 52.64 65.95 -26.95
CA LEU A 53 51.27 66.29 -26.64
C LEU A 53 51.16 67.69 -26.04
N GLY A 54 52.26 68.43 -25.99
CA GLY A 54 52.26 69.82 -25.59
C GLY A 54 52.15 70.02 -24.10
N PRO A 55 53.16 70.68 -23.52
CA PRO A 55 53.08 71.01 -22.09
C PRO A 55 51.81 71.77 -21.72
N GLY A 56 51.57 71.87 -20.42
CA GLY A 56 50.23 72.02 -19.91
C GLY A 56 49.66 70.72 -19.41
N LEU A 57 50.51 69.73 -19.20
CA LEU A 57 50.10 68.36 -18.86
C LEU A 57 50.26 68.13 -17.37
N VAL A 58 49.23 67.56 -16.74
CA VAL A 58 49.20 67.34 -15.31
C VAL A 58 49.38 65.86 -15.02
N ASP A 59 50.15 65.55 -13.98
CA ASP A 59 50.14 64.23 -13.38
C ASP A 59 48.72 63.83 -13.03
N ALA A 60 48.31 62.63 -13.46
CA ALA A 60 46.93 62.19 -13.27
C ALA A 60 46.56 62.07 -11.80
N ALA A 61 47.56 61.81 -10.94
CA ALA A 61 47.30 61.78 -9.50
C ALA A 61 46.88 63.14 -8.96
N GLN A 62 47.30 64.23 -9.63
CA GLN A 62 47.06 65.59 -9.18
C GLN A 62 45.95 66.29 -9.97
N ALA A 63 45.55 65.70 -11.09
CA ALA A 63 44.70 66.37 -12.07
C ALA A 63 43.35 66.72 -11.47
N ARG A 64 42.79 67.80 -11.97
CA ARG A 64 41.44 68.26 -11.71
C ARG A 64 40.60 68.08 -12.96
N PRO A 65 39.28 68.24 -12.87
CA PRO A 65 38.43 68.03 -14.06
C PRO A 65 38.88 68.81 -15.29
N SER A 66 39.28 70.06 -15.11
CA SER A 66 39.65 70.94 -16.21
C SER A 66 41.12 70.83 -16.60
N ASP A 67 41.84 69.84 -16.09
CA ASP A 67 43.22 69.62 -16.47
C ASP A 67 43.31 68.73 -17.71
N ASN A 68 44.49 68.72 -18.32
CA ASN A 68 44.83 67.71 -19.32
C ASN A 68 45.66 66.61 -18.67
N CYS A 69 45.40 65.37 -19.09
CA CYS A 69 45.69 64.21 -18.27
C CYS A 69 45.99 62.98 -19.10
N VAL A 70 47.04 62.25 -18.74
CA VAL A 70 47.27 60.91 -19.24
C VAL A 70 46.73 59.96 -18.17
N PHE A 71 45.65 59.26 -18.50
CA PHE A 71 44.97 58.40 -17.54
C PHE A 71 45.55 57.00 -17.48
N SER A 72 45.95 56.46 -18.63
CA SER A 72 46.40 55.07 -18.71
C SER A 72 47.34 54.91 -19.90
N VAL A 73 48.35 54.07 -19.74
CA VAL A 73 49.19 53.63 -20.86
C VAL A 73 49.42 52.13 -20.68
N GLU A 74 48.99 51.35 -21.67
CA GLU A 74 49.14 49.90 -21.61
C GLU A 74 49.25 49.35 -23.03
N LEU A 75 49.54 48.05 -23.11
CA LEU A 75 49.80 47.42 -24.40
C LEU A 75 48.58 47.49 -25.32
N GLN A 76 48.84 47.80 -26.59
CA GLN A 76 47.85 47.70 -27.65
C GLN A 76 48.08 46.37 -28.36
N LEU A 77 47.09 45.48 -28.30
CA LEU A 77 47.26 44.14 -28.83
C LEU A 77 47.36 44.19 -30.36
N PRO A 78 48.19 43.34 -30.95
CA PRO A 78 48.41 43.39 -32.39
C PRO A 78 47.23 42.80 -33.14
N PRO A 79 47.11 43.05 -34.44
CA PRO A 79 46.11 42.33 -35.24
C PRO A 79 46.46 40.85 -35.32
N LYS A 80 45.42 40.02 -35.45
CA LYS A 80 45.65 38.57 -35.47
C LYS A 80 46.44 38.13 -36.70
N ALA A 81 46.03 38.58 -37.88
CA ALA A 81 46.66 38.08 -39.12
C ALA A 81 48.16 38.32 -39.12
N ALA A 82 48.59 39.51 -38.72
CA ALA A 82 50.02 39.78 -38.63
C ALA A 82 50.68 38.96 -37.53
N ALA A 83 50.01 38.84 -36.37
CA ALA A 83 50.56 38.05 -35.28
C ALA A 83 50.72 36.59 -35.67
N LEU A 84 49.75 36.05 -36.41
CA LEU A 84 49.85 34.67 -36.85
C LEU A 84 50.91 34.49 -37.92
N ALA A 85 50.98 35.42 -38.88
CA ALA A 85 52.01 35.36 -39.90
C ALA A 85 53.40 35.30 -39.28
N HIS A 86 53.61 35.99 -38.16
CA HIS A 86 54.89 35.92 -37.47
C HIS A 86 55.04 34.60 -36.73
N LEU A 87 54.03 34.20 -35.97
CA LEU A 87 54.16 33.04 -35.10
C LEU A 87 54.26 31.74 -35.90
N ASP A 88 53.61 31.67 -37.06
CA ASP A 88 53.57 30.45 -37.86
C ASP A 88 54.36 30.61 -39.15
N ARG A 89 53.95 31.49 -40.05
CA ARG A 89 54.61 31.62 -41.35
C ARG A 89 56.04 32.12 -41.22
N GLY A 90 56.39 32.74 -40.10
CA GLY A 90 57.72 33.27 -39.89
C GLY A 90 57.92 34.70 -40.31
N SER A 91 56.86 35.39 -40.73
CA SER A 91 56.90 36.78 -41.17
C SER A 91 57.42 37.69 -40.06
N PRO A 92 57.81 38.93 -40.36
CA PRO A 92 58.26 39.84 -39.31
C PRO A 92 57.13 40.16 -38.33
N PRO A 93 57.46 40.59 -37.11
CA PRO A 93 56.41 40.89 -36.15
C PRO A 93 55.65 42.14 -36.56
N PRO A 94 54.38 42.25 -36.19
CA PRO A 94 53.69 43.53 -36.34
C PRO A 94 54.24 44.54 -35.35
N ALA A 95 54.01 45.81 -35.69
CA ALA A 95 54.47 46.89 -34.83
C ALA A 95 53.93 46.71 -33.42
N ARG A 96 54.84 46.66 -32.45
CA ARG A 96 54.44 46.63 -31.04
C ARG A 96 54.00 48.04 -30.67
N GLU A 97 52.75 48.18 -30.22
CA GLU A 97 52.15 49.49 -30.00
C GLU A 97 51.58 49.57 -28.58
N ALA A 98 51.26 50.80 -28.17
CA ALA A 98 50.65 51.08 -26.88
C ALA A 98 49.44 51.96 -27.05
N LEU A 99 48.50 51.83 -26.13
CA LEU A 99 47.29 52.65 -26.10
C LEU A 99 47.31 53.54 -24.87
N ALA A 100 47.06 54.82 -25.07
CA ALA A 100 47.01 55.79 -23.98
C ALA A 100 45.62 56.43 -23.95
N ILE A 101 45.02 56.48 -22.77
CA ILE A 101 43.76 57.18 -22.56
C ILE A 101 44.08 58.55 -21.98
N VAL A 102 43.65 59.59 -22.68
CA VAL A 102 43.98 60.97 -22.32
C VAL A 102 42.69 61.73 -22.07
N PHE A 103 42.60 62.35 -20.89
CA PHE A 103 41.50 63.27 -20.58
C PHE A 103 41.89 64.66 -21.06
N PHE A 104 41.06 65.26 -21.91
CA PHE A 104 41.33 66.60 -22.46
C PHE A 104 40.37 67.59 -21.80
N GLY A 105 40.75 68.06 -20.62
CA GLY A 105 39.89 68.92 -19.83
C GLY A 105 40.04 70.42 -20.07
N ARG A 106 41.28 70.91 -20.12
CA ARG A 106 41.53 72.31 -20.48
C ARG A 106 41.16 72.58 -21.93
N GLN A 107 39.85 72.54 -22.22
CA GLN A 107 39.29 72.76 -23.54
C GLN A 107 37.81 73.10 -23.37
N PRO A 108 37.26 74.03 -24.17
CA PRO A 108 35.82 74.33 -24.03
C PRO A 108 34.94 73.10 -24.20
N GLN A 109 35.20 72.28 -25.21
CA GLN A 109 34.45 71.04 -25.44
C GLN A 109 35.41 69.87 -25.33
N PRO A 110 35.47 69.21 -24.17
CA PRO A 110 36.44 68.12 -23.99
C PRO A 110 36.06 66.90 -24.80
N ASN A 111 37.03 66.36 -25.54
CA ASN A 111 36.88 65.09 -26.24
C ASN A 111 37.92 64.13 -25.66
N VAL A 112 37.51 63.28 -24.70
CA VAL A 112 38.45 62.30 -24.17
C VAL A 112 38.80 61.32 -25.30
N SER A 113 40.08 60.96 -25.38
CA SER A 113 40.65 60.46 -26.62
C SER A 113 41.46 59.18 -26.39
N GLU A 114 41.41 58.30 -27.38
CA GLU A 114 42.20 57.06 -27.42
C GLU A 114 43.33 57.23 -28.42
N LEU A 115 44.57 57.03 -27.96
CA LEU A 115 45.77 57.35 -28.73
C LEU A 115 46.71 56.16 -28.79
N VAL A 116 47.01 55.71 -30.00
CA VAL A 116 48.00 54.68 -30.26
C VAL A 116 49.35 55.34 -30.50
N VAL A 117 50.43 54.71 -30.05
CA VAL A 117 51.74 55.38 -30.00
C VAL A 117 52.84 54.42 -30.43
N GLY A 118 53.53 54.76 -31.52
CA GLY A 118 54.92 54.44 -31.73
C GLY A 118 55.34 52.99 -31.95
N PRO A 119 56.43 52.80 -32.71
CA PRO A 119 57.15 51.53 -32.69
C PRO A 119 57.86 51.42 -31.34
N LEU A 120 57.41 50.49 -30.51
CA LEU A 120 57.39 50.87 -29.12
C LEU A 120 58.76 50.71 -28.45
N PRO A 121 59.68 49.85 -28.94
CA PRO A 121 61.07 49.95 -28.44
C PRO A 121 61.64 51.37 -28.49
N HIS A 122 61.39 52.11 -29.57
CA HIS A 122 61.78 53.51 -29.67
C HIS A 122 60.67 54.26 -30.38
N PRO A 123 59.65 54.71 -29.62
CA PRO A 123 58.42 55.23 -30.24
C PRO A 123 58.68 56.36 -31.22
N SER A 124 57.80 56.48 -32.22
CA SER A 124 58.02 57.45 -33.28
C SER A 124 56.75 58.06 -33.86
N TYR A 125 55.55 57.64 -33.46
CA TYR A 125 54.35 58.27 -34.00
C TYR A 125 53.20 58.10 -33.02
N MET A 126 52.05 58.64 -33.41
CA MET A 126 50.86 58.78 -32.58
C MET A 126 49.65 58.93 -33.48
N ARG A 127 48.55 58.26 -33.13
CA ARG A 127 47.33 58.32 -33.93
C ARG A 127 46.11 58.27 -33.02
N ASP A 128 45.23 59.25 -33.18
CA ASP A 128 43.97 59.27 -32.44
C ASP A 128 42.97 58.36 -33.14
N VAL A 129 42.56 57.29 -32.44
CA VAL A 129 41.64 56.30 -32.99
C VAL A 129 40.25 56.41 -32.40
N THR A 130 39.99 57.42 -31.56
CA THR A 130 38.68 57.58 -30.94
C THR A 130 37.55 57.57 -31.96
N VAL A 131 37.63 58.46 -32.95
CA VAL A 131 36.59 58.55 -33.97
C VAL A 131 36.57 57.28 -34.82
N GLU A 132 37.75 56.72 -35.11
CA GLU A 132 37.82 55.45 -35.82
C GLU A 132 37.02 54.37 -35.12
N ARG A 133 37.29 54.17 -33.82
CA ARG A 133 36.73 53.02 -33.11
C ARG A 133 35.28 53.25 -32.73
N HIS A 134 34.98 54.40 -32.13
CA HIS A 134 33.65 54.64 -31.56
C HIS A 134 32.79 55.56 -32.41
N GLY A 135 33.25 55.93 -33.61
CA GLY A 135 32.44 56.69 -34.52
C GLY A 135 32.14 58.11 -34.09
N GLY A 136 33.01 58.71 -33.29
CA GLY A 136 32.79 60.05 -32.80
C GLY A 136 33.54 60.29 -31.51
N PRO A 137 33.54 61.53 -31.03
CA PRO A 137 34.27 61.83 -29.80
C PRO A 137 33.63 61.15 -28.61
N LEU A 138 34.46 60.86 -27.60
CA LEU A 138 33.96 60.29 -26.36
C LEU A 138 33.60 61.41 -25.39
N PRO A 139 32.35 61.51 -24.95
CA PRO A 139 31.98 62.59 -24.04
C PRO A 139 32.82 62.59 -22.78
N TYR A 140 33.02 63.78 -22.21
CA TYR A 140 33.91 63.90 -21.06
C TYR A 140 33.30 63.29 -19.81
N HIS A 141 31.97 63.28 -19.69
CA HIS A 141 31.35 62.75 -18.49
C HIS A 141 31.52 61.25 -18.34
N ARG A 142 31.89 60.55 -19.43
CA ARG A 142 32.15 59.12 -19.34
C ARG A 142 33.48 58.82 -18.68
N ARG A 143 34.32 59.82 -18.45
CA ARG A 143 35.63 59.59 -17.86
C ARG A 143 35.49 58.90 -16.51
N PRO A 144 36.37 57.95 -16.19
CA PRO A 144 36.35 57.36 -14.85
C PRO A 144 36.69 58.40 -13.79
N VAL A 145 36.16 58.21 -12.60
CA VAL A 145 36.41 59.15 -11.50
C VAL A 145 37.87 59.01 -11.07
N LEU A 146 38.63 60.09 -11.24
CA LEU A 146 40.04 60.09 -10.88
C LEU A 146 40.23 59.92 -9.38
N PHE A 147 41.43 59.47 -9.00
CA PHE A 147 41.77 59.40 -7.59
C PHE A 147 41.71 60.77 -6.94
N GLN A 148 42.23 61.79 -7.62
CA GLN A 148 42.14 63.15 -7.11
C GLN A 148 40.68 63.59 -6.99
N GLU A 149 39.85 63.20 -7.96
CA GLU A 149 38.43 63.54 -7.90
C GLU A 149 37.78 62.95 -6.66
N TYR A 150 38.11 61.71 -6.31
CA TYR A 150 37.61 61.12 -5.07
C TYR A 150 38.06 61.94 -3.86
N LEU A 151 39.32 62.38 -3.86
CA LEU A 151 39.82 63.20 -2.76
C LEU A 151 39.09 64.53 -2.68
N ASP A 152 38.88 65.19 -3.81
CA ASP A 152 38.13 66.44 -3.83
C ASP A 152 36.73 66.24 -3.25
N ILE A 153 36.09 65.12 -3.59
CA ILE A 153 34.75 64.83 -3.08
C ILE A 153 34.77 64.71 -1.56
N ASP A 154 35.79 64.06 -1.01
CA ASP A 154 35.86 63.92 0.44
C ASP A 154 36.14 65.26 1.12
N GLN A 155 36.92 66.13 0.49
CA GLN A 155 37.09 67.50 0.99
C GLN A 155 35.75 68.19 1.16
N MET A 156 34.93 68.15 0.12
CA MET A 156 33.60 68.74 0.19
C MET A 156 32.78 68.12 1.32
N ILE A 157 32.76 66.79 1.41
CA ILE A 157 31.93 66.11 2.40
C ILE A 157 32.39 66.45 3.81
N PHE A 158 33.69 66.37 4.07
CA PHE A 158 34.20 66.48 5.43
C PHE A 158 34.46 67.91 5.88
N ASN A 159 34.84 68.81 4.97
CA ASN A 159 34.99 70.23 5.32
C ASN A 159 33.68 71.00 5.16
N ARG A 160 33.13 70.97 3.95
CA ARG A 160 32.03 71.87 3.59
C ARG A 160 30.67 71.36 4.05
N GLU A 161 30.50 70.05 4.22
CA GLU A 161 29.17 69.46 4.33
C GLU A 161 28.89 68.81 5.68
N LEU A 162 29.66 67.80 6.08
CA LEU A 162 29.34 67.07 7.32
C LEU A 162 29.26 67.95 8.57
N PRO A 163 30.09 68.98 8.77
CA PRO A 163 29.93 69.81 9.98
C PRO A 163 28.56 70.42 10.13
N GLN A 164 27.83 70.65 9.02
CA GLN A 164 26.48 71.19 9.10
C GLN A 164 25.53 70.28 9.86
N ALA A 165 25.90 69.02 10.10
CA ALA A 165 25.11 68.10 10.90
C ALA A 165 25.89 67.56 12.09
N SER A 166 26.90 68.31 12.57
CA SER A 166 27.76 67.84 13.64
C SER A 166 27.02 67.62 14.95
N GLY A 167 25.87 68.25 15.13
CA GLY A 167 25.05 67.94 16.29
C GLY A 167 24.53 66.51 16.25
N LEU A 168 23.96 66.12 15.10
CA LEU A 168 23.57 64.74 14.90
C LEU A 168 24.76 63.81 14.99
N LEU A 169 25.83 64.13 14.27
CA LEU A 169 26.99 63.25 14.19
C LEU A 169 27.65 63.05 15.55
N HIS A 170 27.66 64.08 16.41
CA HIS A 170 28.18 63.91 17.76
C HIS A 170 27.34 62.93 18.57
N HIS A 171 26.04 62.86 18.30
CA HIS A 171 25.14 62.03 19.07
C HIS A 171 25.20 60.56 18.66
N CYS A 172 25.41 60.29 17.36
CA CYS A 172 25.30 58.94 16.81
C CYS A 172 26.62 58.25 16.60
N CYS A 173 27.66 59.00 16.25
CA CYS A 173 28.71 58.43 15.42
C CYS A 173 30.12 58.83 15.87
N PHE A 174 30.26 59.34 17.10
CA PHE A 174 31.56 59.67 17.67
C PHE A 174 32.35 60.63 16.77
N TYR A 175 31.67 61.66 16.27
CA TYR A 175 32.29 62.62 15.36
C TYR A 175 33.36 63.45 16.09
N LYS A 176 34.61 63.31 15.65
CA LYS A 176 35.71 64.12 16.16
C LYS A 176 35.88 65.34 15.25
N HIS A 177 36.05 66.53 15.86
CA HIS A 177 36.14 67.80 15.13
C HIS A 177 37.08 67.76 13.92
N ARG A 178 37.95 66.76 13.87
CA ARG A 178 38.79 66.50 12.70
C ARG A 178 38.28 65.17 12.12
N GLY A 179 37.71 65.24 10.92
CA GLY A 179 36.64 64.37 10.47
C GLY A 179 36.95 62.89 10.35
N ARG A 180 38.23 62.48 10.47
CA ARG A 180 38.56 61.16 9.94
C ARG A 180 38.18 59.97 10.81
N ASN A 181 37.11 60.03 11.60
CA ASN A 181 36.68 58.71 12.05
C ASN A 181 35.64 58.12 11.11
N LEU A 182 35.31 58.81 10.03
CA LEU A 182 34.39 58.31 9.02
C LEU A 182 35.10 58.25 7.67
N VAL A 183 34.60 57.35 6.82
CA VAL A 183 35.12 57.15 5.47
C VAL A 183 33.94 56.95 4.52
N THR A 184 34.18 57.24 3.25
CA THR A 184 33.16 57.12 2.22
C THR A 184 33.53 56.00 1.26
N MET A 185 32.50 55.40 0.65
CA MET A 185 32.68 54.42 -0.40
C MET A 185 31.81 54.81 -1.59
N THR A 186 32.39 54.72 -2.79
CA THR A 186 31.69 55.09 -4.01
C THR A 186 30.49 54.17 -4.25
N THR A 187 29.64 54.59 -5.19
CA THR A 187 28.59 53.72 -5.70
C THR A 187 28.83 53.39 -7.16
N ALA A 188 27.77 53.31 -7.95
CA ALA A 188 27.90 52.79 -9.30
C ALA A 188 27.24 53.77 -10.28
N PRO A 189 26.35 53.40 -11.23
CA PRO A 189 26.18 54.29 -12.41
C PRO A 189 25.78 55.70 -11.98
N ARG A 190 26.66 56.64 -12.25
CA ARG A 190 26.63 57.96 -11.60
C ARG A 190 25.53 58.82 -12.19
N GLY A 191 24.30 58.47 -11.81
CA GLY A 191 23.12 59.20 -12.21
C GLY A 191 21.94 58.33 -12.59
N LEU A 192 21.08 58.86 -13.47
CA LEU A 192 19.90 58.15 -13.96
C LEU A 192 19.78 58.21 -15.47
N GLN A 193 20.81 58.70 -16.15
CA GLN A 193 20.63 59.28 -17.48
C GLN A 193 22.01 59.60 -18.05
N SER A 194 22.13 59.44 -19.37
CA SER A 194 23.39 59.73 -20.03
C SER A 194 23.79 61.18 -19.81
N GLY A 195 25.03 61.39 -19.35
CA GLY A 195 25.55 62.69 -19.02
C GLY A 195 25.67 62.96 -17.54
N ASP A 196 24.82 62.32 -16.74
CA ASP A 196 24.83 62.55 -15.30
C ASP A 196 26.17 62.13 -14.69
N ARG A 197 26.48 62.74 -13.55
CA ARG A 197 27.66 62.39 -12.77
C ARG A 197 27.36 62.64 -11.30
N ALA A 198 26.22 62.11 -10.83
CA ALA A 198 25.79 62.24 -9.43
C ALA A 198 26.00 60.89 -8.75
N THR A 199 26.75 60.89 -7.65
CA THR A 199 27.22 59.66 -7.04
C THR A 199 26.75 59.59 -5.60
N TRP A 200 25.98 58.57 -5.28
CA TRP A 200 25.70 58.30 -3.87
C TRP A 200 26.99 57.90 -3.17
N PHE A 201 27.15 58.33 -1.92
CA PHE A 201 28.27 57.90 -1.10
C PHE A 201 27.77 57.49 0.27
N GLY A 202 28.01 56.23 0.62
CA GLY A 202 27.78 55.79 1.98
C GLY A 202 28.87 56.25 2.92
N LEU A 203 28.54 56.31 4.20
CA LEU A 203 29.47 56.72 5.25
C LEU A 203 29.66 55.55 6.21
N TYR A 204 30.91 55.21 6.48
CA TYR A 204 31.24 54.08 7.32
C TYR A 204 32.26 54.49 8.37
N TYR A 205 32.24 53.78 9.49
CA TYR A 205 33.31 53.91 10.47
C TYR A 205 34.63 53.44 9.86
N ASN A 206 35.67 54.23 10.06
CA ASN A 206 37.01 53.94 9.53
C ASN A 206 37.70 52.90 10.44
N ILE A 207 37.26 51.64 10.27
CA ILE A 207 37.79 50.55 11.07
C ILE A 207 39.27 50.34 10.77
N SER A 208 40.04 50.07 11.82
CA SER A 208 41.48 49.86 11.70
C SER A 208 41.78 48.37 11.63
N GLY A 209 42.41 47.95 10.54
CA GLY A 209 42.86 46.57 10.38
C GLY A 209 41.78 45.57 10.02
N ALA A 210 40.61 46.02 9.59
CA ALA A 210 39.54 45.12 9.19
C ALA A 210 38.58 45.88 8.28
N GLY A 211 37.64 45.14 7.70
CA GLY A 211 36.74 45.73 6.71
C GLY A 211 35.81 46.74 7.35
N PHE A 212 35.79 47.94 6.78
CA PHE A 212 34.80 48.94 7.19
C PHE A 212 33.44 48.68 6.57
N PHE A 213 33.40 47.88 5.51
CA PHE A 213 32.17 47.65 4.75
C PHE A 213 31.04 47.12 5.61
N LEU A 214 31.34 46.59 6.79
CA LEU A 214 30.34 46.04 7.69
C LEU A 214 29.84 47.04 8.72
N HIS A 215 30.18 48.32 8.56
CA HIS A 215 29.94 49.31 9.60
C HIS A 215 29.38 50.59 8.99
N HIS A 216 28.31 50.44 8.22
CA HIS A 216 27.57 51.57 7.67
C HIS A 216 26.89 52.33 8.80
N VAL A 217 27.16 53.63 8.91
CA VAL A 217 26.57 54.42 9.99
C VAL A 217 25.13 54.81 9.74
N GLY A 218 24.62 54.57 8.54
CA GLY A 218 23.25 54.89 8.20
C GLY A 218 23.04 56.13 7.36
N LEU A 219 24.11 56.72 6.83
CA LEU A 219 24.04 57.99 6.13
C LEU A 219 24.64 57.86 4.74
N GLU A 220 23.86 58.28 3.73
CA GLU A 220 24.32 58.30 2.35
C GLU A 220 24.07 59.68 1.76
N LEU A 221 25.01 60.13 0.93
CA LEU A 221 24.97 61.47 0.34
C LEU A 221 25.05 61.36 -1.18
N LEU A 222 24.13 62.02 -1.87
CA LEU A 222 24.13 62.06 -3.34
C LEU A 222 24.93 63.27 -3.78
N VAL A 223 26.16 63.03 -4.20
CA VAL A 223 27.07 64.10 -4.60
C VAL A 223 27.00 64.29 -6.11
N ASN A 224 26.73 65.53 -6.53
CA ASN A 224 26.76 65.91 -7.94
C ASN A 224 28.12 66.52 -8.24
N HIS A 225 28.97 65.78 -8.94
CA HIS A 225 30.31 66.23 -9.27
C HIS A 225 30.55 66.27 -10.78
N LYS A 226 29.52 66.68 -11.54
CA LYS A 226 29.71 66.82 -12.98
C LYS A 226 30.47 68.10 -13.33
N ALA A 227 30.30 69.16 -12.55
CA ALA A 227 30.90 70.45 -12.89
C ALA A 227 32.41 70.34 -12.96
N LEU A 228 32.99 70.95 -13.99
CA LEU A 228 34.44 70.99 -14.12
C LEU A 228 35.09 71.74 -12.98
N ASP A 229 34.37 72.64 -12.32
CA ASP A 229 34.88 73.36 -11.16
C ASP A 229 34.36 72.69 -9.91
N PRO A 230 35.22 72.02 -9.11
CA PRO A 230 34.75 71.39 -7.87
C PRO A 230 34.04 72.35 -6.92
N ALA A 231 34.27 73.66 -7.07
CA ALA A 231 33.55 74.62 -6.25
C ALA A 231 32.05 74.54 -6.47
N ARG A 232 31.63 74.24 -7.70
CA ARG A 232 30.22 74.19 -8.07
C ARG A 232 29.55 72.86 -7.72
N TRP A 233 30.29 71.89 -7.19
CA TRP A 233 29.70 70.61 -6.81
C TRP A 233 28.75 70.80 -5.64
N THR A 234 27.60 70.12 -5.70
CA THR A 234 26.54 70.26 -4.70
C THR A 234 26.11 68.88 -4.20
N ILE A 235 25.33 68.88 -3.12
CA ILE A 235 24.66 67.67 -2.63
C ILE A 235 23.16 67.78 -2.94
N GLN A 236 22.68 66.82 -3.73
CA GLN A 236 21.30 66.83 -4.20
C GLN A 236 20.35 66.23 -3.17
N LYS A 237 20.77 65.17 -2.48
CA LYS A 237 19.88 64.48 -1.56
C LYS A 237 20.69 63.88 -0.42
N VAL A 238 20.00 63.64 0.69
CA VAL A 238 20.59 63.05 1.90
C VAL A 238 19.69 61.91 2.37
N PHE A 239 20.29 60.76 2.64
CA PHE A 239 19.59 59.62 3.21
C PHE A 239 20.20 59.32 4.58
N TYR A 240 19.35 59.30 5.61
CA TYR A 240 19.83 58.97 6.95
C TYR A 240 18.85 58.01 7.64
N GLN A 241 19.37 56.85 8.01
CA GLN A 241 18.67 55.83 8.82
C GLN A 241 17.20 55.72 8.45
N GLY A 242 16.94 55.61 7.16
CA GLY A 242 15.65 55.24 6.65
C GLY A 242 14.81 56.36 6.08
N ARG A 243 15.24 57.63 6.17
CA ARG A 243 14.47 58.73 5.63
C ARG A 243 15.32 59.60 4.73
N TYR A 244 14.69 60.21 3.74
CA TYR A 244 15.35 61.16 2.85
C TYR A 244 15.30 62.56 3.42
N TYR A 245 16.27 63.38 3.03
CA TYR A 245 16.29 64.79 3.37
C TYR A 245 16.89 65.59 2.22
N ASP A 246 16.67 66.90 2.27
CA ASP A 246 17.06 67.78 1.19
C ASP A 246 18.52 68.19 1.29
N SER A 247 19.04 68.21 2.51
CA SER A 247 20.37 68.73 2.79
C SER A 247 20.74 68.30 4.19
N LEU A 248 22.02 68.51 4.54
CA LEU A 248 22.47 68.20 5.89
C LEU A 248 21.88 69.15 6.91
N ALA A 249 21.62 70.40 6.51
CA ALA A 249 20.92 71.32 7.40
C ALA A 249 19.48 70.85 7.65
N GLN A 250 18.81 70.38 6.60
CA GLN A 250 17.38 70.10 6.69
C GLN A 250 17.13 68.96 7.68
N LEU A 251 17.96 67.93 7.62
CA LEU A 251 18.15 66.92 8.67
C LEU A 251 18.47 67.50 10.04
N GLU A 252 19.66 68.10 10.15
CA GLU A 252 20.16 68.64 11.42
C GLU A 252 19.11 69.46 12.14
N ALA A 253 18.28 70.18 11.39
CA ALA A 253 17.14 70.88 11.95
C ALA A 253 16.22 69.90 12.66
N GLN A 254 15.68 68.94 11.89
CA GLN A 254 14.77 67.96 12.45
C GLN A 254 15.41 67.16 13.59
N PHE A 255 16.73 67.02 13.60
CA PHE A 255 17.38 66.35 14.72
C PHE A 255 17.27 67.18 15.99
N GLU A 256 17.74 68.43 15.92
CA GLU A 256 17.67 69.32 17.08
C GLU A 256 16.23 69.67 17.44
N ALA A 257 15.29 69.48 16.52
CA ALA A 257 13.87 69.65 16.83
C ALA A 257 13.30 68.45 17.58
N GLY A 258 14.09 67.40 17.80
CA GLY A 258 13.68 66.24 18.56
C GLY A 258 12.89 65.20 17.80
N LEU A 259 12.77 65.33 16.48
CA LEU A 259 12.02 64.35 15.70
C LEU A 259 12.90 63.77 14.60
N VAL A 260 14.08 63.30 14.98
CA VAL A 260 14.90 62.35 14.23
C VAL A 260 15.54 61.42 15.25
N ASN A 261 14.98 60.21 15.39
CA ASN A 261 15.38 59.30 16.46
C ASN A 261 16.58 58.48 15.97
N VAL A 262 17.72 58.68 16.62
CA VAL A 262 18.94 57.96 16.23
C VAL A 262 18.91 56.54 16.77
N VAL A 263 19.55 55.64 16.05
CA VAL A 263 19.96 54.34 16.55
C VAL A 263 21.49 54.37 16.63
N LEU A 264 22.04 54.32 17.86
CA LEU A 264 23.48 54.17 18.01
C LEU A 264 24.05 52.96 17.30
N ILE A 265 24.88 53.24 16.30
CA ILE A 265 25.75 52.24 15.68
C ILE A 265 27.06 52.24 16.45
N PRO A 266 27.39 51.16 17.18
CA PRO A 266 28.67 51.12 17.87
C PRO A 266 29.83 51.21 16.90
N ASP A 267 30.97 51.68 17.40
CA ASP A 267 32.16 51.83 16.57
C ASP A 267 33.24 50.80 16.88
N ASN A 268 33.07 49.98 17.90
CA ASN A 268 34.15 49.08 18.24
C ASN A 268 33.60 47.87 18.99
N GLY A 269 34.24 46.73 18.76
CA GLY A 269 33.79 45.49 19.35
C GLY A 269 34.76 44.37 19.05
N THR A 270 34.30 43.14 19.29
CA THR A 270 35.12 41.96 19.12
C THR A 270 34.33 40.88 18.39
N GLY A 271 34.99 40.19 17.46
CA GLY A 271 34.41 39.13 16.68
C GLY A 271 34.71 39.31 15.20
N GLY A 272 34.06 38.49 14.38
CA GLY A 272 34.28 38.58 12.94
C GLY A 272 33.74 39.87 12.34
N SER A 273 32.68 40.41 12.93
CA SER A 273 32.19 41.72 12.48
C SER A 273 33.26 42.78 12.61
N TRP A 274 34.23 42.56 13.48
CA TRP A 274 35.23 43.57 13.79
C TRP A 274 36.66 43.17 13.45
N SER A 275 36.93 41.89 13.18
CA SER A 275 38.31 41.44 13.04
C SER A 275 38.43 40.40 11.95
N LEU A 276 39.67 40.26 11.45
CA LEU A 276 40.10 39.11 10.68
C LEU A 276 41.11 38.26 11.42
N LYS A 277 41.70 38.77 12.49
CA LYS A 277 42.66 38.02 13.29
C LYS A 277 41.93 36.96 14.10
N SER A 278 42.37 35.72 13.97
CA SER A 278 41.74 34.66 14.74
C SER A 278 42.19 34.71 16.20
N PRO A 279 41.30 34.39 17.14
CA PRO A 279 41.70 34.26 18.54
C PRO A 279 42.34 32.92 18.87
N VAL A 280 42.50 32.03 17.90
CA VAL A 280 42.97 30.66 18.12
C VAL A 280 44.41 30.56 17.60
N PRO A 281 45.35 30.08 18.41
CA PRO A 281 46.75 30.05 17.98
C PRO A 281 46.98 28.96 16.95
N PRO A 282 48.06 29.07 16.16
CA PRO A 282 48.35 28.04 15.16
C PRO A 282 48.52 26.67 15.78
N GLY A 283 47.96 25.66 15.11
CA GLY A 283 48.18 24.28 15.46
C GLY A 283 49.23 23.66 14.57
N PRO A 284 49.19 22.33 14.41
CA PRO A 284 50.14 21.67 13.50
C PRO A 284 49.96 22.16 12.06
N ALA A 285 51.08 22.23 11.35
CA ALA A 285 51.07 22.86 10.03
C ALA A 285 50.14 22.12 9.08
N PRO A 286 49.48 22.83 8.16
CA PRO A 286 48.65 22.15 7.15
C PRO A 286 49.50 21.49 6.10
N PRO A 287 48.90 20.69 5.21
CA PRO A 287 49.69 20.02 4.17
C PRO A 287 50.42 20.99 3.26
N LEU A 288 51.51 20.51 2.66
CA LEU A 288 52.37 21.33 1.82
C LEU A 288 52.80 20.51 0.61
N GLN A 289 52.72 21.10 -0.59
CA GLN A 289 53.29 20.48 -1.78
C GLN A 289 54.69 20.99 -2.08
N PHE A 290 55.46 20.14 -2.75
CA PHE A 290 56.76 20.47 -3.28
C PHE A 290 57.05 19.55 -4.46
N TYR A 291 58.06 19.93 -5.25
CA TYR A 291 58.44 19.20 -6.45
C TYR A 291 59.72 18.41 -6.16
N PRO A 292 59.62 17.11 -5.89
CA PRO A 292 60.78 16.37 -5.35
C PRO A 292 61.97 16.30 -6.30
N GLN A 293 61.77 16.54 -7.59
CA GLN A 293 62.85 16.48 -8.58
C GLN A 293 62.89 17.77 -9.39
N GLY A 294 62.69 18.90 -8.71
CA GLY A 294 62.65 20.18 -9.37
C GLY A 294 61.29 20.46 -9.97
N PRO A 295 61.03 21.72 -10.30
CA PRO A 295 59.77 22.05 -10.98
C PRO A 295 59.78 21.53 -12.41
N ARG A 296 58.58 21.35 -12.95
CA ARG A 296 58.41 20.78 -14.27
C ARG A 296 57.85 21.80 -15.26
N PHE A 297 58.12 23.08 -15.02
CA PHE A 297 57.68 24.15 -15.91
C PHE A 297 58.63 25.33 -15.76
N SER A 298 58.55 26.24 -16.72
CA SER A 298 59.41 27.43 -16.70
C SER A 298 58.58 28.66 -17.05
N VAL A 299 58.94 29.78 -16.43
CA VAL A 299 58.35 31.08 -16.74
C VAL A 299 59.48 31.99 -17.21
N GLN A 300 59.49 32.30 -18.50
CA GLN A 300 60.45 33.24 -19.09
C GLN A 300 59.66 34.47 -19.53
N GLY A 301 59.63 35.47 -18.67
CA GLY A 301 58.88 36.67 -18.94
C GLY A 301 57.39 36.40 -18.95
N SER A 302 56.76 36.55 -20.12
CA SER A 302 55.34 36.30 -20.26
C SER A 302 55.03 34.95 -20.88
N ARG A 303 56.03 34.18 -21.34
CA ARG A 303 55.77 32.80 -21.74
C ARG A 303 55.81 31.92 -20.50
N VAL A 304 54.91 30.94 -20.47
CA VAL A 304 55.05 29.76 -19.63
C VAL A 304 55.26 28.58 -20.57
N ALA A 305 56.15 27.68 -20.20
CA ALA A 305 56.42 26.49 -21.00
C ALA A 305 56.52 25.29 -20.07
N SER A 306 55.87 24.19 -20.44
CA SER A 306 55.93 22.95 -19.68
C SER A 306 56.07 21.78 -20.66
N SER A 307 56.00 20.57 -20.11
CA SER A 307 55.96 19.39 -20.93
C SER A 307 54.85 19.47 -21.97
N LEU A 308 53.65 19.81 -21.53
CA LEU A 308 52.47 19.76 -22.38
C LEU A 308 52.05 21.11 -22.92
N TRP A 309 52.27 22.19 -22.17
CA TRP A 309 51.59 23.45 -22.43
C TRP A 309 52.56 24.58 -22.77
N THR A 310 52.06 25.53 -23.55
CA THR A 310 52.83 26.70 -23.98
C THR A 310 51.85 27.84 -24.19
N PHE A 311 52.10 28.98 -23.53
CA PHE A 311 51.20 30.12 -23.66
C PHE A 311 51.90 31.37 -23.14
N SER A 312 51.40 32.52 -23.59
CA SER A 312 51.75 33.82 -23.04
C SER A 312 50.59 34.35 -22.20
N PHE A 313 50.90 35.01 -21.09
CA PHE A 313 49.89 35.52 -20.18
C PHE A 313 50.11 37.02 -19.93
N GLY A 314 49.16 37.62 -19.24
CA GLY A 314 49.25 39.04 -18.92
C GLY A 314 47.96 39.55 -18.32
N LEU A 315 47.95 40.87 -18.10
CA LEU A 315 46.79 41.60 -17.61
C LEU A 315 46.52 42.82 -18.46
N GLY A 316 45.27 42.94 -18.92
CA GLY A 316 44.78 44.24 -19.32
C GLY A 316 44.49 45.09 -18.11
N ALA A 317 44.80 46.38 -18.20
CA ALA A 317 44.63 47.28 -17.06
C ALA A 317 43.17 47.30 -16.59
N PHE A 318 42.23 47.23 -17.53
CA PHE A 318 40.80 47.27 -17.22
C PHE A 318 40.09 45.95 -17.48
N SER A 319 40.46 45.23 -18.53
CA SER A 319 39.78 43.98 -18.85
C SER A 319 40.21 42.83 -17.95
N GLY A 320 41.46 42.83 -17.48
CA GLY A 320 41.91 41.84 -16.54
C GLY A 320 42.74 40.73 -17.17
N PRO A 321 42.76 39.58 -16.51
CA PRO A 321 43.68 38.51 -16.94
C PRO A 321 43.37 38.00 -18.34
N ARG A 322 44.43 37.56 -19.02
CA ARG A 322 44.33 37.11 -20.39
C ARG A 322 45.50 36.20 -20.71
N ILE A 323 45.29 35.35 -21.71
CA ILE A 323 46.27 34.33 -22.10
C ILE A 323 46.22 34.18 -23.62
N PHE A 324 47.40 34.03 -24.23
CA PHE A 324 47.53 34.02 -25.68
C PHE A 324 48.39 32.85 -26.15
N ASP A 325 48.17 32.45 -27.39
CA ASP A 325 48.99 31.48 -28.10
C ASP A 325 49.17 30.19 -27.28
N VAL A 326 48.04 29.64 -26.83
CA VAL A 326 48.07 28.42 -26.03
C VAL A 326 48.28 27.23 -26.95
N ARG A 327 49.29 26.41 -26.65
CA ARG A 327 49.66 25.28 -27.48
C ARG A 327 49.76 24.04 -26.61
N PHE A 328 48.93 23.05 -26.90
CA PHE A 328 49.05 21.73 -26.29
C PHE A 328 49.92 20.85 -27.16
N GLN A 329 51.02 20.35 -26.58
CA GLN A 329 52.02 19.57 -27.31
C GLN A 329 52.35 20.19 -28.65
N GLY A 330 52.53 21.51 -28.68
CA GLY A 330 53.01 22.21 -29.85
C GLY A 330 51.94 22.77 -30.76
N GLU A 331 50.69 22.37 -30.62
CA GLU A 331 49.61 22.75 -31.52
C GLU A 331 48.72 23.79 -30.85
N ARG A 332 48.43 24.88 -31.57
CA ARG A 332 47.60 25.93 -31.02
C ARG A 332 46.15 25.47 -30.93
N LEU A 333 45.57 25.60 -29.74
CA LEU A 333 44.14 25.41 -29.51
C LEU A 333 43.38 26.71 -29.54
N VAL A 334 43.93 27.75 -28.93
CA VAL A 334 43.24 29.01 -28.72
C VAL A 334 44.21 30.16 -28.93
N TYR A 335 43.77 31.19 -29.67
CA TYR A 335 44.57 32.40 -29.87
C TYR A 335 44.49 33.33 -28.67
N GLU A 336 43.33 33.39 -28.02
CA GLU A 336 43.12 34.35 -26.94
C GLU A 336 41.99 33.89 -26.03
N ILE A 337 42.27 33.84 -24.72
CA ILE A 337 41.27 33.75 -23.67
C ILE A 337 41.53 34.91 -22.72
N SER A 338 40.60 35.86 -22.66
CA SER A 338 40.78 37.05 -21.84
C SER A 338 39.50 37.32 -21.06
N LEU A 339 39.67 37.74 -19.81
CA LEU A 339 38.56 38.31 -19.07
C LEU A 339 38.13 39.61 -19.75
N GLN A 340 36.83 39.81 -19.85
CA GLN A 340 36.28 40.93 -20.60
C GLN A 340 35.57 41.95 -19.72
N GLU A 341 34.83 41.50 -18.71
CA GLU A 341 34.07 42.39 -17.86
C GLU A 341 33.58 41.62 -16.65
N ALA A 342 33.33 42.34 -15.56
CA ALA A 342 32.70 41.80 -14.36
C ALA A 342 31.56 42.72 -13.95
N LEU A 343 30.51 42.14 -13.37
CA LEU A 343 29.28 42.87 -13.11
C LEU A 343 28.70 42.46 -11.76
N ALA A 344 28.32 43.47 -10.97
CA ALA A 344 27.69 43.25 -9.67
C ALA A 344 26.47 44.18 -9.58
N ILE A 345 25.29 43.59 -9.60
CA ILE A 345 24.04 44.33 -9.53
C ILE A 345 23.40 44.09 -8.17
N TYR A 346 23.06 45.17 -7.49
CA TYR A 346 22.62 45.11 -6.10
C TYR A 346 21.14 45.46 -5.98
N GLY A 347 20.57 45.00 -4.86
CA GLY A 347 19.31 45.51 -4.39
C GLY A 347 19.41 45.79 -2.91
N GLY A 348 18.53 46.64 -2.42
CA GLY A 348 18.61 46.98 -1.02
C GLY A 348 17.46 47.87 -0.59
N ASN A 349 17.50 48.25 0.68
CA ASN A 349 16.53 49.15 1.28
C ASN A 349 16.98 50.61 1.29
N SER A 350 18.24 50.87 0.95
CA SER A 350 18.83 52.21 0.92
C SER A 350 19.21 52.59 -0.51
N PRO A 351 19.31 53.89 -0.81
CA PRO A 351 19.60 54.29 -2.20
C PRO A 351 20.88 53.74 -2.78
N ALA A 352 21.95 53.64 -1.98
CA ALA A 352 23.21 53.10 -2.47
C ALA A 352 23.02 51.67 -3.01
N ALA A 353 22.41 50.78 -2.20
CA ALA A 353 22.38 49.36 -2.53
C ALA A 353 21.43 49.15 -3.70
N MET A 354 20.17 49.86 -3.61
CA MET A 354 19.14 49.50 -4.61
C MET A 354 19.45 50.08 -5.94
N THR A 355 20.54 50.97 -6.11
CA THR A 355 20.85 51.47 -7.41
C THR A 355 22.27 51.13 -7.90
N THR A 356 23.02 50.39 -7.12
CA THR A 356 24.38 50.03 -7.48
C THR A 356 24.42 48.96 -8.54
N ARG A 357 25.10 49.27 -9.64
CA ARG A 357 25.43 48.30 -10.70
C ARG A 357 26.89 48.55 -11.08
N TYR A 358 27.80 47.82 -10.45
CA TYR A 358 29.23 47.97 -10.71
C TYR A 358 29.60 47.30 -12.04
N VAL A 359 30.12 48.09 -12.98
CA VAL A 359 30.75 47.55 -14.17
C VAL A 359 32.26 47.67 -13.94
N ASP A 360 32.81 46.67 -13.25
CA ASP A 360 34.13 46.79 -12.62
C ASP A 360 35.25 47.14 -13.61
N GLY A 361 35.04 46.86 -14.90
CA GLY A 361 36.03 47.28 -15.88
C GLY A 361 36.21 48.78 -15.93
N GLY A 362 35.17 49.53 -15.58
CA GLY A 362 35.28 50.97 -15.44
C GLY A 362 36.24 51.39 -14.33
N PHE A 363 36.52 50.50 -13.40
CA PHE A 363 37.58 50.68 -12.41
C PHE A 363 38.88 50.05 -12.89
N GLY A 364 38.83 48.77 -13.26
CA GLY A 364 39.99 48.06 -13.77
C GLY A 364 40.31 46.79 -13.00
N MET A 365 40.15 45.64 -13.66
CA MET A 365 40.51 44.38 -13.01
C MET A 365 42.01 44.20 -12.88
N GLY A 366 42.77 44.71 -13.85
CA GLY A 366 44.21 44.69 -13.76
C GLY A 366 44.72 45.79 -12.84
N LYS A 367 44.13 46.99 -12.99
CA LYS A 367 44.52 48.14 -12.18
C LYS A 367 44.41 47.84 -10.69
N TYR A 368 43.47 46.99 -10.29
CA TYR A 368 43.24 46.66 -8.88
C TYR A 368 43.70 45.24 -8.54
N THR A 369 44.67 44.73 -9.29
CA THR A 369 45.28 43.46 -8.92
C THR A 369 46.10 43.64 -7.65
N THR A 370 45.86 42.80 -6.68
CA THR A 370 46.58 42.88 -5.42
C THR A 370 47.66 41.82 -5.35
N PRO A 371 48.66 42.01 -4.51
CA PRO A 371 49.70 40.99 -4.36
C PRO A 371 49.14 39.70 -3.79
N LEU A 372 49.71 38.58 -4.26
CA LEU A 372 49.28 37.27 -3.83
C LEU A 372 50.09 36.85 -2.61
N THR A 373 49.41 36.65 -1.48
CA THR A 373 50.07 36.21 -0.26
C THR A 373 50.54 34.77 -0.41
N ARG A 374 51.87 34.61 -0.55
CA ARG A 374 52.58 33.34 -0.57
C ARG A 374 52.13 32.40 0.55
N GLY A 375 51.42 31.33 0.19
CA GLY A 375 50.96 30.34 1.14
C GLY A 375 49.46 30.36 1.41
N VAL A 376 48.81 31.49 1.17
CA VAL A 376 47.37 31.64 1.31
C VAL A 376 46.68 31.72 -0.04
N ASP A 377 47.15 32.59 -0.92
CA ASP A 377 46.50 32.80 -2.20
C ASP A 377 46.89 31.72 -3.19
N CYS A 378 48.12 31.26 -3.12
CA CYS A 378 48.65 30.17 -3.94
C CYS A 378 49.45 29.25 -3.03
N PRO A 379 49.84 28.08 -3.52
CA PRO A 379 50.75 27.24 -2.72
C PRO A 379 52.09 27.94 -2.50
N TYR A 380 52.69 27.67 -1.34
CA TYR A 380 53.92 28.35 -0.95
C TYR A 380 54.98 28.30 -2.05
N LEU A 381 55.17 27.12 -2.64
CA LEU A 381 56.23 26.93 -3.61
C LEU A 381 55.81 27.29 -5.04
N ALA A 382 54.79 28.13 -5.19
CA ALA A 382 54.43 28.62 -6.51
C ALA A 382 55.48 29.61 -7.01
N THR A 383 55.45 29.86 -8.32
CA THR A 383 56.31 30.86 -8.93
C THR A 383 55.52 32.16 -9.05
N TYR A 384 55.98 33.19 -8.35
CA TYR A 384 55.26 34.45 -8.26
C TYR A 384 55.93 35.48 -9.18
N VAL A 385 55.10 36.29 -9.84
CA VAL A 385 55.55 37.18 -10.90
C VAL A 385 54.96 38.56 -10.67
N ASP A 386 55.75 39.60 -10.96
CA ASP A 386 55.35 40.98 -10.77
C ASP A 386 54.68 41.53 -12.02
N TRP A 387 53.85 42.55 -11.82
CA TRP A 387 53.15 43.25 -12.90
C TRP A 387 53.54 44.72 -12.87
N HIS A 388 53.94 45.24 -14.02
CA HIS A 388 54.29 46.65 -14.18
C HIS A 388 53.15 47.37 -14.91
N PHE A 389 52.85 48.58 -14.48
CA PHE A 389 51.73 49.31 -15.04
C PHE A 389 51.99 50.81 -14.97
N LEU A 390 51.22 51.56 -15.75
CA LEU A 390 51.25 53.04 -15.74
C LEU A 390 49.81 53.52 -15.79
N LEU A 391 49.25 53.84 -14.62
CA LEU A 391 47.85 54.19 -14.49
C LEU A 391 47.70 55.32 -13.47
N GLU A 392 47.10 56.43 -13.90
CA GLU A 392 46.84 57.58 -13.03
C GLU A 392 48.12 58.09 -12.35
N SER A 393 49.21 58.14 -13.11
CA SER A 393 50.47 58.69 -12.62
C SER A 393 51.38 58.92 -13.83
N GLN A 394 52.54 59.50 -13.58
CA GLN A 394 53.53 59.75 -14.63
C GLN A 394 54.68 58.77 -14.63
N ALA A 395 54.95 58.10 -13.52
CA ALA A 395 55.97 57.07 -13.53
C ALA A 395 55.34 55.68 -13.39
N PRO A 396 55.85 54.67 -14.09
CA PRO A 396 55.27 53.33 -13.96
C PRO A 396 55.56 52.73 -12.60
N LYS A 397 54.64 51.88 -12.15
CA LYS A 397 54.72 51.22 -10.85
C LYS A 397 54.67 49.70 -11.05
N THR A 398 54.75 48.98 -9.94
CA THR A 398 54.77 47.53 -9.97
C THR A 398 53.86 46.98 -8.88
N ILE A 399 53.05 45.99 -9.24
CA ILE A 399 52.38 45.14 -8.26
C ILE A 399 53.25 43.89 -8.10
N ARG A 400 53.84 43.72 -6.93
CA ARG A 400 54.68 42.55 -6.67
C ARG A 400 53.82 41.33 -6.38
N ASP A 401 54.20 40.20 -6.98
CA ASP A 401 53.47 38.93 -6.84
C ASP A 401 52.04 39.06 -7.36
N ALA A 402 51.88 39.67 -8.53
CA ALA A 402 50.55 39.82 -9.10
C ALA A 402 50.04 38.50 -9.67
N PHE A 403 50.91 37.75 -10.32
CA PHE A 403 50.59 36.42 -10.83
C PHE A 403 51.30 35.36 -10.00
N CYS A 404 50.71 34.17 -9.97
CA CYS A 404 51.39 32.97 -9.50
C CYS A 404 51.13 31.84 -10.48
N VAL A 405 52.16 31.03 -10.73
CA VAL A 405 52.08 29.91 -11.65
C VAL A 405 52.63 28.69 -10.93
N PHE A 406 51.87 27.60 -10.92
CA PHE A 406 52.26 26.45 -10.11
C PHE A 406 51.62 25.18 -10.65
N GLU A 407 52.21 24.04 -10.27
CA GLU A 407 51.63 22.73 -10.50
C GLU A 407 50.95 22.27 -9.22
N GLN A 408 49.74 21.73 -9.36
CA GLN A 408 48.97 21.23 -8.22
C GLN A 408 48.62 19.76 -8.43
N ASN A 409 49.07 18.92 -7.52
CA ASN A 409 48.60 17.54 -7.45
C ASN A 409 47.16 17.55 -6.93
N GLN A 410 46.21 17.13 -7.77
CA GLN A 410 44.81 17.20 -7.40
C GLN A 410 44.42 16.20 -6.33
N GLY A 411 45.28 15.26 -6.00
CA GLY A 411 44.87 14.15 -5.16
C GLY A 411 43.70 13.41 -5.75
N LEU A 412 43.73 13.18 -7.06
CA LEU A 412 42.52 12.70 -7.68
C LEU A 412 43.16 11.96 -8.84
N PRO A 413 42.65 10.80 -9.28
CA PRO A 413 43.13 10.28 -10.56
C PRO A 413 42.55 11.00 -11.78
N LEU A 414 43.41 11.25 -12.77
CA LEU A 414 42.95 11.68 -14.09
C LEU A 414 42.17 10.56 -14.78
N ARG A 415 42.72 9.35 -14.77
CA ARG A 415 42.05 8.16 -15.30
C ARG A 415 42.51 6.96 -14.50
N ARG A 416 41.72 5.88 -14.59
CA ARG A 416 41.92 4.73 -13.74
C ARG A 416 41.20 3.55 -14.35
N HIS A 417 41.78 2.36 -14.24
CA HIS A 417 40.99 1.14 -14.30
C HIS A 417 41.66 0.04 -13.49
N HIS A 418 40.84 -0.67 -12.71
CA HIS A 418 41.26 -1.81 -11.90
C HIS A 418 40.48 -3.03 -12.37
N SER A 419 41.19 -4.03 -12.90
CA SER A 419 40.55 -5.16 -13.56
C SER A 419 40.72 -6.42 -12.72
N ASP A 420 39.61 -6.95 -12.23
CA ASP A 420 39.56 -8.27 -11.60
C ASP A 420 38.94 -9.32 -12.52
N LEU A 421 38.63 -8.95 -13.76
CA LEU A 421 37.81 -9.77 -14.66
C LEU A 421 38.63 -10.19 -15.87
N TYR A 422 38.84 -11.50 -16.02
CA TYR A 422 39.47 -12.12 -17.17
C TYR A 422 40.96 -11.80 -17.32
N SER A 423 41.42 -10.70 -16.72
CA SER A 423 42.84 -10.34 -16.80
C SER A 423 43.12 -9.33 -15.71
N HIS A 424 44.15 -9.59 -14.91
CA HIS A 424 44.45 -8.81 -13.72
C HIS A 424 45.46 -7.73 -14.07
N TYR A 425 45.02 -6.47 -14.04
CA TYR A 425 45.91 -5.36 -14.33
C TYR A 425 45.36 -4.09 -13.72
N PHE A 426 46.25 -3.12 -13.52
CA PHE A 426 45.87 -1.77 -13.11
C PHE A 426 46.57 -0.77 -14.02
N GLY A 427 45.84 0.27 -14.42
CA GLY A 427 46.39 1.32 -15.25
C GLY A 427 45.75 2.65 -14.96
N GLY A 428 46.51 3.60 -14.43
CA GLY A 428 45.96 4.88 -14.07
C GLY A 428 46.96 6.02 -14.13
N LEU A 429 46.56 7.17 -13.61
CA LEU A 429 47.37 8.38 -13.66
C LEU A 429 46.77 9.45 -12.76
N ALA A 430 47.49 9.83 -11.71
CA ALA A 430 47.03 10.89 -10.83
C ALA A 430 47.02 12.23 -11.58
N GLU A 431 46.01 13.05 -11.32
CA GLU A 431 45.87 14.29 -12.06
C GLU A 431 46.73 15.38 -11.42
N THR A 432 47.63 15.95 -12.22
CA THR A 432 48.42 17.12 -11.83
C THR A 432 48.15 18.21 -12.86
N VAL A 433 47.78 19.41 -12.38
CA VAL A 433 47.34 20.49 -13.25
C VAL A 433 48.32 21.65 -13.14
N LEU A 434 48.27 22.53 -14.16
CA LEU A 434 49.06 23.74 -14.21
C LEU A 434 48.12 24.94 -14.09
N VAL A 435 48.40 25.82 -13.13
CA VAL A 435 47.49 26.91 -12.80
C VAL A 435 48.18 28.24 -13.09
N VAL A 436 47.39 29.21 -13.52
CA VAL A 436 47.78 30.62 -13.60
C VAL A 436 46.70 31.42 -12.92
N ARG A 437 47.09 32.31 -12.00
CA ARG A 437 46.12 32.96 -11.13
C ARG A 437 46.46 34.42 -10.91
N SER A 438 45.43 35.26 -10.98
CA SER A 438 45.50 36.66 -10.61
C SER A 438 44.37 36.94 -9.62
N MET A 439 44.51 38.00 -8.85
CA MET A 439 43.44 38.42 -7.95
C MET A 439 43.24 39.91 -7.99
N SER A 440 41.97 40.32 -8.09
CA SER A 440 41.57 41.71 -8.17
C SER A 440 40.76 42.05 -6.94
N THR A 441 41.20 43.05 -6.18
CA THR A 441 40.45 43.59 -5.04
C THR A 441 39.79 44.89 -5.48
N LEU A 442 38.50 44.83 -5.76
CA LEU A 442 37.69 45.97 -6.18
C LEU A 442 36.80 46.37 -5.01
N LEU A 443 37.23 47.39 -4.27
CA LEU A 443 36.55 47.84 -3.07
C LEU A 443 36.39 46.69 -2.08
N ASN A 444 35.16 46.29 -1.79
CA ASN A 444 34.92 45.28 -0.76
C ASN A 444 35.37 43.87 -1.15
N TPQ A 445 35.16 43.46 -2.39
CA TPQ A 445 35.41 42.07 -2.73
CB TPQ A 445 34.27 41.40 -3.53
C TPQ A 445 36.67 41.82 -3.54
O TPQ A 445 37.28 42.63 -4.25
C1 TPQ A 445 33.49 42.33 -4.39
C2 TPQ A 445 32.00 42.26 -4.23
O2 TPQ A 445 31.47 41.49 -3.43
C3 TPQ A 445 31.23 43.17 -5.08
C4 TPQ A 445 31.84 44.00 -5.95
O4 TPQ A 445 31.07 44.83 -6.73
C5 TPQ A 445 33.32 44.06 -6.12
O5 TPQ A 445 33.84 44.84 -6.93
C6 TPQ A 445 34.08 43.15 -5.26
N ASP A 446 37.06 40.55 -3.40
CA ASP A 446 38.25 39.98 -4.02
C ASP A 446 37.88 38.96 -5.06
N TYR A 447 38.16 39.25 -6.32
CA TYR A 447 37.97 38.24 -7.34
C TYR A 447 39.26 37.43 -7.50
N VAL A 448 39.09 36.13 -7.63
CA VAL A 448 40.18 35.23 -7.99
C VAL A 448 39.95 34.80 -9.43
N TRP A 449 41.00 34.79 -10.23
CA TRP A 449 40.92 34.44 -11.65
C TRP A 449 41.79 33.21 -11.92
N ASP A 450 41.14 32.06 -12.04
CA ASP A 450 41.82 30.79 -12.31
C ASP A 450 41.81 30.47 -13.79
N THR A 451 42.96 30.05 -14.30
CA THR A 451 43.03 29.34 -15.57
C THR A 451 43.83 28.07 -15.32
N VAL A 452 43.17 26.92 -15.47
CA VAL A 452 43.73 25.63 -15.09
C VAL A 452 43.91 24.79 -16.36
N PHE A 453 45.12 24.30 -16.57
CA PHE A 453 45.46 23.52 -17.75
C PHE A 453 45.60 22.05 -17.34
N HIS A 454 44.78 21.18 -17.94
CA HIS A 454 44.67 19.78 -17.54
C HIS A 454 45.50 18.89 -18.45
N PRO A 455 46.02 17.77 -17.93
CA PRO A 455 46.86 16.88 -18.76
C PRO A 455 46.08 16.11 -19.81
N SER A 456 44.75 16.21 -19.82
CA SER A 456 43.95 15.60 -20.88
C SER A 456 43.87 16.48 -22.13
N GLY A 457 44.41 17.70 -22.06
CA GLY A 457 44.23 18.67 -23.12
C GLY A 457 43.12 19.65 -22.89
N ALA A 458 42.44 19.59 -21.75
CA ALA A 458 41.34 20.48 -21.45
C ALA A 458 41.83 21.72 -20.71
N ILE A 459 41.13 22.83 -20.93
CA ILE A 459 41.39 24.09 -20.26
C ILE A 459 40.17 24.42 -19.40
N GLU A 460 40.43 25.02 -18.24
CA GLU A 460 39.37 25.35 -17.29
C GLU A 460 39.49 26.80 -16.85
N ILE A 461 38.36 27.51 -16.89
CA ILE A 461 38.27 28.90 -16.46
C ILE A 461 37.25 28.96 -15.33
N ARG A 462 37.72 29.35 -14.16
CA ARG A 462 37.02 29.41 -12.88
C ARG A 462 37.41 30.72 -12.22
N PHE A 463 36.46 31.38 -11.57
CA PHE A 463 36.68 32.75 -11.13
C PHE A 463 36.17 32.54 -9.75
N TYR A 464 36.69 33.21 -8.75
CA TYR A 464 35.96 33.11 -7.50
C TYR A 464 35.73 34.49 -6.89
N ALA A 465 34.67 34.59 -6.09
CA ALA A 465 34.35 35.81 -5.38
C ALA A 465 34.50 35.56 -3.89
N THR A 466 35.43 36.28 -3.27
CA THR A 466 35.66 36.18 -1.83
C THR A 466 35.77 37.61 -1.29
N GLY A 467 36.29 37.73 -0.08
CA GLY A 467 36.43 39.04 0.54
C GLY A 467 35.17 39.48 1.25
N TYR A 468 35.11 40.79 1.52
CA TYR A 468 34.04 41.35 2.30
C TYR A 468 32.80 41.59 1.44
N ILE A 469 31.63 41.40 2.05
CA ILE A 469 30.37 41.76 1.41
C ILE A 469 30.15 43.26 1.56
N SER A 470 29.19 43.80 0.79
CA SER A 470 28.75 45.17 0.98
C SER A 470 27.53 45.18 1.89
N SER A 471 27.52 46.07 2.87
CA SER A 471 26.45 46.09 3.85
C SER A 471 25.79 47.46 3.86
N ALA A 472 24.61 47.50 4.47
CA ALA A 472 23.87 48.73 4.72
C ALA A 472 23.36 48.71 6.15
N PHE A 473 22.91 49.86 6.61
CA PHE A 473 22.29 49.94 7.93
C PHE A 473 20.91 49.28 7.88
N LEU A 474 20.63 48.46 8.89
CA LEU A 474 19.40 47.67 8.91
C LEU A 474 18.25 48.50 9.47
N PHE A 475 17.10 48.44 8.80
CA PHE A 475 15.92 49.14 9.25
C PHE A 475 14.68 48.48 8.66
N GLY A 476 13.53 48.78 9.25
CA GLY A 476 12.22 48.21 8.93
C GLY A 476 12.06 47.61 7.54
N ALA A 477 12.51 46.37 7.40
CA ALA A 477 12.40 45.64 6.14
C ALA A 477 12.29 44.16 6.46
N THR A 478 11.49 43.45 5.66
CA THR A 478 11.17 42.06 5.93
C THR A 478 11.96 41.11 5.02
N GLY A 479 13.27 41.33 4.91
CA GLY A 479 14.09 40.43 4.13
C GLY A 479 13.91 40.53 2.63
N LYS A 480 13.10 41.48 2.14
CA LYS A 480 12.97 41.68 0.70
C LYS A 480 14.31 42.00 0.04
N TYR A 481 15.32 42.37 0.83
CA TYR A 481 16.58 42.87 0.30
C TYR A 481 17.80 42.22 0.93
N GLY A 482 17.63 41.15 1.70
CA GLY A 482 18.75 40.42 2.24
C GLY A 482 18.47 39.90 3.64
N ASN A 483 19.52 39.39 4.28
CA ASN A 483 19.46 38.86 5.63
C ASN A 483 20.22 39.79 6.58
N GLN A 484 19.84 39.78 7.85
CA GLN A 484 20.65 40.43 8.87
C GLN A 484 21.82 39.53 9.20
N VAL A 485 23.03 40.06 9.09
CA VAL A 485 24.24 39.31 9.32
C VAL A 485 24.89 39.66 10.65
N SER A 486 24.84 40.93 11.06
CA SER A 486 25.37 41.33 12.36
C SER A 486 24.49 42.42 12.95
N GLU A 487 24.90 42.93 14.10
CA GLU A 487 24.15 43.97 14.79
C GLU A 487 23.98 45.19 13.90
N HIS A 488 22.73 45.48 13.51
CA HIS A 488 22.33 46.66 12.75
C HIS A 488 22.79 46.62 11.30
N THR A 489 23.10 45.45 10.76
CA THR A 489 23.81 45.37 9.48
C THR A 489 23.04 44.47 8.53
N LEU A 490 22.60 45.04 7.41
CA LEU A 490 21.93 44.29 6.35
C LEU A 490 22.94 43.84 5.31
N GLY A 491 22.96 42.53 5.04
CA GLY A 491 23.76 42.01 3.94
C GLY A 491 22.98 42.13 2.65
N THR A 492 23.39 43.08 1.80
CA THR A 492 22.60 43.45 0.63
C THR A 492 22.70 42.39 -0.46
N VAL A 493 21.54 41.98 -0.96
CA VAL A 493 21.46 41.01 -2.04
C VAL A 493 22.11 41.58 -3.31
N HIS A 494 22.74 40.70 -4.08
CA HIS A 494 23.40 41.10 -5.31
C HIS A 494 23.70 39.86 -6.14
N THR A 495 24.04 40.09 -7.41
CA THR A 495 24.45 39.05 -8.33
C THR A 495 25.85 39.33 -8.84
N HIS A 496 26.65 38.29 -8.97
CA HIS A 496 27.93 38.36 -9.67
C HIS A 496 27.77 37.71 -11.03
N SER A 497 28.49 38.25 -12.02
CA SER A 497 28.52 37.65 -13.35
C SER A 497 29.71 38.22 -14.10
N ALA A 498 30.40 37.37 -14.84
CA ALA A 498 31.55 37.81 -15.62
C ALA A 498 31.47 37.26 -17.04
N HIS A 499 32.21 37.92 -17.92
CA HIS A 499 32.14 37.63 -19.34
C HIS A 499 33.56 37.30 -19.80
N PHE A 500 33.68 36.32 -20.68
CA PHE A 500 34.98 35.87 -21.15
C PHE A 500 34.99 35.79 -22.68
N LYS A 501 36.08 36.26 -23.27
CA LYS A 501 36.32 36.11 -24.70
C LYS A 501 37.15 34.86 -24.93
N VAL A 502 36.61 33.92 -25.70
CA VAL A 502 37.27 32.65 -25.98
C VAL A 502 37.41 32.56 -27.49
N ASP A 503 38.60 32.87 -28.00
CA ASP A 503 38.88 32.82 -29.44
C ASP A 503 39.58 31.50 -29.75
N LEU A 504 38.79 30.44 -29.83
CA LEU A 504 39.32 29.14 -30.23
C LEU A 504 39.66 29.15 -31.72
N ASP A 505 40.82 28.57 -32.07
CA ASP A 505 41.21 28.31 -33.45
C ASP A 505 41.48 26.82 -33.51
N VAL A 506 40.37 26.09 -33.63
CA VAL A 506 40.42 24.64 -33.51
C VAL A 506 41.00 24.03 -34.81
N ALA A 507 42.27 23.61 -34.77
CA ALA A 507 42.92 23.04 -35.95
C ALA A 507 42.83 24.00 -37.15
N GLY A 508 43.09 25.26 -36.90
CA GLY A 508 43.04 26.30 -37.91
C GLY A 508 42.04 27.39 -37.57
N LEU A 509 41.97 28.40 -38.45
CA LEU A 509 41.05 29.51 -38.24
C LEU A 509 39.61 29.09 -38.50
N GLU A 510 39.35 28.55 -39.68
CA GLU A 510 37.98 28.24 -40.11
C GLU A 510 37.35 27.21 -39.18
N ASN A 511 36.25 27.60 -38.54
CA ASN A 511 35.57 26.72 -37.59
C ASN A 511 34.07 26.76 -37.81
N TRP A 512 33.41 25.70 -37.33
CA TRP A 512 31.96 25.58 -37.35
C TRP A 512 31.48 25.31 -35.93
N VAL A 513 30.21 25.59 -35.67
CA VAL A 513 29.60 25.39 -34.36
C VAL A 513 28.63 24.23 -34.44
N TRP A 514 28.81 23.24 -33.56
CA TRP A 514 28.00 22.04 -33.53
C TRP A 514 27.21 21.95 -32.24
N ALA A 515 25.99 21.45 -32.33
CA ALA A 515 25.17 21.16 -31.16
C ALA A 515 24.68 19.72 -31.24
N GLU A 516 25.04 18.92 -30.24
CA GLU A 516 24.64 17.53 -30.14
C GLU A 516 23.92 17.31 -28.81
N ASP A 517 22.92 16.44 -28.83
CA ASP A 517 22.12 16.23 -27.63
C ASP A 517 21.36 14.90 -27.82
N MET A 518 20.41 14.61 -26.92
CA MET A 518 19.82 13.28 -26.83
C MET A 518 18.30 13.31 -27.00
N VAL A 519 17.74 12.15 -27.34
CA VAL A 519 16.30 11.98 -27.46
C VAL A 519 15.98 10.49 -27.40
N PHE A 520 14.79 10.16 -26.92
CA PHE A 520 14.26 8.81 -26.90
C PHE A 520 13.20 8.65 -27.97
N VAL A 521 13.19 7.49 -28.63
CA VAL A 521 12.24 7.20 -29.70
C VAL A 521 11.58 5.86 -29.45
N PRO A 522 10.25 5.81 -29.27
CA PRO A 522 9.58 4.52 -29.11
C PRO A 522 9.74 3.63 -30.35
N MET A 523 9.87 2.32 -30.10
CA MET A 523 10.06 1.30 -31.12
C MET A 523 9.54 -0.05 -30.66
N ALA A 524 9.06 -0.83 -31.62
CA ALA A 524 8.85 -2.24 -31.37
C ALA A 524 10.21 -2.92 -31.24
N VAL A 525 10.31 -3.83 -30.27
CA VAL A 525 11.52 -4.63 -30.07
C VAL A 525 11.73 -5.49 -31.32
N PRO A 526 12.90 -5.38 -31.98
CA PRO A 526 13.12 -6.16 -33.21
C PRO A 526 12.86 -7.65 -33.06
N TRP A 527 13.28 -8.26 -31.94
CA TRP A 527 13.12 -9.69 -31.74
C TRP A 527 11.87 -10.03 -30.93
N SER A 528 10.96 -9.09 -30.73
CA SER A 528 9.71 -9.34 -30.03
C SER A 528 8.74 -8.18 -30.21
N PRO A 529 8.28 -7.93 -31.44
CA PRO A 529 7.52 -6.69 -31.72
C PRO A 529 6.27 -6.50 -30.89
N GLU A 530 5.84 -7.50 -30.12
CA GLU A 530 4.74 -7.30 -29.18
C GLU A 530 5.10 -6.35 -28.04
N HIS A 531 6.37 -5.98 -27.91
CA HIS A 531 6.84 -5.15 -26.81
C HIS A 531 7.37 -3.82 -27.33
N GLN A 532 7.52 -2.88 -26.40
CA GLN A 532 7.90 -1.51 -26.71
C GLN A 532 9.20 -1.21 -25.97
N LEU A 533 10.21 -0.72 -26.69
CA LEU A 533 11.34 -0.10 -26.02
C LEU A 533 11.44 1.39 -26.33
N GLN A 534 12.27 2.05 -25.54
CA GLN A 534 12.63 3.46 -25.71
C GLN A 534 14.07 3.50 -26.23
N ARG A 535 14.23 3.88 -27.49
CA ARG A 535 15.51 3.81 -28.18
C ARG A 535 16.26 5.13 -28.01
N LEU A 536 17.33 5.11 -27.21
CA LEU A 536 18.14 6.30 -27.01
C LEU A 536 18.92 6.63 -28.28
N GLN A 537 18.85 7.90 -28.70
CA GLN A 537 19.52 8.36 -29.90
C GLN A 537 20.20 9.70 -29.65
N VAL A 538 21.14 10.03 -30.54
CA VAL A 538 21.85 11.30 -30.51
C VAL A 538 21.25 12.22 -31.56
N THR A 539 20.95 13.45 -31.17
CA THR A 539 20.55 14.49 -32.10
C THR A 539 21.72 15.43 -32.35
N ARG A 540 21.87 15.87 -33.59
CA ARG A 540 23.00 16.70 -34.00
C ARG A 540 22.54 17.75 -34.99
N LYS A 541 22.92 19.01 -34.75
CA LYS A 541 22.55 20.12 -35.60
C LYS A 541 23.75 21.04 -35.79
N LEU A 542 23.93 21.52 -37.02
CA LEU A 542 24.92 22.53 -37.33
C LEU A 542 24.29 23.91 -37.13
N LEU A 543 24.93 24.72 -36.29
CA LEU A 543 24.46 26.09 -36.04
C LEU A 543 25.08 27.00 -37.09
N GLU A 544 24.27 27.43 -38.05
CA GLU A 544 24.73 28.11 -39.25
C GLU A 544 24.89 29.62 -39.04
N MET A 545 23.87 30.25 -38.44
CA MET A 545 23.85 31.69 -38.28
C MET A 545 24.25 32.07 -36.86
N GLU A 546 24.77 33.30 -36.72
CA GLU A 546 25.16 33.80 -35.41
C GLU A 546 24.02 33.69 -34.41
N GLU A 547 22.79 33.95 -34.86
CA GLU A 547 21.65 33.97 -33.97
C GLU A 547 21.33 32.58 -33.43
N GLN A 548 21.64 31.53 -34.19
CA GLN A 548 21.44 30.17 -33.70
C GLN A 548 22.43 29.79 -32.61
N ALA A 549 23.55 30.50 -32.49
CA ALA A 549 24.54 30.25 -31.46
C ALA A 549 24.47 31.23 -30.31
N ALA A 550 23.42 32.04 -30.24
CA ALA A 550 23.22 32.98 -29.16
C ALA A 550 22.19 32.39 -28.20
N PHE A 551 22.64 31.96 -27.03
CA PHE A 551 21.78 31.33 -26.03
C PHE A 551 21.57 32.28 -24.87
N LEU A 552 20.33 32.75 -24.71
CA LEU A 552 19.99 33.66 -23.62
C LEU A 552 19.97 32.91 -22.29
N VAL A 553 20.10 33.66 -21.21
CA VAL A 553 20.05 33.07 -19.88
C VAL A 553 18.64 32.58 -19.58
N GLY A 554 18.52 31.32 -19.17
CA GLY A 554 17.23 30.69 -18.95
C GLY A 554 16.80 29.75 -20.05
N SER A 555 17.33 29.93 -21.27
CA SER A 555 17.00 29.06 -22.39
C SER A 555 17.54 27.65 -22.16
N ALA A 556 16.92 26.69 -22.82
CA ALA A 556 17.45 25.34 -22.85
C ALA A 556 18.71 25.31 -23.72
N THR A 557 19.71 24.57 -23.25
CA THR A 557 21.02 24.58 -23.86
C THR A 557 21.45 23.16 -24.27
N PRO A 558 22.05 22.99 -25.45
CA PRO A 558 22.52 21.65 -25.87
C PRO A 558 23.53 21.10 -24.87
N ARG A 559 23.44 19.80 -24.51
CA ARG A 559 24.36 19.41 -23.43
C ARG A 559 25.75 19.28 -24.03
N TYR A 560 25.82 19.08 -25.36
CA TYR A 560 27.09 19.07 -26.09
C TYR A 560 27.05 20.20 -27.11
N LEU A 561 27.91 21.21 -26.91
CA LEU A 561 28.10 22.25 -27.90
C LEU A 561 29.59 22.47 -28.09
N TYR A 562 30.04 22.41 -29.35
CA TYR A 562 31.46 22.47 -29.62
C TYR A 562 31.72 23.21 -30.93
N LEU A 563 32.91 23.78 -31.02
CA LEU A 563 33.44 24.38 -32.23
C LEU A 563 34.44 23.41 -32.84
N ALA A 564 34.29 23.13 -34.12
CA ALA A 564 35.05 22.06 -34.75
C ALA A 564 35.69 22.53 -36.05
N SER A 565 36.75 21.85 -36.44
CA SER A 565 37.45 22.12 -37.68
C SER A 565 36.77 21.45 -38.87
N ASN A 566 37.23 21.84 -40.06
CA ASN A 566 36.75 21.17 -41.26
C ASN A 566 37.36 19.79 -41.38
N HIS A 567 38.55 19.60 -40.84
CA HIS A 567 39.26 18.34 -40.97
C HIS A 567 38.79 17.36 -39.92
N SER A 568 39.25 16.12 -40.06
CA SER A 568 38.78 15.02 -39.22
C SER A 568 39.97 14.35 -38.53
N ASN A 569 39.67 13.70 -37.42
CA ASN A 569 40.66 12.85 -36.77
C ASN A 569 40.76 11.54 -37.53
N LYS A 570 41.44 10.54 -36.95
CA LYS A 570 41.66 9.28 -37.65
C LYS A 570 40.34 8.56 -37.96
N TRP A 571 39.32 8.76 -37.13
CA TRP A 571 38.07 8.03 -37.27
C TRP A 571 36.98 8.83 -37.98
N GLY A 572 37.37 9.88 -38.71
CA GLY A 572 36.46 10.60 -39.59
C GLY A 572 35.57 11.62 -38.93
N HIS A 573 35.80 11.95 -37.66
CA HIS A 573 34.94 12.96 -37.04
C HIS A 573 35.62 14.31 -37.06
N PRO A 574 34.85 15.38 -37.29
CA PRO A 574 35.44 16.73 -37.26
C PRO A 574 36.16 16.99 -35.94
N ARG A 575 37.37 17.51 -36.05
CA ARG A 575 38.19 17.82 -34.88
C ARG A 575 37.64 19.05 -34.19
N GLY A 576 37.12 18.90 -32.98
CA GLY A 576 36.56 20.02 -32.25
C GLY A 576 36.98 20.06 -30.80
N TYR A 577 36.87 21.25 -30.22
CA TYR A 577 36.61 21.36 -28.79
C TYR A 577 35.23 21.87 -28.46
N ARG A 578 34.89 21.64 -27.20
CA ARG A 578 33.56 21.69 -26.62
C ARG A 578 33.55 22.60 -25.41
N ILE A 579 32.54 23.44 -25.33
CA ILE A 579 32.33 24.35 -24.21
C ILE A 579 31.36 23.69 -23.24
N GLN A 580 31.75 23.62 -21.97
CA GLN A 580 30.96 23.01 -20.91
C GLN A 580 30.94 23.98 -19.74
N MET A 581 29.74 24.45 -19.37
CA MET A 581 29.61 25.55 -18.43
C MET A 581 29.20 25.12 -17.04
N LEU A 582 29.94 25.60 -16.05
CA LEU A 582 29.60 25.51 -14.63
C LEU A 582 29.12 26.90 -14.24
N SER A 583 27.83 27.16 -14.35
CA SER A 583 27.29 28.48 -14.05
C SER A 583 25.93 28.38 -13.39
N PHE A 584 25.72 29.17 -12.33
CA PHE A 584 24.45 29.29 -11.63
C PHE A 584 23.81 30.65 -11.91
N ALA A 585 23.91 31.10 -13.17
CA ALA A 585 23.71 32.50 -13.53
C ALA A 585 22.42 33.08 -12.97
N GLY A 586 22.52 34.29 -12.41
CA GLY A 586 21.36 34.97 -11.90
C GLY A 586 20.46 35.53 -12.99
N GLU A 587 19.26 35.92 -12.58
CA GLU A 587 18.33 36.59 -13.49
C GLU A 587 18.92 37.91 -13.95
N PRO A 588 18.92 38.18 -15.25
CA PRO A 588 19.54 39.41 -15.74
C PRO A 588 18.69 40.67 -15.57
N LEU A 589 19.39 41.80 -15.58
CA LEU A 589 18.70 43.08 -15.52
C LEU A 589 17.77 43.21 -16.71
N PRO A 590 16.51 43.60 -16.50
CA PRO A 590 15.53 43.56 -17.60
C PRO A 590 15.97 44.41 -18.78
N GLN A 591 15.40 44.08 -19.94
CA GLN A 591 15.63 44.88 -21.14
C GLN A 591 14.93 46.24 -21.06
N ASN A 592 13.86 46.35 -20.26
CA ASN A 592 13.18 47.63 -20.11
C ASN A 592 14.10 48.73 -19.60
N SER A 593 15.09 48.38 -18.79
CA SER A 593 15.97 49.37 -18.20
C SER A 593 16.90 49.97 -19.26
N SER A 594 16.90 51.31 -19.35
CA SER A 594 17.83 52.00 -20.23
C SER A 594 19.28 51.65 -19.92
N MET A 595 19.56 51.23 -18.69
CA MET A 595 20.91 50.91 -18.25
C MET A 595 21.43 49.63 -18.88
N ALA A 596 20.55 48.70 -19.26
CA ALA A 596 20.95 47.34 -19.58
C ALA A 596 21.89 47.28 -20.78
N ARG A 597 21.78 48.23 -21.71
CA ARG A 597 22.60 48.19 -22.92
C ARG A 597 24.10 48.26 -22.58
N GLY A 598 24.45 48.84 -21.44
CA GLY A 598 25.84 48.94 -21.05
C GLY A 598 26.48 47.62 -20.67
N PHE A 599 25.68 46.57 -20.47
CA PHE A 599 26.22 45.25 -20.18
C PHE A 599 25.24 44.20 -20.71
N SER A 600 24.86 44.35 -21.98
CA SER A 600 23.91 43.43 -22.59
C SER A 600 24.45 42.00 -22.69
N TRP A 601 25.73 41.77 -22.41
CA TRP A 601 26.29 40.42 -22.41
C TRP A 601 25.76 39.58 -21.25
N GLU A 602 25.51 40.19 -20.09
CA GLU A 602 24.70 39.55 -19.05
C GLU A 602 23.47 38.76 -19.52
N ARG A 603 22.77 39.21 -20.55
CA ARG A 603 21.56 38.50 -20.94
C ARG A 603 21.83 37.11 -21.52
N TYR A 604 23.06 36.82 -21.93
CA TYR A 604 23.41 35.58 -22.59
C TYR A 604 24.19 34.68 -21.65
N GLN A 605 24.14 33.37 -21.92
CA GLN A 605 25.03 32.42 -21.28
C GLN A 605 26.27 32.15 -22.14
N LEU A 606 26.08 32.12 -23.45
CA LEU A 606 27.13 31.79 -24.39
C LEU A 606 26.73 32.32 -25.75
N ALA A 607 27.70 32.80 -26.51
CA ALA A 607 27.43 33.30 -27.86
C ALA A 607 28.68 33.13 -28.70
N VAL A 608 28.47 32.75 -29.96
CA VAL A 608 29.55 32.60 -30.94
C VAL A 608 29.31 33.60 -32.06
N THR A 609 30.29 34.46 -32.30
CA THR A 609 30.22 35.47 -33.34
C THR A 609 31.46 35.37 -34.23
N GLN A 610 31.36 35.96 -35.42
CA GLN A 610 32.53 36.13 -36.26
C GLN A 610 33.56 36.96 -35.53
N ARG A 611 34.80 36.47 -35.47
CA ARG A 611 35.87 37.28 -34.89
C ARG A 611 36.25 38.38 -35.86
N LYS A 612 36.34 39.60 -35.34
CA LYS A 612 36.59 40.77 -36.16
C LYS A 612 37.53 41.68 -35.40
N GLU A 613 38.45 42.32 -36.13
CA GLU A 613 39.39 43.24 -35.50
C GLU A 613 38.65 44.42 -34.85
N GLU A 614 37.62 44.94 -35.51
CA GLU A 614 36.86 46.05 -34.97
C GLU A 614 35.88 45.62 -33.88
N GLU A 615 35.90 44.35 -33.46
CA GLU A 615 35.10 43.84 -32.34
C GLU A 615 36.02 43.15 -31.34
N PRO A 616 36.93 43.90 -30.70
CA PRO A 616 37.91 43.25 -29.82
C PRO A 616 37.41 43.01 -28.41
N SER A 617 36.35 43.69 -27.96
CA SER A 617 35.92 43.57 -26.58
C SER A 617 34.41 43.73 -26.47
N SER A 618 33.84 43.04 -25.49
CA SER A 618 32.40 43.10 -25.24
C SER A 618 32.00 44.27 -24.34
N SER A 619 32.97 44.94 -23.71
CA SER A 619 32.68 46.05 -22.81
C SER A 619 33.69 47.16 -23.05
N SER A 620 33.58 48.21 -22.24
CA SER A 620 34.48 49.34 -22.30
C SER A 620 34.59 49.95 -20.91
N VAL A 621 35.76 50.52 -20.62
CA VAL A 621 35.96 51.21 -19.36
C VAL A 621 35.01 52.39 -19.23
N PHE A 622 34.47 52.87 -20.35
CA PHE A 622 33.59 54.03 -20.38
C PHE A 622 32.12 53.69 -20.23
N ASN A 623 31.78 52.40 -20.08
CA ASN A 623 30.38 52.02 -19.88
C ASN A 623 29.93 52.27 -18.44
N GLN A 624 30.85 52.14 -17.47
CA GLN A 624 30.50 52.28 -16.07
C GLN A 624 29.81 53.60 -15.76
N ASN A 625 30.34 54.70 -16.30
CA ASN A 625 29.82 56.02 -15.99
C ASN A 625 28.71 56.46 -16.92
N ASP A 626 28.52 55.80 -18.07
CA ASP A 626 27.43 56.12 -18.98
C ASP A 626 26.95 54.85 -19.66
N PRO A 627 26.22 53.99 -18.92
CA PRO A 627 25.64 52.80 -19.55
C PRO A 627 24.43 53.09 -20.41
N TRP A 628 23.77 54.23 -20.20
CA TRP A 628 22.57 54.55 -20.99
C TRP A 628 22.95 54.85 -22.44
N ALA A 629 24.10 55.47 -22.65
CA ALA A 629 24.66 55.65 -23.98
C ALA A 629 25.94 54.84 -24.06
N PRO A 630 25.85 53.52 -24.16
CA PRO A 630 27.04 52.68 -23.99
C PRO A 630 28.08 52.94 -25.05
N THR A 631 29.34 52.97 -24.61
CA THR A 631 30.46 53.04 -25.55
C THR A 631 30.58 51.75 -26.35
N VAL A 632 30.47 50.60 -25.67
CA VAL A 632 30.41 49.29 -26.30
C VAL A 632 29.11 48.62 -25.88
N ASP A 633 28.35 48.11 -26.86
CA ASP A 633 27.12 47.39 -26.62
C ASP A 633 27.29 45.99 -27.22
N PHE A 634 27.40 44.98 -26.35
CA PHE A 634 27.76 43.64 -26.82
C PHE A 634 26.74 43.08 -27.79
N SER A 635 25.45 43.29 -27.51
CA SER A 635 24.40 42.68 -28.32
C SER A 635 24.53 43.01 -29.81
N ASP A 636 25.22 44.11 -30.15
CA ASP A 636 25.42 44.48 -31.55
C ASP A 636 26.31 43.49 -32.29
N PHE A 637 27.13 42.71 -31.58
CA PHE A 637 28.00 41.75 -32.26
C PHE A 637 27.20 40.61 -32.87
N ILE A 638 26.05 40.29 -32.28
CA ILE A 638 25.18 39.20 -32.76
C ILE A 638 24.30 39.79 -33.86
N ASN A 639 24.73 39.64 -35.11
CA ASN A 639 24.16 40.47 -36.16
C ASN A 639 23.83 39.67 -37.42
N ASN A 640 23.39 38.42 -37.26
CA ASN A 640 22.70 37.71 -38.34
C ASN A 640 23.66 37.39 -39.50
N GLU A 641 24.83 36.87 -39.16
CA GLU A 641 25.84 36.43 -40.11
C GLU A 641 25.98 34.92 -40.09
N THR A 642 26.77 34.41 -41.04
CA THR A 642 27.17 33.02 -40.99
C THR A 642 28.26 32.81 -39.94
N ILE A 643 28.17 31.69 -39.24
CA ILE A 643 29.27 31.18 -38.42
C ILE A 643 29.76 29.84 -38.96
N ALA A 644 29.46 29.56 -40.22
CA ALA A 644 29.79 28.28 -40.84
C ALA A 644 31.07 28.46 -41.64
N GLY A 645 32.20 28.18 -41.00
CA GLY A 645 33.48 28.20 -41.69
C GLY A 645 34.21 29.51 -41.64
N LYS A 646 34.22 30.15 -40.47
CA LYS A 646 34.89 31.42 -40.27
C LYS A 646 35.83 31.32 -39.08
N ASP A 647 36.60 32.38 -38.89
CA ASP A 647 37.30 32.60 -37.63
C ASP A 647 36.26 32.93 -36.57
N LEU A 648 36.00 32.00 -35.66
CA LEU A 648 34.95 32.16 -34.67
C LEU A 648 35.54 32.57 -33.32
N VAL A 649 34.67 33.12 -32.47
CA VAL A 649 35.04 33.51 -31.11
C VAL A 649 33.82 33.33 -30.22
N ALA A 650 34.02 32.62 -29.10
CA ALA A 650 32.94 32.31 -28.18
C ALA A 650 32.96 33.27 -27.00
N TRP A 651 31.79 33.78 -26.64
CA TRP A 651 31.63 34.72 -25.53
C TRP A 651 30.82 34.01 -24.45
N VAL A 652 31.46 33.72 -23.32
CA VAL A 652 30.85 32.93 -22.25
C VAL A 652 30.56 33.83 -21.06
N THR A 653 29.35 33.74 -20.54
CA THR A 653 28.93 34.45 -19.34
C THR A 653 28.72 33.45 -18.20
N ALA A 654 29.38 33.70 -17.08
CA ALA A 654 29.24 32.87 -15.89
C ALA A 654 28.98 33.75 -14.68
N GLY A 655 28.07 33.30 -13.81
CA GLY A 655 27.74 34.07 -12.63
C GLY A 655 26.80 33.30 -11.73
N PHE A 656 26.31 34.00 -10.70
CA PHE A 656 25.44 33.39 -9.71
C PHE A 656 24.80 34.48 -8.87
N LEU A 657 23.75 34.09 -8.15
CA LEU A 657 23.08 34.98 -7.21
C LEU A 657 23.64 34.76 -5.81
N HIS A 658 23.84 35.86 -5.08
CA HIS A 658 24.39 35.80 -3.73
C HIS A 658 23.45 36.50 -2.76
N ILE A 659 22.84 35.74 -1.85
CA ILE A 659 22.09 36.28 -0.72
C ILE A 659 22.98 36.17 0.51
N PRO A 660 23.56 37.27 1.00
CA PRO A 660 24.49 37.17 2.12
C PRO A 660 23.85 36.56 3.35
N HIS A 661 24.66 35.87 4.15
CA HIS A 661 24.20 35.16 5.33
C HIS A 661 25.28 35.21 6.39
N ALA A 662 24.98 34.64 7.56
CA ALA A 662 25.86 34.79 8.72
C ALA A 662 27.25 34.21 8.47
N GLU A 663 27.35 33.17 7.63
CA GLU A 663 28.65 32.55 7.36
C GLU A 663 29.48 33.39 6.39
N ASP A 664 29.19 34.68 6.33
CA ASP A 664 29.75 35.51 5.28
C ASP A 664 30.24 36.83 5.89
N ILE A 665 30.72 36.77 7.14
CA ILE A 665 30.98 37.90 8.04
C ILE A 665 32.45 37.98 8.45
N PRO A 666 33.26 36.93 8.25
CA PRO A 666 34.71 37.14 8.21
C PRO A 666 35.18 37.51 6.82
N ASN A 667 34.87 36.66 5.84
CA ASN A 667 34.67 37.04 4.45
C ASN A 667 33.73 36.05 3.80
N THR A 668 33.57 36.17 2.48
CA THR A 668 32.92 35.14 1.69
C THR A 668 33.91 34.01 1.44
N VAL A 669 33.51 32.80 1.76
CA VAL A 669 34.32 31.64 1.46
C VAL A 669 34.17 31.29 -0.01
N THR A 670 35.22 30.70 -0.59
CA THR A 670 35.20 30.30 -1.99
C THR A 670 34.43 29.00 -2.21
N VAL A 671 34.07 28.28 -1.14
CA VAL A 671 33.51 26.94 -1.26
C VAL A 671 32.22 26.98 -2.04
N GLY A 672 32.19 26.26 -3.18
CA GLY A 672 30.98 26.15 -3.99
C GLY A 672 30.65 27.35 -4.82
N ASN A 673 31.29 28.50 -4.60
CA ASN A 673 31.02 29.72 -5.34
C ASN A 673 31.88 29.85 -6.59
N GLY A 674 32.74 28.88 -6.87
CA GLY A 674 33.49 28.90 -8.11
C GLY A 674 32.57 28.64 -9.29
N VAL A 675 32.69 29.48 -10.32
CA VAL A 675 31.79 29.42 -11.45
C VAL A 675 32.64 29.64 -12.70
N GLY A 676 32.26 29.01 -13.80
CA GLY A 676 33.10 29.11 -14.99
C GLY A 676 32.74 28.09 -16.05
N PHE A 677 33.76 27.65 -16.80
CA PHE A 677 33.50 26.77 -17.93
C PHE A 677 34.75 25.95 -18.25
N PHE A 678 34.51 24.80 -18.90
CA PHE A 678 35.55 23.92 -19.41
C PHE A 678 35.65 24.04 -20.94
N LEU A 679 36.85 23.78 -21.44
CA LEU A 679 37.12 23.62 -22.87
C LEU A 679 37.73 22.24 -23.05
N ARG A 680 36.97 21.32 -23.63
CA ARG A 680 37.41 19.93 -23.63
C ARG A 680 37.51 19.37 -25.05
N PRO A 681 38.55 18.57 -25.33
CA PRO A 681 38.65 17.95 -26.65
C PRO A 681 37.55 16.96 -26.93
N TYR A 682 36.98 17.06 -28.14
CA TYR A 682 35.89 16.20 -28.57
C TYR A 682 36.20 15.75 -30.00
N ASN A 683 36.80 14.56 -30.10
CA ASN A 683 37.29 14.03 -31.38
C ASN A 683 38.33 14.95 -32.01
N PHE A 684 39.06 15.69 -31.17
CA PHE A 684 40.18 16.50 -31.65
C PHE A 684 41.42 15.65 -31.88
N PHE A 685 41.68 14.72 -30.97
CA PHE A 685 42.79 13.80 -31.08
C PHE A 685 42.30 12.48 -31.70
N ASP A 686 43.24 11.57 -31.91
CA ASP A 686 42.90 10.20 -32.24
C ASP A 686 42.79 9.34 -30.99
N GLU A 687 43.33 9.80 -29.87
CA GLU A 687 43.13 9.18 -28.57
C GLU A 687 43.56 10.19 -27.52
N ASP A 688 42.99 10.06 -26.33
CA ASP A 688 43.54 10.71 -25.16
C ASP A 688 45.05 10.73 -25.03
N PRO A 689 45.61 11.95 -25.06
CA PRO A 689 47.07 12.10 -25.02
C PRO A 689 47.69 11.66 -23.71
N SER A 690 46.91 11.55 -22.61
CA SER A 690 47.49 11.07 -21.37
C SER A 690 47.82 9.58 -21.41
N PHE A 691 47.46 8.88 -22.48
CA PHE A 691 48.00 7.55 -22.69
C PHE A 691 49.52 7.59 -22.80
N TYR A 692 50.04 8.63 -23.46
CA TYR A 692 51.46 8.85 -23.62
C TYR A 692 52.12 9.49 -22.41
N SER A 693 51.39 9.64 -21.31
CA SER A 693 51.92 10.38 -20.17
C SER A 693 53.19 9.73 -19.63
N ALA A 694 54.19 10.56 -19.34
CA ALA A 694 55.38 10.07 -18.67
C ALA A 694 55.11 9.65 -17.24
N ASP A 695 53.96 10.01 -16.67
CA ASP A 695 53.63 9.72 -15.29
C ASP A 695 52.54 8.66 -15.15
N SER A 696 52.10 8.05 -16.25
CA SER A 696 51.05 7.04 -16.16
C SER A 696 51.61 5.78 -15.53
N ILE A 697 50.83 5.21 -14.61
CA ILE A 697 51.22 4.01 -13.89
C ILE A 697 50.48 2.82 -14.51
N TYR A 698 51.19 1.71 -14.68
CA TYR A 698 50.58 0.50 -15.20
C TYR A 698 51.36 -0.72 -14.72
N PHE A 699 50.65 -1.76 -14.30
CA PHE A 699 51.29 -3.01 -13.91
C PHE A 699 50.24 -4.12 -13.93
N ARG A 700 50.67 -5.32 -14.29
CA ARG A 700 49.81 -6.49 -14.29
C ARG A 700 49.78 -7.13 -12.91
N GLY A 701 48.78 -8.00 -12.72
CA GLY A 701 48.66 -8.73 -11.46
C GLY A 701 49.78 -9.72 -11.23
N ASP A 702 50.34 -10.29 -12.30
CA ASP A 702 51.46 -11.21 -12.17
C ASP A 702 52.79 -10.49 -12.03
N GLN A 703 52.83 -9.17 -12.26
CA GLN A 703 54.06 -8.40 -12.08
C GLN A 703 54.21 -7.96 -10.63
N ASP A 704 55.38 -7.39 -10.34
CA ASP A 704 55.73 -6.93 -9.00
C ASP A 704 55.45 -5.43 -8.91
N ALA A 705 54.36 -5.08 -8.23
CA ALA A 705 53.98 -3.67 -8.12
C ALA A 705 54.97 -2.88 -7.29
N GLY A 706 55.67 -3.52 -6.36
CA GLY A 706 56.71 -2.85 -5.59
C GLY A 706 58.06 -2.77 -6.27
N ALA A 707 58.22 -3.43 -7.40
CA ALA A 707 59.45 -3.34 -8.17
C ALA A 707 59.53 -1.97 -8.83
N CYS A 708 60.52 -1.17 -8.43
CA CYS A 708 60.69 0.15 -9.00
C CYS A 708 60.80 0.08 -10.53
N GLU A 709 61.47 -0.96 -11.02
CA GLU A 709 61.51 -1.24 -12.45
C GLU A 709 60.12 -1.13 -13.05
N VAL A 710 59.17 -1.83 -12.43
CA VAL A 710 57.83 -1.99 -12.97
C VAL A 710 56.99 -0.75 -12.71
N ASN A 711 57.06 -0.21 -11.50
CA ASN A 711 56.15 0.84 -11.05
C ASN A 711 56.94 2.00 -10.48
N PRO A 712 56.99 3.15 -11.17
CA PRO A 712 57.74 4.31 -10.67
C PRO A 712 57.34 4.76 -9.27
N LEU A 713 56.09 4.50 -8.86
CA LEU A 713 55.65 4.88 -7.52
C LEU A 713 56.48 4.21 -6.44
N ALA A 714 56.99 3.01 -6.72
CA ALA A 714 57.81 2.30 -5.75
C ALA A 714 59.11 3.05 -5.47
N CYS A 715 59.63 3.75 -6.48
CA CYS A 715 60.86 4.54 -6.31
C CYS A 715 60.59 5.91 -5.70
N LEU A 716 59.33 6.28 -5.54
CA LEU A 716 59.01 7.58 -4.94
C LEU A 716 59.60 7.76 -3.54
N PRO A 717 59.56 6.78 -2.62
CA PRO A 717 60.21 7.00 -1.32
C PRO A 717 61.68 7.31 -1.42
N GLN A 718 62.39 6.74 -2.40
CA GLN A 718 63.80 7.03 -2.56
C GLN A 718 64.01 8.44 -3.11
N ALA A 719 63.24 8.83 -4.12
CA ALA A 719 63.42 10.14 -4.73
C ALA A 719 62.90 11.26 -3.84
N ALA A 720 61.83 11.01 -3.09
CA ALA A 720 61.24 12.02 -2.22
C ALA A 720 61.84 12.01 -0.82
N ALA A 721 63.01 11.40 -0.64
CA ALA A 721 63.68 11.41 0.66
C ALA A 721 64.62 12.62 0.73
N CYS A 722 64.01 13.80 0.70
CA CYS A 722 64.76 15.03 0.80
C CYS A 722 63.88 16.13 1.37
N ALA A 723 64.48 17.00 2.19
CA ALA A 723 63.80 18.17 2.71
C ALA A 723 63.73 19.26 1.64
N PRO A 724 62.63 20.01 1.57
CA PRO A 724 62.55 21.09 0.57
C PRO A 724 63.52 22.23 0.86
N ASP A 725 63.59 23.21 -0.02
CA ASP A 725 64.40 24.41 0.18
C ASP A 725 63.54 25.65 -0.04
N LEU A 726 62.33 25.59 0.50
CA LEU A 726 61.29 26.59 0.46
C LEU A 726 61.79 27.97 0.93
N PRO A 727 61.80 28.99 0.06
CA PRO A 727 62.45 30.26 0.38
C PRO A 727 61.77 31.00 1.53
N ALA A 728 62.46 32.06 1.99
CA ALA A 728 61.98 32.85 3.11
C ALA A 728 60.78 33.70 2.70
N PHE A 729 59.82 33.85 3.63
CA PHE A 729 58.56 34.49 3.30
C PHE A 729 58.75 35.96 2.97
N SER A 730 58.33 36.32 1.77
CA SER A 730 58.20 37.71 1.35
C SER A 730 56.73 38.02 1.14
N HIS A 731 56.39 39.30 1.31
CA HIS A 731 55.07 39.79 0.92
C HIS A 731 55.25 40.98 -0.01
N GLY A 732 54.44 41.05 -1.05
CA GLY A 732 54.57 42.07 -2.07
C GLY A 732 54.17 43.48 -1.68
N GLY A 733 53.73 43.70 -0.44
CA GLY A 733 53.43 45.04 0.06
C GLY A 733 52.26 45.72 -0.63
N PHE A 734 52.01 46.98 -0.31
CA PHE A 734 50.86 47.67 -0.89
C PHE A 734 50.74 49.21 -0.81
N SER A 735 51.60 49.91 -0.07
CA SER A 735 51.63 51.39 -0.12
C SER A 735 50.23 51.94 0.18
N HIS A 736 49.83 53.04 -0.45
CA HIS A 736 48.50 53.60 -0.18
C HIS A 736 47.80 54.08 -1.46
N ASN A 737 47.91 53.31 -2.55
CA ASN A 737 47.19 53.65 -3.78
C ASN A 737 45.86 52.90 -3.89
N CYS B 15 62.20 13.35 11.37
CA CYS B 15 60.77 13.66 11.21
C CYS B 15 59.83 12.59 11.76
N PRO B 16 58.56 12.96 11.96
CA PRO B 16 57.59 12.02 12.52
C PRO B 16 57.34 10.84 11.59
N SER B 17 56.68 9.82 12.14
CA SER B 17 56.42 8.60 11.39
C SER B 17 54.97 8.17 11.57
N VAL B 18 54.43 8.31 12.78
CA VAL B 18 53.02 8.09 13.04
C VAL B 18 52.39 9.40 13.49
N SER B 19 51.45 9.34 14.42
CA SER B 19 50.68 10.51 14.84
C SER B 19 51.55 11.47 15.64
N PRO B 20 51.12 12.75 15.73
CA PRO B 20 51.84 13.70 16.60
C PRO B 20 51.20 13.85 17.97
N SER B 21 50.80 15.08 18.32
CA SER B 21 50.20 15.29 19.63
C SER B 21 48.83 14.64 19.72
N ALA B 22 48.80 13.38 20.14
CA ALA B 22 47.63 12.60 20.52
C ALA B 22 46.30 12.94 19.83
N GLN B 23 46.33 13.18 18.51
CA GLN B 23 45.15 13.09 17.66
C GLN B 23 44.09 14.15 18.03
N PRO B 24 42.86 13.84 18.60
CA PRO B 24 42.07 14.97 19.13
C PRO B 24 41.68 14.87 20.60
N TRP B 25 41.29 16.00 21.18
CA TRP B 25 40.75 16.06 22.54
C TRP B 25 39.47 16.89 22.48
N THR B 26 38.32 16.22 22.47
CA THR B 26 37.01 16.87 22.38
C THR B 26 36.07 16.46 23.51
N HIS B 27 35.09 15.53 23.31
CA HIS B 27 34.58 15.41 24.65
C HIS B 27 34.31 13.93 24.64
N PRO B 28 33.07 13.31 24.93
CA PRO B 28 32.92 11.88 24.53
C PRO B 28 32.05 11.59 23.31
N GLY B 29 31.22 10.55 23.37
CA GLY B 29 30.19 10.40 22.37
C GLY B 29 30.86 9.85 21.12
N GLN B 30 31.79 8.88 21.25
CA GLN B 30 32.39 8.27 20.06
C GLN B 30 32.12 6.77 20.22
N SER B 31 31.20 6.31 19.41
CA SER B 31 30.87 4.93 19.42
C SER B 31 30.87 4.43 17.99
N GLN B 32 31.11 3.14 17.80
CA GLN B 32 31.09 2.55 16.46
C GLN B 32 29.87 1.66 16.40
N LEU B 33 28.73 2.32 16.35
CA LEU B 33 27.41 1.74 16.17
C LEU B 33 27.06 1.60 14.70
N PHE B 34 27.81 2.26 13.82
CA PHE B 34 27.58 2.26 12.39
C PHE B 34 28.69 1.54 11.62
N ALA B 35 29.67 0.99 12.31
CA ALA B 35 30.78 0.31 11.65
C ALA B 35 30.30 -0.92 10.89
N ASP B 36 30.91 -1.18 9.74
CA ASP B 36 30.64 -2.42 9.03
C ASP B 36 31.03 -3.61 9.88
N LEU B 37 30.43 -4.76 9.58
CA LEU B 37 30.69 -5.94 10.37
C LEU B 37 32.14 -6.39 10.20
N SER B 38 32.75 -6.78 11.31
CA SER B 38 34.14 -7.24 11.28
C SER B 38 34.21 -8.71 10.86
N ARG B 39 35.44 -9.18 10.62
CA ARG B 39 35.66 -10.57 10.24
C ARG B 39 34.98 -11.53 11.20
N GLU B 40 35.14 -11.27 12.50
CA GLU B 40 34.51 -12.12 13.51
C GLU B 40 33.00 -12.08 13.38
N GLU B 41 32.44 -10.87 13.33
CA GLU B 41 30.99 -10.72 13.30
C GLU B 41 30.37 -11.44 12.10
N LEU B 42 31.04 -11.39 10.94
CA LEU B 42 30.53 -12.10 9.77
C LEU B 42 30.55 -13.61 10.00
N THR B 43 31.67 -14.12 10.51
CA THR B 43 31.79 -15.56 10.77
C THR B 43 30.71 -16.03 11.74
N ALA B 44 30.50 -15.28 12.83
CA ALA B 44 29.53 -15.68 13.84
C ALA B 44 28.13 -15.82 13.24
N VAL B 45 27.79 -14.96 12.28
CA VAL B 45 26.48 -15.05 11.65
C VAL B 45 26.42 -16.23 10.70
N MET B 46 27.50 -16.48 9.96
CA MET B 46 27.52 -17.62 9.04
C MET B 46 27.42 -18.93 9.80
N ARG B 47 28.20 -19.07 10.89
CA ARG B 47 28.05 -20.23 11.77
C ARG B 47 26.62 -20.36 12.25
N PHE B 48 26.06 -19.25 12.75
CA PHE B 48 24.67 -19.22 13.19
C PHE B 48 23.72 -19.65 12.08
N LEU B 49 24.01 -19.25 10.85
CA LEU B 49 23.11 -19.57 9.74
C LEU B 49 23.20 -21.04 9.35
N THR B 50 24.41 -21.55 9.12
CA THR B 50 24.55 -22.96 8.74
C THR B 50 23.91 -23.88 9.78
N GLN B 51 24.01 -23.53 11.06
CA GLN B 51 23.39 -24.33 12.11
C GLN B 51 21.87 -24.29 12.01
N ARG B 52 21.28 -23.11 12.23
CA ARG B 52 19.84 -22.99 12.42
C ARG B 52 19.06 -22.88 11.12
N LEU B 53 19.72 -22.90 9.96
CA LEU B 53 19.00 -22.85 8.71
C LEU B 53 18.96 -24.22 8.04
N GLY B 54 19.47 -25.26 8.70
CA GLY B 54 19.30 -26.62 8.26
C GLY B 54 20.24 -27.01 7.14
N PRO B 55 21.07 -28.03 7.38
CA PRO B 55 21.97 -28.52 6.32
C PRO B 55 21.20 -28.90 5.06
N GLY B 56 21.97 -29.09 4.00
CA GLY B 56 21.49 -28.89 2.64
C GLY B 56 21.92 -27.57 2.05
N LEU B 57 22.89 -26.91 2.67
CA LEU B 57 23.30 -25.56 2.33
C LEU B 57 24.58 -25.61 1.51
N VAL B 58 24.61 -24.87 0.42
CA VAL B 58 25.74 -24.86 -0.51
C VAL B 58 26.48 -23.55 -0.39
N ASP B 59 27.80 -23.61 -0.52
CA ASP B 59 28.60 -22.40 -0.74
C ASP B 59 28.10 -21.67 -1.97
N ALA B 60 27.85 -20.37 -1.81
CA ALA B 60 27.26 -19.58 -2.90
C ALA B 60 28.14 -19.56 -4.14
N ALA B 61 29.46 -19.62 -3.97
CA ALA B 61 30.36 -19.67 -5.11
C ALA B 61 30.13 -20.92 -5.96
N GLN B 62 29.59 -21.97 -5.35
CA GLN B 62 29.39 -23.26 -6.00
C GLN B 62 27.93 -23.49 -6.36
N ALA B 63 27.02 -22.66 -5.83
CA ALA B 63 25.59 -22.91 -5.88
C ALA B 63 25.08 -22.96 -7.31
N ARG B 64 24.05 -23.78 -7.51
CA ARG B 64 23.26 -23.86 -8.73
C ARG B 64 21.89 -23.24 -8.47
N PRO B 65 21.11 -22.95 -9.52
CA PRO B 65 19.80 -22.29 -9.30
C PRO B 65 18.92 -23.01 -8.29
N SER B 66 18.92 -24.33 -8.31
CA SER B 66 18.07 -25.13 -7.43
C SER B 66 18.69 -25.37 -6.06
N ASP B 67 19.85 -24.77 -5.76
CA ASP B 67 20.48 -24.94 -4.45
C ASP B 67 19.90 -23.96 -3.45
N ASN B 68 20.15 -24.25 -2.17
CA ASN B 68 19.88 -23.32 -1.09
C ASN B 68 21.17 -22.60 -0.72
N CYS B 69 21.06 -21.29 -0.48
CA CYS B 69 22.21 -20.41 -0.66
C CYS B 69 22.15 -19.21 0.29
N VAL B 70 23.29 -18.91 0.91
CA VAL B 70 23.49 -17.62 1.57
C VAL B 70 24.24 -16.74 0.58
N PHE B 71 23.56 -15.71 0.09
CA PHE B 71 24.11 -14.83 -0.95
C PHE B 71 24.92 -13.68 -0.37
N SER B 72 24.50 -13.15 0.77
CA SER B 72 25.13 -11.96 1.34
C SER B 72 24.86 -11.91 2.84
N VAL B 73 25.83 -11.37 3.57
CA VAL B 73 25.68 -11.08 5.00
C VAL B 73 26.36 -9.73 5.25
N GLU B 74 25.60 -8.75 5.73
CA GLU B 74 26.15 -7.43 6.00
C GLU B 74 25.36 -6.76 7.11
N LEU B 75 25.88 -5.62 7.57
CA LEU B 75 25.30 -4.90 8.69
C LEU B 75 23.86 -4.48 8.42
N GLN B 76 23.00 -4.68 9.42
CA GLN B 76 21.64 -4.13 9.42
C GLN B 76 21.66 -2.84 10.22
N LEU B 77 21.35 -1.73 9.55
CA LEU B 77 21.45 -0.43 10.20
C LEU B 77 20.41 -0.30 11.31
N PRO B 78 20.73 0.40 12.39
CA PRO B 78 19.83 0.48 13.53
C PRO B 78 18.71 1.48 13.25
N PRO B 79 17.62 1.41 14.01
CA PRO B 79 16.61 2.48 13.92
C PRO B 79 17.22 3.79 14.40
N LYS B 80 16.75 4.90 13.82
CA LYS B 80 17.29 6.20 14.19
C LYS B 80 17.03 6.51 15.66
N ALA B 81 15.80 6.32 16.12
CA ALA B 81 15.42 6.74 17.47
C ALA B 81 16.30 6.08 18.52
N ALA B 82 16.53 4.77 18.39
CA ALA B 82 17.38 4.07 19.37
C ALA B 82 18.85 4.47 19.21
N ALA B 83 19.31 4.66 17.97
CA ALA B 83 20.69 5.08 17.75
C ALA B 83 20.93 6.47 18.31
N LEU B 84 19.97 7.38 18.17
CA LEU B 84 20.13 8.73 18.69
C LEU B 84 20.09 8.75 20.22
N ALA B 85 19.12 8.04 20.80
CA ALA B 85 19.04 7.96 22.26
C ALA B 85 20.37 7.50 22.86
N HIS B 86 21.04 6.57 22.18
CA HIS B 86 22.36 6.13 22.63
C HIS B 86 23.39 7.23 22.43
N LEU B 87 23.41 7.85 21.25
CA LEU B 87 24.47 8.78 20.92
C LEU B 87 24.35 10.09 21.71
N ASP B 88 23.12 10.48 22.07
CA ASP B 88 22.87 11.75 22.74
C ASP B 88 22.39 11.55 24.17
N ARG B 89 21.19 11.00 24.36
CA ARG B 89 20.62 10.87 25.69
C ARG B 89 21.43 9.97 26.60
N GLY B 90 22.28 9.12 26.05
CA GLY B 90 23.08 8.22 26.85
C GLY B 90 22.48 6.86 27.07
N SER B 91 21.35 6.54 26.42
CA SER B 91 20.66 5.26 26.54
C SER B 91 21.53 4.12 26.02
N PRO B 92 21.21 2.86 26.32
CA PRO B 92 22.02 1.75 25.81
C PRO B 92 21.94 1.65 24.30
N PRO B 93 22.92 1.00 23.67
CA PRO B 93 22.88 0.87 22.21
C PRO B 93 21.73 -0.02 21.79
N PRO B 94 21.14 0.22 20.62
CA PRO B 94 20.20 -0.75 20.06
C PRO B 94 20.94 -2.02 19.64
N ALA B 95 20.18 -3.09 19.51
CA ALA B 95 20.75 -4.38 19.13
C ALA B 95 21.51 -4.25 17.82
N ARG B 96 22.80 -4.57 17.87
CA ARG B 96 23.60 -4.64 16.66
C ARG B 96 23.14 -5.87 15.87
N GLU B 97 22.68 -5.66 14.64
CA GLU B 97 22.09 -6.73 13.85
C GLU B 97 22.73 -6.79 12.48
N ALA B 98 22.45 -7.90 11.77
CA ALA B 98 22.92 -8.12 10.41
C ALA B 98 21.76 -8.58 9.53
N LEU B 99 21.88 -8.35 8.23
CA LEU B 99 20.92 -8.78 7.25
C LEU B 99 21.55 -9.84 6.35
N ALA B 100 20.84 -10.95 6.16
CA ALA B 100 21.30 -12.03 5.30
C ALA B 100 20.30 -12.23 4.16
N ILE B 101 20.82 -12.27 2.94
CA ILE B 101 20.02 -12.60 1.76
C ILE B 101 20.26 -14.07 1.44
N VAL B 102 19.18 -14.85 1.44
CA VAL B 102 19.25 -16.28 1.27
C VAL B 102 18.44 -16.66 0.03
N PHE B 103 19.08 -17.36 -0.89
CA PHE B 103 18.37 -17.96 -2.02
C PHE B 103 17.85 -19.31 -1.60
N PHE B 104 16.53 -19.51 -1.71
CA PHE B 104 15.89 -20.77 -1.34
C PHE B 104 15.47 -21.49 -2.62
N GLY B 105 16.41 -22.27 -3.18
CA GLY B 105 16.18 -22.95 -4.43
C GLY B 105 15.65 -24.36 -4.29
N ARG B 106 16.17 -25.11 -3.30
CA ARG B 106 15.72 -26.48 -3.06
C ARG B 106 14.30 -26.46 -2.50
N GLN B 107 13.32 -26.07 -3.32
CA GLN B 107 11.97 -25.84 -2.84
C GLN B 107 10.97 -26.00 -3.99
N PRO B 108 9.73 -26.41 -3.68
CA PRO B 108 8.70 -26.42 -4.74
C PRO B 108 8.39 -25.02 -5.28
N GLN B 109 8.15 -24.05 -4.40
CA GLN B 109 8.11 -22.64 -4.77
C GLN B 109 9.37 -21.94 -4.27
N PRO B 110 10.37 -21.69 -5.11
CA PRO B 110 11.59 -21.04 -4.62
C PRO B 110 11.44 -19.53 -4.50
N ASN B 111 11.94 -18.98 -3.39
CA ASN B 111 11.99 -17.54 -3.22
C ASN B 111 13.37 -17.11 -2.71
N VAL B 112 13.55 -15.81 -2.69
CA VAL B 112 14.68 -15.16 -2.01
C VAL B 112 14.11 -14.52 -0.75
N SER B 113 14.89 -14.51 0.32
CA SER B 113 14.37 -14.11 1.62
C SER B 113 15.37 -13.20 2.34
N GLU B 114 14.85 -12.19 3.03
CA GLU B 114 15.64 -11.26 3.82
C GLU B 114 15.55 -11.64 5.29
N LEU B 115 16.70 -11.91 5.91
CA LEU B 115 16.78 -12.47 7.25
C LEU B 115 17.65 -11.59 8.14
N VAL B 116 17.06 -11.08 9.21
CA VAL B 116 17.76 -10.36 10.26
C VAL B 116 18.21 -11.35 11.32
N VAL B 117 19.39 -11.12 11.92
CA VAL B 117 20.03 -12.13 12.76
C VAL B 117 20.72 -11.48 13.96
N GLY B 118 20.27 -11.83 15.16
CA GLY B 118 21.10 -11.88 16.35
C GLY B 118 21.61 -10.59 16.97
N PRO B 119 21.75 -10.59 18.29
CA PRO B 119 22.58 -9.57 18.97
C PRO B 119 24.03 -9.87 18.64
N LEU B 120 24.65 -8.98 17.89
CA LEU B 120 25.54 -9.56 16.90
C LEU B 120 26.92 -9.91 17.48
N PRO B 121 27.36 -9.34 18.63
CA PRO B 121 28.53 -9.94 19.30
C PRO B 121 28.43 -11.44 19.53
N HIS B 122 27.26 -11.94 19.93
CA HIS B 122 27.03 -13.38 20.08
C HIS B 122 25.60 -13.69 19.63
N PRO B 123 25.40 -13.96 18.34
CA PRO B 123 24.04 -14.02 17.78
C PRO B 123 23.17 -15.05 18.49
N SER B 124 21.86 -14.77 18.52
CA SER B 124 20.93 -15.65 19.22
C SER B 124 19.54 -15.73 18.60
N TYR B 125 19.22 -15.00 17.54
CA TYR B 125 17.91 -15.15 16.91
C TYR B 125 17.98 -14.78 15.44
N MET B 126 16.82 -14.88 14.78
CA MET B 126 16.68 -14.74 13.34
C MET B 126 15.23 -14.38 13.05
N ARG B 127 15.02 -13.44 12.12
CA ARG B 127 13.68 -13.02 11.76
C ARG B 127 13.60 -12.74 10.26
N ASP B 128 12.68 -13.41 9.59
CA ASP B 128 12.41 -13.17 8.17
C ASP B 128 11.55 -11.93 8.04
N VAL B 129 12.12 -10.88 7.45
CA VAL B 129 11.42 -9.61 7.27
C VAL B 129 10.96 -9.39 5.85
N THR B 130 11.13 -10.38 4.97
CA THR B 130 10.74 -10.24 3.57
C THR B 130 9.29 -9.79 3.45
N VAL B 131 8.36 -10.54 4.06
CA VAL B 131 6.95 -10.18 4.00
C VAL B 131 6.70 -8.87 4.73
N GLU B 132 7.43 -8.65 5.82
CA GLU B 132 7.32 -7.39 6.56
C GLU B 132 7.63 -6.20 5.67
N ARG B 133 8.79 -6.23 5.01
CA ARG B 133 9.28 -5.06 4.28
C ARG B 133 8.62 -4.92 2.92
N HIS B 134 8.52 -6.02 2.17
CA HIS B 134 8.06 -5.97 0.79
C HIS B 134 6.64 -6.52 0.61
N GLY B 135 5.94 -6.83 1.70
CA GLY B 135 4.54 -7.21 1.61
C GLY B 135 4.25 -8.49 0.87
N GLY B 136 5.18 -9.44 0.89
CA GLY B 136 5.01 -10.69 0.19
C GLY B 136 6.33 -11.31 -0.18
N PRO B 137 6.30 -12.52 -0.72
CA PRO B 137 7.55 -13.22 -1.06
C PRO B 137 8.28 -12.53 -2.19
N LEU B 138 9.60 -12.74 -2.21
CA LEU B 138 10.43 -12.22 -3.28
C LEU B 138 10.55 -13.27 -4.38
N PRO B 139 10.01 -13.04 -5.57
CA PRO B 139 10.10 -14.05 -6.64
C PRO B 139 11.55 -14.42 -6.94
N TYR B 140 11.74 -15.68 -7.33
CA TYR B 140 13.09 -16.21 -7.46
C TYR B 140 13.82 -15.63 -8.68
N HIS B 141 13.09 -15.26 -9.73
CA HIS B 141 13.73 -14.74 -10.93
C HIS B 141 14.37 -13.38 -10.69
N ARG B 142 14.02 -12.71 -9.60
CA ARG B 142 14.66 -11.44 -9.26
C ARG B 142 16.05 -11.62 -8.71
N ARG B 143 16.44 -12.85 -8.36
CA ARG B 143 17.74 -13.08 -7.75
C ARG B 143 18.86 -12.56 -8.66
N PRO B 144 19.90 -11.95 -8.10
CA PRO B 144 21.04 -11.55 -8.93
C PRO B 144 21.71 -12.77 -9.54
N VAL B 145 22.33 -12.56 -10.69
CA VAL B 145 23.01 -13.67 -11.36
C VAL B 145 24.27 -14.01 -10.58
N LEU B 146 24.32 -15.24 -10.07
CA LEU B 146 25.46 -15.70 -9.28
C LEU B 146 26.72 -15.79 -10.14
N PHE B 147 27.87 -15.85 -9.47
CA PHE B 147 29.13 -16.07 -10.16
C PHE B 147 29.14 -17.44 -10.84
N GLN B 148 28.66 -18.48 -10.13
CA GLN B 148 28.56 -19.80 -10.74
C GLN B 148 27.61 -19.79 -11.93
N GLU B 149 26.51 -19.03 -11.83
CA GLU B 149 25.58 -18.92 -12.94
C GLU B 149 26.25 -18.36 -14.19
N TYR B 150 27.10 -17.34 -14.02
CA TYR B 150 27.86 -16.82 -15.15
C TYR B 150 28.78 -17.89 -15.74
N LEU B 151 29.41 -18.69 -14.87
CA LEU B 151 30.31 -19.74 -15.35
C LEU B 151 29.53 -20.80 -16.14
N ASP B 152 28.38 -21.23 -15.60
CA ASP B 152 27.56 -22.21 -16.31
C ASP B 152 27.17 -21.71 -17.69
N ILE B 153 26.78 -20.44 -17.78
CA ILE B 153 26.46 -19.85 -19.08
C ILE B 153 27.64 -19.93 -20.02
N ASP B 154 28.85 -19.68 -19.51
CA ASP B 154 30.04 -19.75 -20.36
C ASP B 154 30.31 -21.19 -20.78
N GLN B 155 30.08 -22.16 -19.89
CA GLN B 155 30.14 -23.57 -20.30
C GLN B 155 29.21 -23.82 -21.47
N MET B 156 27.95 -23.38 -21.35
CA MET B 156 26.99 -23.54 -22.43
C MET B 156 27.48 -22.88 -23.71
N ILE B 157 27.92 -21.62 -23.62
CA ILE B 157 28.31 -20.88 -24.81
C ILE B 157 29.52 -21.55 -25.48
N PHE B 158 30.52 -21.91 -24.68
CA PHE B 158 31.80 -22.34 -25.23
C PHE B 158 31.85 -23.83 -25.56
N ASN B 159 31.19 -24.67 -24.78
CA ASN B 159 31.12 -26.10 -25.09
C ASN B 159 29.97 -26.41 -26.04
N ARG B 160 28.74 -26.07 -25.63
CA ARG B 160 27.54 -26.55 -26.32
C ARG B 160 27.22 -25.73 -27.57
N GLU B 161 27.59 -24.45 -27.60
CA GLU B 161 27.02 -23.51 -28.56
C GLU B 161 28.03 -23.01 -29.59
N LEU B 162 29.08 -22.31 -29.17
CA LEU B 162 30.01 -21.70 -30.12
C LEU B 162 30.63 -22.68 -31.12
N PRO B 163 30.98 -23.92 -30.77
CA PRO B 163 31.49 -24.83 -31.81
C PRO B 163 30.58 -24.98 -33.01
N GLN B 164 29.26 -24.82 -32.83
CA GLN B 164 28.32 -24.93 -33.95
C GLN B 164 28.57 -23.91 -35.04
N ALA B 165 29.39 -22.89 -34.78
CA ALA B 165 29.73 -21.89 -35.78
C ALA B 165 31.24 -21.75 -35.95
N SER B 166 32.01 -22.76 -35.55
CA SER B 166 33.47 -22.66 -35.61
C SER B 166 33.99 -22.45 -37.03
N GLY B 167 33.19 -22.77 -38.05
CA GLY B 167 33.60 -22.45 -39.41
C GLY B 167 33.69 -20.95 -39.62
N LEU B 168 32.64 -20.23 -39.23
CA LEU B 168 32.69 -18.78 -39.21
C LEU B 168 33.79 -18.28 -38.28
N LEU B 169 33.83 -18.81 -37.05
CA LEU B 169 34.74 -18.30 -36.03
C LEU B 169 36.20 -18.47 -36.43
N HIS B 170 36.52 -19.52 -37.17
CA HIS B 170 37.90 -19.69 -37.63
C HIS B 170 38.27 -18.64 -38.66
N HIS B 171 37.29 -18.14 -39.42
CA HIS B 171 37.57 -17.18 -40.48
C HIS B 171 37.75 -15.76 -39.95
N CYS B 172 36.98 -15.39 -38.93
CA CYS B 172 36.92 -14.01 -38.45
C CYS B 172 37.77 -13.74 -37.23
N CYS B 173 37.91 -14.72 -36.35
CA CYS B 173 38.12 -14.39 -34.95
C CYS B 173 39.14 -15.29 -34.26
N PHE B 174 39.98 -16.01 -35.03
CA PHE B 174 41.11 -16.76 -34.49
C PHE B 174 40.66 -17.77 -33.43
N TYR B 175 39.59 -18.50 -33.72
CA TYR B 175 39.08 -19.53 -32.83
C TYR B 175 40.11 -20.65 -32.71
N LYS B 176 40.75 -20.76 -31.55
CA LYS B 176 41.82 -21.73 -31.33
C LYS B 176 41.24 -23.00 -30.71
N HIS B 177 41.24 -24.09 -31.48
CA HIS B 177 40.84 -25.41 -31.03
C HIS B 177 39.55 -25.36 -30.22
N ARG B 178 39.66 -25.58 -28.91
CA ARG B 178 38.56 -25.36 -27.98
C ARG B 178 38.85 -24.32 -26.92
N GLY B 179 40.11 -23.98 -26.70
CA GLY B 179 40.46 -23.02 -25.66
C GLY B 179 39.91 -21.63 -25.91
N ARG B 180 39.66 -20.92 -24.81
CA ARG B 180 39.09 -19.58 -24.85
C ARG B 180 40.17 -18.57 -25.23
N ASN B 181 39.99 -17.90 -26.38
CA ASN B 181 40.55 -16.57 -26.51
C ASN B 181 39.46 -15.52 -26.53
N LEU B 182 38.20 -15.92 -26.39
CA LEU B 182 37.06 -15.02 -26.36
C LEU B 182 36.45 -15.00 -24.96
N VAL B 183 35.79 -13.88 -24.66
CA VAL B 183 35.15 -13.69 -23.37
C VAL B 183 33.79 -13.04 -23.59
N THR B 184 32.90 -13.27 -22.63
CA THR B 184 31.56 -12.71 -22.65
C THR B 184 31.44 -11.63 -21.60
N MET B 185 30.53 -10.68 -21.85
CA MET B 185 30.18 -9.68 -20.85
C MET B 185 28.67 -9.62 -20.75
N THR B 186 28.16 -9.59 -19.51
CA THR B 186 26.74 -9.57 -19.26
C THR B 186 26.09 -8.33 -19.86
N THR B 187 24.76 -8.36 -19.90
CA THR B 187 24.00 -7.14 -20.16
C THR B 187 23.17 -6.70 -18.98
N ALA B 188 21.99 -6.16 -19.25
CA ALA B 188 21.26 -5.52 -18.16
C ALA B 188 19.84 -6.12 -18.03
N PRO B 189 18.65 -5.34 -18.04
CA PRO B 189 17.42 -5.99 -17.56
C PRO B 189 17.10 -7.24 -18.32
N ARG B 190 17.20 -8.37 -17.62
CA ARG B 190 17.29 -9.67 -18.26
C ARG B 190 15.94 -10.12 -18.82
N GLY B 191 15.54 -9.49 -19.94
CA GLY B 191 14.30 -9.81 -20.60
C GLY B 191 13.54 -8.58 -21.09
N LEU B 192 12.21 -8.70 -21.20
CA LEU B 192 11.34 -7.63 -21.64
C LEU B 192 10.12 -7.46 -20.75
N GLN B 193 10.08 -8.14 -19.62
CA GLN B 193 8.82 -8.41 -18.92
C GLN B 193 9.16 -9.02 -17.57
N SER B 194 8.33 -8.71 -16.57
CA SER B 194 8.55 -9.27 -15.24
C SER B 194 8.51 -10.79 -15.30
N GLY B 195 9.54 -11.44 -14.75
CA GLY B 195 9.68 -12.88 -14.75
C GLY B 195 10.78 -13.39 -15.67
N ASP B 196 11.06 -12.66 -16.74
CA ASP B 196 12.05 -13.11 -17.70
C ASP B 196 13.44 -13.17 -17.08
N ARG B 197 14.30 -13.95 -17.71
CA ARG B 197 15.71 -14.03 -17.34
C ARG B 197 16.52 -14.36 -18.58
N ALA B 198 16.30 -13.60 -19.65
CA ALA B 198 16.99 -13.76 -20.92
C ALA B 198 18.01 -12.65 -21.07
N THR B 199 19.28 -13.01 -21.24
CA THR B 199 20.40 -12.08 -21.14
C THR B 199 21.18 -12.09 -22.44
N TRP B 200 21.33 -10.91 -23.06
CA TRP B 200 22.26 -10.79 -24.17
C TRP B 200 23.68 -10.86 -23.64
N PHE B 201 24.58 -11.47 -24.40
CA PHE B 201 25.99 -11.51 -24.07
C PHE B 201 26.80 -11.10 -25.29
N GLY B 202 27.58 -10.04 -25.14
CA GLY B 202 28.54 -9.73 -26.15
C GLY B 202 29.76 -10.62 -26.05
N LEU B 203 30.45 -10.77 -27.18
CA LEU B 203 31.65 -11.57 -27.25
C LEU B 203 32.82 -10.66 -27.63
N TYR B 204 33.91 -10.78 -26.89
CA TYR B 204 35.07 -9.92 -27.07
C TYR B 204 36.34 -10.75 -27.08
N TYR B 205 37.33 -10.26 -27.82
CA TYR B 205 38.68 -10.81 -27.71
C TYR B 205 39.17 -10.67 -26.27
N ASN B 206 39.73 -11.74 -25.74
CA ASN B 206 40.24 -11.72 -24.38
C ASN B 206 41.64 -11.10 -24.38
N ILE B 207 41.66 -9.77 -24.44
CA ILE B 207 42.92 -9.03 -24.45
C ILE B 207 43.63 -9.18 -23.11
N SER B 208 44.95 -9.34 -23.16
CA SER B 208 45.78 -9.53 -21.97
C SER B 208 46.35 -8.18 -21.54
N GLY B 209 46.07 -7.81 -20.29
CA GLY B 209 46.65 -6.61 -19.69
C GLY B 209 46.03 -5.29 -20.10
N ALA B 210 44.86 -5.31 -20.72
CA ALA B 210 44.18 -4.07 -21.11
C ALA B 210 42.70 -4.40 -21.33
N GLY B 211 41.93 -3.35 -21.57
CA GLY B 211 40.48 -3.51 -21.62
C GLY B 211 40.04 -4.30 -22.83
N PHE B 212 39.22 -5.33 -22.59
CA PHE B 212 38.61 -6.09 -23.67
C PHE B 212 37.37 -5.38 -24.22
N PHE B 213 36.75 -4.50 -23.43
CA PHE B 213 35.52 -3.83 -23.81
C PHE B 213 35.63 -3.09 -25.15
N LEU B 214 36.83 -2.73 -25.57
CA LEU B 214 37.06 -2.03 -26.83
C LEU B 214 37.23 -2.97 -28.02
N HIS B 215 36.96 -4.26 -27.83
CA HIS B 215 37.24 -5.25 -28.86
C HIS B 215 36.05 -6.21 -29.01
N HIS B 216 34.90 -5.62 -29.31
CA HIS B 216 33.70 -6.39 -29.63
C HIS B 216 33.85 -7.06 -30.99
N VAL B 217 33.68 -8.39 -31.04
CA VAL B 217 33.87 -9.12 -32.30
C VAL B 217 32.68 -9.03 -33.23
N GLY B 218 31.57 -8.47 -32.77
CA GLY B 218 30.39 -8.34 -33.58
C GLY B 218 29.35 -9.41 -33.39
N LEU B 219 29.44 -10.21 -32.32
CA LEU B 219 28.50 -11.30 -32.08
C LEU B 219 27.88 -11.17 -30.70
N GLU B 220 26.56 -11.19 -30.63
CA GLU B 220 25.83 -11.15 -29.38
C GLU B 220 24.83 -12.29 -29.33
N LEU B 221 24.70 -12.91 -28.17
CA LEU B 221 23.85 -14.08 -27.99
C LEU B 221 22.82 -13.80 -26.90
N LEU B 222 21.56 -14.09 -27.19
CA LEU B 222 20.48 -13.93 -26.21
C LEU B 222 20.27 -15.27 -25.51
N VAL B 223 20.84 -15.40 -24.31
CA VAL B 223 20.75 -16.64 -23.54
C VAL B 223 19.56 -16.57 -22.61
N ASN B 224 18.70 -17.58 -22.66
CA ASN B 224 17.61 -17.73 -21.70
C ASN B 224 18.07 -18.68 -20.61
N HIS B 225 18.32 -18.13 -19.42
CA HIS B 225 18.76 -18.94 -18.28
C HIS B 225 17.76 -18.82 -17.12
N LYS B 226 16.47 -18.71 -17.43
CA LYS B 226 15.48 -18.72 -16.36
C LYS B 226 15.34 -20.09 -15.72
N ALA B 227 15.50 -21.15 -16.50
CA ALA B 227 15.26 -22.50 -16.00
C ALA B 227 16.16 -22.82 -14.82
N LEU B 228 15.58 -23.45 -13.81
CA LEU B 228 16.36 -23.92 -12.65
C LEU B 228 17.37 -24.98 -13.04
N ASP B 229 17.16 -25.68 -14.17
CA ASP B 229 18.09 -26.69 -14.64
C ASP B 229 18.92 -26.09 -15.75
N PRO B 230 20.23 -25.87 -15.56
CA PRO B 230 21.07 -25.32 -16.64
C PRO B 230 20.98 -26.09 -17.94
N ALA B 231 20.64 -27.37 -17.90
CA ALA B 231 20.48 -28.15 -19.13
C ALA B 231 19.39 -27.56 -20.02
N ARG B 232 18.33 -27.02 -19.41
CA ARG B 232 17.19 -26.50 -20.16
C ARG B 232 17.41 -25.08 -20.68
N TRP B 233 18.55 -24.46 -20.39
CA TRP B 233 18.84 -23.12 -20.91
C TRP B 233 19.03 -23.17 -22.42
N THR B 234 18.51 -22.15 -23.11
CA THR B 234 18.53 -22.09 -24.57
C THR B 234 19.01 -20.72 -25.04
N ILE B 235 19.34 -20.63 -26.32
CA ILE B 235 19.68 -19.38 -26.99
C ILE B 235 18.52 -18.97 -27.88
N GLN B 236 17.89 -17.85 -27.54
CA GLN B 236 16.71 -17.38 -28.24
C GLN B 236 17.03 -16.68 -29.55
N LYS B 237 18.16 -15.98 -29.62
CA LYS B 237 18.50 -15.19 -30.80
C LYS B 237 20.01 -15.06 -30.89
N VAL B 238 20.48 -14.77 -32.11
CA VAL B 238 21.89 -14.54 -32.38
C VAL B 238 22.00 -13.28 -33.23
N PHE B 239 22.88 -12.36 -32.80
CA PHE B 239 23.16 -11.15 -33.56
C PHE B 239 24.62 -11.18 -34.00
N TYR B 240 24.85 -11.05 -35.31
CA TYR B 240 26.21 -11.03 -35.84
C TYR B 240 26.37 -9.92 -36.86
N GLN B 241 27.33 -9.03 -36.61
CA GLN B 241 27.79 -8.01 -37.55
C GLN B 241 26.65 -7.40 -38.36
N GLY B 242 25.61 -6.99 -37.66
CA GLY B 242 24.56 -6.22 -38.26
C GLY B 242 23.29 -6.97 -38.62
N ARG B 243 23.27 -8.28 -38.46
CA ARG B 243 22.07 -9.06 -38.80
C ARG B 243 21.73 -10.03 -37.67
N TYR B 244 20.43 -10.33 -37.55
CA TYR B 244 19.92 -11.29 -36.59
C TYR B 244 19.85 -12.68 -37.20
N TYR B 245 19.95 -13.69 -36.34
CA TYR B 245 19.77 -15.07 -36.75
C TYR B 245 19.05 -15.83 -35.64
N ASP B 246 18.54 -17.00 -36.01
CA ASP B 246 17.71 -17.80 -35.13
C ASP B 246 18.55 -18.65 -34.19
N SER B 247 19.74 -19.03 -34.64
CA SER B 247 20.60 -19.97 -33.94
C SER B 247 21.98 -19.85 -34.57
N LEU B 248 22.97 -20.46 -33.92
CA LEU B 248 24.32 -20.45 -34.46
C LEU B 248 24.43 -21.35 -35.69
N ALA B 249 23.58 -22.38 -35.77
CA ALA B 249 23.55 -23.19 -36.98
C ALA B 249 23.00 -22.40 -38.16
N GLN B 250 21.96 -21.60 -37.93
CA GLN B 250 21.26 -20.92 -39.02
C GLN B 250 22.20 -19.93 -39.71
N LEU B 251 22.95 -19.16 -38.92
CA LEU B 251 24.12 -18.39 -39.33
C LEU B 251 25.18 -19.19 -40.09
N GLU B 252 25.80 -20.13 -39.37
CA GLU B 252 26.88 -20.96 -39.91
C GLU B 252 26.49 -21.57 -41.26
N ALA B 253 25.21 -21.86 -41.46
CA ALA B 253 24.68 -22.25 -42.77
C ALA B 253 24.94 -21.15 -43.79
N GLN B 254 24.32 -19.99 -43.59
CA GLN B 254 24.48 -18.88 -44.52
C GLN B 254 25.94 -18.45 -44.70
N PHE B 255 26.81 -18.73 -43.73
CA PHE B 255 28.23 -18.43 -43.91
C PHE B 255 28.86 -19.34 -44.94
N GLU B 256 28.83 -20.65 -44.69
CA GLU B 256 29.37 -21.60 -45.63
C GLU B 256 28.67 -21.52 -46.98
N ALA B 257 27.44 -21.00 -47.02
CA ALA B 257 26.73 -20.70 -48.26
C ALA B 257 27.28 -19.48 -48.97
N GLY B 258 28.25 -18.79 -48.38
CA GLY B 258 28.87 -17.64 -49.03
C GLY B 258 28.08 -16.35 -48.97
N LEU B 259 26.99 -16.30 -48.20
CA LEU B 259 26.21 -15.07 -48.10
C LEU B 259 26.08 -14.64 -46.63
N VAL B 260 27.23 -14.60 -45.95
CA VAL B 260 27.44 -13.82 -44.73
C VAL B 260 28.85 -13.26 -44.79
N ASN B 261 28.95 -11.97 -45.11
CA ASN B 261 30.25 -11.37 -45.41
C ASN B 261 30.89 -10.86 -44.12
N VAL B 262 32.05 -11.42 -43.80
CA VAL B 262 32.77 -11.08 -42.57
C VAL B 262 33.58 -9.80 -42.79
N VAL B 263 33.71 -9.04 -41.71
CA VAL B 263 34.74 -8.02 -41.58
C VAL B 263 35.73 -8.53 -40.53
N LEU B 264 36.99 -8.75 -40.94
CA LEU B 264 38.04 -9.07 -39.98
C LEU B 264 38.25 -8.02 -38.92
N ILE B 265 37.97 -8.39 -37.68
CA ILE B 265 38.34 -7.62 -36.51
C ILE B 265 39.72 -8.10 -36.05
N PRO B 266 40.73 -7.25 -36.04
CA PRO B 266 42.09 -7.72 -35.75
C PRO B 266 42.21 -8.28 -34.34
N ASP B 267 43.24 -9.12 -34.15
CA ASP B 267 43.47 -9.85 -32.92
C ASP B 267 44.43 -9.15 -31.97
N ASN B 268 45.03 -8.05 -32.40
CA ASN B 268 46.18 -7.48 -31.70
C ASN B 268 46.52 -6.13 -32.31
N GLY B 269 47.15 -5.28 -31.51
CA GLY B 269 47.55 -3.98 -32.00
C GLY B 269 48.38 -3.22 -30.97
N THR B 270 48.59 -1.94 -31.26
CA THR B 270 49.35 -1.04 -30.40
C THR B 270 48.63 0.30 -30.31
N GLY B 271 48.65 0.89 -29.12
CA GLY B 271 48.04 2.17 -28.85
C GLY B 271 47.15 2.09 -27.63
N GLY B 272 46.40 3.17 -27.40
CA GLY B 272 45.44 3.16 -26.32
C GLY B 272 44.31 2.17 -26.55
N SER B 273 43.97 1.93 -27.82
CA SER B 273 43.00 0.90 -28.15
C SER B 273 43.44 -0.45 -27.62
N TRP B 274 44.74 -0.64 -27.42
CA TRP B 274 45.28 -1.93 -27.06
C TRP B 274 46.05 -1.97 -25.75
N SER B 275 46.41 -0.82 -25.17
CA SER B 275 47.28 -0.83 -24.00
C SER B 275 46.90 0.26 -23.02
N LEU B 276 47.38 0.09 -21.79
CA LEU B 276 47.42 1.13 -20.78
C LEU B 276 48.84 1.54 -20.41
N LYS B 277 49.82 0.74 -20.76
CA LYS B 277 51.22 1.08 -20.52
C LYS B 277 51.66 2.20 -21.45
N SER B 278 52.23 3.25 -20.88
CA SER B 278 52.72 4.34 -21.69
C SER B 278 54.03 3.95 -22.38
N PRO B 279 54.22 4.35 -23.64
CA PRO B 279 55.52 4.14 -24.28
C PRO B 279 56.58 5.15 -23.86
N VAL B 280 56.25 6.07 -22.97
CA VAL B 280 57.11 7.19 -22.59
C VAL B 280 57.65 6.91 -21.19
N PRO B 281 58.97 6.95 -20.98
CA PRO B 281 59.52 6.62 -19.67
C PRO B 281 59.26 7.73 -18.67
N PRO B 282 59.36 7.43 -17.37
CA PRO B 282 59.08 8.45 -16.36
C PRO B 282 60.02 9.64 -16.46
N GLY B 283 59.45 10.83 -16.28
CA GLY B 283 60.23 12.04 -16.14
C GLY B 283 60.36 12.42 -14.68
N PRO B 284 60.66 13.69 -14.40
CA PRO B 284 60.76 14.13 -13.01
C PRO B 284 59.45 13.93 -12.27
N ALA B 285 59.57 13.63 -10.98
CA ALA B 285 58.42 13.25 -10.18
C ALA B 285 57.38 14.38 -10.12
N PRO B 286 56.10 14.04 -10.10
CA PRO B 286 55.05 15.05 -9.98
C PRO B 286 54.97 15.57 -8.56
N PRO B 287 54.18 16.63 -8.33
CA PRO B 287 54.10 17.20 -6.98
C PRO B 287 53.59 16.19 -5.94
N LEU B 288 54.00 16.41 -4.69
CA LEU B 288 53.70 15.53 -3.58
C LEU B 288 53.33 16.36 -2.37
N GLN B 289 52.28 15.95 -1.65
CA GLN B 289 51.95 16.55 -0.36
C GLN B 289 52.44 15.68 0.78
N PHE B 290 52.70 16.35 1.91
CA PHE B 290 53.02 15.70 3.18
C PHE B 290 52.60 16.63 4.31
N TYR B 291 52.56 16.06 5.51
CA TYR B 291 52.15 16.77 6.72
C TYR B 291 53.39 17.08 7.54
N PRO B 292 53.90 18.33 7.51
CA PRO B 292 55.23 18.59 8.09
C PRO B 292 55.30 18.42 9.59
N GLN B 293 54.17 18.45 10.30
CA GLN B 293 54.17 18.32 11.75
C GLN B 293 53.23 17.20 12.16
N GLY B 294 53.24 16.10 11.41
CA GLY B 294 52.33 15.01 11.63
C GLY B 294 50.97 15.28 11.04
N PRO B 295 50.16 14.24 10.89
CA PRO B 295 48.78 14.44 10.42
C PRO B 295 47.94 15.13 11.49
N ARG B 296 46.84 15.70 11.03
CA ARG B 296 45.94 16.43 11.91
C ARG B 296 44.58 15.75 12.04
N PHE B 297 44.51 14.45 11.75
CA PHE B 297 43.28 13.68 11.86
C PHE B 297 43.63 12.25 12.27
N SER B 298 42.59 11.51 12.68
CA SER B 298 42.76 10.15 13.14
C SER B 298 41.65 9.27 12.58
N VAL B 299 41.98 8.01 12.32
CA VAL B 299 41.00 6.99 11.93
C VAL B 299 41.08 5.87 12.97
N GLN B 300 40.05 5.77 13.80
CA GLN B 300 39.92 4.69 14.77
C GLN B 300 38.77 3.80 14.32
N GLY B 301 39.09 2.71 13.64
CA GLY B 301 38.09 1.82 13.11
C GLY B 301 37.25 2.49 12.05
N SER B 302 35.97 2.73 12.36
CA SER B 302 35.07 3.40 11.43
C SER B 302 34.85 4.87 11.79
N ARG B 303 35.37 5.35 12.92
CA ARG B 303 35.31 6.78 13.22
C ARG B 303 36.48 7.48 12.56
N VAL B 304 36.23 8.67 12.05
CA VAL B 304 37.27 9.65 11.73
C VAL B 304 37.05 10.85 12.65
N ALA B 305 38.14 11.41 13.15
CA ALA B 305 38.08 12.57 14.03
C ALA B 305 39.18 13.54 13.69
N SER B 306 38.85 14.83 13.65
CA SER B 306 39.81 15.88 13.34
C SER B 306 39.55 17.05 14.27
N SER B 307 40.27 18.15 13.99
CA SER B 307 40.00 19.40 14.68
C SER B 307 38.52 19.78 14.56
N LEU B 308 37.99 19.74 13.34
CA LEU B 308 36.66 20.24 13.06
C LEU B 308 35.61 19.14 12.91
N TRP B 309 35.95 18.02 12.29
CA TRP B 309 34.97 17.06 11.81
C TRP B 309 35.03 15.75 12.58
N THR B 310 33.87 15.09 12.68
CA THR B 310 33.72 13.78 13.30
C THR B 310 32.63 13.02 12.58
N PHE B 311 32.91 11.78 12.18
CA PHE B 311 31.92 10.98 11.46
C PHE B 311 32.33 9.52 11.46
N SER B 312 31.34 8.65 11.21
CA SER B 312 31.54 7.23 10.97
C SER B 312 31.24 6.91 9.51
N PHE B 313 32.09 6.11 8.89
CA PHE B 313 31.98 5.80 7.47
C PHE B 313 31.86 4.29 7.25
N GLY B 314 31.54 3.91 6.03
CA GLY B 314 31.45 2.50 5.69
C GLY B 314 30.94 2.30 4.27
N LEU B 315 30.73 1.03 3.93
CA LEU B 315 30.15 0.62 2.65
C LEU B 315 28.98 -0.33 2.87
N GLY B 316 27.85 0.00 2.24
CA GLY B 316 26.85 -1.02 1.99
C GLY B 316 27.29 -1.87 0.81
N ALA B 317 27.01 -3.17 0.91
CA ALA B 317 27.48 -4.11 -0.11
C ALA B 317 26.89 -3.78 -1.48
N PHE B 318 25.63 -3.33 -1.50
CA PHE B 318 24.93 -3.01 -2.74
C PHE B 318 24.66 -1.52 -2.91
N SER B 319 24.36 -0.81 -1.82
CA SER B 319 24.10 0.62 -1.92
C SER B 319 25.39 1.43 -2.07
N GLY B 320 26.49 1.00 -1.47
CA GLY B 320 27.76 1.66 -1.65
C GLY B 320 28.18 2.52 -0.47
N PRO B 321 29.02 3.51 -0.74
CA PRO B 321 29.61 4.31 0.34
C PRO B 321 28.56 5.06 1.15
N ARG B 322 28.86 5.26 2.43
CA ARG B 322 27.92 5.91 3.33
C ARG B 322 28.69 6.49 4.52
N ILE B 323 28.08 7.51 5.13
CA ILE B 323 28.68 8.25 6.23
C ILE B 323 27.58 8.59 7.23
N PHE B 324 27.90 8.48 8.53
CA PHE B 324 26.92 8.64 9.60
C PHE B 324 27.47 9.55 10.69
N ASP B 325 26.55 10.19 11.41
CA ASP B 325 26.86 10.93 12.64
C ASP B 325 27.92 11.99 12.40
N VAL B 326 27.70 12.85 11.41
CA VAL B 326 28.65 13.89 11.04
C VAL B 326 28.45 15.10 11.95
N ARG B 327 29.52 15.51 12.62
CA ARG B 327 29.45 16.60 13.59
C ARG B 327 30.54 17.60 13.25
N PHE B 328 30.15 18.83 12.95
CA PHE B 328 31.08 19.93 12.79
C PHE B 328 31.25 20.60 14.15
N GLN B 329 32.49 20.63 14.65
CA GLN B 329 32.83 21.19 15.96
C GLN B 329 31.86 20.72 17.04
N GLY B 330 31.56 19.42 16.98
CA GLY B 330 30.82 18.75 18.02
C GLY B 330 29.31 18.71 17.82
N GLU B 331 28.78 19.39 16.82
CA GLU B 331 27.34 19.44 16.60
C GLU B 331 26.97 18.68 15.34
N ARG B 332 25.95 17.82 15.45
CA ARG B 332 25.53 17.03 14.31
C ARG B 332 24.88 17.90 13.24
N LEU B 333 25.32 17.71 12.01
CA LEU B 333 24.69 18.28 10.83
C LEU B 333 23.80 17.28 10.12
N VAL B 334 24.26 16.05 9.99
CA VAL B 334 23.59 15.03 9.19
C VAL B 334 23.74 13.67 9.87
N TYR B 335 22.62 12.94 9.96
CA TYR B 335 22.62 11.58 10.50
C TYR B 335 23.15 10.58 9.49
N GLU B 336 22.86 10.77 8.21
CA GLU B 336 23.23 9.79 7.19
C GLU B 336 23.32 10.47 5.83
N ILE B 337 24.46 10.29 5.17
CA ILE B 337 24.60 10.56 3.74
C ILE B 337 25.08 9.26 3.12
N SER B 338 24.26 8.67 2.26
CA SER B 338 24.57 7.36 1.70
C SER B 338 24.27 7.35 0.21
N LEU B 339 25.18 6.73 -0.56
CA LEU B 339 24.89 6.40 -1.94
C LEU B 339 23.78 5.35 -1.98
N GLN B 340 22.82 5.54 -2.88
CA GLN B 340 21.62 4.72 -2.93
C GLN B 340 21.53 3.83 -4.14
N GLU B 341 21.94 4.33 -5.31
CA GLU B 341 21.84 3.61 -6.56
C GLU B 341 22.63 4.34 -7.62
N ALA B 342 23.14 3.59 -8.59
CA ALA B 342 23.79 4.15 -9.77
C ALA B 342 23.11 3.59 -11.00
N LEU B 343 23.06 4.39 -12.06
CA LEU B 343 22.27 4.04 -13.23
C LEU B 343 23.01 4.43 -14.49
N ALA B 344 23.03 3.52 -15.47
CA ALA B 344 23.64 3.75 -16.78
C ALA B 344 22.66 3.25 -17.85
N ILE B 345 22.10 4.18 -18.63
CA ILE B 345 21.18 3.87 -19.71
C ILE B 345 21.87 4.09 -21.04
N TYR B 346 21.88 3.05 -21.87
CA TYR B 346 22.65 3.02 -23.10
C TYR B 346 21.75 3.13 -24.32
N GLY B 347 22.38 3.48 -25.44
CA GLY B 347 21.78 3.29 -26.75
C GLY B 347 22.84 2.75 -27.70
N GLY B 348 22.37 2.11 -28.75
CA GLY B 348 23.33 1.52 -29.68
C GLY B 348 22.66 0.95 -30.90
N ASN B 349 23.51 0.51 -31.83
CA ASN B 349 23.08 -0.13 -33.07
C ASN B 349 22.95 -1.64 -32.95
N SER B 350 23.42 -2.22 -31.85
CA SER B 350 23.33 -3.64 -31.57
C SER B 350 22.35 -3.91 -30.43
N PRO B 351 21.84 -5.14 -30.29
CA PRO B 351 20.88 -5.41 -29.22
C PRO B 351 21.42 -5.20 -27.82
N ALA B 352 22.70 -5.53 -27.57
CA ALA B 352 23.26 -5.36 -26.24
C ALA B 352 23.23 -3.89 -25.83
N ALA B 353 23.81 -3.02 -26.64
CA ALA B 353 23.88 -1.60 -26.30
C ALA B 353 22.49 -0.99 -26.18
N MET B 354 21.62 -1.25 -27.16
CA MET B 354 20.37 -0.50 -27.27
C MET B 354 19.32 -0.92 -26.25
N THR B 355 19.58 -1.96 -25.45
CA THR B 355 18.65 -2.35 -24.40
C THR B 355 19.29 -2.36 -23.02
N THR B 356 20.56 -1.98 -22.90
CA THR B 356 21.26 -2.05 -21.63
C THR B 356 20.83 -0.91 -20.71
N ARG B 357 20.34 -1.26 -19.52
CA ARG B 357 20.02 -0.31 -18.45
C ARG B 357 20.54 -0.91 -17.14
N TYR B 358 21.79 -0.61 -16.79
CA TYR B 358 22.40 -1.15 -15.58
C TYR B 358 21.84 -0.44 -14.36
N VAL B 359 21.26 -1.21 -13.44
CA VAL B 359 20.93 -0.72 -12.11
C VAL B 359 21.99 -1.28 -11.16
N ASP B 360 23.15 -0.61 -11.13
CA ASP B 360 24.38 -1.20 -10.59
C ASP B 360 24.22 -1.70 -9.16
N GLY B 361 23.25 -1.20 -8.41
CA GLY B 361 22.99 -1.75 -7.09
C GLY B 361 22.62 -3.22 -7.14
N GLY B 362 22.04 -3.67 -8.26
CA GLY B 362 21.81 -5.09 -8.47
C GLY B 362 23.08 -5.92 -8.53
N PHE B 363 24.21 -5.29 -8.80
CA PHE B 363 25.52 -5.94 -8.71
C PHE B 363 26.16 -5.66 -7.36
N GLY B 364 26.32 -4.39 -7.01
CA GLY B 364 26.87 -4.00 -5.73
C GLY B 364 28.01 -3.02 -5.80
N MET B 365 27.77 -1.77 -5.36
CA MET B 365 28.83 -0.77 -5.38
C MET B 365 29.91 -1.09 -4.35
N GLY B 366 29.53 -1.65 -3.20
CA GLY B 366 30.48 -2.10 -2.21
C GLY B 366 31.12 -3.41 -2.63
N LYS B 367 30.28 -4.33 -3.12
CA LYS B 367 30.77 -5.65 -3.54
C LYS B 367 31.87 -5.55 -4.58
N TYR B 368 31.83 -4.51 -5.43
CA TYR B 368 32.83 -4.32 -6.47
C TYR B 368 33.79 -3.16 -6.16
N THR B 369 33.97 -2.85 -4.88
CA THR B 369 34.97 -1.87 -4.49
C THR B 369 36.37 -2.42 -4.75
N THR B 370 37.20 -1.63 -5.41
CA THR B 370 38.53 -2.06 -5.77
C THR B 370 39.57 -1.40 -4.87
N PRO B 371 40.76 -2.00 -4.74
CA PRO B 371 41.81 -1.37 -3.94
C PRO B 371 42.27 -0.05 -4.54
N LEU B 372 42.63 0.87 -3.66
CA LEU B 372 43.09 2.19 -4.09
C LEU B 372 44.61 2.19 -4.22
N THR B 373 45.09 2.44 -5.43
CA THR B 373 46.53 2.45 -5.67
C THR B 373 47.13 3.71 -5.08
N ARG B 374 48.08 3.50 -4.18
CA ARG B 374 48.68 4.58 -3.41
C ARG B 374 49.49 5.50 -4.33
N GLY B 375 49.07 6.76 -4.44
CA GLY B 375 49.75 7.72 -5.29
C GLY B 375 49.02 8.04 -6.58
N VAL B 376 48.07 7.21 -6.99
CA VAL B 376 47.24 7.45 -8.17
C VAL B 376 45.79 7.73 -7.78
N ASP B 377 45.17 6.81 -7.05
CA ASP B 377 43.76 6.96 -6.71
C ASP B 377 43.58 8.00 -5.61
N CYS B 378 44.53 8.07 -4.70
CA CYS B 378 44.56 9.06 -3.63
C CYS B 378 45.99 9.56 -3.51
N PRO B 379 46.25 10.63 -2.76
CA PRO B 379 47.65 11.00 -2.51
C PRO B 379 48.39 9.87 -1.82
N TYR B 380 49.69 9.77 -2.12
CA TYR B 380 50.53 8.71 -1.58
C TYR B 380 50.40 8.61 -0.07
N LEU B 381 50.45 9.75 0.62
CA LEU B 381 50.46 9.78 2.07
C LEU B 381 49.07 9.78 2.69
N ALA B 382 48.05 9.35 1.95
CA ALA B 382 46.72 9.18 2.52
C ALA B 382 46.73 8.00 3.49
N THR B 383 45.66 7.92 4.28
CA THR B 383 45.45 6.78 5.19
C THR B 383 44.52 5.80 4.49
N TYR B 384 45.04 4.62 4.16
CA TYR B 384 44.28 3.59 3.47
C TYR B 384 43.72 2.60 4.48
N VAL B 385 42.48 2.19 4.25
CA VAL B 385 41.72 1.37 5.18
C VAL B 385 41.13 0.18 4.43
N ASP B 386 41.09 -0.97 5.08
CA ASP B 386 40.59 -2.19 4.47
C ASP B 386 39.10 -2.38 4.76
N TRP B 387 38.42 -3.11 3.87
CA TRP B 387 37.02 -3.43 4.02
C TRP B 387 36.84 -4.93 4.06
N HIS B 388 36.11 -5.42 5.06
CA HIS B 388 35.79 -6.83 5.20
C HIS B 388 34.35 -7.07 4.74
N PHE B 389 34.14 -8.19 4.06
CA PHE B 389 32.82 -8.50 3.51
C PHE B 389 32.61 -10.01 3.48
N LEU B 390 31.35 -10.40 3.37
CA LEU B 390 30.95 -11.79 3.18
C LEU B 390 29.89 -11.82 2.08
N LEU B 391 30.30 -12.11 0.85
CA LEU B 391 29.40 -12.07 -0.29
C LEU B 391 29.71 -13.23 -1.23
N GLU B 392 28.69 -14.02 -1.52
CA GLU B 392 28.80 -15.17 -2.44
C GLU B 392 29.93 -16.13 -2.03
N SER B 393 30.01 -16.42 -0.73
CA SER B 393 30.99 -17.36 -0.21
C SER B 393 30.60 -17.72 1.21
N GLN B 394 31.34 -18.67 1.80
CA GLN B 394 31.14 -19.05 3.18
C GLN B 394 32.16 -18.47 4.14
N ALA B 395 33.30 -17.99 3.65
CA ALA B 395 34.21 -17.31 4.54
C ALA B 395 34.35 -15.84 4.14
N PRO B 396 34.45 -14.93 5.12
CA PRO B 396 34.61 -13.52 4.77
C PRO B 396 35.97 -13.24 4.16
N LYS B 397 36.00 -12.26 3.27
CA LYS B 397 37.20 -11.85 2.57
C LYS B 397 37.50 -10.37 2.92
N THR B 398 38.52 -9.83 2.23
CA THR B 398 39.02 -8.47 2.51
C THR B 398 39.41 -7.81 1.20
N ILE B 399 38.91 -6.58 0.97
CA ILE B 399 39.42 -5.66 -0.05
C ILE B 399 40.41 -4.73 0.65
N ARG B 400 41.71 -4.89 0.33
CA ARG B 400 42.75 -4.11 0.97
C ARG B 400 42.80 -2.72 0.35
N ASP B 401 42.91 -1.70 1.20
CA ASP B 401 42.93 -0.29 0.76
C ASP B 401 41.64 0.07 0.02
N ALA B 402 40.50 -0.36 0.55
CA ALA B 402 39.23 -0.03 -0.08
C ALA B 402 38.88 1.44 0.09
N PHE B 403 39.18 2.00 1.26
CA PHE B 403 39.00 3.42 1.53
C PHE B 403 40.36 4.12 1.62
N CYS B 404 40.35 5.41 1.35
CA CYS B 404 41.47 6.27 1.65
C CYS B 404 40.93 7.54 2.30
N VAL B 405 41.66 8.06 3.27
CA VAL B 405 41.28 9.25 4.01
C VAL B 405 42.49 10.16 4.10
N PHE B 406 42.33 11.43 3.72
CA PHE B 406 43.49 12.31 3.62
C PHE B 406 43.06 13.77 3.68
N GLU B 407 44.02 14.62 4.03
CA GLU B 407 43.91 16.06 3.92
C GLU B 407 44.53 16.51 2.61
N GLN B 408 43.84 17.42 1.92
CA GLN B 408 44.33 17.96 0.66
C GLN B 408 44.40 19.48 0.75
N ASN B 409 45.60 20.03 0.59
CA ASN B 409 45.77 21.46 0.42
C ASN B 409 45.28 21.83 -0.97
N GLN B 410 44.20 22.60 -1.04
CA GLN B 410 43.57 22.89 -2.32
C GLN B 410 44.39 23.84 -3.17
N GLY B 411 45.45 24.44 -2.63
CA GLY B 411 46.14 25.51 -3.34
C GLY B 411 45.21 26.63 -3.73
N LEU B 412 44.33 27.03 -2.82
CA LEU B 412 43.26 27.90 -3.27
C LEU B 412 43.04 28.53 -1.92
N PRO B 413 42.76 29.82 -1.82
CA PRO B 413 42.30 30.34 -0.52
C PRO B 413 40.84 30.00 -0.22
N LEU B 414 40.57 29.65 1.05
CA LEU B 414 39.19 29.59 1.52
C LEU B 414 38.56 30.98 1.56
N ARG B 415 39.28 31.95 2.10
CA ARG B 415 38.83 33.33 2.11
C ARG B 415 40.06 34.23 2.08
N ARG B 416 39.83 35.50 1.74
CA ARG B 416 40.90 36.44 1.48
C ARG B 416 40.36 37.85 1.53
N HIS B 417 41.15 38.77 2.08
CA HIS B 417 40.99 40.17 1.70
C HIS B 417 42.33 40.88 1.75
N HIS B 418 42.59 41.68 0.72
CA HIS B 418 43.78 42.52 0.62
C HIS B 418 43.32 43.96 0.54
N SER B 419 43.62 44.75 1.57
CA SER B 419 43.07 46.09 1.71
C SER B 419 44.14 47.13 1.40
N ASP B 420 43.91 47.89 0.34
CA ASP B 420 44.69 49.08 0.00
C ASP B 420 43.98 50.37 0.35
N LEU B 421 42.80 50.30 0.95
CA LEU B 421 41.90 51.43 1.05
C LEU B 421 41.68 51.76 2.52
N TYR B 422 42.10 52.97 2.93
CA TYR B 422 41.85 53.53 4.26
C TYR B 422 42.57 52.82 5.40
N SER B 423 42.95 51.56 5.20
CA SER B 423 43.65 50.81 6.23
C SER B 423 44.31 49.62 5.56
N HIS B 424 45.61 49.45 5.81
CA HIS B 424 46.45 48.53 5.07
C HIS B 424 46.58 47.21 5.84
N TYR B 425 45.91 46.17 5.34
CA TYR B 425 45.91 44.88 6.03
C TYR B 425 45.64 43.77 5.02
N PHE B 426 46.03 42.55 5.40
CA PHE B 426 45.67 41.34 4.67
C PHE B 426 45.12 40.32 5.65
N GLY B 427 44.09 39.59 5.24
CA GLY B 427 43.52 38.54 6.06
C GLY B 427 42.95 37.41 5.22
N GLY B 428 43.49 36.22 5.38
CA GLY B 428 43.06 35.12 4.55
C GLY B 428 43.33 33.79 5.20
N LEU B 429 43.10 32.73 4.42
CA LEU B 429 43.24 31.35 4.88
C LEU B 429 43.23 30.41 3.68
N ALA B 430 44.33 29.66 3.50
CA ALA B 430 44.37 28.67 2.42
C ALA B 430 43.46 27.50 2.77
N GLU B 431 42.72 27.03 1.76
CA GLU B 431 41.73 25.98 1.99
C GLU B 431 42.40 24.61 2.04
N THR B 432 42.19 23.89 3.14
CA THR B 432 42.61 22.51 3.29
C THR B 432 41.37 21.68 3.61
N VAL B 433 41.15 20.63 2.83
CA VAL B 433 39.91 19.85 2.93
C VAL B 433 40.23 18.44 3.42
N LEU B 434 39.20 17.76 3.89
CA LEU B 434 39.28 16.38 4.36
C LEU B 434 38.45 15.51 3.43
N VAL B 435 39.07 14.48 2.88
CA VAL B 435 38.44 13.65 1.84
C VAL B 435 38.29 12.23 2.37
N VAL B 436 37.19 11.59 1.95
CA VAL B 436 36.97 10.16 2.14
C VAL B 436 36.56 9.60 0.79
N ARG B 437 37.20 8.51 0.37
CA ARG B 437 37.04 8.05 -1.00
C ARG B 437 37.02 6.53 -1.09
N SER B 438 36.07 6.04 -1.87
CA SER B 438 36.00 4.64 -2.28
C SER B 438 35.93 4.62 -3.80
N MET B 439 36.27 3.49 -4.38
CA MET B 439 36.16 3.31 -5.82
C MET B 439 35.55 1.97 -6.15
N SER B 440 34.53 2.00 -7.00
CA SER B 440 33.79 0.83 -7.44
C SER B 440 34.06 0.60 -8.92
N THR B 441 34.58 -0.57 -9.26
CA THR B 441 34.77 -0.99 -10.65
C THR B 441 33.69 -1.98 -11.03
N LEU B 442 32.72 -1.51 -11.79
CA LEU B 442 31.57 -2.30 -12.24
C LEU B 442 31.76 -2.55 -13.73
N LEU B 443 32.24 -3.75 -14.05
CA LEU B 443 32.59 -4.11 -15.41
C LEU B 443 33.54 -3.08 -16.02
N ASN B 444 33.12 -2.42 -17.09
CA ASN B 444 34.02 -1.54 -17.82
C ASN B 444 34.44 -0.28 -17.05
N TPQ B 445 33.52 0.31 -16.29
CA TPQ B 445 33.84 1.59 -15.71
CB TPQ B 445 32.75 2.68 -15.87
C TPQ B 445 34.11 1.57 -14.22
O TPQ B 445 33.78 0.70 -13.41
C1 TPQ B 445 31.38 2.14 -15.97
C2 TPQ B 445 30.59 2.57 -17.17
O2 TPQ B 445 31.08 3.34 -18.02
C3 TPQ B 445 29.24 2.05 -17.29
C4 TPQ B 445 28.72 1.21 -16.36
O4 TPQ B 445 27.45 0.74 -16.50
C5 TPQ B 445 29.50 0.78 -15.16
O5 TPQ B 445 28.99 0.01 -14.33
C6 TPQ B 445 30.86 1.31 -15.05
N ASP B 446 34.77 2.67 -13.85
CA ASP B 446 35.27 2.93 -12.51
C ASP B 446 34.57 4.13 -11.94
N TYR B 447 33.79 3.93 -10.89
CA TYR B 447 33.19 5.05 -10.20
C TYR B 447 34.07 5.46 -9.03
N VAL B 448 34.35 6.74 -8.91
CA VAL B 448 35.01 7.33 -7.76
C VAL B 448 33.95 8.00 -6.91
N TRP B 449 34.01 7.78 -5.59
CA TRP B 449 33.02 8.31 -4.66
C TRP B 449 33.74 9.24 -3.68
N ASP B 450 33.59 10.55 -3.90
CA ASP B 450 34.20 11.56 -3.05
C ASP B 450 33.20 12.11 -2.05
N THR B 451 33.65 12.28 -0.80
CA THR B 451 32.98 13.13 0.18
C THR B 451 34.05 14.04 0.77
N VAL B 452 33.92 15.34 0.51
CA VAL B 452 34.93 16.32 0.87
C VAL B 452 34.37 17.20 1.96
N PHE B 453 35.09 17.30 3.07
CA PHE B 453 34.68 18.10 4.22
C PHE B 453 35.48 19.39 4.24
N HIS B 454 34.78 20.54 4.19
CA HIS B 454 35.38 21.86 4.04
C HIS B 454 35.44 22.58 5.38
N PRO B 455 36.46 23.43 5.57
CA PRO B 455 36.60 24.11 6.87
C PRO B 455 35.55 25.19 7.11
N SER B 456 34.71 25.51 6.12
CA SER B 456 33.64 26.48 6.29
C SER B 456 32.42 25.89 6.95
N GLY B 457 32.40 24.58 7.17
CA GLY B 457 31.20 23.90 7.60
C GLY B 457 30.42 23.27 6.48
N ALA B 458 30.93 23.32 5.24
CA ALA B 458 30.24 22.76 4.10
C ALA B 458 30.72 21.33 3.83
N ILE B 459 29.81 20.52 3.31
CA ILE B 459 30.10 19.15 2.90
C ILE B 459 29.86 19.05 1.40
N GLU B 460 30.67 18.23 0.72
CA GLU B 460 30.62 18.12 -0.73
C GLU B 460 30.56 16.65 -1.13
N ILE B 461 29.66 16.34 -2.06
CA ILE B 461 29.49 15.00 -2.62
C ILE B 461 29.66 15.11 -4.13
N ARG B 462 30.67 14.41 -4.66
CA ARG B 462 31.12 14.40 -6.03
C ARG B 462 31.39 12.93 -6.37
N PHE B 463 30.98 12.44 -7.54
CA PHE B 463 31.29 11.04 -7.81
C PHE B 463 32.12 11.29 -9.05
N TYR B 464 32.91 10.34 -9.46
CA TYR B 464 33.35 10.47 -10.84
C TYR B 464 33.27 9.15 -11.58
N ALA B 465 33.16 9.27 -12.91
CA ALA B 465 33.12 8.13 -13.80
C ALA B 465 34.38 8.10 -14.66
N THR B 466 35.15 7.03 -14.53
CA THR B 466 36.36 6.83 -15.33
C THR B 466 36.41 5.36 -15.73
N GLY B 467 37.56 4.92 -16.21
CA GLY B 467 37.70 3.56 -16.68
C GLY B 467 37.37 3.45 -18.16
N TYR B 468 37.12 2.21 -18.57
CA TYR B 468 36.86 1.93 -19.97
C TYR B 468 35.41 2.23 -20.33
N ILE B 469 35.20 2.74 -21.54
CA ILE B 469 33.86 2.79 -22.10
C ILE B 469 33.46 1.41 -22.58
N SER B 470 32.16 1.22 -22.75
CA SER B 470 31.64 0.01 -23.38
C SER B 470 31.50 0.28 -24.88
N SER B 471 31.98 -0.65 -25.69
CA SER B 471 31.98 -0.46 -27.14
C SER B 471 31.19 -1.57 -27.81
N ALA B 472 30.91 -1.36 -29.09
CA ALA B 472 30.27 -2.36 -29.93
C ALA B 472 30.97 -2.38 -31.29
N PHE B 473 30.65 -3.39 -32.08
CA PHE B 473 31.20 -3.45 -33.43
C PHE B 473 30.50 -2.43 -34.32
N LEU B 474 31.29 -1.68 -35.08
CA LEU B 474 30.75 -0.60 -35.89
C LEU B 474 30.22 -1.12 -37.21
N PHE B 475 29.04 -0.68 -37.60
CA PHE B 475 28.45 -1.03 -38.89
C PHE B 475 27.46 0.05 -39.27
N GLY B 476 27.10 0.07 -40.55
CA GLY B 476 26.26 1.08 -41.17
C GLY B 476 25.37 1.90 -40.26
N ALA B 477 25.90 3.01 -39.75
CA ALA B 477 25.15 3.90 -38.87
C ALA B 477 25.77 5.29 -38.96
N THR B 478 24.90 6.31 -38.91
CA THR B 478 25.32 7.70 -39.11
C THR B 478 25.48 8.45 -37.80
N GLY B 479 26.11 7.83 -36.79
CA GLY B 479 26.32 8.51 -35.53
C GLY B 479 25.09 8.71 -34.68
N LYS B 480 23.94 8.14 -35.07
CA LYS B 480 22.75 8.21 -34.23
C LYS B 480 22.97 7.60 -32.86
N TYR B 481 24.00 6.76 -32.71
CA TYR B 481 24.21 6.02 -31.47
C TYR B 481 25.61 6.18 -30.91
N GLY B 482 26.40 7.09 -31.45
CA GLY B 482 27.72 7.37 -30.90
C GLY B 482 28.70 7.71 -31.99
N ASN B 483 29.96 7.82 -31.59
CA ASN B 483 31.06 8.13 -32.48
C ASN B 483 31.93 6.90 -32.68
N GLN B 484 32.61 6.85 -33.82
CA GLN B 484 33.66 5.85 -34.01
C GLN B 484 34.89 6.29 -33.22
N VAL B 485 35.35 5.43 -32.31
CA VAL B 485 36.48 5.75 -31.46
C VAL B 485 37.76 5.09 -31.96
N SER B 486 37.70 3.86 -32.44
CA SER B 486 38.88 3.22 -33.00
C SER B 486 38.44 2.35 -34.17
N GLU B 487 39.39 1.58 -34.72
CA GLU B 487 39.12 0.71 -35.85
C GLU B 487 38.00 -0.27 -35.54
N HIS B 488 36.86 -0.11 -36.21
CA HIS B 488 35.69 -0.99 -36.10
C HIS B 488 34.99 -0.89 -34.74
N THR B 489 35.20 0.18 -33.99
CA THR B 489 34.66 0.29 -32.64
C THR B 489 33.76 1.51 -32.54
N LEU B 490 32.50 1.28 -32.19
CA LEU B 490 31.56 2.35 -31.87
C LEU B 490 31.56 2.59 -30.36
N GLY B 491 31.79 3.84 -29.97
CA GLY B 491 31.61 4.21 -28.58
C GLY B 491 30.15 4.50 -28.33
N THR B 492 29.48 3.63 -27.58
CA THR B 492 28.02 3.69 -27.48
C THR B 492 27.57 4.81 -26.55
N VAL B 493 26.60 5.59 -27.03
CA VAL B 493 26.04 6.68 -26.24
C VAL B 493 25.33 6.11 -25.00
N HIS B 494 25.38 6.85 -23.91
CA HIS B 494 24.76 6.41 -22.66
C HIS B 494 24.68 7.59 -21.71
N THR B 495 23.94 7.39 -20.61
CA THR B 495 23.82 8.36 -19.53
C THR B 495 24.22 7.74 -18.21
N HIS B 496 24.96 8.48 -17.40
CA HIS B 496 25.24 8.11 -16.02
C HIS B 496 24.32 8.91 -15.09
N SER B 497 23.93 8.29 -13.98
CA SER B 497 23.13 8.99 -12.99
C SER B 497 23.17 8.20 -11.69
N ALA B 498 23.28 8.91 -10.57
CA ALA B 498 23.31 8.29 -9.25
C ALA B 498 22.39 9.03 -8.30
N HIS B 499 22.01 8.33 -7.23
CA HIS B 499 21.01 8.82 -6.30
C HIS B 499 21.63 8.83 -4.92
N PHE B 500 21.35 9.88 -4.14
CA PHE B 500 21.94 10.04 -2.81
C PHE B 500 20.85 10.28 -1.78
N LYS B 501 20.91 9.54 -0.68
CA LYS B 501 20.08 9.80 0.49
C LYS B 501 20.85 10.75 1.41
N VAL B 502 20.25 11.90 1.68
CA VAL B 502 20.85 12.92 2.54
C VAL B 502 19.87 13.19 3.66
N ASP B 503 20.15 12.65 4.85
CA ASP B 503 19.28 12.82 6.01
C ASP B 503 19.89 13.89 6.91
N LEU B 504 19.67 15.15 6.53
CA LEU B 504 20.07 16.26 7.38
C LEU B 504 19.17 16.35 8.59
N ASP B 505 19.77 16.66 9.75
CA ASP B 505 19.05 16.99 10.98
C ASP B 505 19.57 18.36 11.43
N VAL B 506 19.10 19.41 10.78
CA VAL B 506 19.64 20.75 10.99
C VAL B 506 19.18 21.25 12.35
N ALA B 507 20.12 21.31 13.31
CA ALA B 507 19.86 21.80 14.66
C ALA B 507 18.65 21.08 15.28
N GLY B 508 18.60 19.77 15.09
CA GLY B 508 17.52 18.94 15.57
C GLY B 508 16.83 18.20 14.43
N LEU B 509 15.88 17.34 14.82
CA LEU B 509 15.15 16.55 13.85
C LEU B 509 14.15 17.41 13.06
N GLU B 510 13.28 18.13 13.77
CA GLU B 510 12.22 18.91 13.12
C GLU B 510 12.83 19.95 12.17
N ASN B 511 12.51 19.82 10.89
CA ASN B 511 13.04 20.72 9.87
C ASN B 511 11.94 21.14 8.92
N TRP B 512 12.16 22.29 8.29
CA TRP B 512 11.30 22.84 7.25
C TRP B 512 12.12 23.03 5.98
N VAL B 513 11.44 23.13 4.85
CA VAL B 513 12.09 23.33 3.56
C VAL B 513 11.78 24.73 3.06
N TRP B 514 12.83 25.47 2.70
CA TRP B 514 12.72 26.84 2.24
C TRP B 514 13.24 26.97 0.80
N ALA B 515 12.55 27.78 0.02
CA ALA B 515 13.01 28.14 -1.32
C ALA B 515 13.08 29.65 -1.41
N GLU B 516 14.28 30.17 -1.69
CA GLU B 516 14.51 31.59 -1.91
C GLU B 516 15.09 31.81 -3.30
N ASP B 517 14.72 32.93 -3.92
CA ASP B 517 15.14 33.20 -5.29
C ASP B 517 14.90 34.69 -5.54
N MET B 518 15.08 35.16 -6.78
CA MET B 518 15.18 36.59 -7.05
C MET B 518 14.12 37.08 -8.03
N VAL B 519 13.92 38.40 -8.06
CA VAL B 519 12.98 39.03 -8.98
C VAL B 519 13.27 40.52 -9.04
N PHE B 520 12.97 41.13 -10.20
CA PHE B 520 13.09 42.57 -10.41
C PHE B 520 11.70 43.19 -10.45
N VAL B 521 11.57 44.39 -9.87
CA VAL B 521 10.31 45.10 -9.79
C VAL B 521 10.49 46.51 -10.31
N PRO B 522 9.78 46.91 -11.37
CA PRO B 522 9.83 48.31 -11.81
C PRO B 522 9.31 49.25 -10.72
N MET B 523 9.94 50.43 -10.64
CA MET B 523 9.62 51.45 -9.66
C MET B 523 10.02 52.82 -10.18
N ALA B 524 9.25 53.83 -9.78
CA ALA B 524 9.69 55.20 -9.92
C ALA B 524 10.84 55.44 -8.96
N VAL B 525 11.86 56.16 -9.43
CA VAL B 525 13.01 56.50 -8.60
C VAL B 525 12.52 57.38 -7.46
N PRO B 526 12.78 57.02 -6.21
CA PRO B 526 12.24 57.81 -5.08
C PRO B 526 12.58 59.29 -5.14
N TRP B 527 13.82 59.63 -5.52
CA TRP B 527 14.28 61.01 -5.55
C TRP B 527 14.19 61.63 -6.94
N SER B 528 13.50 60.97 -7.88
CA SER B 528 13.30 61.47 -9.25
C SER B 528 12.25 60.63 -9.95
N PRO B 529 10.98 60.71 -9.53
CA PRO B 529 9.97 59.77 -10.03
C PRO B 529 9.76 59.81 -11.53
N GLU B 530 10.30 60.80 -12.24
CA GLU B 530 10.26 60.81 -13.69
C GLU B 530 11.03 59.66 -14.31
N HIS B 531 11.78 58.91 -13.51
CA HIS B 531 12.64 57.83 -14.00
C HIS B 531 12.17 56.50 -13.44
N GLN B 532 12.64 55.43 -14.08
CA GLN B 532 12.26 54.06 -13.79
C GLN B 532 13.49 53.31 -13.33
N LEU B 533 13.38 52.60 -12.21
CA LEU B 533 14.39 51.59 -11.90
C LEU B 533 13.77 50.21 -11.82
N GLN B 534 14.65 49.21 -11.86
CA GLN B 534 14.30 47.82 -11.68
C GLN B 534 14.81 47.39 -10.29
N ARG B 535 13.88 47.21 -9.37
CA ARG B 535 14.20 46.99 -7.96
C ARG B 535 14.45 45.51 -7.72
N LEU B 536 15.71 45.15 -7.44
CA LEU B 536 16.04 43.77 -7.14
C LEU B 536 15.52 43.40 -5.77
N GLN B 537 14.80 42.29 -5.69
CA GLN B 537 14.21 41.82 -4.43
C GLN B 537 14.38 40.32 -4.32
N VAL B 538 14.18 39.81 -3.11
CA VAL B 538 14.27 38.38 -2.81
C VAL B 538 12.86 37.83 -2.65
N THR B 539 12.60 36.69 -3.30
CA THR B 539 11.37 35.94 -3.11
C THR B 539 11.63 34.77 -2.18
N ARG B 540 10.70 34.50 -1.27
CA ARG B 540 10.85 33.42 -0.31
C ARG B 540 9.53 32.69 -0.14
N LYS B 541 9.59 31.36 -0.23
CA LYS B 541 8.41 30.52 -0.06
C LYS B 541 8.74 29.32 0.82
N LEU B 542 7.85 29.02 1.75
CA LEU B 542 7.93 27.80 2.55
C LEU B 542 7.29 26.66 1.78
N LEU B 543 8.03 25.58 1.60
CA LEU B 543 7.53 24.39 0.91
C LEU B 543 6.86 23.49 1.94
N GLU B 544 5.54 23.37 1.84
CA GLU B 544 4.71 22.74 2.86
C GLU B 544 4.48 21.25 2.62
N MET B 545 4.08 20.87 1.41
CA MET B 545 3.78 19.48 1.07
C MET B 545 4.98 18.83 0.39
N GLU B 546 5.06 17.50 0.53
CA GLU B 546 6.12 16.73 -0.11
C GLU B 546 6.17 17.01 -1.61
N GLU B 547 5.00 17.22 -2.23
CA GLU B 547 4.92 17.42 -3.66
C GLU B 547 5.57 18.73 -4.09
N GLN B 548 5.53 19.75 -3.23
CA GLN B 548 6.18 21.02 -3.54
C GLN B 548 7.69 20.90 -3.52
N ALA B 549 8.24 19.87 -2.88
CA ALA B 549 9.68 19.67 -2.78
C ALA B 549 10.18 18.57 -3.71
N ALA B 550 9.36 18.12 -4.66
CA ALA B 550 9.76 17.12 -5.64
C ALA B 550 9.99 17.84 -6.97
N PHE B 551 11.26 18.11 -7.28
CA PHE B 551 11.64 18.82 -8.50
C PHE B 551 12.03 17.82 -9.57
N LEU B 552 11.23 17.75 -10.63
CA LEU B 552 11.53 16.87 -11.74
C LEU B 552 12.70 17.41 -12.56
N VAL B 553 13.36 16.52 -13.29
CA VAL B 553 14.47 16.92 -14.14
C VAL B 553 13.94 17.78 -15.28
N GLY B 554 14.59 18.92 -15.51
CA GLY B 554 14.18 19.87 -16.51
C GLY B 554 13.37 21.03 -15.96
N SER B 555 12.74 20.85 -14.81
CA SER B 555 11.99 21.93 -14.18
C SER B 555 12.94 23.04 -13.74
N ALA B 556 12.39 24.24 -13.60
CA ALA B 556 13.14 25.34 -13.01
C ALA B 556 13.30 25.09 -11.52
N THR B 557 14.49 25.37 -11.01
CA THR B 557 14.83 25.10 -9.62
C THR B 557 15.15 26.39 -8.87
N PRO B 558 14.69 26.53 -7.62
CA PRO B 558 15.07 27.71 -6.82
C PRO B 558 16.59 27.79 -6.69
N ARG B 559 17.19 28.99 -6.85
CA ARG B 559 18.65 28.92 -6.85
C ARG B 559 19.10 28.70 -5.42
N TYR B 560 18.27 29.12 -4.46
CA TYR B 560 18.49 28.88 -3.04
C TYR B 560 17.41 27.95 -2.53
N LEU B 561 17.80 26.74 -2.16
CA LEU B 561 16.88 25.83 -1.50
C LEU B 561 17.60 25.19 -0.33
N TYR B 562 16.98 25.27 0.85
CA TYR B 562 17.66 24.83 2.06
C TYR B 562 16.66 24.24 3.05
N LEU B 563 17.18 23.40 3.94
CA LEU B 563 16.42 22.86 5.06
C LEU B 563 16.88 23.57 6.33
N ALA B 564 15.92 23.98 7.14
CA ALA B 564 16.21 24.85 8.27
C ALA B 564 15.48 24.37 9.52
N SER B 565 16.02 24.77 10.68
CA SER B 565 15.43 24.43 11.97
C SER B 565 14.33 25.40 12.35
N ASN B 566 13.64 25.08 13.44
CA ASN B 566 12.66 26.00 13.99
C ASN B 566 13.32 27.17 14.69
N HIS B 567 14.53 26.97 15.19
CA HIS B 567 15.23 27.98 15.95
C HIS B 567 16.00 28.90 15.02
N SER B 568 16.58 29.94 15.61
CA SER B 568 17.24 30.99 14.86
C SER B 568 18.68 31.17 15.33
N ASN B 569 19.51 31.75 14.47
CA ASN B 569 20.84 32.15 14.86
C ASN B 569 20.75 33.46 15.64
N LYS B 570 21.90 34.06 15.96
CA LYS B 570 21.92 35.30 16.73
C LYS B 570 21.09 36.38 16.06
N TRP B 571 21.02 36.36 14.72
CA TRP B 571 20.36 37.40 13.95
C TRP B 571 18.94 37.02 13.54
N GLY B 572 18.31 36.12 14.29
CA GLY B 572 16.89 35.84 14.09
C GLY B 572 16.53 35.06 12.85
N HIS B 573 17.51 34.55 12.11
CA HIS B 573 17.14 33.77 10.93
C HIS B 573 17.15 32.29 11.23
N PRO B 574 16.19 31.54 10.66
CA PRO B 574 16.19 30.09 10.85
C PRO B 574 17.52 29.47 10.46
N ARG B 575 18.06 28.65 11.35
CA ARG B 575 19.34 28.00 11.12
C ARG B 575 19.15 26.88 10.11
N GLY B 576 19.73 27.02 8.93
CA GLY B 576 19.57 26.01 7.89
C GLY B 576 20.87 25.64 7.21
N TYR B 577 20.87 24.45 6.60
CA TYR B 577 21.71 24.21 5.44
C TYR B 577 20.94 24.11 4.14
N ARG B 578 21.73 24.29 3.09
CA ARG B 578 21.31 24.55 1.73
C ARG B 578 21.91 23.52 0.80
N ILE B 579 21.09 23.00 -0.11
CA ILE B 579 21.53 22.07 -1.13
C ILE B 579 21.83 22.86 -2.40
N GLN B 580 23.02 22.69 -2.96
CA GLN B 580 23.45 23.35 -4.20
C GLN B 580 23.94 22.26 -5.13
N MET B 581 23.34 22.17 -6.31
CA MET B 581 23.66 20.99 -7.11
C MET B 581 24.53 21.37 -8.26
N LEU B 582 25.62 20.61 -8.49
CA LEU B 582 26.42 20.63 -9.76
C LEU B 582 26.02 19.35 -10.51
N SER B 583 25.06 19.46 -11.42
CA SER B 583 24.57 18.34 -12.19
C SER B 583 24.26 18.78 -13.61
N PHE B 584 24.65 17.96 -14.57
CA PHE B 584 24.35 18.14 -15.99
C PHE B 584 23.34 17.08 -16.45
N ALA B 585 22.36 16.78 -15.59
CA ALA B 585 21.58 15.55 -15.69
C ALA B 585 21.02 15.32 -17.08
N GLY B 586 21.11 14.07 -17.53
CA GLY B 586 20.58 13.67 -18.81
C GLY B 586 19.07 13.49 -18.82
N GLU B 587 18.51 13.43 -20.03
CA GLU B 587 17.07 13.20 -20.18
C GLU B 587 16.70 11.85 -19.61
N PRO B 588 15.66 11.77 -18.77
CA PRO B 588 15.32 10.49 -18.17
C PRO B 588 14.56 9.55 -19.09
N LEU B 589 14.67 8.25 -18.78
CA LEU B 589 13.92 7.24 -19.51
C LEU B 589 12.42 7.57 -19.39
N PRO B 590 11.69 7.60 -20.51
CA PRO B 590 10.29 8.02 -20.47
C PRO B 590 9.45 7.15 -19.53
N GLN B 591 8.36 7.73 -19.05
CA GLN B 591 7.44 6.99 -18.20
C GLN B 591 6.66 5.94 -18.98
N ASN B 592 6.43 6.17 -20.28
CA ASN B 592 5.72 5.18 -21.10
C ASN B 592 6.40 3.82 -21.08
N SER B 593 7.68 3.77 -20.72
CA SER B 593 8.37 2.49 -20.57
C SER B 593 7.93 1.80 -19.27
N SER B 594 7.58 0.51 -19.38
CA SER B 594 7.26 -0.28 -18.20
C SER B 594 8.46 -0.42 -17.27
N MET B 595 9.67 -0.27 -17.81
CA MET B 595 10.91 -0.48 -17.07
C MET B 595 11.20 0.65 -16.08
N ALA B 596 10.66 1.85 -16.30
CA ALA B 596 11.12 3.05 -15.59
C ALA B 596 10.82 3.01 -14.10
N ARG B 597 9.76 2.31 -13.69
CA ARG B 597 9.40 2.26 -12.27
C ARG B 597 10.53 1.67 -11.41
N GLY B 598 11.42 0.88 -12.00
CA GLY B 598 12.55 0.32 -11.26
C GLY B 598 13.63 1.31 -10.89
N PHE B 599 13.59 2.51 -11.46
CA PHE B 599 14.52 3.56 -11.09
C PHE B 599 13.85 4.92 -11.29
N SER B 600 12.65 5.09 -10.72
CA SER B 600 11.90 6.32 -10.85
C SER B 600 12.59 7.53 -10.22
N TRP B 601 13.63 7.31 -9.41
CA TRP B 601 14.37 8.42 -8.83
C TRP B 601 15.13 9.22 -9.88
N GLU B 602 15.63 8.55 -10.92
CA GLU B 602 16.05 9.24 -12.14
C GLU B 602 15.19 10.43 -12.61
N ARG B 603 13.87 10.37 -12.46
CA ARG B 603 13.07 11.45 -13.01
C ARG B 603 13.20 12.76 -12.24
N TYR B 604 13.74 12.75 -11.03
CA TYR B 604 13.85 13.94 -10.18
C TYR B 604 15.28 14.43 -10.14
N GLN B 605 15.45 15.73 -9.87
CA GLN B 605 16.76 16.27 -9.50
C GLN B 605 16.97 16.22 -7.99
N LEU B 606 15.90 16.51 -7.25
CA LEU B 606 15.95 16.61 -5.80
C LEU B 606 14.53 16.38 -5.28
N ALA B 607 14.43 15.69 -4.15
CA ALA B 607 13.13 15.46 -3.53
C ALA B 607 13.32 15.37 -2.03
N VAL B 608 12.42 16.00 -1.28
CA VAL B 608 12.42 15.96 0.17
C VAL B 608 11.16 15.23 0.62
N THR B 609 11.34 14.18 1.42
CA THR B 609 10.24 13.38 1.94
C THR B 609 10.38 13.25 3.45
N GLN B 610 9.27 12.89 4.09
CA GLN B 610 9.33 12.50 5.49
C GLN B 610 10.26 11.30 5.65
N ARG B 611 11.22 11.39 6.57
CA ARG B 611 12.05 10.24 6.85
C ARG B 611 11.25 9.22 7.64
N LYS B 612 11.35 7.96 7.21
CA LYS B 612 10.57 6.88 7.79
C LYS B 612 11.45 5.66 7.85
N GLU B 613 11.30 4.86 8.90
CA GLU B 613 12.09 3.64 9.02
C GLU B 613 11.76 2.65 7.90
N GLU B 614 10.48 2.55 7.53
CA GLU B 614 10.08 1.66 6.45
C GLU B 614 10.37 2.23 5.07
N GLU B 615 11.07 3.37 4.99
CA GLU B 615 11.52 3.96 3.72
C GLU B 615 13.03 4.20 3.79
N PRO B 616 13.83 3.15 3.97
CA PRO B 616 15.26 3.36 4.19
C PRO B 616 16.06 3.56 2.92
N SER B 617 15.54 3.16 1.77
CA SER B 617 16.33 3.21 0.54
C SER B 617 15.44 3.49 -0.66
N SER B 618 16.01 4.17 -1.65
CA SER B 618 15.30 4.49 -2.87
C SER B 618 15.37 3.39 -3.91
N SER B 619 16.25 2.41 -3.74
CA SER B 619 16.43 1.35 -4.71
C SER B 619 16.52 0.02 -3.98
N SER B 620 16.69 -1.05 -4.75
CA SER B 620 16.84 -2.39 -4.22
C SER B 620 17.74 -3.18 -5.16
N VAL B 621 18.53 -4.09 -4.59
CA VAL B 621 19.37 -4.96 -5.40
C VAL B 621 18.50 -5.81 -6.32
N PHE B 622 17.22 -5.97 -6.00
CA PHE B 622 16.31 -6.79 -6.77
C PHE B 622 15.62 -6.03 -7.89
N ASN B 623 15.92 -4.75 -8.07
CA ASN B 623 15.34 -3.99 -9.17
C ASN B 623 16.06 -4.27 -10.49
N GLN B 624 17.34 -4.63 -10.42
CA GLN B 624 18.13 -4.87 -11.63
C GLN B 624 17.51 -5.94 -12.51
N ASN B 625 17.13 -7.07 -11.92
CA ASN B 625 16.65 -8.19 -12.71
C ASN B 625 15.15 -8.19 -12.91
N ASP B 626 14.40 -7.34 -12.20
CA ASP B 626 12.96 -7.20 -12.43
C ASP B 626 12.55 -5.75 -12.16
N PRO B 627 12.85 -4.85 -13.10
CA PRO B 627 12.40 -3.46 -12.95
C PRO B 627 10.95 -3.24 -13.34
N TRP B 628 10.35 -4.17 -14.09
CA TRP B 628 8.94 -4.02 -14.47
C TRP B 628 8.01 -4.22 -13.28
N ALA B 629 8.40 -5.09 -12.34
CA ALA B 629 7.72 -5.25 -11.06
C ALA B 629 8.70 -4.88 -9.95
N PRO B 630 8.94 -3.59 -9.76
CA PRO B 630 10.06 -3.17 -8.89
C PRO B 630 9.84 -3.60 -7.44
N THR B 631 10.93 -4.02 -6.81
CA THR B 631 10.91 -4.31 -5.39
C THR B 631 10.76 -3.03 -4.58
N VAL B 632 11.55 -2.01 -4.91
CA VAL B 632 11.41 -0.67 -4.36
C VAL B 632 11.12 0.29 -5.52
N ASP B 633 10.08 1.10 -5.37
CA ASP B 633 9.69 2.09 -6.36
C ASP B 633 9.77 3.45 -5.68
N PHE B 634 10.79 4.24 -6.04
CA PHE B 634 11.09 5.47 -5.30
C PHE B 634 9.91 6.43 -5.30
N SER B 635 9.21 6.56 -6.43
CA SER B 635 8.16 7.57 -6.55
C SER B 635 7.09 7.41 -5.49
N ASP B 636 6.90 6.21 -4.95
CA ASP B 636 5.90 6.00 -3.92
C ASP B 636 6.20 6.77 -2.64
N PHE B 637 7.47 7.16 -2.43
CA PHE B 637 7.81 7.95 -1.25
C PHE B 637 7.15 9.32 -1.27
N ILE B 638 6.85 9.84 -2.45
CA ILE B 638 6.32 11.19 -2.62
C ILE B 638 4.79 11.09 -2.69
N ASN B 639 4.13 11.56 -1.64
CA ASN B 639 2.68 11.55 -1.55
C ASN B 639 2.26 12.82 -0.79
N ASN B 640 1.00 12.87 -0.32
CA ASN B 640 0.45 14.09 0.28
C ASN B 640 0.77 14.21 1.76
N GLU B 641 2.04 14.18 2.11
CA GLU B 641 2.39 14.40 3.51
C GLU B 641 3.08 15.74 3.72
N THR B 642 2.97 16.21 4.95
CA THR B 642 3.63 17.45 5.33
C THR B 642 5.13 17.25 5.43
N ILE B 643 5.87 18.27 5.00
CA ILE B 643 7.29 18.38 5.27
C ILE B 643 7.60 19.63 6.09
N ALA B 644 6.57 20.15 6.78
CA ALA B 644 6.70 21.35 7.61
C ALA B 644 6.83 20.90 9.06
N GLY B 645 8.07 20.73 9.51
CA GLY B 645 8.35 20.44 10.91
C GLY B 645 8.45 18.97 11.24
N LYS B 646 9.07 18.20 10.36
CA LYS B 646 9.26 16.76 10.54
C LYS B 646 10.74 16.42 10.45
N ASP B 647 11.03 15.15 10.75
CA ASP B 647 12.32 14.56 10.40
C ASP B 647 12.36 14.40 8.88
N LEU B 648 13.13 15.23 8.21
CA LEU B 648 13.15 15.24 6.75
C LEU B 648 14.35 14.48 6.22
N VAL B 649 14.27 14.10 4.95
CA VAL B 649 15.35 13.43 4.25
C VAL B 649 15.32 13.85 2.78
N ALA B 650 16.46 14.34 2.30
CA ALA B 650 16.58 14.83 0.93
C ALA B 650 17.16 13.76 0.03
N TRP B 651 16.63 13.67 -1.19
CA TRP B 651 17.05 12.69 -2.18
C TRP B 651 17.55 13.46 -3.39
N VAL B 652 18.86 13.41 -3.62
CA VAL B 652 19.52 14.22 -4.65
C VAL B 652 19.94 13.31 -5.80
N THR B 653 19.56 13.68 -7.01
CA THR B 653 19.98 12.97 -8.23
C THR B 653 20.97 13.82 -8.98
N ALA B 654 22.07 13.21 -9.41
CA ALA B 654 23.11 13.90 -10.17
C ALA B 654 23.59 12.98 -11.29
N GLY B 655 23.85 13.56 -12.46
CA GLY B 655 24.28 12.76 -13.58
C GLY B 655 24.61 13.63 -14.78
N PHE B 656 24.87 12.97 -15.90
CA PHE B 656 25.22 13.66 -17.15
C PHE B 656 25.07 12.68 -18.31
N LEU B 657 25.08 13.24 -19.52
CA LEU B 657 25.06 12.48 -20.75
C LEU B 657 26.49 12.34 -21.28
N HIS B 658 26.82 11.14 -21.75
CA HIS B 658 28.16 10.83 -22.23
C HIS B 658 28.06 10.34 -23.67
N ILE B 659 28.58 11.14 -24.60
CA ILE B 659 28.78 10.71 -25.98
C ILE B 659 30.25 10.40 -26.16
N PRO B 660 30.65 9.12 -26.18
CA PRO B 660 32.08 8.79 -26.26
C PRO B 660 32.75 9.42 -27.46
N HIS B 661 34.03 9.72 -27.30
CA HIS B 661 34.82 10.36 -28.35
C HIS B 661 36.25 9.83 -28.26
N ALA B 662 37.08 10.26 -29.21
CA ALA B 662 38.41 9.69 -29.35
C ALA B 662 39.24 9.84 -28.07
N GLU B 663 39.02 10.90 -27.31
CA GLU B 663 39.80 11.15 -26.11
C GLU B 663 39.39 10.25 -24.95
N ASP B 664 38.87 9.08 -25.25
CA ASP B 664 38.19 8.28 -24.25
C ASP B 664 38.51 6.79 -24.49
N ILE B 665 39.72 6.54 -24.99
CA ILE B 665 40.19 5.27 -25.55
C ILE B 665 41.42 4.76 -24.80
N PRO B 666 42.04 5.56 -23.92
CA PRO B 666 42.87 4.95 -22.87
C PRO B 666 42.06 4.70 -21.62
N ASN B 667 41.34 5.71 -21.15
CA ASN B 667 40.11 5.56 -20.38
C ASN B 667 39.29 6.83 -20.55
N THR B 668 38.26 6.95 -19.73
CA THR B 668 37.56 8.21 -19.54
C THR B 668 38.33 9.04 -18.51
N VAL B 669 38.63 10.28 -18.86
CA VAL B 669 39.25 11.17 -17.90
C VAL B 669 38.19 11.75 -16.96
N THR B 670 38.60 12.06 -15.74
CA THR B 670 37.69 12.62 -14.76
C THR B 670 37.46 14.11 -14.95
N VAL B 671 38.26 14.76 -15.79
CA VAL B 671 38.23 16.21 -15.92
C VAL B 671 36.86 16.67 -16.38
N GLY B 672 36.21 17.52 -15.57
CA GLY B 672 34.92 18.07 -15.90
C GLY B 672 33.74 17.13 -15.74
N ASN B 673 33.97 15.82 -15.62
CA ASN B 673 32.90 14.84 -15.47
C ASN B 673 32.49 14.64 -14.03
N GLY B 674 33.03 15.45 -13.11
CA GLY B 674 32.63 15.38 -11.71
C GLY B 674 31.25 15.97 -11.50
N VAL B 675 30.39 15.20 -10.85
CA VAL B 675 28.98 15.57 -10.68
C VAL B 675 28.57 15.28 -9.25
N GLY B 676 27.71 16.14 -8.69
CA GLY B 676 27.22 15.98 -7.34
C GLY B 676 26.55 17.21 -6.77
N PHE B 677 26.76 17.48 -5.49
CA PHE B 677 26.04 18.56 -4.85
C PHE B 677 26.81 19.04 -3.62
N PHE B 678 26.53 20.27 -3.21
CA PHE B 678 27.09 20.85 -1.99
C PHE B 678 26.02 20.92 -0.91
N LEU B 679 26.48 20.93 0.35
CA LEU B 679 25.64 21.20 1.52
C LEU B 679 26.31 22.32 2.31
N ARG B 680 25.73 23.53 2.24
CA ARG B 680 26.40 24.71 2.75
C ARG B 680 25.60 25.39 3.86
N PRO B 681 26.28 25.88 4.90
CA PRO B 681 25.57 26.58 5.98
C PRO B 681 24.95 27.89 5.53
N TYR B 682 23.69 28.08 5.90
CA TYR B 682 22.91 29.25 5.52
C TYR B 682 22.19 29.77 6.76
N ASN B 683 22.80 30.77 7.41
CA ASN B 683 22.34 31.29 8.71
C ASN B 683 22.28 30.20 9.77
N PHE B 684 23.14 29.19 9.62
CA PHE B 684 23.28 28.14 10.62
C PHE B 684 24.13 28.61 11.79
N PHE B 685 25.23 29.30 11.51
CA PHE B 685 26.10 29.87 12.52
C PHE B 685 25.74 31.34 12.76
N ASP B 686 26.43 31.93 13.71
CA ASP B 686 26.38 33.38 13.90
C ASP B 686 27.44 34.09 13.08
N GLU B 687 28.45 33.35 12.63
CA GLU B 687 29.48 33.82 11.72
C GLU B 687 30.23 32.60 11.21
N ASP B 688 30.76 32.72 10.02
CA ASP B 688 31.74 31.76 9.52
C ASP B 688 32.78 31.27 10.53
N PRO B 689 32.70 29.97 10.81
CA PRO B 689 33.57 29.36 11.81
C PRO B 689 35.04 29.44 11.44
N SER B 690 35.39 29.66 10.18
CA SER B 690 36.81 29.77 9.82
C SER B 690 37.44 31.07 10.31
N PHE B 691 36.65 32.00 10.86
CA PHE B 691 37.25 33.12 11.59
C PHE B 691 38.09 32.62 12.75
N TYR B 692 37.64 31.56 13.41
CA TYR B 692 38.33 30.93 14.53
C TYR B 692 39.42 29.95 14.10
N SER B 693 39.73 29.88 12.81
CA SER B 693 40.66 28.87 12.32
C SER B 693 42.03 29.03 12.95
N ALA B 694 42.61 27.92 13.41
CA ALA B 694 43.98 27.94 13.90
C ALA B 694 44.98 28.26 12.81
N ASP B 695 44.56 28.20 11.55
CA ASP B 695 45.47 28.38 10.42
C ASP B 695 45.25 29.69 9.68
N SER B 696 44.38 30.56 10.18
CA SER B 696 44.09 31.81 9.47
C SER B 696 45.27 32.77 9.59
N ILE B 697 45.59 33.43 8.48
CA ILE B 697 46.69 34.38 8.41
C ILE B 697 46.13 35.79 8.44
N TYR B 698 46.79 36.67 9.20
CA TYR B 698 46.41 38.07 9.26
C TYR B 698 47.61 38.90 9.66
N PHE B 699 47.78 40.06 9.02
CA PHE B 699 48.83 40.99 9.40
C PHE B 699 48.52 42.36 8.80
N ARG B 700 48.89 43.40 9.55
CA ARG B 700 48.71 44.77 9.10
C ARG B 700 49.90 45.21 8.25
N GLY B 701 49.73 46.34 7.57
CA GLY B 701 50.77 46.87 6.70
C GLY B 701 51.94 47.47 7.46
N ASP B 702 51.69 48.00 8.66
CA ASP B 702 52.77 48.51 9.49
C ASP B 702 53.46 47.40 10.27
N GLN B 703 52.93 46.19 10.27
CA GLN B 703 53.55 45.07 10.96
C GLN B 703 54.60 44.42 10.06
N ASP B 704 55.30 43.43 10.63
CA ASP B 704 56.38 42.72 9.94
C ASP B 704 55.82 41.38 9.46
N ALA B 705 55.57 41.28 8.16
CA ALA B 705 55.03 40.03 7.61
C ALA B 705 56.03 38.90 7.66
N GLY B 706 57.33 39.23 7.62
CA GLY B 706 58.36 38.22 7.77
C GLY B 706 58.65 37.79 9.18
N ALA B 707 58.11 38.52 10.16
CA ALA B 707 58.26 38.14 11.56
C ALA B 707 57.39 36.93 11.86
N CYS B 708 58.03 35.80 12.20
CA CYS B 708 57.28 34.58 12.50
C CYS B 708 56.27 34.82 13.61
N GLU B 709 56.64 35.62 14.62
CA GLU B 709 55.71 36.07 15.65
C GLU B 709 54.39 36.48 15.02
N VAL B 710 54.48 37.35 14.01
CA VAL B 710 53.30 37.96 13.43
C VAL B 710 52.60 36.99 12.48
N ASN B 711 53.38 36.32 11.64
CA ASN B 711 52.84 35.55 10.51
C ASN B 711 53.38 34.13 10.57
N PRO B 712 52.54 33.14 10.92
CA PRO B 712 53.01 31.75 10.98
C PRO B 712 53.64 31.25 9.69
N LEU B 713 53.26 31.81 8.54
CA LEU B 713 53.85 31.39 7.27
C LEU B 713 55.36 31.64 7.24
N ALA B 714 55.83 32.67 7.95
CA ALA B 714 57.26 32.95 7.97
C ALA B 714 58.04 31.83 8.63
N CYS B 715 57.43 31.12 9.58
CA CYS B 715 58.08 30.00 10.25
C CYS B 715 57.95 28.69 9.46
N LEU B 716 57.19 28.70 8.36
CA LEU B 716 57.08 27.49 7.55
C LEU B 716 58.41 26.96 7.04
N PRO B 717 59.35 27.78 6.53
CA PRO B 717 60.65 27.21 6.14
C PRO B 717 61.40 26.54 7.27
N GLN B 718 61.30 27.07 8.49
CA GLN B 718 61.92 26.45 9.67
C GLN B 718 61.26 25.12 10.01
N ALA B 719 59.92 25.05 9.94
CA ALA B 719 59.21 23.84 10.35
C ALA B 719 59.15 22.79 9.24
N ALA B 720 59.10 23.21 7.98
CA ALA B 720 59.06 22.29 6.84
C ALA B 720 60.45 21.91 6.32
N ALA B 721 61.49 22.05 7.13
CA ALA B 721 62.85 21.66 6.76
C ALA B 721 63.07 20.23 7.25
N CYS B 722 62.64 19.29 6.41
CA CYS B 722 62.29 17.93 6.82
C CYS B 722 62.07 17.03 5.62
N ALA B 723 62.82 15.93 5.53
CA ALA B 723 62.51 14.92 4.53
C ALA B 723 61.37 14.04 5.04
N PRO B 724 60.38 13.73 4.20
CA PRO B 724 59.27 12.88 4.68
C PRO B 724 59.74 11.48 5.03
N ASP B 725 58.83 10.66 5.58
CA ASP B 725 59.12 9.28 5.90
C ASP B 725 58.06 8.37 5.26
N LEU B 726 57.73 8.67 4.01
CA LEU B 726 56.77 8.05 3.11
C LEU B 726 57.01 6.55 2.95
N PRO B 727 56.09 5.72 3.45
CA PRO B 727 56.32 4.28 3.53
C PRO B 727 56.53 3.63 2.17
N ALA B 728 56.95 2.37 2.22
CA ALA B 728 57.22 1.61 1.01
C ALA B 728 55.92 1.25 0.31
N PHE B 729 55.95 1.31 -1.02
CA PHE B 729 54.72 1.17 -1.79
C PHE B 729 54.12 -0.22 -1.63
N SER B 730 52.85 -0.25 -1.25
CA SER B 730 52.05 -1.46 -1.21
C SER B 730 50.90 -1.34 -2.21
N HIS B 731 50.48 -2.48 -2.73
CA HIS B 731 49.25 -2.56 -3.52
C HIS B 731 48.37 -3.69 -3.00
N GLY B 732 47.07 -3.48 -3.08
CA GLY B 732 46.09 -4.37 -2.47
C GLY B 732 45.79 -5.66 -3.19
N GLY B 733 46.49 -5.97 -4.27
CA GLY B 733 46.29 -7.23 -4.94
C GLY B 733 44.96 -7.30 -5.68
N PHE B 734 44.67 -8.51 -6.19
CA PHE B 734 43.48 -8.75 -6.99
C PHE B 734 42.89 -10.11 -6.58
N SER B 735 42.00 -10.62 -7.41
CA SER B 735 41.41 -11.94 -7.23
C SER B 735 40.92 -12.42 -8.59
N HIS B 736 40.25 -13.57 -8.61
CA HIS B 736 39.73 -14.18 -9.82
C HIS B 736 38.21 -14.10 -9.92
N ASN B 737 37.61 -13.09 -9.30
CA ASN B 737 36.16 -12.91 -9.33
C ASN B 737 35.77 -11.69 -10.18
N LEU C 12 1.32 -20.39 -14.02
CA LEU C 12 0.76 -20.05 -12.72
C LEU C 12 0.94 -21.29 -11.83
N PRO C 13 0.42 -21.31 -10.59
CA PRO C 13 0.61 -22.51 -9.76
C PRO C 13 -0.67 -23.22 -9.32
N HIS C 14 -0.49 -24.38 -8.69
CA HIS C 14 -1.55 -25.08 -8.00
C HIS C 14 -1.66 -24.64 -6.54
N CYS C 15 -2.86 -24.79 -5.99
CA CYS C 15 -3.13 -24.48 -4.60
C CYS C 15 -2.67 -25.68 -3.78
N PRO C 16 -2.36 -25.51 -2.48
CA PRO C 16 -1.88 -26.67 -1.72
C PRO C 16 -2.87 -27.84 -1.62
N GLN C 30 -5.03 -35.77 23.53
CA GLN C 30 -5.83 -36.06 22.33
C GLN C 30 -5.78 -37.60 22.20
N SER C 31 -6.92 -38.23 22.48
CA SER C 31 -6.95 -39.67 22.52
C SER C 31 -8.16 -40.18 21.75
N GLN C 32 -8.11 -41.44 21.33
CA GLN C 32 -9.22 -42.06 20.62
C GLN C 32 -9.78 -43.18 21.47
N LEU C 33 -10.38 -42.72 22.56
CA LEU C 33 -11.19 -43.50 23.48
C LEU C 33 -12.62 -43.69 22.98
N PHE C 34 -13.07 -42.84 22.07
CA PHE C 34 -14.43 -42.87 21.56
C PHE C 34 -14.51 -43.35 20.12
N ALA C 35 -13.37 -43.71 19.52
CA ALA C 35 -13.36 -44.16 18.14
C ALA C 35 -14.16 -45.44 18.00
N ASP C 36 -14.88 -45.56 16.88
CA ASP C 36 -15.56 -46.80 16.55
C ASP C 36 -14.55 -47.92 16.40
N LEU C 37 -15.04 -49.15 16.47
CA LEU C 37 -14.12 -50.29 16.44
C LEU C 37 -13.52 -50.44 15.05
N SER C 38 -12.23 -50.76 15.01
CA SER C 38 -11.54 -50.93 13.74
C SER C 38 -11.75 -52.34 13.20
N ARG C 39 -11.32 -52.54 11.95
CA ARG C 39 -11.41 -53.84 11.30
C ARG C 39 -10.80 -54.94 12.18
N GLU C 40 -9.62 -54.66 12.73
CA GLU C 40 -8.95 -55.62 13.59
C GLU C 40 -9.76 -55.85 14.85
N GLU C 41 -10.16 -54.76 15.51
CA GLU C 41 -10.87 -54.86 16.77
C GLU C 41 -12.16 -55.68 16.63
N LEU C 42 -12.90 -55.46 15.54
CA LEU C 42 -14.09 -56.25 15.27
C LEU C 42 -13.75 -57.71 15.05
N THR C 43 -12.70 -57.95 14.26
CA THR C 43 -12.24 -59.32 14.01
C THR C 43 -11.86 -60.01 15.32
N ALA C 44 -11.10 -59.33 16.17
CA ALA C 44 -10.63 -59.94 17.42
C ALA C 44 -11.79 -60.34 18.32
N VAL C 45 -12.87 -59.56 18.31
CA VAL C 45 -14.03 -59.91 19.14
C VAL C 45 -14.78 -61.08 18.53
N MET C 46 -14.88 -61.13 17.20
CA MET C 46 -15.58 -62.24 16.55
C MET C 46 -14.84 -63.55 16.77
N ARG C 47 -13.52 -63.55 16.59
CA ARG C 47 -12.72 -64.72 16.92
C ARG C 47 -12.98 -65.16 18.35
N PHE C 48 -12.86 -64.22 19.29
CA PHE C 48 -13.11 -64.49 20.70
C PHE C 48 -14.50 -65.06 20.92
N LEU C 49 -15.48 -64.61 20.12
CA LEU C 49 -16.85 -65.07 20.32
C LEU C 49 -17.06 -66.47 19.77
N THR C 50 -16.65 -66.71 18.52
CA THR C 50 -16.79 -68.05 17.96
C THR C 50 -16.12 -69.10 18.84
N GLN C 51 -14.96 -68.75 19.42
CA GLN C 51 -14.26 -69.68 20.30
C GLN C 51 -15.08 -69.96 21.56
N ARG C 52 -15.32 -68.92 22.37
CA ARG C 52 -15.84 -69.09 23.71
C ARG C 52 -17.35 -69.18 23.78
N LEU C 53 -18.06 -69.09 22.66
CA LEU C 53 -19.50 -69.16 22.70
C LEU C 53 -20.00 -70.49 22.15
N GLY C 54 -19.09 -71.41 21.83
CA GLY C 54 -19.44 -72.77 21.51
C GLY C 54 -19.96 -72.97 20.09
N PRO C 55 -19.26 -73.80 19.31
CA PRO C 55 -19.73 -74.11 17.95
C PRO C 55 -21.17 -74.62 17.92
N GLY C 56 -21.73 -74.67 16.72
CA GLY C 56 -23.15 -74.57 16.53
C GLY C 56 -23.58 -73.18 16.15
N LEU C 57 -22.64 -72.34 15.71
CA LEU C 57 -22.87 -70.93 15.46
C LEU C 57 -23.02 -70.69 13.97
N VAL C 58 -24.03 -69.90 13.60
CA VAL C 58 -24.35 -69.64 12.20
C VAL C 58 -24.00 -68.20 11.86
N ASP C 59 -23.45 -68.00 10.68
CA ASP C 59 -23.34 -66.67 10.10
C ASP C 59 -24.72 -66.01 10.08
N ALA C 60 -24.80 -64.78 10.57
CA ALA C 60 -26.09 -64.09 10.69
C ALA C 60 -26.76 -63.86 9.34
N ALA C 61 -25.99 -63.75 8.26
CA ALA C 61 -26.59 -63.64 6.93
C ALA C 61 -27.35 -64.91 6.55
N GLN C 62 -26.97 -66.06 7.11
CA GLN C 62 -27.53 -67.36 6.75
C GLN C 62 -28.52 -67.87 7.80
N ALA C 63 -28.53 -67.27 8.98
CA ALA C 63 -29.22 -67.81 10.13
C ALA C 63 -30.72 -67.91 9.89
N ARG C 64 -31.33 -68.87 10.56
CA ARG C 64 -32.75 -69.07 10.62
C ARG C 64 -33.23 -68.76 12.05
N PRO C 65 -34.56 -68.67 12.26
CA PRO C 65 -35.03 -68.33 13.63
C PRO C 65 -34.46 -69.21 14.72
N SER C 66 -34.35 -70.51 14.48
CA SER C 66 -33.88 -71.46 15.48
C SER C 66 -32.36 -71.60 15.49
N ASP C 67 -31.64 -70.75 14.78
CA ASP C 67 -30.18 -70.78 14.82
C ASP C 67 -29.66 -69.93 15.97
N ASN C 68 -28.39 -70.15 16.32
CA ASN C 68 -27.64 -69.25 17.17
C ASN C 68 -26.82 -68.30 16.32
N CYS C 69 -26.74 -67.04 16.77
CA CYS C 69 -26.45 -65.94 15.86
C CYS C 69 -25.76 -64.79 16.57
N VAL C 70 -24.71 -64.25 15.95
CA VAL C 70 -24.15 -62.97 16.36
C VAL C 70 -24.74 -61.92 15.43
N PHE C 71 -25.58 -61.06 15.99
CA PHE C 71 -26.31 -60.07 15.20
C PHE C 71 -25.51 -58.80 14.99
N SER C 72 -24.78 -58.35 16.01
CA SER C 72 -24.09 -57.07 15.95
C SER C 72 -22.89 -57.10 16.89
N VAL C 73 -21.81 -56.44 16.48
CA VAL C 73 -20.66 -56.18 17.34
C VAL C 73 -20.21 -54.75 17.09
N GLU C 74 -20.24 -53.92 18.13
CA GLU C 74 -19.83 -52.53 18.01
C GLU C 74 -19.30 -52.04 19.35
N LEU C 75 -18.77 -50.81 19.33
CA LEU C 75 -18.11 -50.25 20.51
C LEU C 75 -19.06 -50.16 21.69
N GLN C 76 -18.58 -50.57 22.86
CA GLN C 76 -19.24 -50.33 24.13
C GLN C 76 -18.62 -49.08 24.74
N LEU C 77 -19.43 -48.02 24.88
CA LEU C 77 -18.91 -46.75 25.33
C LEU C 77 -18.44 -46.85 26.78
N PRO C 78 -17.36 -46.16 27.13
CA PRO C 78 -16.82 -46.27 28.50
C PRO C 78 -17.66 -45.47 29.47
N PRO C 79 -17.54 -45.74 30.77
CA PRO C 79 -18.20 -44.89 31.77
C PRO C 79 -17.60 -43.49 31.76
N LYS C 80 -18.42 -42.49 32.11
CA LYS C 80 -17.93 -41.12 32.06
C LYS C 80 -16.80 -40.86 33.05
N ALA C 81 -16.96 -41.32 34.30
CA ALA C 81 -16.00 -40.97 35.34
C ALA C 81 -14.58 -41.42 34.98
N ALA C 82 -14.44 -42.67 34.54
CA ALA C 82 -13.12 -43.15 34.12
C ALA C 82 -12.65 -42.42 32.87
N ALA C 83 -13.55 -42.15 31.92
CA ALA C 83 -13.17 -41.45 30.70
C ALA C 83 -12.68 -40.04 31.01
N LEU C 84 -13.35 -39.36 31.95
CA LEU C 84 -12.92 -38.02 32.32
C LEU C 84 -11.60 -38.05 33.10
N ALA C 85 -11.47 -39.00 34.03
CA ALA C 85 -10.23 -39.16 34.78
C ALA C 85 -9.04 -39.29 33.84
N HIS C 86 -9.21 -40.00 32.72
CA HIS C 86 -8.15 -40.12 31.74
C HIS C 86 -7.93 -38.82 30.99
N LEU C 87 -9.01 -38.23 30.49
CA LEU C 87 -8.88 -37.10 29.58
C LEU C 87 -8.37 -35.85 30.29
N ASP C 88 -8.71 -35.69 31.57
CA ASP C 88 -8.35 -34.49 32.32
C ASP C 88 -7.30 -34.80 33.39
N ARG C 89 -7.65 -35.58 34.42
CA ARG C 89 -6.73 -35.85 35.52
C ARG C 89 -5.49 -36.61 35.07
N GLY C 90 -5.56 -37.31 33.95
CA GLY C 90 -4.42 -38.04 33.44
C GLY C 90 -4.38 -39.52 33.81
N SER C 91 -5.43 -40.04 34.46
CA SER C 91 -5.52 -41.42 34.91
C SER C 91 -5.45 -42.38 33.73
N PRO C 92 -5.23 -43.67 33.96
CA PRO C 92 -5.19 -44.63 32.84
C PRO C 92 -6.55 -44.75 32.17
N PRO C 93 -6.58 -45.21 30.91
CA PRO C 93 -7.87 -45.33 30.23
C PRO C 93 -8.70 -46.44 30.84
N PRO C 94 -10.03 -46.32 30.78
CA PRO C 94 -10.87 -47.46 31.11
C PRO C 94 -10.75 -48.53 30.06
N ALA C 95 -11.12 -49.75 30.45
CA ALA C 95 -11.08 -50.88 29.52
C ALA C 95 -11.88 -50.56 28.26
N ARG C 96 -11.22 -50.65 27.12
CA ARG C 96 -11.91 -50.51 25.84
C ARG C 96 -12.68 -51.81 25.59
N GLU C 97 -14.01 -51.71 25.51
CA GLU C 97 -14.87 -52.88 25.44
C GLU C 97 -15.75 -52.82 24.20
N ALA C 98 -16.39 -53.94 23.90
CA ALA C 98 -17.33 -54.05 22.80
C ALA C 98 -18.61 -54.69 23.29
N LEU C 99 -19.71 -54.40 22.60
CA LEU C 99 -21.01 -54.99 22.89
C LEU C 99 -21.45 -55.84 21.72
N ALA C 100 -21.90 -57.06 22.01
CA ALA C 100 -22.38 -57.99 21.00
C ALA C 100 -23.83 -58.35 21.31
N ILE C 101 -24.68 -58.29 20.29
CA ILE C 101 -26.05 -58.77 20.39
C ILE C 101 -26.11 -60.15 19.78
N VAL C 102 -26.58 -61.12 20.55
CA VAL C 102 -26.58 -62.53 20.17
C VAL C 102 -28.00 -63.07 20.24
N PHE C 103 -28.48 -63.62 19.12
CA PHE C 103 -29.75 -64.33 19.08
C PHE C 103 -29.51 -65.78 19.49
N PHE C 104 -30.19 -66.26 20.52
CA PHE C 104 -30.03 -67.64 20.99
C PHE C 104 -31.28 -68.44 20.60
N GLY C 105 -31.26 -68.96 19.36
CA GLY C 105 -32.42 -69.65 18.82
C GLY C 105 -32.48 -71.14 19.07
N ARG C 106 -31.37 -71.85 18.84
CA ARG C 106 -31.27 -73.26 19.20
C ARG C 106 -31.32 -73.46 20.71
N GLN C 107 -32.49 -73.19 21.29
CA GLN C 107 -32.76 -73.33 22.71
C GLN C 107 -34.26 -73.42 22.90
N PRO C 108 -34.77 -74.25 23.82
CA PRO C 108 -36.22 -74.30 24.03
C PRO C 108 -36.82 -72.95 24.40
N GLN C 109 -36.18 -72.22 25.29
CA GLN C 109 -36.63 -70.88 25.69
C GLN C 109 -35.53 -69.88 25.34
N PRO C 110 -35.64 -69.19 24.21
CA PRO C 110 -34.56 -68.28 23.78
C PRO C 110 -34.52 -67.02 24.65
N ASN C 111 -33.32 -66.67 25.10
CA ASN C 111 -33.05 -65.41 25.79
C ASN C 111 -32.05 -64.61 24.93
N VAL C 112 -32.55 -63.73 24.06
CA VAL C 112 -31.63 -62.90 23.29
C VAL C 112 -30.86 -62.00 24.26
N SER C 113 -29.57 -61.85 24.00
CA SER C 113 -28.65 -61.48 25.06
C SER C 113 -27.71 -60.36 24.62
N GLU C 114 -27.32 -59.53 25.60
CA GLU C 114 -26.36 -58.45 25.41
C GLU C 114 -25.07 -58.83 26.13
N LEU C 115 -23.97 -58.90 25.38
CA LEU C 115 -22.70 -59.42 25.88
C LEU C 115 -21.60 -58.39 25.68
N VAL C 116 -20.91 -58.06 26.78
CA VAL C 116 -19.77 -57.17 26.79
C VAL C 116 -18.51 -58.05 26.71
N VAL C 117 -17.48 -57.60 25.99
CA VAL C 117 -16.36 -58.48 25.68
C VAL C 117 -15.03 -57.74 25.83
N GLY C 118 -14.18 -58.23 26.74
CA GLY C 118 -12.74 -58.17 26.61
C GLY C 118 -12.03 -56.83 26.68
N PRO C 119 -10.77 -56.86 27.16
CA PRO C 119 -9.89 -55.70 26.95
C PRO C 119 -9.55 -55.66 25.49
N LEU C 120 -10.03 -54.67 24.77
CA LEU C 120 -10.37 -55.01 23.40
C LEU C 120 -9.10 -55.27 22.57
N PRO C 121 -7.98 -54.47 22.70
CA PRO C 121 -6.76 -54.78 21.92
C PRO C 121 -6.44 -56.27 21.83
N HIS C 122 -6.60 -56.98 22.95
CA HIS C 122 -6.48 -58.44 22.95
C HIS C 122 -7.52 -59.01 23.92
N PRO C 123 -8.73 -59.26 23.43
CA PRO C 123 -9.85 -59.54 24.34
C PRO C 123 -9.57 -60.73 25.26
N SER C 124 -10.18 -60.71 26.44
CA SER C 124 -9.90 -61.74 27.42
C SER C 124 -11.08 -62.13 28.30
N TYR C 125 -12.25 -61.50 28.18
CA TYR C 125 -13.39 -61.90 28.99
C TYR C 125 -14.69 -61.51 28.30
N MET C 126 -15.80 -61.87 28.95
CA MET C 126 -17.15 -61.79 28.41
C MET C 126 -18.11 -61.73 29.59
N ARG C 127 -19.14 -60.88 29.48
CA ARG C 127 -20.12 -60.73 30.55
C ARG C 127 -21.49 -60.44 29.97
N ASP C 128 -22.47 -61.27 30.35
CA ASP C 128 -23.85 -61.04 29.94
C ASP C 128 -24.47 -59.97 30.84
N VAL C 129 -24.87 -58.85 30.24
CA VAL C 129 -25.44 -57.73 30.95
C VAL C 129 -26.94 -57.60 30.73
N THR C 130 -27.56 -58.54 30.02
CA THR C 130 -28.98 -58.48 29.72
C THR C 130 -29.81 -58.29 30.99
N VAL C 131 -29.67 -59.20 31.94
CA VAL C 131 -30.43 -59.12 33.17
C VAL C 131 -30.04 -57.88 33.97
N GLU C 132 -28.74 -57.54 33.97
CA GLU C 132 -28.28 -56.33 34.63
C GLU C 132 -29.02 -55.10 34.10
N ARG C 133 -29.05 -54.94 32.78
CA ARG C 133 -29.55 -53.70 32.19
C ARG C 133 -31.07 -53.67 32.15
N HIS C 134 -31.71 -54.76 31.71
CA HIS C 134 -33.15 -54.76 31.47
C HIS C 134 -33.93 -55.55 32.51
N GLY C 135 -33.29 -56.00 33.58
CA GLY C 135 -34.00 -56.63 34.68
C GLY C 135 -34.62 -57.96 34.35
N GLY C 136 -34.05 -58.70 33.40
CA GLY C 136 -34.59 -59.97 32.98
C GLY C 136 -34.19 -60.29 31.56
N PRO C 137 -34.53 -61.49 31.09
CA PRO C 137 -34.17 -61.87 29.73
C PRO C 137 -34.94 -61.05 28.70
N LEU C 138 -34.34 -60.93 27.52
CA LEU C 138 -35.00 -60.23 26.42
C LEU C 138 -35.79 -61.25 25.60
N PRO C 139 -37.12 -61.09 25.47
CA PRO C 139 -37.89 -62.05 24.69
C PRO C 139 -37.38 -62.17 23.26
N TYR C 140 -37.53 -63.37 22.69
CA TYR C 140 -36.97 -63.61 21.37
C TYR C 140 -37.75 -62.89 20.27
N HIS C 141 -39.05 -62.70 20.47
CA HIS C 141 -39.85 -62.04 19.43
C HIS C 141 -39.44 -60.59 19.22
N ARG C 142 -38.74 -60.00 20.19
CA ARG C 142 -38.23 -58.64 20.02
C ARG C 142 -37.06 -58.56 19.07
N ARG C 143 -36.49 -59.69 18.68
CA ARG C 143 -35.33 -59.68 17.79
C ARG C 143 -35.67 -58.96 16.49
N PRO C 144 -34.75 -58.16 15.95
CA PRO C 144 -34.98 -57.57 14.64
C PRO C 144 -35.11 -58.63 13.57
N VAL C 145 -35.87 -58.32 12.52
CA VAL C 145 -36.05 -59.25 11.42
C VAL C 145 -34.74 -59.36 10.64
N LEU C 146 -34.16 -60.55 10.63
CA LEU C 146 -32.89 -60.78 9.95
C LEU C 146 -33.04 -60.60 8.45
N PHE C 147 -31.91 -60.36 7.79
CA PHE C 147 -31.90 -60.30 6.33
C PHE C 147 -32.34 -61.62 5.73
N GLN C 148 -31.86 -62.73 6.28
CA GLN C 148 -32.33 -64.04 5.85
C GLN C 148 -33.82 -64.19 6.10
N GLU C 149 -34.32 -63.66 7.22
CA GLU C 149 -35.74 -63.73 7.51
C GLU C 149 -36.56 -63.04 6.44
N TYR C 150 -36.09 -61.88 5.96
CA TYR C 150 -36.77 -61.21 4.85
C TYR C 150 -36.78 -62.08 3.60
N LEU C 151 -35.66 -62.76 3.32
CA LEU C 151 -35.59 -63.63 2.15
C LEU C 151 -36.54 -64.81 2.27
N ASP C 152 -36.54 -65.45 3.44
CA ASP C 152 -37.46 -66.56 3.67
C ASP C 152 -38.91 -66.14 3.44
N ILE C 153 -39.26 -64.93 3.88
CA ILE C 153 -40.60 -64.40 3.69
C ILE C 153 -40.91 -64.25 2.20
N ASP C 154 -39.95 -63.75 1.43
CA ASP C 154 -40.18 -63.58 -0.01
C ASP C 154 -40.32 -64.93 -0.71
N GLN C 155 -39.58 -65.94 -0.24
CA GLN C 155 -39.77 -67.30 -0.73
C GLN C 155 -41.21 -67.74 -0.55
N MET C 156 -41.73 -67.57 0.66
CA MET C 156 -43.14 -67.91 0.92
C MET C 156 -44.08 -67.13 0.02
N ILE C 157 -43.86 -65.82 -0.13
CA ILE C 157 -44.77 -64.99 -0.91
C ILE C 157 -44.74 -65.38 -2.38
N PHE C 158 -43.54 -65.54 -2.93
CA PHE C 158 -43.40 -65.73 -4.37
C PHE C 158 -43.50 -67.19 -4.81
N ASN C 159 -43.10 -68.16 -3.98
CA ASN C 159 -43.27 -69.58 -4.32
C ASN C 159 -44.63 -70.10 -3.86
N ARG C 160 -44.90 -70.00 -2.56
CA ARG C 160 -46.02 -70.69 -1.93
C ARG C 160 -47.34 -69.94 -2.04
N GLU C 161 -47.32 -68.61 -2.17
CA GLU C 161 -48.51 -67.79 -1.97
C GLU C 161 -48.99 -67.06 -3.23
N LEU C 162 -48.18 -66.17 -3.80
CA LEU C 162 -48.64 -65.40 -4.95
C LEU C 162 -49.17 -66.22 -6.12
N PRO C 163 -48.59 -67.37 -6.51
CA PRO C 163 -49.17 -68.13 -7.63
C PRO C 163 -50.63 -68.49 -7.44
N GLN C 164 -51.11 -68.62 -6.21
CA GLN C 164 -52.53 -68.93 -5.98
C GLN C 164 -53.46 -67.86 -6.52
N ALA C 165 -52.96 -66.67 -6.84
CA ALA C 165 -53.75 -65.61 -7.46
C ALA C 165 -53.20 -65.19 -8.81
N SER C 166 -52.49 -66.09 -9.50
CA SER C 166 -51.83 -65.76 -10.76
C SER C 166 -52.82 -65.38 -11.85
N GLY C 167 -54.08 -65.79 -11.73
CA GLY C 167 -55.10 -65.30 -12.65
C GLY C 167 -55.31 -63.81 -12.52
N LEU C 168 -55.46 -63.33 -11.28
CA LEU C 168 -55.54 -61.89 -11.04
C LEU C 168 -54.26 -61.19 -11.44
N LEU C 169 -53.11 -61.71 -10.98
CA LEU C 169 -51.83 -61.03 -11.19
C LEU C 169 -51.49 -60.93 -12.67
N HIS C 170 -51.88 -61.93 -13.48
CA HIS C 170 -51.66 -61.83 -14.92
C HIS C 170 -52.47 -60.68 -15.52
N HIS C 171 -53.64 -60.39 -14.94
CA HIS C 171 -54.53 -59.38 -15.51
C HIS C 171 -54.12 -57.96 -15.15
N CYS C 172 -53.56 -57.75 -13.96
CA CYS C 172 -53.29 -56.42 -13.45
C CYS C 172 -51.84 -55.99 -13.56
N CYS C 173 -50.90 -56.93 -13.40
CA CYS C 173 -49.61 -56.55 -12.85
C CYS C 173 -48.43 -57.21 -13.57
N PHE C 174 -48.64 -57.71 -14.79
CA PHE C 174 -47.56 -58.25 -15.62
C PHE C 174 -46.75 -59.30 -14.87
N TYR C 175 -47.45 -60.19 -14.17
CA TYR C 175 -46.82 -61.31 -13.47
C TYR C 175 -46.22 -62.30 -14.45
N LYS C 176 -45.08 -61.93 -15.06
CA LYS C 176 -44.44 -62.74 -16.08
C LYS C 176 -43.94 -64.06 -15.50
N HIS C 177 -44.68 -65.14 -15.78
CA HIS C 177 -44.38 -66.50 -15.34
C HIS C 177 -44.07 -66.55 -13.85
N ARG C 178 -42.85 -66.92 -13.48
CA ARG C 178 -42.40 -66.91 -12.10
C ARG C 178 -41.35 -65.83 -11.84
N GLY C 179 -41.29 -64.82 -12.70
CA GLY C 179 -40.27 -63.80 -12.56
C GLY C 179 -40.55 -62.84 -11.41
N ARG C 180 -39.46 -62.28 -10.88
CA ARG C 180 -39.50 -61.31 -9.79
C ARG C 180 -39.51 -59.89 -10.37
N ASN C 181 -40.57 -59.58 -11.11
CA ASN C 181 -40.80 -58.18 -11.42
C ASN C 181 -41.51 -57.48 -10.28
N LEU C 182 -41.93 -58.22 -9.26
CA LEU C 182 -42.56 -57.65 -8.08
C LEU C 182 -41.62 -57.75 -6.89
N VAL C 183 -41.76 -56.79 -5.99
CA VAL C 183 -40.93 -56.68 -4.79
C VAL C 183 -41.82 -56.32 -3.61
N THR C 184 -41.35 -56.67 -2.43
CA THR C 184 -42.06 -56.39 -1.19
C THR C 184 -41.29 -55.36 -0.38
N MET C 185 -42.01 -54.61 0.45
CA MET C 185 -41.40 -53.69 1.40
C MET C 185 -42.02 -53.94 2.77
N THR C 186 -41.18 -54.00 3.79
CA THR C 186 -41.61 -54.29 5.16
C THR C 186 -42.57 -53.21 5.67
N THR C 187 -43.17 -53.48 6.82
CA THR C 187 -43.89 -52.46 7.56
C THR C 187 -43.24 -52.21 8.92
N ALA C 188 -44.06 -51.95 9.93
CA ALA C 188 -43.50 -51.47 11.19
C ALA C 188 -44.04 -52.32 12.35
N PRO C 189 -44.63 -51.82 13.44
CA PRO C 189 -44.71 -52.68 14.65
C PRO C 189 -45.45 -53.97 14.34
N ARG C 190 -44.71 -55.07 14.39
CA ARG C 190 -45.12 -56.34 13.78
C ARG C 190 -46.20 -57.00 14.64
N GLY C 191 -47.40 -56.44 14.55
CA GLY C 191 -48.57 -56.95 15.25
C GLY C 191 -49.43 -55.89 15.89
N LEU C 192 -50.15 -56.28 16.94
CA LEU C 192 -51.03 -55.38 17.68
C LEU C 192 -50.82 -55.47 19.18
N GLN C 193 -49.76 -56.17 19.61
CA GLN C 193 -49.73 -56.71 20.96
C GLN C 193 -48.34 -57.29 21.20
N SER C 194 -47.88 -57.19 22.45
CA SER C 194 -46.57 -57.71 22.80
C SER C 194 -46.49 -59.20 22.51
N GLY C 195 -45.44 -59.61 21.81
CA GLY C 195 -45.25 -60.97 21.39
C GLY C 195 -45.53 -61.21 19.92
N ASP C 196 -46.40 -60.40 19.32
CA ASP C 196 -46.77 -60.59 17.93
C ASP C 196 -45.55 -60.39 17.02
N ARG C 197 -45.63 -61.02 15.85
CA ARG C 197 -44.63 -60.85 14.81
C ARG C 197 -45.30 -61.01 13.45
N ALA C 198 -46.41 -60.29 13.25
CA ALA C 198 -47.18 -60.31 12.01
C ALA C 198 -46.94 -59.01 11.26
N THR C 199 -46.49 -59.11 10.02
CA THR C 199 -45.97 -57.98 9.28
C THR C 199 -46.75 -57.81 7.99
N TRP C 200 -47.34 -56.64 7.80
CA TRP C 200 -47.89 -56.32 6.50
C TRP C 200 -46.74 -56.16 5.50
N PHE C 201 -46.99 -56.53 4.25
CA PHE C 201 -46.03 -56.31 3.18
C PHE C 201 -46.75 -55.79 1.96
N GLY C 202 -46.41 -54.58 1.55
CA GLY C 202 -46.87 -54.08 0.28
C GLY C 202 -46.13 -54.70 -0.88
N LEU C 203 -46.76 -54.67 -2.04
CA LEU C 203 -46.19 -55.22 -3.27
C LEU C 203 -46.02 -54.09 -4.28
N TYR C 204 -44.83 -54.00 -4.87
CA TYR C 204 -44.51 -52.94 -5.80
C TYR C 204 -43.84 -53.53 -7.03
N TYR C 205 -43.97 -52.81 -8.14
CA TYR C 205 -43.20 -53.13 -9.33
C TYR C 205 -41.72 -52.90 -9.06
N ASN C 206 -40.87 -53.84 -9.45
CA ASN C 206 -39.43 -53.72 -9.24
C ASN C 206 -38.85 -52.79 -10.32
N ILE C 207 -39.06 -51.49 -10.10
CA ILE C 207 -38.56 -50.48 -11.02
C ILE C 207 -37.03 -50.55 -11.08
N SER C 208 -36.49 -50.44 -12.29
CA SER C 208 -35.06 -50.49 -12.54
C SER C 208 -34.49 -49.07 -12.56
N GLY C 209 -33.57 -48.78 -11.65
CA GLY C 209 -32.88 -47.50 -11.64
C GLY C 209 -33.66 -46.34 -11.07
N ALA C 210 -34.77 -46.58 -10.37
CA ALA C 210 -35.55 -45.52 -9.76
C ALA C 210 -36.38 -46.11 -8.63
N GLY C 211 -37.03 -45.24 -7.87
CA GLY C 211 -37.74 -45.68 -6.69
C GLY C 211 -38.97 -46.50 -7.04
N PHE C 212 -39.08 -47.67 -6.43
CA PHE C 212 -40.29 -48.47 -6.55
C PHE C 212 -41.38 -47.99 -5.63
N PHE C 213 -41.01 -47.23 -4.60
CA PHE C 213 -41.95 -46.78 -3.57
C PHE C 213 -43.15 -46.04 -4.15
N LEU C 214 -43.04 -45.54 -5.38
CA LEU C 214 -44.11 -44.80 -6.04
C LEU C 214 -44.98 -45.69 -6.91
N HIS C 215 -44.82 -47.00 -6.82
CA HIS C 215 -45.49 -47.91 -7.73
C HIS C 215 -46.09 -49.08 -6.96
N HIS C 216 -46.92 -48.77 -5.98
CA HIS C 216 -47.70 -49.76 -5.24
C HIS C 216 -48.75 -50.37 -6.17
N VAL C 217 -48.74 -51.70 -6.32
CA VAL C 217 -49.69 -52.35 -7.23
C VAL C 217 -51.08 -52.49 -6.63
N GLY C 218 -51.25 -52.21 -5.34
CA GLY C 218 -52.53 -52.29 -4.68
C GLY C 218 -52.74 -53.50 -3.79
N LEU C 219 -51.69 -54.26 -3.50
CA LEU C 219 -51.80 -55.53 -2.79
C LEU C 219 -50.90 -55.53 -1.57
N GLU C 220 -51.48 -55.79 -0.40
CA GLU C 220 -50.73 -55.90 0.84
C GLU C 220 -51.08 -57.20 1.53
N LEU C 221 -50.06 -57.87 2.08
CA LEU C 221 -50.22 -59.18 2.71
C LEU C 221 -49.73 -59.12 4.14
N LEU C 222 -50.55 -59.63 5.07
CA LEU C 222 -50.20 -59.71 6.48
C LEU C 222 -49.58 -61.09 6.74
N VAL C 223 -48.25 -61.13 6.82
CA VAL C 223 -47.52 -62.38 7.03
C VAL C 223 -47.26 -62.57 8.51
N ASN C 224 -47.65 -63.73 9.03
CA ASN C 224 -47.34 -64.12 10.40
C ASN C 224 -46.07 -64.95 10.38
N HIS C 225 -44.97 -64.40 10.86
CA HIS C 225 -43.68 -65.08 10.87
C HIS C 225 -43.12 -65.18 12.28
N LYS C 226 -43.98 -65.42 13.27
CA LYS C 226 -43.49 -65.64 14.63
C LYS C 226 -42.87 -67.03 14.79
N ALA C 227 -43.38 -68.01 14.07
CA ALA C 227 -42.95 -69.39 14.25
C ALA C 227 -41.46 -69.53 13.96
N LEU C 228 -40.77 -70.24 14.85
CA LEU C 228 -39.35 -70.52 14.63
C LEU C 228 -39.13 -71.36 13.38
N ASP C 229 -40.15 -72.11 12.94
CA ASP C 229 -40.07 -72.92 11.73
C ASP C 229 -40.75 -72.17 10.59
N PRO C 230 -40.00 -71.66 9.60
CA PRO C 230 -40.62 -70.94 8.47
C PRO C 230 -41.70 -71.74 7.75
N ALA C 231 -41.66 -73.06 7.86
CA ALA C 231 -42.71 -73.88 7.27
C ALA C 231 -44.08 -73.52 7.83
N ARG C 232 -44.14 -73.20 9.13
CA ARG C 232 -45.40 -72.92 9.82
C ARG C 232 -45.89 -71.49 9.61
N TRP C 233 -45.14 -70.65 8.90
CA TRP C 233 -45.57 -69.28 8.65
C TRP C 233 -46.81 -69.28 7.75
N THR C 234 -47.76 -68.39 8.07
CA THR C 234 -49.02 -68.31 7.35
C THR C 234 -49.32 -66.86 6.96
N ILE C 235 -50.32 -66.68 6.10
CA ILE C 235 -50.86 -65.35 5.76
C ILE C 235 -52.23 -65.21 6.41
N GLN C 236 -52.34 -64.20 7.27
CA GLN C 236 -53.55 -63.98 8.05
C GLN C 236 -54.60 -63.20 7.27
N LYS C 237 -54.18 -62.23 6.45
CA LYS C 237 -55.13 -61.37 5.75
C LYS C 237 -54.51 -60.91 4.43
N VAL C 238 -55.39 -60.50 3.52
CA VAL C 238 -55.00 -60.00 2.19
C VAL C 238 -55.78 -58.73 1.93
N PHE C 239 -55.08 -57.68 1.53
CA PHE C 239 -55.69 -56.41 1.12
C PHE C 239 -55.39 -56.18 -0.34
N TYR C 240 -56.42 -55.99 -1.15
CA TYR C 240 -56.25 -55.72 -2.57
C TYR C 240 -57.17 -54.60 -3.01
N GLN C 241 -56.58 -53.56 -3.61
CA GLN C 241 -57.28 -52.44 -4.22
C GLN C 241 -58.56 -52.07 -3.51
N GLY C 242 -58.50 -51.89 -2.19
CA GLY C 242 -59.59 -51.34 -1.43
C GLY C 242 -60.40 -52.33 -0.61
N ARG C 243 -60.17 -53.62 -0.76
CA ARG C 243 -60.96 -54.61 -0.04
C ARG C 243 -60.06 -55.64 0.64
N TYR C 244 -60.56 -56.17 1.76
CA TYR C 244 -59.88 -57.24 2.48
C TYR C 244 -60.31 -58.61 1.96
N TYR C 245 -59.41 -59.57 2.13
CA TYR C 245 -59.72 -60.96 1.83
C TYR C 245 -59.02 -61.86 2.82
N ASP C 246 -59.49 -63.09 2.89
CA ASP C 246 -59.01 -64.04 3.89
C ASP C 246 -57.71 -64.70 3.45
N SER C 247 -57.49 -64.77 2.15
CA SER C 247 -56.39 -65.52 1.56
C SER C 247 -56.31 -65.13 0.10
N LEU C 248 -55.26 -65.59 -0.57
CA LEU C 248 -55.09 -65.29 -1.98
C LEU C 248 -56.09 -66.07 -2.84
N ALA C 249 -56.45 -67.28 -2.41
CA ALA C 249 -57.49 -68.02 -3.11
C ALA C 249 -58.83 -67.30 -3.00
N GLN C 250 -59.15 -66.78 -1.83
CA GLN C 250 -60.48 -66.22 -1.57
C GLN C 250 -60.73 -65.04 -2.51
N LEU C 251 -59.73 -64.17 -2.65
CA LEU C 251 -59.61 -63.19 -3.73
C LEU C 251 -59.73 -63.78 -5.12
N GLU C 252 -58.73 -64.59 -5.49
CA GLU C 252 -58.65 -65.21 -6.80
C GLU C 252 -59.97 -65.82 -7.23
N ALA C 253 -60.70 -66.40 -6.27
CA ALA C 253 -62.05 -66.87 -6.53
C ALA C 253 -62.94 -65.74 -7.02
N GLN C 254 -63.11 -64.71 -6.18
CA GLN C 254 -63.96 -63.59 -6.53
C GLN C 254 -63.50 -62.88 -7.80
N PHE C 255 -62.21 -62.96 -8.12
CA PHE C 255 -61.74 -62.39 -9.38
C PHE C 255 -62.28 -63.16 -10.57
N GLU C 256 -62.02 -64.47 -10.61
CA GLU C 256 -62.52 -65.29 -11.70
C GLU C 256 -64.04 -65.35 -11.73
N ALA C 257 -64.71 -65.11 -10.60
CA ALA C 257 -66.16 -64.99 -10.57
C ALA C 257 -66.66 -63.68 -11.15
N GLY C 258 -65.75 -62.79 -11.58
CA GLY C 258 -66.12 -61.56 -12.24
C GLY C 258 -66.50 -60.41 -11.34
N LEU C 259 -66.37 -60.55 -10.01
CA LEU C 259 -66.73 -59.46 -9.11
C LEU C 259 -65.54 -59.06 -8.24
N VAL C 260 -64.40 -58.80 -8.89
CA VAL C 260 -63.28 -58.05 -8.34
C VAL C 260 -62.73 -57.22 -9.49
N ASN C 261 -63.04 -55.93 -9.50
CA ASN C 261 -62.75 -55.07 -10.63
C ASN C 261 -61.35 -54.49 -10.47
N VAL C 262 -60.46 -54.83 -11.39
CA VAL C 262 -59.08 -54.35 -11.37
C VAL C 262 -59.01 -52.95 -11.93
N VAL C 263 -58.07 -52.17 -11.40
CA VAL C 263 -57.58 -50.94 -12.04
C VAL C 263 -56.15 -51.23 -12.47
N LEU C 264 -55.90 -51.26 -13.78
CA LEU C 264 -54.54 -51.37 -14.27
C LEU C 264 -53.60 -50.28 -13.77
N ILE C 265 -52.61 -50.73 -13.00
CA ILE C 265 -51.46 -49.91 -12.64
C ILE C 265 -50.39 -50.13 -13.71
N PRO C 266 -50.08 -49.13 -14.53
CA PRO C 266 -49.00 -49.32 -15.51
C PRO C 266 -47.69 -49.61 -14.81
N ASP C 267 -46.79 -50.25 -15.55
CA ASP C 267 -45.49 -50.64 -15.00
C ASP C 267 -44.33 -49.79 -15.53
N ASN C 268 -44.58 -48.89 -16.47
CA ASN C 268 -43.46 -48.21 -17.08
C ASN C 268 -43.94 -46.96 -17.81
N GLY C 269 -43.09 -45.94 -17.77
CA GLY C 269 -43.42 -44.65 -18.35
C GLY C 269 -42.24 -43.72 -18.28
N THR C 270 -42.52 -42.43 -18.41
CA THR C 270 -41.48 -41.42 -18.43
C THR C 270 -41.88 -40.25 -17.54
N GLY C 271 -40.92 -39.72 -16.78
CA GLY C 271 -41.13 -38.60 -15.89
C GLY C 271 -40.52 -38.85 -14.53
N GLY C 272 -40.82 -37.96 -13.59
CA GLY C 272 -40.31 -38.11 -12.24
C GLY C 272 -40.89 -39.29 -11.51
N SER C 273 -42.15 -39.65 -11.81
CA SER C 273 -42.74 -40.85 -11.25
C SER C 273 -41.92 -42.08 -11.59
N TRP C 274 -41.15 -42.01 -12.67
CA TRP C 274 -40.45 -43.17 -13.19
C TRP C 274 -38.93 -43.01 -13.23
N SER C 275 -38.40 -41.80 -13.06
CA SER C 275 -36.98 -41.57 -13.26
C SER C 275 -36.43 -40.57 -12.27
N LEU C 276 -35.11 -40.64 -12.07
CA LEU C 276 -34.32 -39.59 -11.44
C LEU C 276 -33.40 -38.88 -12.42
N LYS C 277 -33.15 -39.48 -13.58
CA LYS C 277 -32.29 -38.88 -14.59
C LYS C 277 -32.98 -37.69 -15.24
N SER C 278 -32.30 -36.56 -15.24
CA SER C 278 -32.90 -35.37 -15.85
C SER C 278 -32.83 -35.48 -17.37
N PRO C 279 -33.86 -35.01 -18.07
CA PRO C 279 -33.79 -34.92 -19.54
C PRO C 279 -33.03 -33.72 -20.04
N VAL C 280 -32.49 -32.90 -19.16
CA VAL C 280 -31.85 -31.63 -19.51
C VAL C 280 -30.34 -31.80 -19.37
N PRO C 281 -29.54 -31.47 -20.39
CA PRO C 281 -28.10 -31.69 -20.32
C PRO C 281 -27.44 -30.68 -19.40
N PRO C 282 -26.25 -31.00 -18.89
CA PRO C 282 -25.56 -30.06 -18.00
C PRO C 282 -25.32 -28.71 -18.67
N GLY C 283 -25.56 -27.65 -17.90
CA GLY C 283 -25.19 -26.31 -18.30
C GLY C 283 -23.86 -25.94 -17.70
N PRO C 284 -23.59 -24.64 -17.55
CA PRO C 284 -22.36 -24.20 -16.89
C PRO C 284 -22.30 -24.71 -15.45
N ALA C 285 -21.09 -25.02 -15.00
CA ALA C 285 -20.90 -25.65 -13.71
C ALA C 285 -21.42 -24.74 -12.58
N PRO C 286 -21.95 -25.34 -11.51
CA PRO C 286 -22.37 -24.55 -10.35
C PRO C 286 -21.17 -24.07 -9.55
N PRO C 287 -21.39 -23.19 -8.57
CA PRO C 287 -20.25 -22.67 -7.79
C PRO C 287 -19.50 -23.78 -7.05
N LEU C 288 -18.25 -23.48 -6.72
CA LEU C 288 -17.34 -24.43 -6.10
C LEU C 288 -16.50 -23.73 -5.04
N GLN C 289 -16.38 -24.32 -3.85
CA GLN C 289 -15.46 -23.83 -2.84
C GLN C 289 -14.15 -24.59 -2.84
N PHE C 290 -13.10 -23.88 -2.42
CA PHE C 290 -11.79 -24.47 -2.19
C PHE C 290 -11.07 -23.64 -1.15
N TYR C 291 -9.99 -24.20 -0.62
CA TYR C 291 -9.19 -23.57 0.43
C TYR C 291 -7.91 -23.02 -0.18
N PRO C 292 -7.82 -21.71 -0.45
CA PRO C 292 -6.72 -21.19 -1.28
C PRO C 292 -5.35 -21.35 -0.64
N GLN C 293 -5.27 -21.60 0.65
CA GLN C 293 -4.00 -21.74 1.35
C GLN C 293 -3.98 -23.05 2.14
N GLY C 294 -4.55 -24.10 1.57
CA GLY C 294 -4.66 -25.38 2.24
C GLY C 294 -5.85 -25.44 3.18
N PRO C 295 -6.22 -26.64 3.61
CA PRO C 295 -7.31 -26.77 4.58
C PRO C 295 -6.87 -26.31 5.95
N ARG C 296 -7.86 -25.92 6.77
CA ARG C 296 -7.62 -25.34 8.08
C ARG C 296 -8.09 -26.26 9.20
N PHE C 297 -8.15 -27.56 8.93
CA PHE C 297 -8.54 -28.54 9.93
C PHE C 297 -7.89 -29.87 9.58
N SER C 298 -7.89 -30.79 10.56
CA SER C 298 -7.29 -32.10 10.36
C SER C 298 -8.20 -33.17 10.93
N VAL C 299 -8.21 -34.33 10.27
CA VAL C 299 -8.94 -35.52 10.74
C VAL C 299 -7.91 -36.63 10.94
N GLN C 300 -7.65 -36.97 12.20
CA GLN C 300 -6.76 -38.07 12.57
C GLN C 300 -7.64 -39.15 13.20
N GLY C 301 -8.03 -40.12 12.39
CA GLY C 301 -8.88 -41.19 12.86
C GLY C 301 -10.26 -40.69 13.21
N SER C 302 -10.60 -40.74 14.50
CA SER C 302 -11.89 -40.25 14.96
C SER C 302 -11.81 -38.87 15.58
N ARG C 303 -10.63 -38.28 15.76
CA ARG C 303 -10.54 -36.89 16.19
C ARG C 303 -10.65 -35.99 14.97
N VAL C 304 -11.32 -34.86 15.16
CA VAL C 304 -11.17 -33.69 14.29
C VAL C 304 -10.55 -32.59 15.13
N ALA C 305 -9.62 -31.86 14.55
CA ALA C 305 -8.98 -30.74 15.22
C ALA C 305 -8.88 -29.56 14.27
N SER C 306 -9.22 -28.37 14.76
CA SER C 306 -9.11 -27.14 13.99
C SER C 306 -8.55 -26.06 14.89
N SER C 307 -8.54 -24.83 14.37
CA SER C 307 -8.15 -23.68 15.17
C SER C 307 -8.97 -23.61 16.44
N LEU C 308 -10.29 -23.71 16.31
CA LEU C 308 -11.21 -23.49 17.42
C LEU C 308 -11.74 -24.77 18.04
N TRP C 309 -11.95 -25.82 17.25
CA TRP C 309 -12.74 -26.96 17.68
C TRP C 309 -11.91 -28.23 17.81
N THR C 310 -12.37 -29.12 18.68
CA THR C 310 -11.72 -30.40 18.94
C THR C 310 -12.81 -31.37 19.40
N PHE C 311 -12.94 -32.51 18.73
CA PHE C 311 -13.96 -33.48 19.09
C PHE C 311 -13.65 -34.82 18.43
N SER C 312 -14.23 -35.88 19.00
CA SER C 312 -14.23 -37.21 18.42
C SER C 312 -15.62 -37.52 17.87
N PHE C 313 -15.68 -38.23 16.74
CA PHE C 313 -16.95 -38.55 16.09
C PHE C 313 -17.03 -40.05 15.83
N GLY C 314 -18.21 -40.48 15.38
CA GLY C 314 -18.43 -41.89 15.08
C GLY C 314 -19.90 -42.16 14.79
N LEU C 315 -20.20 -43.44 14.63
CA LEU C 315 -21.56 -43.94 14.46
C LEU C 315 -21.84 -45.12 15.38
N GLY C 316 -22.92 -45.01 16.15
CA GLY C 316 -23.54 -46.21 16.68
C GLY C 316 -24.27 -46.93 15.58
N ALA C 317 -24.19 -48.26 15.62
CA ALA C 317 -24.80 -49.06 14.55
C ALA C 317 -26.31 -48.83 14.47
N PHE C 318 -26.96 -48.65 15.61
CA PHE C 318 -28.40 -48.45 15.67
C PHE C 318 -28.79 -47.04 16.07
N SER C 319 -28.05 -46.42 16.98
CA SER C 319 -28.39 -45.07 17.44
C SER C 319 -28.00 -44.00 16.43
N GLY C 320 -26.91 -44.20 15.69
CA GLY C 320 -26.53 -43.30 14.64
C GLY C 320 -25.40 -42.36 15.02
N PRO C 321 -25.36 -41.18 14.39
CA PRO C 321 -24.21 -40.29 14.56
C PRO C 321 -24.06 -39.78 15.99
N ARG C 322 -22.82 -39.52 16.38
CA ARG C 322 -22.50 -39.11 17.73
C ARG C 322 -21.16 -38.40 17.74
N ILE C 323 -20.97 -37.55 18.76
CA ILE C 323 -19.78 -36.71 18.89
C ILE C 323 -19.44 -36.59 20.37
N PHE C 324 -18.14 -36.66 20.68
CA PHE C 324 -17.68 -36.71 22.05
C PHE C 324 -16.56 -35.71 22.29
N ASP C 325 -16.42 -35.30 23.55
CA ASP C 325 -15.29 -34.49 24.02
C ASP C 325 -15.09 -33.24 23.16
N VAL C 326 -16.17 -32.50 22.96
CA VAL C 326 -16.12 -31.29 22.16
C VAL C 326 -15.49 -30.17 22.96
N ARG C 327 -14.45 -29.56 22.39
CA ARG C 327 -13.68 -28.53 23.07
C ARG C 327 -13.57 -27.30 22.18
N PHE C 328 -14.11 -26.18 22.64
CA PHE C 328 -13.91 -24.89 21.98
C PHE C 328 -12.71 -24.22 22.59
N GLN C 329 -11.69 -23.94 21.77
CA GLN C 329 -10.43 -23.36 22.21
C GLN C 329 -9.90 -24.06 23.45
N GLY C 330 -9.97 -25.39 23.47
CA GLY C 330 -9.36 -26.18 24.51
C GLY C 330 -10.25 -26.55 25.68
N GLU C 331 -11.41 -25.93 25.81
CA GLU C 331 -12.29 -26.13 26.95
C GLU C 331 -13.51 -26.96 26.55
N ARG C 332 -13.81 -27.98 27.36
CA ARG C 332 -14.93 -28.86 27.04
C ARG C 332 -16.26 -28.16 27.28
N LEU C 333 -17.11 -28.17 26.25
CA LEU C 333 -18.49 -27.72 26.35
C LEU C 333 -19.45 -28.87 26.61
N VAL C 334 -19.27 -29.96 25.88
CA VAL C 334 -20.20 -31.09 25.88
C VAL C 334 -19.42 -32.39 25.87
N TYR C 335 -19.81 -33.33 26.74
CA TYR C 335 -19.21 -34.66 26.77
C TYR C 335 -19.72 -35.53 25.63
N GLU C 336 -21.00 -35.37 25.26
CA GLU C 336 -21.62 -36.26 24.29
C GLU C 336 -22.83 -35.59 23.66
N ILE C 337 -22.87 -35.58 22.33
CA ILE C 337 -24.08 -35.27 21.56
C ILE C 337 -24.27 -36.43 20.59
N SER C 338 -25.37 -37.17 20.77
CA SER C 338 -25.59 -38.36 19.95
C SER C 338 -27.05 -38.41 19.51
N LEU C 339 -27.27 -38.84 18.28
CA LEU C 339 -28.61 -39.22 17.85
C LEU C 339 -29.06 -40.43 18.66
N GLN C 340 -30.33 -40.42 19.06
CA GLN C 340 -30.87 -41.44 19.94
C GLN C 340 -31.92 -42.31 19.28
N GLU C 341 -32.79 -41.72 18.46
CA GLU C 341 -33.88 -42.43 17.84
C GLU C 341 -34.49 -41.56 16.76
N ALA C 342 -35.09 -42.20 15.75
CA ALA C 342 -35.87 -41.53 14.74
C ALA C 342 -37.23 -42.21 14.64
N LEU C 343 -38.25 -41.45 14.28
CA LEU C 343 -39.62 -41.95 14.33
C LEU C 343 -40.42 -41.42 13.15
N ALA C 344 -41.14 -42.31 12.47
CA ALA C 344 -42.01 -41.96 11.36
C ALA C 344 -43.35 -42.63 11.57
N ILE C 345 -44.38 -41.84 11.87
CA ILE C 345 -45.73 -42.36 12.11
C ILE C 345 -46.60 -41.98 10.92
N TYR C 346 -47.29 -42.96 10.38
CA TYR C 346 -48.03 -42.80 9.14
C TYR C 346 -49.53 -42.87 9.37
N GLY C 347 -50.27 -42.33 8.40
CA GLY C 347 -51.67 -42.61 8.26
C GLY C 347 -51.98 -42.91 6.80
N GLY C 348 -53.06 -43.64 6.58
CA GLY C 348 -53.36 -43.99 5.20
C GLY C 348 -54.71 -44.66 5.08
N ASN C 349 -55.06 -44.95 3.83
CA ASN C 349 -56.29 -45.65 3.49
C ASN C 349 -56.10 -47.15 3.39
N SER C 350 -54.86 -47.64 3.43
CA SER C 350 -54.54 -49.05 3.39
C SER C 350 -53.95 -49.52 4.71
N PRO C 351 -53.93 -50.83 4.97
CA PRO C 351 -53.43 -51.30 6.28
C PRO C 351 -51.95 -51.01 6.51
N ALA C 352 -51.11 -51.09 5.48
CA ALA C 352 -49.69 -50.81 5.66
C ALA C 352 -49.46 -49.38 6.14
N ALA C 353 -49.99 -48.40 5.39
CA ALA C 353 -49.79 -47.01 5.75
C ALA C 353 -50.41 -46.67 7.11
N MET C 354 -51.63 -47.12 7.36
CA MET C 354 -52.37 -46.64 8.53
C MET C 354 -51.94 -47.26 9.84
N THR C 355 -51.08 -48.28 9.83
CA THR C 355 -50.55 -48.86 11.06
C THR C 355 -49.03 -48.80 11.14
N THR C 356 -48.36 -48.21 10.15
CA THR C 356 -46.90 -48.13 10.16
C THR C 356 -46.44 -47.10 11.19
N ARG C 357 -45.54 -47.53 12.08
CA ARG C 357 -44.83 -46.66 13.01
C ARG C 357 -43.38 -47.15 13.06
N TYR C 358 -42.53 -46.56 12.21
CA TYR C 358 -41.13 -46.95 12.15
C TYR C 358 -40.35 -46.38 13.34
N VAL C 359 -39.76 -47.27 14.13
CA VAL C 359 -38.77 -46.88 15.14
C VAL C 359 -37.41 -47.23 14.55
N ASP C 360 -36.87 -46.33 13.73
CA ASP C 360 -35.78 -46.66 12.81
C ASP C 360 -34.54 -47.20 13.52
N GLY C 361 -34.38 -46.94 14.81
CA GLY C 361 -33.30 -47.57 15.56
C GLY C 361 -33.39 -49.08 15.56
N GLY C 362 -34.60 -49.63 15.46
CA GLY C 362 -34.78 -51.07 15.31
C GLY C 362 -34.18 -51.62 14.03
N PHE C 363 -33.93 -50.75 13.05
CA PHE C 363 -33.19 -51.12 11.84
C PHE C 363 -31.72 -50.71 11.95
N GLY C 364 -31.44 -49.45 12.27
CA GLY C 364 -30.09 -48.99 12.50
C GLY C 364 -29.72 -47.78 11.67
N MET C 365 -29.56 -46.61 12.31
CA MET C 365 -29.16 -45.41 11.58
C MET C 365 -27.70 -45.50 11.12
N GLY C 366 -26.85 -46.17 11.89
CA GLY C 366 -25.49 -46.42 11.44
C GLY C 366 -25.43 -47.58 10.47
N LYS C 367 -26.16 -48.65 10.79
CA LYS C 367 -26.19 -49.84 9.94
C LYS C 367 -26.59 -49.51 8.50
N TYR C 368 -27.44 -48.50 8.32
CA TYR C 368 -27.92 -48.10 7.00
C TYR C 368 -27.30 -46.79 6.53
N THR C 369 -26.11 -46.46 7.02
CA THR C 369 -25.39 -45.31 6.49
C THR C 369 -24.93 -45.62 5.07
N THR C 370 -25.23 -44.70 4.16
CA THR C 370 -24.88 -44.87 2.76
C THR C 370 -23.68 -43.99 2.40
N PRO C 371 -22.95 -44.35 1.34
CA PRO C 371 -21.81 -43.52 0.92
C PRO C 371 -22.26 -42.13 0.47
N LEU C 372 -21.45 -41.15 0.80
CA LEU C 372 -21.73 -39.77 0.46
C LEU C 372 -21.18 -39.47 -0.92
N THR C 373 -22.06 -39.11 -1.86
CA THR C 373 -21.62 -38.75 -3.20
C THR C 373 -20.90 -37.41 -3.18
N ARG C 374 -19.58 -37.46 -3.37
CA ARG C 374 -18.68 -36.33 -3.52
C ARG C 374 -19.20 -35.28 -4.50
N GLY C 375 -19.57 -34.10 -4.00
CA GLY C 375 -20.06 -33.02 -4.82
C GLY C 375 -21.56 -32.78 -4.75
N VAL C 376 -22.32 -33.81 -4.35
CA VAL C 376 -23.76 -33.69 -4.15
C VAL C 376 -24.12 -33.71 -2.67
N ASP C 377 -23.65 -34.71 -1.95
CA ASP C 377 -24.00 -34.84 -0.54
C ASP C 377 -23.21 -33.86 0.31
N CYS C 378 -21.96 -33.63 -0.06
CA CYS C 378 -21.07 -32.67 0.57
C CYS C 378 -20.37 -31.90 -0.52
N PRO C 379 -19.68 -30.81 -0.19
CA PRO C 379 -18.85 -30.14 -1.20
C PRO C 379 -17.76 -31.08 -1.72
N TYR C 380 -17.40 -30.87 -3.00
CA TYR C 380 -16.43 -31.75 -3.66
C TYR C 380 -15.16 -31.93 -2.84
N LEU C 381 -14.62 -30.82 -2.32
CA LEU C 381 -13.32 -30.84 -1.65
C LEU C 381 -13.43 -31.16 -0.16
N ALA C 382 -14.55 -31.75 0.27
CA ALA C 382 -14.65 -32.21 1.64
C ALA C 382 -13.69 -33.37 1.90
N THR C 383 -13.44 -33.63 3.18
CA THR C 383 -12.65 -34.79 3.57
C THR C 383 -13.60 -35.93 3.91
N TYR C 384 -13.53 -37.00 3.13
CA TYR C 384 -14.44 -38.13 3.27
C TYR C 384 -13.77 -39.26 4.02
N VAL C 385 -14.54 -39.94 4.87
CA VAL C 385 -14.03 -40.90 5.82
C VAL C 385 -14.89 -42.16 5.76
N ASP C 386 -14.25 -43.32 5.88
CA ASP C 386 -14.93 -44.61 5.82
C ASP C 386 -15.35 -45.07 7.22
N TRP C 387 -16.38 -45.90 7.26
CA TRP C 387 -16.89 -46.50 8.50
C TRP C 387 -16.79 -48.01 8.40
N HIS C 388 -16.22 -48.64 9.44
CA HIS C 388 -16.14 -50.09 9.53
C HIS C 388 -17.19 -50.59 10.51
N PHE C 389 -17.82 -51.71 10.18
CA PHE C 389 -18.89 -52.24 11.01
C PHE C 389 -18.91 -53.76 10.91
N LEU C 390 -19.59 -54.38 11.87
CA LEU C 390 -19.79 -55.83 11.88
C LEU C 390 -21.24 -56.08 12.29
N LEU C 391 -22.11 -56.28 11.30
CA LEU C 391 -23.55 -56.38 11.51
C LEU C 391 -24.12 -57.44 10.58
N GLU C 392 -24.76 -58.45 11.16
CA GLU C 392 -25.43 -59.52 10.41
C GLU C 392 -24.46 -60.25 9.47
N SER C 393 -23.24 -60.50 9.93
CA SER C 393 -22.25 -61.25 9.16
C SER C 393 -21.13 -61.67 10.10
N GLN C 394 -20.16 -62.41 9.56
CA GLN C 394 -19.02 -62.87 10.34
C GLN C 394 -17.73 -62.11 10.04
N ALA C 395 -17.63 -61.46 8.89
CA ALA C 395 -16.47 -60.62 8.67
C ALA C 395 -16.87 -59.15 8.66
N PRO C 396 -16.04 -58.26 9.21
CA PRO C 396 -16.39 -56.83 9.20
C PRO C 396 -16.35 -56.26 7.80
N LYS C 397 -17.20 -55.26 7.57
CA LYS C 397 -17.32 -54.59 6.28
C LYS C 397 -17.04 -53.10 6.45
N THR C 398 -17.12 -52.37 5.34
CA THR C 398 -16.83 -50.95 5.33
C THR C 398 -17.85 -50.22 4.47
N ILE C 399 -18.36 -49.11 5.00
CA ILE C 399 -19.09 -48.14 4.19
C ILE C 399 -18.09 -47.04 3.82
N ARG C 400 -17.73 -46.99 2.53
CA ARG C 400 -16.79 -45.98 2.06
C ARG C 400 -17.47 -44.62 1.96
N ASP C 401 -16.77 -43.59 2.43
CA ASP C 401 -17.29 -42.22 2.44
C ASP C 401 -18.56 -42.11 3.28
N ALA C 402 -18.55 -42.73 4.46
CA ALA C 402 -19.72 -42.66 5.34
C ALA C 402 -19.86 -41.28 5.96
N PHE C 403 -18.74 -40.69 6.38
CA PHE C 403 -18.71 -39.34 6.92
C PHE C 403 -18.04 -38.39 5.93
N CYS C 404 -18.39 -37.12 6.03
CA CYS C 404 -17.63 -36.06 5.39
C CYS C 404 -17.45 -34.93 6.39
N VAL C 405 -16.28 -34.30 6.32
CA VAL C 405 -15.90 -33.21 7.21
C VAL C 405 -15.35 -32.08 6.34
N PHE C 406 -15.89 -30.87 6.53
CA PHE C 406 -15.51 -29.77 5.64
C PHE C 406 -15.81 -28.43 6.29
N GLU C 407 -15.15 -27.40 5.76
CA GLU C 407 -15.43 -26.02 6.07
C GLU C 407 -16.30 -25.42 4.97
N GLN C 408 -17.32 -24.66 5.36
CA GLN C 408 -18.22 -24.01 4.42
C GLN C 408 -18.25 -22.51 4.69
N ASN C 409 -17.91 -21.73 3.67
CA ASN C 409 -18.12 -20.28 3.70
C ASN C 409 -19.62 -20.01 3.54
N GLN C 410 -20.24 -19.46 4.58
CA GLN C 410 -21.68 -19.27 4.57
C GLN C 410 -22.15 -18.19 3.60
N GLY C 411 -21.22 -17.42 3.05
CA GLY C 411 -21.63 -16.24 2.30
C GLY C 411 -22.47 -15.30 3.13
N LEU C 412 -22.10 -15.11 4.39
CA LEU C 412 -23.02 -14.42 5.26
C LEU C 412 -22.02 -13.86 6.24
N PRO C 413 -22.18 -12.65 6.77
CA PRO C 413 -21.30 -12.27 7.88
C PRO C 413 -21.69 -12.92 9.22
N LEU C 414 -20.66 -13.31 9.98
CA LEU C 414 -20.87 -13.67 11.39
C LEU C 414 -21.26 -12.45 12.20
N ARG C 415 -20.54 -11.34 12.03
CA ARG C 415 -20.84 -10.07 12.67
C ARG C 415 -20.38 -8.95 11.77
N ARG C 416 -20.86 -7.74 12.05
CA ARG C 416 -20.72 -6.62 11.15
C ARG C 416 -21.06 -5.35 11.88
N HIS C 417 -20.32 -4.28 11.59
CA HIS C 417 -20.85 -2.95 11.82
C HIS C 417 -20.22 -1.95 10.86
N HIS C 418 -21.06 -1.10 10.26
CA HIS C 418 -20.63 -0.02 9.38
C HIS C 418 -21.07 1.30 10.00
N SER C 419 -20.10 2.15 10.35
CA SER C 419 -20.37 3.35 11.14
C SER C 419 -20.23 4.59 10.26
N ASP C 420 -21.34 5.28 10.05
CA ASP C 420 -21.37 6.60 9.44
C ASP C 420 -21.49 7.72 10.46
N LEU C 421 -21.52 7.38 11.74
CA LEU C 421 -21.94 8.30 12.78
C LEU C 421 -20.79 8.54 13.74
N TYR C 422 -20.33 9.79 13.81
CA TYR C 422 -19.34 10.26 14.77
C TYR C 422 -17.94 9.68 14.57
N SER C 423 -17.82 8.56 13.89
CA SER C 423 -16.51 7.99 13.62
C SER C 423 -16.69 6.95 12.54
N HIS C 424 -15.89 7.07 11.48
CA HIS C 424 -16.05 6.29 10.27
C HIS C 424 -15.14 5.06 10.32
N TYR C 425 -15.75 3.88 10.43
CA TYR C 425 -15.01 2.63 10.55
C TYR C 425 -15.89 1.47 10.10
N PHE C 426 -15.26 0.36 9.74
CA PHE C 426 -15.94 -0.90 9.46
C PHE C 426 -15.26 -2.03 10.22
N GLY C 427 -16.06 -2.93 10.77
CA GLY C 427 -15.55 -4.10 11.47
C GLY C 427 -16.48 -5.29 11.32
N GLY C 428 -15.99 -6.34 10.67
CA GLY C 428 -16.83 -7.50 10.44
C GLY C 428 -16.05 -8.79 10.33
N LEU C 429 -16.75 -9.86 9.97
CA LEU C 429 -16.18 -11.19 9.84
C LEU C 429 -17.14 -12.12 9.11
N ALA C 430 -16.73 -12.62 7.95
CA ALA C 430 -17.55 -13.58 7.23
C ALA C 430 -17.61 -14.89 8.01
N GLU C 431 -18.80 -15.50 8.05
CA GLU C 431 -18.97 -16.72 8.82
C GLU C 431 -18.52 -17.92 8.01
N THR C 432 -17.56 -18.66 8.55
CA THR C 432 -17.14 -19.95 8.02
C THR C 432 -17.37 -21.00 9.10
N VAL C 433 -18.10 -22.06 8.77
CA VAL C 433 -18.49 -23.06 9.74
C VAL C 433 -17.78 -24.37 9.44
N LEU C 434 -17.74 -25.23 10.45
CA LEU C 434 -17.15 -26.56 10.35
C LEU C 434 -18.28 -27.58 10.48
N VAL C 435 -18.40 -28.46 9.48
CA VAL C 435 -19.52 -29.38 9.37
C VAL C 435 -19.04 -30.81 9.52
N VAL C 436 -19.89 -31.65 10.11
CA VAL C 436 -19.72 -33.10 10.11
C VAL C 436 -21.05 -33.70 9.69
N ARG C 437 -21.03 -34.64 8.75
CA ARG C 437 -22.27 -35.11 8.15
C ARG C 437 -22.23 -36.60 7.85
N SER C 438 -23.31 -37.28 8.21
CA SER C 438 -23.56 -38.66 7.81
C SER C 438 -24.93 -38.72 7.15
N MET C 439 -25.20 -39.80 6.43
CA MET C 439 -26.52 -39.98 5.84
C MET C 439 -26.97 -41.43 6.00
N SER C 440 -28.21 -41.59 6.46
CA SER C 440 -28.83 -42.89 6.65
C SER C 440 -29.97 -43.04 5.65
N THR C 441 -29.88 -44.06 4.80
CA THR C 441 -30.97 -44.42 3.88
C THR C 441 -31.74 -45.61 4.45
N LEU C 442 -32.90 -45.33 5.01
CA LEU C 442 -33.77 -46.33 5.62
C LEU C 442 -34.95 -46.55 4.69
N LEU C 443 -34.90 -47.63 3.91
CA LEU C 443 -35.92 -47.93 2.91
C LEU C 443 -36.09 -46.75 1.96
N ASN C 444 -37.27 -46.12 1.97
CA ASN C 444 -37.56 -45.05 1.03
C ASN C 444 -36.79 -43.75 1.26
N TPQ C 445 -36.63 -43.35 2.52
CA TPQ C 445 -36.07 -42.04 2.77
CB TPQ C 445 -36.86 -41.20 3.82
C TPQ C 445 -34.63 -42.03 3.26
O TPQ C 445 -34.03 -42.95 3.83
C1 TPQ C 445 -37.57 -42.00 4.83
C2 TPQ C 445 -39.03 -41.70 5.01
O2 TPQ C 445 -39.61 -40.83 4.34
C3 TPQ C 445 -39.75 -42.48 6.03
C4 TPQ C 445 -39.10 -43.41 6.76
O4 TPQ C 445 -39.80 -44.11 7.71
C5 TPQ C 445 -37.65 -43.72 6.60
O5 TPQ C 445 -37.11 -44.57 7.29
C6 TPQ C 445 -36.95 -42.92 5.58
N ASP C 446 -34.08 -40.85 3.00
CA ASP C 446 -32.69 -40.51 3.28
C ASP C 446 -32.60 -39.46 4.36
N TYR C 447 -32.05 -39.81 5.50
CA TYR C 447 -31.82 -38.81 6.53
C TYR C 447 -30.43 -38.23 6.38
N VAL C 448 -30.35 -36.91 6.52
CA VAL C 448 -29.08 -36.19 6.60
C VAL C 448 -28.91 -35.75 8.05
N TRP C 449 -27.72 -35.97 8.60
CA TRP C 449 -27.41 -35.65 9.99
C TRP C 449 -26.29 -34.60 10.02
N ASP C 450 -26.66 -33.35 10.29
CA ASP C 450 -25.73 -32.24 10.34
C ASP C 450 -25.34 -31.93 11.77
N THR C 451 -24.04 -31.73 12.00
CA THR C 451 -23.55 -31.08 13.21
C THR C 451 -22.63 -29.96 12.76
N VAL C 452 -23.04 -28.71 13.03
CA VAL C 452 -22.36 -27.53 12.52
C VAL C 452 -21.72 -26.80 13.69
N PHE C 453 -20.43 -26.54 13.58
CA PHE C 453 -19.66 -25.84 14.61
C PHE C 453 -19.39 -24.42 14.15
N HIS C 454 -19.88 -23.44 14.91
CA HIS C 454 -19.83 -22.05 14.49
C HIS C 454 -18.67 -21.31 15.17
N PRO C 455 -18.13 -20.28 14.52
CA PRO C 455 -16.99 -19.57 15.11
C PRO C 455 -17.35 -18.72 16.32
N SER C 456 -18.64 -18.61 16.67
CA SER C 456 -19.04 -17.91 17.87
C SER C 456 -18.98 -18.77 19.12
N GLY C 457 -18.65 -20.05 18.98
CA GLY C 457 -18.74 -20.98 20.08
C GLY C 457 -20.04 -21.76 20.12
N ALA C 458 -20.93 -21.56 19.16
CA ALA C 458 -22.22 -22.23 19.13
C ALA C 458 -22.13 -23.54 18.34
N ILE C 459 -22.96 -24.50 18.73
CA ILE C 459 -23.10 -25.78 18.04
C ILE C 459 -24.52 -25.85 17.50
N GLU C 460 -24.67 -26.45 16.32
CA GLU C 460 -25.95 -26.56 15.65
C GLU C 460 -26.19 -27.99 15.22
N ILE C 461 -27.37 -28.51 15.53
CA ILE C 461 -27.80 -29.85 15.16
C ILE C 461 -29.05 -29.71 14.31
N ARG C 462 -28.94 -30.12 13.06
CA ARG C 462 -29.94 -30.06 12.01
C ARG C 462 -29.99 -31.39 11.30
N PHE C 463 -31.17 -31.93 10.99
CA PHE C 463 -31.20 -33.27 10.44
C PHE C 463 -32.06 -32.90 9.23
N TYR C 464 -31.95 -33.56 8.08
CA TYR C 464 -32.92 -33.33 7.01
C TYR C 464 -33.50 -34.66 6.54
N ALA C 465 -34.74 -34.62 6.09
CA ALA C 465 -35.40 -35.78 5.51
C ALA C 465 -35.54 -35.53 4.01
N THR C 466 -34.94 -36.40 3.21
CA THR C 466 -35.03 -36.31 1.76
C THR C 466 -35.31 -37.71 1.24
N GLY C 467 -35.09 -37.91 -0.06
CA GLY C 467 -35.35 -39.21 -0.64
C GLY C 467 -36.80 -39.38 -1.05
N TYR C 468 -37.15 -40.63 -1.31
CA TYR C 468 -38.47 -40.95 -1.81
C TYR C 468 -39.49 -40.96 -0.68
N ILE C 469 -40.71 -40.53 -0.99
CA ILE C 469 -41.83 -40.75 -0.09
C ILE C 469 -42.31 -42.19 -0.20
N SER C 470 -43.09 -42.62 0.78
CA SER C 470 -43.77 -43.91 0.71
C SER C 470 -45.18 -43.68 0.19
N SER C 471 -45.59 -44.50 -0.77
CA SER C 471 -46.87 -44.30 -1.44
C SER C 471 -47.76 -45.51 -1.25
N ALA C 472 -49.04 -45.30 -1.55
CA ALA C 472 -50.04 -46.35 -1.55
C ALA C 472 -50.90 -46.22 -2.81
N PHE C 473 -51.62 -47.28 -3.13
CA PHE C 473 -52.54 -47.22 -4.25
C PHE C 473 -53.72 -46.33 -3.91
N LEU C 474 -54.10 -45.47 -4.86
CA LEU C 474 -55.15 -44.50 -4.61
C LEU C 474 -56.51 -45.12 -4.87
N PHE C 475 -57.44 -44.90 -3.95
CA PHE C 475 -58.81 -45.39 -4.10
C PHE C 475 -59.72 -44.54 -3.24
N GLY C 476 -61.02 -44.62 -3.53
CA GLY C 476 -62.08 -43.84 -2.90
C GLY C 476 -61.78 -43.22 -1.56
N ALA C 477 -61.10 -42.07 -1.58
CA ALA C 477 -60.75 -41.35 -0.36
C ALA C 477 -60.65 -39.87 -0.69
N THR C 478 -61.13 -39.03 0.22
CA THR C 478 -61.23 -37.58 -0.01
C THR C 478 -60.13 -36.82 0.73
N GLY C 479 -58.88 -37.26 0.55
CA GLY C 479 -57.75 -36.54 1.11
C GLY C 479 -57.60 -36.61 2.61
N LYS C 480 -58.44 -37.40 3.32
CA LYS C 480 -58.24 -37.59 4.75
C LYS C 480 -56.85 -38.15 5.07
N TYR C 481 -56.17 -38.72 4.08
CA TYR C 481 -54.93 -39.45 4.31
C TYR C 481 -53.80 -39.01 3.39
N GLY C 482 -53.94 -37.91 2.67
CA GLY C 482 -52.87 -37.38 1.86
C GLY C 482 -53.39 -36.80 0.57
N ASN C 483 -52.45 -36.47 -0.32
CA ASN C 483 -52.73 -35.90 -1.62
C ASN C 483 -52.39 -36.91 -2.71
N GLN C 484 -53.10 -36.81 -3.84
CA GLN C 484 -52.70 -37.59 -5.01
C GLN C 484 -51.48 -36.92 -5.63
N VAL C 485 -50.39 -37.66 -5.77
CA VAL C 485 -49.16 -37.12 -6.32
C VAL C 485 -48.90 -37.57 -7.75
N SER C 486 -49.26 -38.79 -8.12
CA SER C 486 -49.12 -39.23 -9.50
C SER C 486 -50.30 -40.14 -9.84
N GLU C 487 -50.29 -40.68 -11.06
CA GLU C 487 -51.36 -41.55 -11.53
C GLU C 487 -51.53 -42.74 -10.59
N HIS C 488 -52.68 -42.81 -9.92
CA HIS C 488 -53.08 -43.92 -9.05
C HIS C 488 -52.29 -43.97 -7.75
N THR C 489 -51.64 -42.88 -7.35
CA THR C 489 -50.66 -42.94 -6.27
C THR C 489 -51.05 -41.96 -5.18
N LEU C 490 -51.30 -42.49 -3.98
CA LEU C 490 -51.56 -41.66 -2.81
C LEU C 490 -50.25 -41.42 -2.06
N GLY C 491 -49.94 -40.15 -1.81
CA GLY C 491 -48.83 -39.81 -0.93
C GLY C 491 -49.30 -39.82 0.50
N THR C 492 -48.86 -40.82 1.26
CA THR C 492 -49.41 -41.05 2.60
C THR C 492 -48.87 -40.04 3.59
N VAL C 493 -49.79 -39.41 4.32
CA VAL C 493 -49.42 -38.47 5.37
C VAL C 493 -48.61 -39.16 6.45
N HIS C 494 -47.66 -38.43 7.03
CA HIS C 494 -46.82 -38.97 8.09
C HIS C 494 -46.09 -37.83 8.80
N THR C 495 -45.53 -38.16 9.96
CA THR C 495 -44.72 -37.23 10.74
C THR C 495 -43.33 -37.80 10.90
N HIS C 496 -42.33 -36.91 10.86
CA HIS C 496 -40.97 -37.23 11.23
C HIS C 496 -40.69 -36.59 12.59
N SER C 497 -39.87 -37.28 13.39
CA SER C 497 -39.42 -36.73 14.65
C SER C 497 -38.20 -37.52 15.12
N ALA C 498 -37.19 -36.81 15.63
CA ALA C 498 -35.97 -37.44 16.09
C ALA C 498 -35.60 -36.91 17.46
N HIS C 499 -34.79 -37.69 18.17
CA HIS C 499 -34.49 -37.43 19.56
C HIS C 499 -32.97 -37.33 19.68
N PHE C 500 -32.48 -36.38 20.49
CA PHE C 500 -31.05 -36.16 20.63
C PHE C 500 -30.68 -36.13 22.10
N LYS C 501 -29.59 -36.83 22.45
CA LYS C 501 -29.00 -36.77 23.77
C LYS C 501 -27.92 -35.70 23.76
N VAL C 502 -28.06 -34.69 24.61
CA VAL C 502 -27.12 -33.58 24.70
C VAL C 502 -26.61 -33.55 26.13
N ASP C 503 -25.40 -34.09 26.34
CA ASP C 503 -24.79 -34.14 27.68
C ASP C 503 -23.80 -32.98 27.80
N LEU C 504 -24.36 -31.80 28.02
CA LEU C 504 -23.53 -30.62 28.23
C LEU C 504 -22.86 -30.70 29.59
N ASP C 505 -21.57 -30.32 29.64
CA ASP C 505 -20.82 -30.17 30.89
C ASP C 505 -20.31 -28.74 30.91
N VAL C 506 -21.19 -27.82 31.30
CA VAL C 506 -20.94 -26.39 31.17
C VAL C 506 -19.99 -25.96 32.30
N ALA C 507 -18.73 -25.71 31.95
CA ALA C 507 -17.71 -25.29 32.92
C ALA C 507 -17.64 -26.23 34.12
N GLY C 508 -17.68 -27.53 33.83
CA GLY C 508 -17.68 -28.56 34.84
C GLY C 508 -18.91 -29.44 34.76
N LEU C 509 -18.93 -30.44 35.64
CA LEU C 509 -20.07 -31.37 35.70
C LEU C 509 -21.30 -30.70 36.28
N GLU C 510 -21.17 -30.15 37.49
CA GLU C 510 -22.31 -29.62 38.22
C GLU C 510 -22.97 -28.49 37.44
N ASN C 511 -24.23 -28.71 37.03
CA ASN C 511 -24.96 -27.73 36.23
C ASN C 511 -26.35 -27.51 36.81
N TRP C 512 -26.90 -26.34 36.51
CA TRP C 512 -28.26 -25.95 36.87
C TRP C 512 -29.01 -25.58 35.60
N VAL C 513 -30.34 -25.58 35.69
CA VAL C 513 -31.20 -25.25 34.55
C VAL C 513 -31.91 -23.94 34.85
N TRP C 514 -31.76 -22.98 33.93
CA TRP C 514 -32.35 -21.66 34.06
C TRP C 514 -33.40 -21.43 32.98
N ALA C 515 -34.45 -20.70 33.34
CA ALA C 515 -35.47 -20.27 32.39
C ALA C 515 -35.68 -18.78 32.54
N GLU C 516 -35.41 -18.03 31.47
CA GLU C 516 -35.62 -16.60 31.42
C GLU C 516 -36.60 -16.27 30.30
N ASP C 517 -37.38 -15.22 30.49
CA ASP C 517 -38.40 -14.84 29.53
C ASP C 517 -38.83 -13.40 29.85
N MET C 518 -39.88 -12.91 29.20
CA MET C 518 -40.22 -11.49 29.27
C MET C 518 -41.63 -11.23 29.79
N VAL C 519 -41.86 -10.00 30.24
CA VAL C 519 -43.17 -9.58 30.73
C VAL C 519 -43.23 -8.06 30.70
N PHE C 520 -44.44 -7.52 30.51
CA PHE C 520 -44.71 -6.09 30.59
C PHE C 520 -45.45 -5.79 31.87
N VAL C 521 -45.12 -4.66 32.51
CA VAL C 521 -45.73 -4.25 33.77
C VAL C 521 -46.21 -2.81 33.66
N PRO C 522 -47.51 -2.54 33.84
CA PRO C 522 -47.99 -1.15 33.84
C PRO C 522 -47.34 -0.32 34.94
N MET C 523 -47.07 0.94 34.64
CA MET C 523 -46.42 1.86 35.56
C MET C 523 -46.79 3.30 35.22
N ALA C 524 -46.91 4.12 36.26
CA ALA C 524 -46.92 5.56 36.03
C ALA C 524 -45.54 6.00 35.54
N VAL C 525 -45.54 6.89 34.56
CA VAL C 525 -44.31 7.48 34.06
C VAL C 525 -43.65 8.26 35.19
N PRO C 526 -42.40 7.94 35.57
CA PRO C 526 -41.77 8.64 36.70
C PRO C 526 -41.78 10.16 36.58
N TRP C 527 -41.51 10.70 35.39
CA TRP C 527 -41.45 12.14 35.20
C TRP C 527 -42.78 12.74 34.73
N SER C 528 -43.87 11.97 34.72
CA SER C 528 -45.18 12.47 34.35
C SER C 528 -46.26 11.48 34.77
N PRO C 529 -46.47 11.29 36.08
CA PRO C 529 -47.35 10.20 36.54
C PRO C 529 -48.78 10.28 36.04
N GLU C 530 -49.19 11.36 35.38
CA GLU C 530 -50.50 11.37 34.72
C GLU C 530 -50.57 10.39 33.56
N HIS C 531 -49.45 9.77 33.17
CA HIS C 531 -49.39 8.91 32.00
C HIS C 531 -49.00 7.49 32.41
N GLN C 532 -49.26 6.56 31.50
CA GLN C 532 -49.08 5.13 31.72
C GLN C 532 -48.06 4.62 30.72
N LEU C 533 -47.03 3.92 31.19
CA LEU C 533 -46.21 3.15 30.27
C LEU C 533 -46.32 1.65 30.56
N GLN C 534 -45.84 0.88 29.58
CA GLN C 534 -45.69 -0.56 29.70
C GLN C 534 -44.20 -0.86 29.87
N ARG C 535 -43.81 -1.27 31.08
CA ARG C 535 -42.42 -1.43 31.45
C ARG C 535 -41.96 -2.86 31.13
N LEU C 536 -41.11 -3.00 30.12
CA LEU C 536 -40.59 -4.31 29.76
C LEU C 536 -39.60 -4.80 30.80
N GLN C 537 -39.79 -6.04 31.25
CA GLN C 537 -38.92 -6.65 32.25
C GLN C 537 -38.57 -8.08 31.86
N VAL C 538 -37.52 -8.60 32.51
CA VAL C 538 -37.09 -9.97 32.36
C VAL C 538 -37.55 -10.77 33.56
N THR C 539 -38.17 -11.92 33.32
CA THR C 539 -38.48 -12.88 34.37
C THR C 539 -37.47 -14.02 34.33
N ARG C 540 -37.07 -14.49 35.51
CA ARG C 540 -36.05 -15.52 35.63
C ARG C 540 -36.45 -16.51 36.71
N LYS C 541 -36.39 -17.81 36.39
CA LYS C 541 -36.73 -18.86 37.32
C LYS C 541 -35.71 -19.98 37.22
N LEU C 542 -35.30 -20.51 38.37
CA LEU C 542 -34.43 -21.67 38.44
C LEU C 542 -35.31 -22.92 38.45
N LEU C 543 -35.08 -23.82 37.50
CA LEU C 543 -35.84 -25.07 37.41
C LEU C 543 -35.16 -26.10 38.30
N GLU C 544 -35.81 -26.45 39.40
CA GLU C 544 -35.23 -27.24 40.47
C GLU C 544 -35.38 -28.73 40.26
N MET C 545 -36.60 -29.18 39.98
CA MET C 545 -36.90 -30.59 39.87
C MET C 545 -36.92 -30.99 38.40
N GLU C 546 -36.65 -32.28 38.15
CA GLU C 546 -36.68 -32.80 36.78
C GLU C 546 -37.99 -32.46 36.08
N GLU C 547 -39.09 -32.55 36.82
CA GLU C 547 -40.41 -32.35 36.23
C GLU C 547 -40.59 -30.92 35.74
N GLN C 548 -39.95 -29.95 36.41
CA GLN C 548 -40.03 -28.58 35.95
C GLN C 548 -39.29 -28.35 34.64
N ALA C 549 -38.39 -29.25 34.28
CA ALA C 549 -37.62 -29.13 33.05
C ALA C 549 -38.14 -30.05 31.95
N ALA C 550 -39.29 -30.67 32.15
CA ALA C 550 -39.88 -31.54 31.14
C ALA C 550 -41.00 -30.78 30.44
N PHE C 551 -40.75 -30.36 29.20
CA PHE C 551 -41.70 -29.57 28.43
C PHE C 551 -42.35 -30.45 27.37
N LEU C 552 -43.65 -30.69 27.52
CA LEU C 552 -44.39 -31.50 26.56
C LEU C 552 -44.61 -30.74 25.26
N VAL C 553 -44.88 -31.48 24.20
CA VAL C 553 -45.14 -30.86 22.90
C VAL C 553 -46.47 -30.14 22.95
N GLY C 554 -46.47 -28.87 22.53
CA GLY C 554 -47.62 -28.00 22.59
C GLY C 554 -47.59 -27.02 23.76
N SER C 555 -46.86 -27.34 24.82
CA SER C 555 -46.74 -26.46 25.96
C SER C 555 -46.01 -25.17 25.57
N ALA C 556 -46.25 -24.13 26.35
CA ALA C 556 -45.48 -22.90 26.21
C ALA C 556 -44.08 -23.11 26.73
N THR C 557 -43.10 -22.55 26.05
CA THR C 557 -41.70 -22.79 26.34
C THR C 557 -40.99 -21.47 26.64
N PRO C 558 -40.14 -21.41 27.66
CA PRO C 558 -39.36 -20.18 27.91
C PRO C 558 -38.53 -19.80 26.68
N ARG C 559 -38.50 -18.51 26.31
CA ARG C 559 -37.81 -18.29 25.03
C ARG C 559 -36.32 -18.42 25.26
N TYR C 560 -35.90 -18.24 26.52
CA TYR C 560 -34.51 -18.45 26.93
C TYR C 560 -34.46 -19.59 27.93
N LEU C 561 -33.81 -20.70 27.56
CA LEU C 561 -33.60 -21.79 28.49
C LEU C 561 -32.16 -22.27 28.34
N TYR C 562 -31.43 -22.32 29.45
CA TYR C 562 -30.01 -22.62 29.39
C TYR C 562 -29.58 -23.44 30.60
N LEU C 563 -28.47 -24.15 30.43
CA LEU C 563 -27.79 -24.87 31.50
C LEU C 563 -26.52 -24.11 31.83
N ALA C 564 -26.27 -23.90 33.12
CA ALA C 564 -25.17 -23.05 33.56
C ALA C 564 -24.44 -23.69 34.74
N SER C 565 -23.18 -23.27 34.93
CA SER C 565 -22.39 -23.67 36.08
C SER C 565 -22.69 -22.77 37.28
N ASN C 566 -22.12 -23.12 38.43
CA ASN C 566 -22.36 -22.19 39.52
C ASN C 566 -21.35 -21.07 39.54
N HIS C 567 -20.27 -21.19 38.77
CA HIS C 567 -19.31 -20.11 38.67
C HIS C 567 -19.90 -18.97 37.85
N SER C 568 -19.13 -17.90 37.71
CA SER C 568 -19.57 -16.73 36.98
C SER C 568 -18.50 -16.34 35.97
N ASN C 569 -18.93 -15.62 34.95
CA ASN C 569 -17.98 -14.99 34.03
C ASN C 569 -17.45 -13.72 34.69
N LYS C 570 -16.75 -12.88 33.92
CA LYS C 570 -16.16 -11.68 34.49
C LYS C 570 -17.20 -10.74 35.08
N TRP C 571 -18.41 -10.74 34.52
CA TRP C 571 -19.46 -9.80 34.92
C TRP C 571 -20.47 -10.44 35.88
N GLY C 572 -20.08 -11.51 36.57
CA GLY C 572 -20.89 -12.06 37.64
C GLY C 572 -22.07 -12.90 37.22
N HIS C 573 -22.21 -13.22 35.93
CA HIS C 573 -23.35 -14.05 35.59
C HIS C 573 -22.94 -15.50 35.48
N PRO C 574 -23.81 -16.43 35.90
CA PRO C 574 -23.50 -17.85 35.76
C PRO C 574 -23.15 -18.20 34.32
N ARG C 575 -22.03 -18.89 34.15
CA ARG C 575 -21.57 -19.30 32.82
C ARG C 575 -22.49 -20.40 32.30
N GLY C 576 -23.24 -20.12 31.25
CA GLY C 576 -24.15 -21.11 30.71
C GLY C 576 -24.10 -21.20 29.20
N TYR C 577 -24.54 -22.35 28.68
CA TYR C 577 -25.14 -22.38 27.36
C TYR C 577 -26.63 -22.65 27.39
N ARG C 578 -27.23 -22.30 26.26
CA ARG C 578 -28.65 -22.14 26.03
C ARG C 578 -29.10 -23.02 24.88
N ILE C 579 -30.24 -23.67 25.07
CA ILE C 579 -30.85 -24.51 24.05
C ILE C 579 -31.90 -23.67 23.33
N GLN C 580 -31.79 -23.63 22.01
CA GLN C 580 -32.69 -22.89 21.13
C GLN C 580 -33.15 -23.84 20.04
N MET C 581 -34.47 -24.03 19.92
CA MET C 581 -35.01 -25.09 19.07
C MET C 581 -35.67 -24.55 17.80
N LEU C 582 -35.26 -25.11 16.67
CA LEU C 582 -35.93 -24.93 15.38
C LEU C 582 -36.71 -26.21 15.12
N SER C 583 -37.97 -26.25 15.58
CA SER C 583 -38.77 -27.45 15.43
C SER C 583 -40.21 -27.09 15.10
N PHE C 584 -40.80 -27.84 14.17
CA PHE C 584 -42.21 -27.72 13.79
C PHE C 584 -42.99 -28.95 14.23
N ALA C 585 -42.68 -29.45 15.43
CA ALA C 585 -43.02 -30.81 15.84
C ALA C 585 -44.49 -31.14 15.63
N GLY C 586 -44.75 -32.34 15.10
CA GLY C 586 -46.10 -32.80 14.87
C GLY C 586 -46.79 -33.25 16.15
N GLU C 587 -48.11 -33.39 16.04
CA GLU C 587 -48.90 -33.90 17.15
C GLU C 587 -48.45 -35.31 17.51
N PRO C 588 -48.15 -35.59 18.76
CA PRO C 588 -47.60 -36.90 19.12
C PRO C 588 -48.64 -38.01 19.15
N LEU C 589 -48.14 -39.24 19.02
CA LEU C 589 -49.01 -40.41 19.15
C LEU C 589 -49.64 -40.40 20.53
N PRO C 590 -50.96 -40.56 20.64
CA PRO C 590 -51.65 -40.40 21.92
C PRO C 590 -51.15 -41.40 22.96
N GLN C 591 -51.37 -41.05 24.23
CA GLN C 591 -51.03 -41.96 25.32
C GLN C 591 -51.96 -43.16 25.37
N ASN C 592 -53.20 -43.00 24.90
CA ASN C 592 -54.17 -44.09 24.95
C ASN C 592 -53.65 -45.33 24.23
N SER C 593 -52.85 -45.13 23.19
CA SER C 593 -52.27 -46.25 22.45
C SER C 593 -51.26 -46.97 23.34
N SER C 594 -51.46 -48.28 23.50
CA SER C 594 -50.48 -49.10 24.19
C SER C 594 -49.10 -48.99 23.56
N MET C 595 -49.07 -48.61 22.27
CA MET C 595 -47.82 -48.53 21.52
C MET C 595 -46.95 -47.36 21.98
N ALA C 596 -47.56 -46.32 22.55
CA ALA C 596 -46.86 -45.05 22.74
C ALA C 596 -45.66 -45.17 23.67
N ARG C 597 -45.68 -46.12 24.60
CA ARG C 597 -44.59 -46.24 25.56
C ARG C 597 -43.27 -46.57 24.91
N GLY C 598 -43.27 -47.18 23.72
CA GLY C 598 -42.04 -47.49 23.01
C GLY C 598 -41.30 -46.30 22.46
N PHE C 599 -41.94 -45.14 22.39
CA PHE C 599 -41.27 -43.92 21.95
C PHE C 599 -41.90 -42.73 22.67
N SER C 600 -42.04 -42.85 23.99
CA SER C 600 -42.62 -41.79 24.79
C SER C 600 -41.85 -40.47 24.72
N TRP C 601 -40.62 -40.49 24.16
CA TRP C 601 -39.86 -39.26 23.99
C TRP C 601 -40.47 -38.30 22.97
N GLU C 602 -41.10 -38.84 21.92
CA GLU C 602 -42.00 -38.04 21.09
C GLU C 602 -42.92 -37.06 21.83
N ARG C 603 -43.44 -37.41 23.00
CA ARG C 603 -44.39 -36.52 23.63
C ARG C 603 -43.75 -35.22 24.12
N TYR C 604 -42.42 -35.16 24.22
CA TYR C 604 -41.71 -34.01 24.76
C TYR C 604 -41.02 -33.24 23.65
N GLN C 605 -40.77 -31.95 23.91
CA GLN C 605 -39.90 -31.13 23.06
C GLN C 605 -38.47 -31.13 23.58
N LEU C 606 -38.33 -31.06 24.90
CA LEU C 606 -37.03 -30.96 25.56
C LEU C 606 -37.20 -31.44 26.99
N ALA C 607 -36.17 -32.13 27.50
CA ALA C 607 -36.20 -32.62 28.86
C ALA C 607 -34.78 -32.71 29.40
N VAL C 608 -34.60 -32.24 30.64
CA VAL C 608 -33.31 -32.31 31.33
C VAL C 608 -33.47 -33.29 32.48
N THR C 609 -32.61 -34.31 32.51
CA THR C 609 -32.61 -35.30 33.57
C THR C 609 -31.21 -35.42 34.15
N GLN C 610 -31.14 -36.01 35.35
CA GLN C 610 -29.85 -36.41 35.89
C GLN C 610 -29.20 -37.42 34.96
N ARG C 611 -27.96 -37.15 34.57
CA ARG C 611 -27.22 -38.13 33.77
C ARG C 611 -26.82 -39.30 34.64
N LYS C 612 -27.06 -40.51 34.14
CA LYS C 612 -26.83 -41.72 34.92
C LYS C 612 -26.27 -42.77 33.98
N GLU C 613 -25.31 -43.55 34.49
CA GLU C 613 -24.72 -44.62 33.68
C GLU C 613 -25.77 -45.63 33.25
N GLU C 614 -26.69 -45.99 34.14
CA GLU C 614 -27.76 -46.93 33.81
C GLU C 614 -28.88 -46.29 32.99
N GLU C 615 -28.74 -45.04 32.56
CA GLU C 615 -29.70 -44.38 31.67
C GLU C 615 -28.95 -43.83 30.45
N PRO C 616 -28.38 -44.71 29.61
CA PRO C 616 -27.52 -44.22 28.51
C PRO C 616 -28.29 -43.85 27.25
N SER C 617 -29.52 -44.33 27.10
CA SER C 617 -30.25 -44.10 25.86
C SER C 617 -31.75 -44.01 26.10
N SER C 618 -32.41 -43.20 25.26
CA SER C 618 -33.84 -43.00 25.35
C SER C 618 -34.63 -44.06 24.61
N SER C 619 -33.98 -44.87 23.78
CA SER C 619 -34.66 -45.89 22.99
C SER C 619 -33.83 -47.16 23.02
N SER C 620 -34.30 -48.16 22.26
CA SER C 620 -33.61 -49.44 22.13
C SER C 620 -33.93 -50.03 20.78
N VAL C 621 -32.99 -50.81 20.24
CA VAL C 621 -33.23 -51.47 18.97
C VAL C 621 -34.38 -52.47 19.09
N PHE C 622 -34.71 -52.88 20.31
CA PHE C 622 -35.74 -53.89 20.58
C PHE C 622 -37.13 -53.29 20.77
N ASN C 623 -37.26 -51.96 20.68
CA ASN C 623 -38.59 -51.35 20.81
C ASN C 623 -39.39 -51.44 19.52
N GLN C 624 -38.71 -51.42 18.37
CA GLN C 624 -39.40 -51.47 17.09
C GLN C 624 -40.35 -52.66 16.98
N ASN C 625 -39.90 -53.83 17.42
CA ASN C 625 -40.70 -55.04 17.25
C ASN C 625 -41.61 -55.33 18.44
N ASP C 626 -41.37 -54.70 19.59
CA ASP C 626 -42.25 -54.84 20.76
C ASP C 626 -42.34 -53.51 21.48
N PRO C 627 -43.07 -52.54 20.91
CA PRO C 627 -43.28 -51.28 21.62
C PRO C 627 -44.30 -51.37 22.73
N TRP C 628 -45.17 -52.39 22.71
CA TRP C 628 -46.16 -52.54 23.76
C TRP C 628 -45.51 -52.92 25.08
N ALA C 629 -44.48 -53.76 25.03
CA ALA C 629 -43.66 -54.06 26.19
C ALA C 629 -42.28 -53.48 25.95
N PRO C 630 -42.11 -52.16 26.09
CA PRO C 630 -40.88 -51.52 25.63
C PRO C 630 -39.66 -52.00 26.41
N THR C 631 -38.56 -52.19 25.68
CA THR C 631 -37.30 -52.47 26.35
C THR C 631 -36.77 -51.23 27.07
N VAL C 632 -36.85 -50.08 26.42
CA VAL C 632 -36.53 -48.78 27.02
C VAL C 632 -37.75 -47.88 26.90
N ASP C 633 -38.17 -47.29 28.02
CA ASP C 633 -39.28 -46.36 28.07
C ASP C 633 -38.74 -45.04 28.58
N PHE C 634 -38.66 -44.04 27.69
CA PHE C 634 -37.98 -42.80 28.04
C PHE C 634 -38.63 -42.09 29.21
N SER C 635 -39.97 -42.05 29.24
CA SER C 635 -40.69 -41.30 30.26
C SER C 635 -40.28 -41.69 31.67
N ASP C 636 -39.71 -42.89 31.85
CA ASP C 636 -39.26 -43.33 33.17
C ASP C 636 -38.06 -42.53 33.66
N PHE C 637 -37.31 -41.88 32.76
CA PHE C 637 -36.15 -41.10 33.19
C PHE C 637 -36.56 -39.85 33.95
N ILE C 638 -37.72 -39.30 33.63
CA ILE C 638 -38.24 -38.10 34.27
C ILE C 638 -38.93 -38.56 35.55
N ASN C 639 -38.21 -38.48 36.66
CA ASN C 639 -38.66 -39.18 37.85
C ASN C 639 -38.54 -38.33 39.12
N ASN C 640 -38.68 -37.00 39.01
CA ASN C 640 -38.94 -36.13 40.16
C ASN C 640 -37.79 -36.20 41.15
N GLU C 641 -36.61 -35.88 40.63
CA GLU C 641 -35.36 -35.68 41.35
C GLU C 641 -34.96 -34.22 41.25
N THR C 642 -33.88 -33.89 41.94
CA THR C 642 -33.25 -32.59 41.75
C THR C 642 -32.46 -32.57 40.45
N ILE C 643 -32.49 -31.41 39.76
CA ILE C 643 -31.56 -31.11 38.70
C ILE C 643 -30.73 -29.87 39.03
N ALA C 644 -30.69 -29.53 40.32
CA ALA C 644 -30.01 -28.32 40.80
C ALA C 644 -28.62 -28.73 41.30
N GLY C 645 -27.64 -28.64 40.41
CA GLY C 645 -26.26 -28.89 40.78
C GLY C 645 -25.79 -30.30 40.57
N LYS C 646 -26.22 -30.92 39.48
CA LYS C 646 -25.85 -32.28 39.14
C LYS C 646 -25.21 -32.31 37.76
N ASP C 647 -24.69 -33.48 37.42
CA ASP C 647 -24.36 -33.79 36.03
C ASP C 647 -25.67 -33.92 35.26
N LEU C 648 -25.97 -32.94 34.41
CA LEU C 648 -27.23 -32.91 33.71
C LEU C 648 -27.09 -33.42 32.28
N VAL C 649 -28.21 -33.80 31.70
CA VAL C 649 -28.27 -34.23 30.30
C VAL C 649 -29.60 -33.77 29.71
N ALA C 650 -29.53 -33.08 28.58
CA ALA C 650 -30.72 -32.54 27.92
C ALA C 650 -31.13 -33.46 26.78
N TRP C 651 -32.43 -33.72 26.68
CA TRP C 651 -33.00 -34.61 25.68
C TRP C 651 -33.89 -33.78 24.76
N VAL C 652 -33.47 -33.57 23.52
CA VAL C 652 -34.15 -32.66 22.60
C VAL C 652 -34.87 -33.48 21.54
N THR C 653 -36.15 -33.18 21.34
CA THR C 653 -36.96 -33.79 20.28
C THR C 653 -37.24 -32.74 19.21
N ALA C 654 -36.98 -33.10 17.95
CA ALA C 654 -37.26 -32.21 16.84
C ALA C 654 -37.93 -32.99 15.73
N GLY C 655 -38.93 -32.37 15.09
CA GLY C 655 -39.65 -33.05 14.03
C GLY C 655 -40.63 -32.11 13.36
N PHE C 656 -41.46 -32.69 12.50
CA PHE C 656 -42.42 -31.92 11.73
C PHE C 656 -43.41 -32.86 11.07
N LEU C 657 -44.53 -32.30 10.62
CA LEU C 657 -45.55 -33.04 9.90
C LEU C 657 -45.34 -32.89 8.40
N HIS C 658 -45.52 -33.98 7.66
CA HIS C 658 -45.32 -34.00 6.22
C HIS C 658 -46.59 -34.48 5.53
N ILE C 659 -47.23 -33.59 4.79
CA ILE C 659 -48.32 -33.97 3.90
C ILE C 659 -47.75 -33.97 2.49
N PRO C 660 -47.50 -35.14 1.90
CA PRO C 660 -46.85 -35.18 0.58
C PRO C 660 -47.66 -34.45 -0.48
N HIS C 661 -46.95 -33.90 -1.46
CA HIS C 661 -47.55 -33.12 -2.53
C HIS C 661 -46.77 -33.34 -3.81
N ALA C 662 -47.22 -32.69 -4.89
CA ALA C 662 -46.67 -32.96 -6.22
C ALA C 662 -45.17 -32.64 -6.30
N GLU C 663 -44.70 -31.64 -5.57
CA GLU C 663 -43.29 -31.27 -5.61
C GLU C 663 -42.40 -32.26 -4.87
N ASP C 664 -42.86 -33.49 -4.74
CA ASP C 664 -42.25 -34.42 -3.81
C ASP C 664 -42.17 -35.81 -4.46
N ILE C 665 -42.00 -35.81 -5.78
CA ILE C 665 -42.17 -36.95 -6.70
C ILE C 665 -40.88 -37.26 -7.45
N PRO C 666 -39.88 -36.38 -7.49
CA PRO C 666 -38.53 -36.83 -7.80
C PRO C 666 -37.82 -37.31 -6.54
N ASN C 667 -37.76 -36.44 -5.53
CA ASN C 667 -37.68 -36.82 -4.11
C ASN C 667 -38.27 -35.70 -3.28
N THR C 668 -38.08 -35.79 -1.97
CA THR C 668 -38.33 -34.68 -1.08
C THR C 668 -37.14 -33.73 -1.10
N VAL C 669 -37.41 -32.45 -1.31
CA VAL C 669 -36.35 -31.46 -1.23
C VAL C 669 -36.07 -31.13 0.23
N THR C 670 -34.83 -30.74 0.51
CA THR C 670 -34.44 -30.38 1.87
C THR C 670 -34.85 -28.96 2.24
N VAL C 671 -35.31 -28.16 1.26
CA VAL C 671 -35.58 -26.74 1.50
C VAL C 671 -36.65 -26.56 2.56
N GLY C 672 -36.29 -25.90 3.67
CA GLY C 672 -37.21 -25.62 4.74
C GLY C 672 -37.55 -26.77 5.65
N ASN C 673 -37.21 -28.01 5.28
CA ASN C 673 -37.50 -29.19 6.08
C ASN C 673 -36.40 -29.49 7.09
N GLY C 674 -35.37 -28.66 7.16
CA GLY C 674 -34.35 -28.82 8.18
C GLY C 674 -34.89 -28.45 9.54
N VAL C 675 -34.66 -29.31 10.52
CA VAL C 675 -35.23 -29.15 11.84
C VAL C 675 -34.17 -29.56 12.85
N GLY C 676 -34.17 -28.91 14.01
CA GLY C 676 -33.12 -29.20 14.99
C GLY C 676 -33.05 -28.15 16.08
N PHE C 677 -31.82 -27.89 16.53
CA PHE C 677 -31.64 -26.99 17.67
C PHE C 677 -30.23 -26.41 17.67
N PHE C 678 -30.09 -25.25 18.32
CA PHE C 678 -28.82 -24.57 18.53
C PHE C 678 -28.37 -24.72 19.97
N LEU C 679 -27.05 -24.71 20.17
CA LEU C 679 -26.44 -24.62 21.49
C LEU C 679 -25.55 -23.38 21.50
N ARG C 680 -25.98 -22.34 22.21
CA ARG C 680 -25.31 -21.05 22.09
C ARG C 680 -24.79 -20.55 23.44
N PRO C 681 -23.62 -19.92 23.45
CA PRO C 681 -23.10 -19.36 24.71
C PRO C 681 -23.93 -18.21 25.25
N TYR C 682 -24.19 -18.27 26.55
CA TYR C 682 -24.98 -17.24 27.23
C TYR C 682 -24.27 -16.90 28.53
N ASN C 683 -23.48 -15.82 28.49
CA ASN C 683 -22.63 -15.41 29.61
C ASN C 683 -21.62 -16.50 29.99
N PHE C 684 -21.28 -17.35 29.03
CA PHE C 684 -20.22 -18.33 29.24
C PHE C 684 -18.84 -17.69 29.14
N PHE C 685 -18.64 -16.84 28.14
CA PHE C 685 -17.40 -16.11 27.98
C PHE C 685 -17.49 -14.76 28.68
N ASP C 686 -16.39 -14.01 28.62
CA ASP C 686 -16.41 -12.61 29.01
C ASP C 686 -16.67 -11.70 27.82
N GLU C 687 -16.49 -12.23 26.60
CA GLU C 687 -16.85 -11.56 25.37
C GLU C 687 -16.83 -12.59 24.26
N ASP C 688 -17.63 -12.35 23.24
CA ASP C 688 -17.49 -13.07 21.98
C ASP C 688 -16.08 -13.35 21.49
N PRO C 689 -15.76 -14.64 21.41
CA PRO C 689 -14.41 -15.06 21.01
C PRO C 689 -14.06 -14.70 19.59
N SER C 690 -15.04 -14.43 18.71
CA SER C 690 -14.68 -14.04 17.35
C SER C 690 -14.10 -12.63 17.28
N PHE C 691 -14.09 -11.89 18.38
CA PHE C 691 -13.29 -10.67 18.43
C PHE C 691 -11.82 -10.98 18.19
N TYR C 692 -11.35 -12.11 18.73
CA TYR C 692 -9.98 -12.58 18.54
C TYR C 692 -9.78 -13.31 17.22
N SER C 693 -10.78 -13.29 16.34
CA SER C 693 -10.69 -14.08 15.11
C SER C 693 -9.50 -13.65 14.27
N ALA C 694 -8.74 -14.64 13.78
CA ALA C 694 -7.65 -14.35 12.87
C ALA C 694 -8.16 -13.83 11.52
N ASP C 695 -9.45 -14.01 11.25
CA ASP C 695 -10.03 -13.61 9.97
C ASP C 695 -10.90 -12.36 10.06
N SER C 696 -10.99 -11.74 11.23
CA SER C 696 -11.84 -10.57 11.36
C SER C 696 -11.23 -9.39 10.62
N ILE C 697 -12.09 -8.68 9.89
CA ILE C 697 -11.67 -7.54 9.07
C ILE C 697 -12.01 -6.26 9.82
N TYR C 698 -11.10 -5.30 9.79
CA TYR C 698 -11.34 -4.00 10.41
C TYR C 698 -10.48 -2.95 9.73
N PHE C 699 -11.09 -1.79 9.47
CA PHE C 699 -10.35 -0.66 8.91
C PHE C 699 -11.15 0.62 9.15
N ARG C 700 -10.43 1.71 9.44
CA ARG C 700 -11.06 3.01 9.64
C ARG C 700 -11.28 3.70 8.29
N GLY C 701 -12.07 4.79 8.34
CA GLY C 701 -12.36 5.52 7.13
C GLY C 701 -11.18 6.32 6.61
N ASP C 702 -10.32 6.79 7.49
CA ASP C 702 -9.10 7.47 7.07
C ASP C 702 -8.01 6.50 6.65
N GLN C 703 -8.16 5.21 6.90
CA GLN C 703 -7.20 4.21 6.45
C GLN C 703 -7.49 3.78 5.00
N ASP C 704 -6.57 2.98 4.47
CA ASP C 704 -6.64 2.51 3.09
C ASP C 704 -7.19 1.09 3.11
N ALA C 705 -8.46 0.94 2.70
CA ALA C 705 -9.09 -0.38 2.72
C ALA C 705 -8.51 -1.30 1.67
N GLY C 706 -7.96 -0.75 0.58
CA GLY C 706 -7.28 -1.56 -0.41
C GLY C 706 -5.85 -1.90 -0.07
N ALA C 707 -5.31 -1.31 0.99
CA ALA C 707 -3.96 -1.62 1.43
C ALA C 707 -3.96 -3.00 2.08
N CYS C 708 -3.24 -3.95 1.47
CA CYS C 708 -3.16 -5.30 2.03
C CYS C 708 -2.67 -5.27 3.47
N GLU C 709 -1.72 -4.36 3.77
CA GLU C 709 -1.30 -4.10 5.14
C GLU C 709 -2.51 -3.99 6.05
N VAL C 710 -3.45 -3.13 5.67
CA VAL C 710 -4.58 -2.78 6.51
C VAL C 710 -5.65 -3.86 6.48
N ASN C 711 -5.95 -4.37 5.29
CA ASN C 711 -7.14 -5.21 5.08
C ASN C 711 -6.74 -6.49 4.36
N PRO C 712 -6.77 -7.64 5.05
CA PRO C 712 -6.36 -8.90 4.40
C PRO C 712 -7.15 -9.25 3.15
N LEU C 713 -8.39 -8.78 3.03
CA LEU C 713 -9.16 -9.08 1.82
C LEU C 713 -8.49 -8.54 0.58
N ALA C 714 -7.69 -7.49 0.73
CA ALA C 714 -7.03 -6.89 -0.43
C ALA C 714 -5.99 -7.85 -1.01
N CYS C 715 -5.34 -8.64 -0.17
CA CYS C 715 -4.38 -9.61 -0.67
C CYS C 715 -5.03 -10.90 -1.10
N LEU C 716 -6.35 -11.03 -0.95
CA LEU C 716 -7.04 -12.23 -1.42
C LEU C 716 -6.84 -12.48 -2.91
N PRO C 717 -6.93 -11.49 -3.80
CA PRO C 717 -6.64 -11.77 -5.22
C PRO C 717 -5.26 -12.34 -5.46
N GLN C 718 -4.26 -11.93 -4.68
CA GLN C 718 -2.93 -12.47 -4.84
C GLN C 718 -2.85 -13.92 -4.34
N ALA C 719 -3.45 -14.18 -3.18
CA ALA C 719 -3.34 -15.50 -2.58
C ALA C 719 -4.23 -16.53 -3.28
N ALA C 720 -5.40 -16.09 -3.74
CA ALA C 720 -6.33 -16.98 -4.42
C ALA C 720 -6.06 -17.07 -5.92
N ALA C 721 -4.87 -16.67 -6.37
CA ALA C 721 -4.52 -16.75 -7.79
C ALA C 721 -3.83 -18.09 -8.06
N CYS C 722 -4.62 -19.15 -7.89
CA CYS C 722 -4.15 -20.50 -8.16
C CYS C 722 -5.34 -21.39 -8.50
N ALA C 723 -5.12 -22.31 -9.45
CA ALA C 723 -6.12 -23.31 -9.74
C ALA C 723 -6.11 -24.40 -8.68
N PRO C 724 -7.26 -24.97 -8.35
CA PRO C 724 -7.29 -26.03 -7.33
C PRO C 724 -6.60 -27.29 -7.80
N ASP C 725 -6.53 -28.31 -6.93
CA ASP C 725 -6.01 -29.61 -7.30
C ASP C 725 -6.98 -30.69 -6.86
N LEU C 726 -8.27 -30.43 -7.09
CA LEU C 726 -9.45 -31.25 -6.84
C LEU C 726 -9.30 -32.67 -7.40
N PRO C 727 -9.25 -33.67 -6.53
CA PRO C 727 -8.92 -35.03 -6.95
C PRO C 727 -9.97 -35.61 -7.90
N ALA C 728 -9.62 -36.76 -8.47
CA ALA C 728 -10.48 -37.44 -9.43
C ALA C 728 -11.68 -38.08 -8.72
N PHE C 729 -12.83 -38.03 -9.37
CA PHE C 729 -14.07 -38.44 -8.72
C PHE C 729 -14.08 -39.92 -8.41
N SER C 730 -14.29 -40.24 -7.14
CA SER C 730 -14.54 -41.59 -6.68
C SER C 730 -15.96 -41.69 -6.13
N HIS C 731 -16.54 -42.87 -6.21
CA HIS C 731 -17.79 -43.16 -5.53
C HIS C 731 -17.63 -44.44 -4.72
N GLY C 732 -18.34 -44.50 -3.59
CA GLY C 732 -18.09 -45.47 -2.54
C GLY C 732 -18.72 -46.83 -2.70
N GLY C 733 -19.47 -47.10 -3.77
CA GLY C 733 -19.99 -48.44 -4.00
C GLY C 733 -21.11 -48.82 -3.04
N PHE C 734 -21.54 -50.08 -3.15
CA PHE C 734 -22.75 -50.54 -2.48
C PHE C 734 -22.54 -51.91 -1.86
N SER C 735 -23.21 -52.86 -2.52
CA SER C 735 -23.12 -54.31 -2.50
C SER C 735 -24.44 -54.84 -3.05
N HIS C 736 -25.24 -55.45 -2.20
CA HIS C 736 -26.55 -55.97 -2.57
C HIS C 736 -27.38 -56.19 -1.31
N ASN C 737 -27.19 -55.35 -0.31
CA ASN C 737 -27.75 -55.58 1.02
C ASN C 737 -28.89 -54.62 1.34
N CYS D 15 -10.16 -18.53 -15.79
CA CYS D 15 -11.58 -18.77 -15.65
C CYS D 15 -12.30 -17.58 -16.30
N PRO D 16 -13.49 -17.79 -16.86
CA PRO D 16 -14.23 -16.65 -17.47
C PRO D 16 -14.61 -15.62 -16.43
N SER D 17 -15.27 -14.53 -16.85
CA SER D 17 -15.56 -13.41 -15.95
C SER D 17 -17.05 -13.11 -15.88
N VAL D 18 -17.67 -12.56 -16.94
CA VAL D 18 -19.01 -11.99 -16.80
C VAL D 18 -19.93 -12.20 -18.00
N SER D 19 -19.79 -13.32 -18.74
CA SER D 19 -20.79 -13.57 -19.78
C SER D 19 -20.91 -15.01 -20.30
N PRO D 20 -19.83 -15.81 -20.41
CA PRO D 20 -19.85 -16.96 -21.32
C PRO D 20 -20.71 -16.85 -22.58
N SER D 21 -21.26 -17.98 -23.05
CA SER D 21 -22.29 -17.91 -24.07
C SER D 21 -23.45 -17.25 -23.36
N ALA D 22 -23.65 -15.97 -23.64
CA ALA D 22 -24.08 -15.01 -22.63
C ALA D 22 -25.57 -15.02 -22.35
N GLN D 23 -25.91 -15.21 -21.08
CA GLN D 23 -27.06 -14.62 -20.42
C GLN D 23 -28.30 -15.43 -20.86
N PRO D 24 -29.47 -15.30 -20.20
CA PRO D 24 -30.55 -16.23 -20.54
C PRO D 24 -31.19 -15.95 -21.89
N TRP D 25 -30.91 -16.85 -22.84
CA TRP D 25 -31.46 -16.80 -24.21
C TRP D 25 -31.09 -15.48 -24.91
N THR D 26 -29.79 -15.36 -25.18
CA THR D 26 -29.07 -14.30 -25.89
C THR D 26 -29.29 -12.87 -25.38
N HIS D 27 -30.50 -12.25 -25.48
CA HIS D 27 -30.36 -10.82 -25.26
C HIS D 27 -31.71 -10.16 -24.95
N PRO D 28 -32.23 -10.24 -23.71
CA PRO D 28 -33.53 -9.62 -23.39
C PRO D 28 -33.47 -8.61 -22.25
N GLY D 29 -34.62 -8.37 -21.60
CA GLY D 29 -34.68 -7.49 -20.45
C GLY D 29 -36.06 -7.21 -19.89
N GLN D 30 -37.11 -7.57 -20.65
CA GLN D 30 -38.48 -7.16 -20.37
C GLN D 30 -38.56 -5.67 -20.05
N SER D 31 -39.24 -5.30 -18.97
CA SER D 31 -39.40 -3.90 -18.63
C SER D 31 -38.89 -3.65 -17.22
N GLN D 32 -38.42 -2.42 -16.99
CA GLN D 32 -38.03 -1.94 -15.68
C GLN D 32 -39.00 -0.85 -15.25
N LEU D 33 -40.20 -1.33 -14.95
CA LEU D 33 -41.31 -0.56 -14.41
C LEU D 33 -41.23 -0.38 -12.90
N PHE D 34 -40.41 -1.18 -12.24
CA PHE D 34 -40.27 -1.17 -10.79
C PHE D 34 -38.91 -0.67 -10.32
N ALA D 35 -38.05 -0.26 -11.25
CA ALA D 35 -36.72 0.20 -10.87
C ALA D 35 -36.80 1.48 -10.06
N ASP D 36 -35.90 1.62 -9.08
CA ASP D 36 -35.78 2.87 -8.35
C ASP D 36 -35.42 4.00 -9.32
N LEU D 37 -35.73 5.23 -8.91
CA LEU D 37 -35.46 6.37 -9.77
C LEU D 37 -33.97 6.56 -9.97
N SER D 38 -33.59 6.87 -11.20
CA SER D 38 -32.19 7.09 -11.54
C SER D 38 -31.76 8.50 -11.13
N ARG D 39 -30.44 8.73 -11.21
CA ARG D 39 -29.88 10.05 -10.93
C ARG D 39 -30.62 11.13 -11.72
N GLU D 40 -30.84 10.86 -13.01
CA GLU D 40 -31.54 11.82 -13.86
C GLU D 40 -32.96 12.06 -13.38
N GLU D 41 -33.72 10.98 -13.18
CA GLU D 41 -35.12 11.11 -12.80
C GLU D 41 -35.28 11.87 -11.48
N LEU D 42 -34.34 11.67 -10.55
CA LEU D 42 -34.40 12.42 -9.30
C LEU D 42 -34.15 13.90 -9.54
N THR D 43 -33.12 14.22 -10.33
CA THR D 43 -32.82 15.62 -10.66
C THR D 43 -34.00 16.29 -11.35
N ALA D 44 -34.62 15.59 -12.32
CA ALA D 44 -35.72 16.18 -13.08
C ALA D 44 -36.89 16.55 -12.17
N VAL D 45 -37.14 15.75 -11.13
CA VAL D 45 -38.25 16.04 -10.23
C VAL D 45 -37.90 17.21 -9.32
N MET D 46 -36.65 17.26 -8.84
CA MET D 46 -36.24 18.36 -7.98
C MET D 46 -36.28 19.68 -8.72
N ARG D 47 -35.74 19.72 -9.94
CA ARG D 47 -35.89 20.90 -10.79
C ARG D 47 -37.35 21.29 -10.93
N PHE D 48 -38.19 20.30 -11.25
CA PHE D 48 -39.63 20.53 -11.35
C PHE D 48 -40.20 21.08 -10.05
N LEU D 49 -39.68 20.64 -8.91
CA LEU D 49 -40.22 21.08 -7.64
C LEU D 49 -39.78 22.51 -7.32
N THR D 50 -38.47 22.80 -7.42
CA THR D 50 -38.00 24.15 -7.13
C THR D 50 -38.73 25.20 -7.97
N GLN D 51 -39.00 24.88 -9.24
CA GLN D 51 -39.70 25.82 -10.11
C GLN D 51 -41.14 26.04 -9.65
N ARG D 52 -41.94 24.98 -9.68
CA ARG D 52 -43.39 25.11 -9.49
C ARG D 52 -43.82 25.14 -8.04
N LEU D 53 -42.92 24.96 -7.09
CA LEU D 53 -43.32 25.00 -5.69
C LEU D 53 -42.97 26.34 -5.07
N GLY D 54 -42.50 27.30 -5.87
CA GLY D 54 -42.29 28.65 -5.43
C GLY D 54 -41.04 28.81 -4.59
N PRO D 55 -40.12 29.67 -5.04
CA PRO D 55 -38.92 29.96 -4.24
C PRO D 55 -39.28 30.45 -2.84
N GLY D 56 -38.26 30.49 -1.99
CA GLY D 56 -38.42 30.37 -0.55
C GLY D 56 -38.09 28.99 -0.04
N LEU D 57 -37.43 28.17 -0.87
CA LEU D 57 -37.20 26.76 -0.60
C LEU D 57 -35.76 26.58 -0.12
N VAL D 58 -35.59 25.80 0.94
CA VAL D 58 -34.29 25.58 1.56
C VAL D 58 -33.84 24.16 1.32
N ASP D 59 -32.53 23.98 1.11
CA ASP D 59 -31.94 22.66 1.14
C ASP D 59 -32.23 21.99 2.48
N ALA D 60 -32.73 20.75 2.43
CA ALA D 60 -33.16 20.06 3.64
C ALA D 60 -32.02 19.87 4.63
N ALA D 61 -30.78 19.72 4.14
CA ALA D 61 -29.63 19.62 5.03
C ALA D 61 -29.45 20.87 5.88
N GLN D 62 -29.96 22.02 5.43
CA GLN D 62 -29.78 23.30 6.09
C GLN D 62 -31.05 23.77 6.79
N ALA D 63 -32.17 23.10 6.55
CA ALA D 63 -33.49 23.60 6.92
C ALA D 63 -33.64 23.73 8.42
N ARG D 64 -34.43 24.71 8.82
CA ARG D 64 -34.88 24.92 10.18
C ARG D 64 -36.37 24.57 10.28
N PRO D 65 -36.91 24.40 11.49
CA PRO D 65 -38.33 24.00 11.61
C PRO D 65 -39.29 24.87 10.82
N SER D 66 -39.03 26.17 10.75
CA SER D 66 -39.92 27.10 10.09
C SER D 66 -39.57 27.33 8.62
N ASP D 67 -38.70 26.50 8.04
CA ASP D 67 -38.39 26.58 6.62
C ASP D 67 -39.35 25.73 5.80
N ASN D 68 -39.35 25.98 4.49
CA ASN D 68 -39.98 25.09 3.52
C ASN D 68 -38.94 24.17 2.90
N CYS D 69 -39.32 22.91 2.71
CA CYS D 69 -38.34 21.83 2.66
C CYS D 69 -38.85 20.67 1.82
N VAL D 70 -38.00 20.17 0.92
CA VAL D 70 -38.22 18.88 0.28
C VAL D 70 -37.39 17.86 1.06
N PHE D 71 -38.09 16.93 1.72
CA PHE D 71 -37.46 15.97 2.61
C PHE D 71 -37.02 14.72 1.86
N SER D 72 -37.79 14.28 0.87
CA SER D 72 -37.51 13.02 0.19
C SER D 72 -38.15 13.05 -1.19
N VAL D 73 -37.49 12.38 -2.14
CA VAL D 73 -38.04 12.13 -3.47
C VAL D 73 -37.68 10.70 -3.85
N GLU D 74 -38.68 9.86 -4.08
CA GLU D 74 -38.45 8.47 -4.47
C GLU D 74 -39.58 7.99 -5.36
N LEU D 75 -39.40 6.77 -5.88
CA LEU D 75 -40.35 6.20 -6.83
C LEU D 75 -41.74 6.03 -6.21
N GLN D 76 -42.76 6.41 -6.98
CA GLN D 76 -44.15 6.12 -6.65
C GLN D 76 -44.57 4.87 -7.39
N LEU D 77 -44.88 3.81 -6.66
CA LEU D 77 -45.18 2.52 -7.27
C LEU D 77 -46.45 2.60 -8.10
N PRO D 78 -46.51 1.91 -9.22
CA PRO D 78 -47.67 2.00 -10.10
C PRO D 78 -48.83 1.18 -9.57
N PRO D 79 -50.05 1.43 -10.04
CA PRO D 79 -51.17 0.54 -9.70
C PRO D 79 -50.96 -0.83 -10.32
N LYS D 80 -51.47 -1.86 -9.63
CA LYS D 80 -51.25 -3.23 -10.09
C LYS D 80 -51.92 -3.47 -11.44
N ALA D 81 -53.19 -3.09 -11.57
CA ALA D 81 -53.94 -3.42 -12.79
C ALA D 81 -53.24 -2.90 -14.04
N ALA D 82 -52.75 -1.65 -13.99
CA ALA D 82 -52.03 -1.11 -15.14
C ALA D 82 -50.68 -1.78 -15.31
N ALA D 83 -49.98 -2.05 -14.21
CA ALA D 83 -48.68 -2.72 -14.30
C ALA D 83 -48.83 -4.12 -14.87
N LEU D 84 -49.89 -4.84 -14.49
CA LEU D 84 -50.10 -6.17 -15.03
C LEU D 84 -50.51 -6.13 -16.49
N ALA D 85 -51.42 -5.21 -16.85
CA ALA D 85 -51.84 -5.07 -18.24
C ALA D 85 -50.66 -4.82 -19.15
N HIS D 86 -49.66 -4.07 -18.67
CA HIS D 86 -48.44 -3.86 -19.45
C HIS D 86 -47.59 -5.13 -19.48
N LEU D 87 -47.38 -5.74 -18.31
CA LEU D 87 -46.46 -6.88 -18.23
C LEU D 87 -47.01 -8.11 -18.92
N ASP D 88 -48.33 -8.26 -18.98
CA ASP D 88 -48.96 -9.46 -19.51
C ASP D 88 -49.73 -9.17 -20.80
N ARG D 89 -50.83 -8.41 -20.72
CA ARG D 89 -51.65 -8.15 -21.90
C ARG D 89 -50.91 -7.40 -22.98
N GLY D 90 -49.83 -6.71 -22.64
CA GLY D 90 -49.08 -5.93 -23.60
C GLY D 90 -49.47 -4.48 -23.70
N SER D 91 -50.37 -4.01 -22.83
CA SER D 91 -50.83 -2.63 -22.81
C SER D 91 -49.68 -1.67 -22.54
N PRO D 92 -49.84 -0.37 -22.79
CA PRO D 92 -48.75 0.58 -22.51
C PRO D 92 -48.44 0.65 -21.03
N PRO D 93 -47.23 1.09 -20.67
CA PRO D 93 -46.92 1.20 -19.24
C PRO D 93 -47.76 2.29 -18.60
N PRO D 94 -48.06 2.17 -17.31
CA PRO D 94 -48.66 3.28 -16.58
C PRO D 94 -47.64 4.39 -16.39
N ALA D 95 -48.16 5.59 -16.11
CA ALA D 95 -47.30 6.75 -15.91
C ALA D 95 -46.28 6.47 -14.82
N ARG D 96 -45.00 6.59 -15.17
CA ARG D 96 -43.95 6.51 -14.18
C ARG D 96 -43.99 7.77 -13.33
N GLU D 97 -44.20 7.61 -12.02
CA GLU D 97 -44.44 8.74 -11.13
C GLU D 97 -43.52 8.64 -9.91
N ALA D 98 -43.35 9.78 -9.24
CA ALA D 98 -42.51 9.90 -8.06
C ALA D 98 -43.31 10.54 -6.93
N LEU D 99 -42.91 10.22 -5.70
CA LEU D 99 -43.53 10.79 -4.51
C LEU D 99 -42.51 11.68 -3.80
N ALA D 100 -42.93 12.88 -3.45
CA ALA D 100 -42.11 13.83 -2.72
C ALA D 100 -42.76 14.17 -1.40
N ILE D 101 -41.99 14.11 -0.32
CA ILE D 101 -42.43 14.56 1.00
C ILE D 101 -41.88 15.96 1.22
N VAL D 102 -42.77 16.91 1.47
CA VAL D 102 -42.40 18.31 1.61
C VAL D 102 -42.84 18.78 2.98
N PHE D 103 -41.90 19.36 3.73
CA PHE D 103 -42.21 20.02 4.99
C PHE D 103 -42.60 21.47 4.68
N PHE D 104 -43.77 21.89 5.14
CA PHE D 104 -44.26 23.25 4.91
C PHE D 104 -44.20 24.01 6.24
N GLY D 105 -43.05 24.60 6.53
CA GLY D 105 -42.81 25.25 7.80
C GLY D 105 -43.10 26.75 7.84
N ARG D 106 -42.57 27.50 6.86
CA ARG D 106 -42.93 28.91 6.71
C ARG D 106 -44.40 29.06 6.38
N GLN D 107 -45.25 28.76 7.36
CA GLN D 107 -46.70 28.84 7.27
C GLN D 107 -47.25 28.88 8.68
N PRO D 108 -48.30 29.69 8.95
CA PRO D 108 -48.85 29.71 10.32
C PRO D 108 -49.33 28.36 10.80
N GLN D 109 -50.01 27.60 9.95
CA GLN D 109 -50.46 26.25 10.26
C GLN D 109 -49.85 25.27 9.26
N PRO D 110 -48.80 24.56 9.65
CA PRO D 110 -48.10 23.69 8.69
C PRO D 110 -48.91 22.43 8.39
N ASN D 111 -48.98 22.08 7.11
CA ASN D 111 -49.57 20.83 6.65
C ASN D 111 -48.49 20.10 5.86
N VAL D 112 -47.73 19.24 6.53
CA VAL D 112 -46.73 18.47 5.79
C VAL D 112 -47.47 17.57 4.80
N SER D 113 -46.92 17.46 3.60
CA SER D 113 -47.70 17.07 2.43
C SER D 113 -47.01 15.99 1.61
N GLU D 114 -47.82 15.11 1.02
CA GLU D 114 -47.36 14.06 0.10
C GLU D 114 -47.74 14.45 -1.32
N LEU D 115 -46.74 14.53 -2.20
CA LEU D 115 -46.89 15.09 -3.54
C LEU D 115 -46.42 14.08 -4.58
N VAL D 116 -47.31 13.73 -5.50
CA VAL D 116 -46.99 12.91 -6.67
C VAL D 116 -46.62 13.84 -7.82
N VAL D 117 -45.67 13.43 -8.65
CA VAL D 117 -45.09 14.33 -9.64
C VAL D 117 -44.85 13.60 -10.96
N GLY D 118 -45.53 14.07 -12.02
CA GLY D 118 -45.03 14.01 -13.38
C GLY D 118 -44.88 12.66 -14.06
N PRO D 119 -44.96 12.66 -15.40
CA PRO D 119 -44.46 11.54 -16.20
C PRO D 119 -42.94 11.52 -16.19
N LEU D 120 -42.34 10.63 -15.38
CA LEU D 120 -40.97 10.85 -14.91
C LEU D 120 -39.91 11.04 -15.98
N PRO D 121 -39.99 10.44 -17.17
CA PRO D 121 -38.98 10.82 -18.18
C PRO D 121 -38.88 12.31 -18.38
N HIS D 122 -40.01 13.03 -18.41
CA HIS D 122 -40.02 14.49 -18.51
C HIS D 122 -41.22 15.00 -17.72
N PRO D 123 -41.04 15.26 -16.42
CA PRO D 123 -42.18 15.55 -15.54
C PRO D 123 -43.01 16.73 -16.03
N SER D 124 -44.31 16.68 -15.74
CA SER D 124 -45.22 17.72 -16.23
C SER D 124 -46.37 18.06 -15.30
N TYR D 125 -46.54 17.39 -14.16
CA TYR D 125 -47.62 17.76 -13.25
C TYR D 125 -47.28 17.35 -11.82
N MET D 126 -48.21 17.68 -10.91
CA MET D 126 -48.03 17.56 -9.47
C MET D 126 -49.41 17.45 -8.84
N ARG D 127 -49.56 16.56 -7.86
CA ARG D 127 -50.84 16.36 -7.19
C ARG D 127 -50.61 16.07 -5.71
N ASP D 128 -51.20 16.88 -4.85
CA ASP D 128 -51.14 16.66 -3.41
C ASP D 128 -52.15 15.57 -3.05
N VAL D 129 -51.65 14.42 -2.59
CA VAL D 129 -52.49 13.29 -2.26
C VAL D 129 -52.63 13.09 -0.76
N THR D 130 -52.11 14.01 0.05
CA THR D 130 -52.16 13.87 1.50
C THR D 130 -53.58 13.63 2.00
N VAL D 131 -54.50 14.53 1.62
CA VAL D 131 -55.89 14.38 2.05
C VAL D 131 -56.52 13.16 1.41
N GLU D 132 -56.15 12.86 0.17
CA GLU D 132 -56.65 11.67 -0.49
C GLU D 132 -56.34 10.42 0.31
N ARG D 133 -55.07 10.24 0.68
CA ARG D 133 -54.63 8.99 1.29
C ARG D 133 -54.96 8.93 2.78
N HIS D 134 -54.71 10.02 3.50
CA HIS D 134 -54.83 10.01 4.95
C HIS D 134 -56.03 10.79 5.46
N GLY D 135 -56.89 11.28 4.57
CA GLY D 135 -58.14 11.88 4.99
C GLY D 135 -58.01 13.18 5.76
N GLY D 136 -56.98 13.98 5.46
CA GLY D 136 -56.78 15.22 6.17
C GLY D 136 -55.32 15.62 6.17
N PRO D 137 -55.03 16.82 6.68
CA PRO D 137 -53.64 17.28 6.70
C PRO D 137 -52.79 16.44 7.65
N LEU D 138 -51.51 16.40 7.36
CA LEU D 138 -50.57 15.71 8.23
C LEU D 138 -49.99 16.70 9.22
N PRO D 139 -50.23 16.56 10.53
CA PRO D 139 -49.69 17.54 11.49
C PRO D 139 -48.18 17.65 11.42
N TYR D 140 -47.67 18.83 11.75
CA TYR D 140 -46.26 19.11 11.54
C TYR D 140 -45.37 18.41 12.55
N HIS D 141 -45.88 18.16 13.76
CA HIS D 141 -45.05 17.52 14.78
C HIS D 141 -44.74 16.06 14.44
N ARG D 142 -45.43 15.47 13.47
CA ARG D 142 -45.11 14.12 13.02
C ARG D 142 -43.88 14.07 12.13
N ARG D 143 -43.39 15.22 11.67
CA ARG D 143 -42.25 15.25 10.78
C ARG D 143 -41.06 14.54 11.42
N PRO D 144 -40.29 13.78 10.64
CA PRO D 144 -39.07 13.18 11.18
C PRO D 144 -38.09 14.26 11.61
N VAL D 145 -37.24 13.91 12.56
CA VAL D 145 -36.23 14.86 13.03
C VAL D 145 -35.16 15.00 11.95
N LEU D 146 -35.02 16.20 11.41
CA LEU D 146 -34.04 16.47 10.36
C LEU D 146 -32.62 16.33 10.88
N PHE D 147 -31.68 16.20 9.94
CA PHE D 147 -30.27 16.18 10.29
C PHE D 147 -29.85 17.51 10.93
N GLN D 148 -30.33 18.62 10.37
CA GLN D 148 -30.07 19.93 10.98
C GLN D 148 -30.69 20.03 12.36
N GLU D 149 -31.89 19.47 12.53
CA GLU D 149 -32.53 19.49 13.85
C GLU D 149 -31.67 18.79 14.89
N TYR D 150 -31.06 17.65 14.53
CA TYR D 150 -30.14 16.98 15.45
C TYR D 150 -28.95 17.87 15.77
N LEU D 151 -28.41 18.54 14.75
CA LEU D 151 -27.26 19.42 14.97
C LEU D 151 -27.65 20.59 15.87
N ASP D 152 -28.81 21.20 15.63
CA ASP D 152 -29.28 22.28 16.47
C ASP D 152 -29.41 21.84 17.92
N ILE D 153 -29.94 20.64 18.14
CA ILE D 153 -30.06 20.08 19.48
C ILE D 153 -28.69 19.92 20.13
N ASP D 154 -27.68 19.52 19.34
CA ASP D 154 -26.34 19.39 19.89
C ASP D 154 -25.72 20.75 20.21
N GLN D 155 -26.01 21.77 19.41
CA GLN D 155 -25.59 23.13 19.75
C GLN D 155 -26.17 23.54 21.10
N MET D 156 -27.47 23.32 21.29
CA MET D 156 -28.12 23.61 22.56
C MET D 156 -27.46 22.86 23.71
N ILE D 157 -27.25 21.55 23.54
CA ILE D 157 -26.72 20.72 24.62
C ILE D 157 -25.28 21.13 24.95
N PHE D 158 -24.45 21.33 23.94
CA PHE D 158 -23.02 21.53 24.16
C PHE D 158 -22.63 22.98 24.43
N ASN D 159 -23.32 23.95 23.83
CA ASN D 159 -23.08 25.34 24.14
C ASN D 159 -23.90 25.81 25.34
N ARG D 160 -25.22 25.68 25.25
CA ARG D 160 -26.13 26.34 26.18
C ARG D 160 -26.28 25.59 27.50
N GLU D 161 -26.10 24.26 27.49
CA GLU D 161 -26.58 23.44 28.60
C GLU D 161 -25.47 22.73 29.35
N LEU D 162 -24.69 21.88 28.70
CA LEU D 162 -23.70 21.08 29.42
C LEU D 162 -22.69 21.91 30.22
N PRO D 163 -22.22 23.07 29.77
CA PRO D 163 -21.30 23.86 30.63
C PRO D 163 -21.87 24.15 32.00
N GLN D 164 -23.19 24.20 32.16
CA GLN D 164 -23.80 24.48 33.46
C GLN D 164 -23.45 23.42 34.49
N ALA D 165 -22.94 22.27 34.06
CA ALA D 165 -22.53 21.23 34.97
C ALA D 165 -21.07 20.84 34.80
N SER D 166 -20.26 21.75 34.25
CA SER D 166 -18.87 21.44 33.97
C SER D 166 -18.07 21.09 35.22
N GLY D 167 -18.55 21.47 36.40
CA GLY D 167 -17.90 21.01 37.62
C GLY D 167 -18.03 19.51 37.80
N LEU D 168 -19.26 18.99 37.64
CA LEU D 168 -19.47 17.55 37.64
C LEU D 168 -18.72 16.88 36.50
N LEU D 169 -18.88 17.42 35.28
CA LEU D 169 -18.35 16.75 34.10
C LEU D 169 -16.83 16.66 34.12
N HIS D 170 -16.15 17.65 34.72
CA HIS D 170 -14.69 17.56 34.86
C HIS D 170 -14.27 16.43 35.79
N HIS D 171 -15.13 16.08 36.76
CA HIS D 171 -14.78 15.06 37.74
C HIS D 171 -14.98 13.65 37.20
N CYS D 172 -16.01 13.44 36.37
CA CYS D 172 -16.43 12.11 35.96
C CYS D 172 -15.95 11.72 34.58
N CYS D 173 -15.85 12.68 33.66
CA CYS D 173 -16.06 12.35 32.26
C CYS D 173 -15.08 13.06 31.33
N PHE D 174 -13.97 13.59 31.85
CA PHE D 174 -12.89 14.15 31.03
C PHE D 174 -13.40 15.25 30.09
N TYR D 175 -14.25 16.13 30.61
CA TYR D 175 -14.76 17.26 29.83
C TYR D 175 -13.61 18.21 29.47
N LYS D 176 -13.26 18.26 28.18
CA LYS D 176 -12.14 19.05 27.70
C LYS D 176 -12.65 20.40 27.19
N HIS D 177 -12.41 21.45 27.98
CA HIS D 177 -12.65 22.84 27.60
C HIS D 177 -14.05 23.02 27.00
N ARG D 178 -14.14 23.31 25.71
CA ARG D 178 -15.42 23.39 25.02
C ARG D 178 -15.57 22.37 23.91
N GLY D 179 -14.49 21.70 23.51
CA GLY D 179 -14.56 20.70 22.46
C GLY D 179 -15.31 19.45 22.88
N ARG D 180 -16.07 18.89 21.93
CA ARG D 180 -16.79 17.66 22.16
C ARG D 180 -15.81 16.49 22.24
N ASN D 181 -15.75 15.88 23.43
CA ASN D 181 -15.34 14.49 23.54
C ASN D 181 -16.55 13.58 23.82
N LEU D 182 -17.76 14.12 23.92
CA LEU D 182 -18.98 13.36 24.16
C LEU D 182 -19.90 13.48 22.96
N VAL D 183 -20.83 12.54 22.82
CA VAL D 183 -21.79 12.52 21.73
C VAL D 183 -23.15 12.12 22.27
N THR D 184 -24.20 12.51 21.56
CA THR D 184 -25.57 12.18 21.93
C THR D 184 -26.12 11.14 20.96
N MET D 185 -27.07 10.34 21.44
CA MET D 185 -27.81 9.42 20.59
C MET D 185 -29.29 9.60 20.87
N THR D 186 -30.08 9.68 19.81
CA THR D 186 -31.51 9.89 19.91
C THR D 186 -32.18 8.75 20.68
N THR D 187 -33.45 8.98 21.05
CA THR D 187 -34.33 7.93 21.52
C THR D 187 -35.47 7.71 20.53
N ALA D 188 -36.65 7.35 21.04
CA ALA D 188 -37.72 6.90 20.17
C ALA D 188 -38.99 7.74 20.44
N PRO D 189 -40.20 7.22 20.71
CA PRO D 189 -41.38 8.08 20.50
C PRO D 189 -41.29 9.35 21.33
N ARG D 190 -41.23 10.48 20.63
CA ARG D 190 -40.75 11.73 21.18
C ARG D 190 -41.83 12.40 22.03
N GLY D 191 -42.03 11.82 23.21
CA GLY D 191 -43.00 12.32 24.17
C GLY D 191 -43.83 11.23 24.82
N LEU D 192 -45.05 11.58 25.24
CA LEU D 192 -45.97 10.64 25.87
C LEU D 192 -47.37 10.73 25.28
N GLN D 193 -47.55 11.50 24.21
CA GLN D 193 -48.87 11.99 23.84
C GLN D 193 -48.78 12.59 22.43
N SER D 194 -49.86 12.44 21.67
CA SER D 194 -49.90 13.00 20.34
C SER D 194 -49.66 14.50 20.38
N GLY D 195 -48.70 14.96 19.57
CA GLY D 195 -48.30 16.35 19.52
C GLY D 195 -46.95 16.61 20.14
N ASP D 196 -46.54 15.80 21.11
CA ASP D 196 -45.28 16.00 21.81
C ASP D 196 -44.09 15.89 20.84
N ARG D 197 -42.98 16.47 21.26
CA ARG D 197 -41.72 16.34 20.55
C ARG D 197 -40.58 16.51 21.55
N ALA D 198 -40.64 15.75 22.64
CA ALA D 198 -39.63 15.77 23.68
C ALA D 198 -38.83 14.47 23.62
N THR D 199 -37.51 14.58 23.50
CA THR D 199 -36.67 13.44 23.15
C THR D 199 -35.61 13.27 24.23
N TRP D 200 -35.54 12.08 24.80
CA TRP D 200 -34.41 11.74 25.65
C TRP D 200 -33.16 11.58 24.80
N PHE D 201 -32.02 12.01 25.32
CA PHE D 201 -30.74 11.81 24.66
C PHE D 201 -29.76 11.26 25.67
N GLY D 202 -29.22 10.09 25.39
CA GLY D 202 -28.09 9.61 26.15
C GLY D 202 -26.82 10.30 25.74
N LEU D 203 -25.85 10.29 26.65
CA LEU D 203 -24.54 10.87 26.40
C LEU D 203 -23.49 9.79 26.48
N TYR D 204 -22.61 9.73 25.48
CA TYR D 204 -21.59 8.70 25.39
C TYR D 204 -20.25 9.32 25.04
N TYR D 205 -19.18 8.65 25.46
CA TYR D 205 -17.85 9.00 25.02
C TYR D 205 -17.73 8.79 23.51
N ASN D 206 -17.19 9.78 22.80
CA ASN D 206 -17.01 9.67 21.34
C ASN D 206 -15.80 8.78 21.06
N ILE D 207 -16.01 7.47 21.20
CA ILE D 207 -14.94 6.51 20.97
C ILE D 207 -14.51 6.55 19.51
N SER D 208 -13.20 6.51 19.30
CA SER D 208 -12.62 6.58 17.96
C SER D 208 -12.41 5.18 17.41
N GLY D 209 -13.03 4.90 16.26
CA GLY D 209 -12.84 3.64 15.56
C GLY D 209 -13.58 2.45 16.13
N ALA D 210 -14.54 2.68 17.04
CA ALA D 210 -15.31 1.57 17.61
C ALA D 210 -16.62 2.14 18.14
N GLY D 211 -17.50 1.23 18.56
CA GLY D 211 -18.84 1.63 18.95
C GLY D 211 -18.84 2.44 20.23
N PHE D 212 -19.47 3.62 20.18
CA PHE D 212 -19.68 4.41 21.38
C PHE D 212 -20.85 3.89 22.21
N PHE D 213 -21.72 3.08 21.60
CA PHE D 213 -22.93 2.61 22.25
C PHE D 213 -22.65 1.84 23.53
N LEU D 214 -21.43 1.31 23.71
CA LEU D 214 -21.05 0.58 24.90
C LEU D 214 -20.45 1.47 25.99
N HIS D 215 -20.57 2.79 25.84
CA HIS D 215 -19.88 3.71 26.73
C HIS D 215 -20.82 4.85 27.13
N HIS D 216 -21.95 4.47 27.73
CA HIS D 216 -22.89 5.42 28.31
C HIS D 216 -22.29 6.02 29.58
N VAL D 217 -22.20 7.35 29.64
CA VAL D 217 -21.57 8.00 30.80
C VAL D 217 -22.51 8.09 31.99
N GLY D 218 -23.79 7.76 31.81
CA GLY D 218 -24.74 7.80 32.89
C GLY D 218 -25.63 9.02 32.93
N LEU D 219 -25.68 9.81 31.85
CA LEU D 219 -26.46 11.04 31.82
C LEU D 219 -27.40 11.04 30.63
N GLU D 220 -28.68 11.32 30.88
CA GLU D 220 -29.68 11.45 29.83
C GLU D 220 -30.45 12.74 30.03
N LEU D 221 -30.71 13.44 28.92
CA LEU D 221 -31.37 14.74 28.93
C LEU D 221 -32.66 14.67 28.13
N LEU D 222 -33.76 15.15 28.71
CA LEU D 222 -35.04 15.21 28.02
C LEU D 222 -35.17 16.57 27.35
N VAL D 223 -34.89 16.62 26.05
CA VAL D 223 -34.92 17.87 25.29
C VAL D 223 -36.30 18.04 24.67
N ASN D 224 -36.92 19.19 24.92
CA ASN D 224 -38.18 19.55 24.27
C ASN D 224 -37.84 20.43 23.07
N HIS D 225 -38.02 19.89 21.87
CA HIS D 225 -37.74 20.62 20.64
C HIS D 225 -38.97 20.70 19.75
N LYS D 226 -40.15 20.82 20.35
CA LYS D 226 -41.36 20.99 19.55
C LYS D 226 -41.43 22.38 18.93
N ALA D 227 -40.91 23.39 19.63
CA ALA D 227 -41.04 24.76 19.17
C ALA D 227 -40.40 24.95 17.80
N LEU D 228 -41.07 25.72 16.94
CA LEU D 228 -40.53 26.04 15.63
C LEU D 228 -39.28 26.89 15.73
N ASP D 229 -39.07 27.57 16.86
CA ASP D 229 -37.89 28.40 17.07
C ASP D 229 -36.94 27.63 17.98
N PRO D 230 -35.77 27.19 17.48
CA PRO D 230 -34.81 26.44 18.33
C PRO D 230 -34.44 27.17 19.61
N ALA D 231 -34.57 28.50 19.63
CA ALA D 231 -34.29 29.26 20.84
C ALA D 231 -35.21 28.86 21.99
N ARG D 232 -36.48 28.58 21.69
CA ARG D 232 -37.47 28.24 22.71
C ARG D 232 -37.36 26.80 23.20
N TRP D 233 -36.46 26.00 22.63
CA TRP D 233 -36.30 24.61 23.08
C TRP D 233 -35.74 24.57 24.50
N THR D 234 -36.27 23.63 25.29
CA THR D 234 -35.93 23.53 26.71
C THR D 234 -35.57 22.09 27.06
N ILE D 235 -34.96 21.93 28.24
CA ILE D 235 -34.69 20.62 28.82
C ILE D 235 -35.65 20.41 29.99
N GLN D 236 -36.55 19.45 29.82
CA GLN D 236 -37.58 19.21 30.82
C GLN D 236 -37.06 18.42 32.03
N LYS D 237 -36.07 17.55 31.82
CA LYS D 237 -35.60 16.71 32.91
C LYS D 237 -34.16 16.31 32.64
N VAL D 238 -33.48 15.89 33.71
CA VAL D 238 -32.10 15.41 33.66
C VAL D 238 -32.01 14.12 34.47
N PHE D 239 -31.43 13.08 33.88
CA PHE D 239 -31.19 11.82 34.56
C PHE D 239 -29.69 11.58 34.64
N TYR D 240 -29.18 11.37 35.86
CA TYR D 240 -27.76 11.13 36.05
C TYR D 240 -27.54 9.98 37.02
N GLN D 241 -26.78 8.99 36.59
CA GLN D 241 -26.35 7.83 37.37
C GLN D 241 -27.35 7.39 38.42
N GLY D 242 -28.59 7.16 38.00
CA GLY D 242 -29.59 6.57 38.86
C GLY D 242 -30.59 7.52 39.47
N ARG D 243 -30.40 8.83 39.32
CA ARG D 243 -31.32 9.81 39.90
C ARG D 243 -31.74 10.84 38.86
N TYR D 244 -32.95 11.37 39.04
CA TYR D 244 -33.49 12.44 38.22
C TYR D 244 -33.16 13.79 38.82
N TYR D 245 -33.13 14.80 37.95
CA TYR D 245 -32.98 16.19 38.38
C TYR D 245 -33.79 17.09 37.47
N ASP D 246 -34.01 18.30 37.95
CA ASP D 246 -34.88 19.27 37.29
C ASP D 246 -34.16 19.98 36.16
N SER D 247 -32.85 20.16 36.30
CA SER D 247 -32.02 20.95 35.42
C SER D 247 -30.57 20.59 35.69
N LEU D 248 -29.69 20.98 34.78
CA LEU D 248 -28.28 20.69 34.98
C LEU D 248 -27.72 21.50 36.14
N ALA D 249 -28.29 22.68 36.39
CA ALA D 249 -27.89 23.46 37.56
C ALA D 249 -28.26 22.74 38.85
N GLN D 250 -29.46 22.18 38.90
CA GLN D 250 -30.00 21.63 40.15
C GLN D 250 -29.15 20.44 40.61
N LEU D 251 -28.75 19.58 39.66
CA LEU D 251 -27.66 18.61 39.79
C LEU D 251 -26.35 19.22 40.26
N GLU D 252 -25.77 20.07 39.39
CA GLU D 252 -24.48 20.71 39.64
C GLU D 252 -24.42 21.33 41.03
N ALA D 253 -25.56 21.84 41.52
CA ALA D 253 -25.66 22.27 42.91
C ALA D 253 -25.37 21.12 43.86
N GLN D 254 -26.20 20.07 43.82
CA GLN D 254 -26.02 18.92 44.69
C GLN D 254 -24.66 18.24 44.53
N PHE D 255 -23.99 18.41 43.38
CA PHE D 255 -22.64 17.87 43.22
C PHE D 255 -21.63 18.64 44.05
N GLU D 256 -21.51 19.95 43.80
CA GLU D 256 -20.60 20.77 44.58
C GLU D 256 -20.98 20.81 46.05
N ALA D 257 -22.23 20.48 46.39
CA ALA D 257 -22.65 20.31 47.77
C ALA D 257 -22.18 18.99 48.37
N GLY D 258 -21.49 18.16 47.59
CA GLY D 258 -20.94 16.92 48.09
C GLY D 258 -21.93 15.78 48.22
N LEU D 259 -23.15 15.92 47.72
CA LEU D 259 -24.14 14.86 47.84
C LEU D 259 -24.68 14.47 46.46
N VAL D 260 -23.76 14.24 45.52
CA VAL D 260 -23.99 13.45 44.31
C VAL D 260 -22.72 12.65 44.06
N ASN D 261 -22.76 11.35 44.35
CA ASN D 261 -21.56 10.53 44.36
C ASN D 261 -21.34 9.93 42.97
N VAL D 262 -20.22 10.31 42.35
CA VAL D 262 -19.88 9.86 41.00
C VAL D 262 -19.28 8.46 41.04
N VAL D 263 -19.53 7.71 39.99
CA VAL D 263 -18.76 6.53 39.64
C VAL D 263 -17.96 6.88 38.38
N LEU D 264 -16.63 6.88 38.49
CA LEU D 264 -15.80 7.03 37.30
C LEU D 264 -16.04 5.98 36.22
N ILE D 265 -16.53 6.46 35.08
CA ILE D 265 -16.60 5.68 33.86
C ILE D 265 -15.32 5.93 33.08
N PRO D 266 -14.46 4.93 32.89
CA PRO D 266 -13.24 5.15 32.11
C PRO D 266 -13.57 5.47 30.67
N ASP D 267 -12.59 6.06 29.98
CA ASP D 267 -12.75 6.47 28.60
C ASP D 267 -11.83 5.76 27.62
N ASN D 268 -10.90 4.94 28.09
CA ASN D 268 -9.95 4.31 27.18
C ASN D 268 -9.57 2.94 27.75
N GLY D 269 -9.38 1.99 26.85
CA GLY D 269 -9.05 0.64 27.28
C GLY D 269 -8.71 -0.23 26.09
N THR D 270 -8.60 -1.52 26.37
CA THR D 270 -8.26 -2.52 25.36
C THR D 270 -9.20 -3.71 25.51
N GLY D 271 -9.70 -4.20 24.38
CA GLY D 271 -10.58 -5.35 24.34
C GLY D 271 -11.73 -5.11 23.39
N GLY D 272 -12.70 -6.03 23.43
CA GLY D 272 -13.86 -5.90 22.58
C GLY D 272 -14.80 -4.80 23.01
N SER D 273 -14.86 -4.52 24.32
CA SER D 273 -15.60 -3.37 24.80
C SER D 273 -15.10 -2.09 24.16
N TRP D 274 -13.84 -2.09 23.70
CA TRP D 274 -13.20 -0.89 23.18
C TRP D 274 -12.79 -0.97 21.72
N SER D 275 -12.78 -2.15 21.10
CA SER D 275 -12.21 -2.28 19.76
C SER D 275 -13.00 -3.28 18.93
N LEU D 276 -12.81 -3.17 17.62
CA LEU D 276 -13.20 -4.18 16.65
C LEU D 276 -12.01 -4.85 15.98
N LYS D 277 -10.84 -4.24 16.04
CA LYS D 277 -9.64 -4.82 15.47
C LYS D 277 -9.19 -6.03 16.28
N SER D 278 -9.01 -7.15 15.60
CA SER D 278 -8.54 -8.34 16.29
C SER D 278 -7.06 -8.19 16.64
N PRO D 279 -6.65 -8.68 17.82
CA PRO D 279 -5.22 -8.72 18.14
C PRO D 279 -4.48 -9.89 17.49
N VAL D 280 -5.17 -10.72 16.74
CA VAL D 280 -4.60 -11.94 16.16
C VAL D 280 -4.39 -11.70 14.68
N PRO D 281 -3.18 -11.92 14.15
CA PRO D 281 -2.91 -11.64 12.74
C PRO D 281 -3.57 -12.67 11.84
N PRO D 282 -3.72 -12.37 10.55
CA PRO D 282 -4.40 -13.30 9.65
C PRO D 282 -3.70 -14.64 9.56
N GLY D 283 -4.49 -15.70 9.52
CA GLY D 283 -4.02 -17.03 9.22
C GLY D 283 -4.29 -17.38 7.77
N PRO D 284 -4.28 -18.67 7.45
CA PRO D 284 -4.57 -19.09 6.07
C PRO D 284 -5.97 -18.64 5.65
N ALA D 285 -6.10 -18.33 4.37
CA ALA D 285 -7.32 -17.73 3.86
C ALA D 285 -8.50 -18.65 4.09
N PRO D 286 -9.68 -18.09 4.38
CA PRO D 286 -10.88 -18.92 4.54
C PRO D 286 -11.38 -19.42 3.20
N PRO D 287 -12.37 -20.32 3.19
CA PRO D 287 -12.88 -20.84 1.91
C PRO D 287 -13.41 -19.74 1.00
N LEU D 288 -13.38 -20.03 -0.30
CA LEU D 288 -13.76 -19.07 -1.33
C LEU D 288 -14.57 -19.78 -2.41
N GLN D 289 -15.69 -19.18 -2.83
CA GLN D 289 -16.42 -19.67 -3.98
C GLN D 289 -16.09 -18.88 -5.24
N PHE D 290 -16.25 -19.57 -6.38
CA PHE D 290 -16.15 -18.97 -7.69
C PHE D 290 -16.97 -19.80 -8.68
N TYR D 291 -17.21 -19.22 -9.85
CA TYR D 291 -18.01 -19.85 -10.89
C TYR D 291 -17.07 -20.34 -12.00
N PRO D 292 -16.76 -21.64 -12.05
CA PRO D 292 -15.66 -22.09 -12.92
C PRO D 292 -15.93 -21.92 -14.40
N GLN D 293 -17.18 -21.76 -14.83
CA GLN D 293 -17.52 -21.61 -16.23
C GLN D 293 -18.31 -20.34 -16.45
N GLY D 294 -17.94 -19.28 -15.72
CA GLY D 294 -18.66 -18.03 -15.74
C GLY D 294 -19.89 -18.07 -14.86
N PRO D 295 -20.46 -16.90 -14.58
CA PRO D 295 -21.68 -16.86 -13.78
C PRO D 295 -22.87 -17.35 -14.58
N ARG D 296 -23.93 -17.69 -13.86
CA ARG D 296 -25.15 -18.23 -14.46
C ARG D 296 -26.34 -17.31 -14.26
N PHE D 297 -26.12 -16.02 -14.03
CA PHE D 297 -27.19 -15.06 -13.83
C PHE D 297 -26.77 -13.69 -14.33
N SER D 298 -27.75 -12.78 -14.42
CA SER D 298 -27.53 -11.44 -14.95
C SER D 298 -28.19 -10.40 -14.05
N VAL D 299 -27.60 -9.21 -14.02
CA VAL D 299 -28.21 -8.02 -13.44
C VAL D 299 -28.16 -6.93 -14.51
N GLN D 300 -29.31 -6.65 -15.12
CA GLN D 300 -29.46 -5.55 -16.06
C GLN D 300 -30.33 -4.49 -15.39
N GLY D 301 -29.67 -3.49 -14.81
CA GLY D 301 -30.38 -2.46 -14.08
C GLY D 301 -31.04 -3.03 -12.84
N SER D 302 -32.36 -3.06 -12.83
CA SER D 302 -33.11 -3.59 -11.70
C SER D 302 -33.66 -4.99 -11.96
N ARG D 303 -33.54 -5.53 -13.17
CA ARG D 303 -33.92 -6.92 -13.39
C ARG D 303 -32.75 -7.81 -12.99
N VAL D 304 -33.07 -8.96 -12.41
CA VAL D 304 -32.16 -10.10 -12.34
C VAL D 304 -32.81 -11.24 -13.12
N ALA D 305 -32.00 -11.98 -13.88
CA ALA D 305 -32.49 -13.09 -14.68
C ALA D 305 -31.51 -14.25 -14.60
N SER D 306 -32.05 -15.46 -14.50
CA SER D 306 -31.23 -16.66 -14.43
C SER D 306 -31.92 -17.76 -15.22
N SER D 307 -31.35 -18.96 -15.13
CA SER D 307 -31.99 -20.14 -15.70
C SER D 307 -33.43 -20.28 -15.20
N LEU D 308 -33.63 -20.13 -13.89
CA LEU D 308 -34.91 -20.41 -13.26
C LEU D 308 -35.70 -19.16 -12.90
N TRP D 309 -35.03 -18.12 -12.42
CA TRP D 309 -35.69 -17.01 -11.74
C TRP D 309 -35.59 -15.72 -12.55
N THR D 310 -36.61 -14.88 -12.40
CA THR D 310 -36.63 -13.54 -12.98
C THR D 310 -37.37 -12.61 -12.03
N PHE D 311 -36.80 -11.45 -11.74
CA PHE D 311 -37.46 -10.50 -10.85
C PHE D 311 -36.79 -9.13 -10.95
N SER D 312 -37.51 -8.12 -10.48
CA SER D 312 -36.99 -6.77 -10.31
C SER D 312 -36.88 -6.45 -8.82
N PHE D 313 -35.79 -5.79 -8.43
CA PHE D 313 -35.52 -5.48 -7.03
C PHE D 313 -35.34 -3.98 -6.83
N GLY D 314 -35.29 -3.58 -5.57
CA GLY D 314 -35.08 -2.17 -5.24
C GLY D 314 -35.18 -1.93 -3.75
N LEU D 315 -35.09 -0.65 -3.39
CA LEU D 315 -35.26 -0.17 -2.02
C LEU D 315 -36.25 0.97 -1.97
N GLY D 316 -37.26 0.82 -1.12
CA GLY D 316 -37.97 1.98 -0.63
C GLY D 316 -37.12 2.71 0.38
N ALA D 317 -37.11 4.04 0.28
CA ALA D 317 -36.25 4.84 1.14
C ALA D 317 -36.55 4.59 2.61
N PHE D 318 -37.83 4.41 2.96
CA PHE D 318 -38.26 4.17 4.33
C PHE D 318 -38.73 2.74 4.57
N SER D 319 -39.42 2.14 3.60
CA SER D 319 -39.89 0.77 3.77
C SER D 319 -38.76 -0.24 3.63
N GLY D 320 -37.76 0.04 2.80
CA GLY D 320 -36.61 -0.82 2.67
C GLY D 320 -36.66 -1.73 1.45
N PRO D 321 -35.97 -2.87 1.55
CA PRO D 321 -35.81 -3.75 0.38
C PRO D 321 -37.14 -4.28 -0.12
N ARG D 322 -37.20 -4.51 -1.43
CA ARG D 322 -38.42 -4.97 -2.07
C ARG D 322 -38.07 -5.62 -3.40
N ILE D 323 -38.97 -6.51 -3.84
CA ILE D 323 -38.79 -7.32 -5.04
C ILE D 323 -40.14 -7.43 -5.75
N PHE D 324 -40.12 -7.38 -7.08
CA PHE D 324 -41.34 -7.37 -7.87
C PHE D 324 -41.23 -8.34 -9.04
N ASP D 325 -42.39 -8.79 -9.51
CA ASP D 325 -42.52 -9.55 -10.76
C ASP D 325 -41.62 -10.79 -10.76
N VAL D 326 -41.74 -11.59 -9.70
CA VAL D 326 -40.93 -12.78 -9.55
C VAL D 326 -41.55 -13.91 -10.36
N ARG D 327 -40.76 -14.51 -11.24
CA ARG D 327 -41.24 -15.53 -12.16
C ARG D 327 -40.29 -16.72 -12.07
N PHE D 328 -40.81 -17.87 -11.66
CA PHE D 328 -40.07 -19.13 -11.70
C PHE D 328 -40.34 -19.80 -13.04
N GLN D 329 -39.29 -20.00 -13.83
CA GLN D 329 -39.40 -20.57 -15.17
C GLN D 329 -40.51 -19.89 -15.98
N GLY D 330 -40.56 -18.57 -15.90
CA GLY D 330 -41.42 -17.77 -16.74
C GLY D 330 -42.80 -17.47 -16.18
N GLU D 331 -43.20 -18.09 -15.06
CA GLU D 331 -44.53 -17.90 -14.51
C GLU D 331 -44.45 -17.10 -13.22
N ARG D 332 -45.32 -16.10 -13.09
CA ARG D 332 -45.33 -15.27 -11.90
C ARG D 332 -45.84 -16.05 -10.69
N LEU D 333 -45.08 -15.99 -9.61
CA LEU D 333 -45.50 -16.47 -8.30
C LEU D 333 -46.01 -15.34 -7.42
N VAL D 334 -45.32 -14.22 -7.42
CA VAL D 334 -45.57 -13.11 -6.51
C VAL D 334 -45.37 -11.80 -7.24
N TYR D 335 -46.33 -10.88 -7.07
CA TYR D 335 -46.24 -9.54 -7.63
C TYR D 335 -45.31 -8.65 -6.81
N GLU D 336 -45.33 -8.79 -5.49
CA GLU D 336 -44.56 -7.92 -4.62
C GLU D 336 -44.25 -8.62 -3.31
N ILE D 337 -42.97 -8.64 -2.93
CA ILE D 337 -42.54 -8.94 -1.57
C ILE D 337 -41.69 -7.76 -1.11
N SER D 338 -42.16 -7.05 -0.09
CA SER D 338 -41.48 -5.84 0.36
C SER D 338 -41.41 -5.83 1.88
N LEU D 339 -40.27 -5.41 2.40
CA LEU D 339 -40.17 -5.07 3.82
C LEU D 339 -41.06 -3.87 4.10
N GLN D 340 -41.78 -3.92 5.21
CA GLN D 340 -42.78 -2.91 5.53
C GLN D 340 -42.45 -2.06 6.74
N GLU D 341 -41.88 -2.67 7.79
CA GLU D 341 -41.54 -1.95 9.00
C GLU D 341 -40.64 -2.83 9.85
N ALA D 342 -39.78 -2.17 10.64
CA ALA D 342 -38.96 -2.84 11.64
C ALA D 342 -39.22 -2.18 12.99
N LEU D 343 -39.14 -2.97 14.05
CA LEU D 343 -39.54 -2.51 15.37
C LEU D 343 -38.60 -3.05 16.43
N ALA D 344 -38.21 -2.17 17.35
CA ALA D 344 -37.35 -2.52 18.48
C ALA D 344 -37.93 -1.88 19.74
N ILE D 345 -38.44 -2.72 20.65
CA ILE D 345 -39.01 -2.27 21.91
C ILE D 345 -38.08 -2.68 23.04
N TYR D 346 -37.70 -1.70 23.85
CA TYR D 346 -36.66 -1.85 24.85
C TYR D 346 -37.23 -1.86 26.26
N GLY D 347 -36.41 -2.33 27.18
CA GLY D 347 -36.64 -2.11 28.59
C GLY D 347 -35.31 -1.79 29.26
N GLY D 348 -35.38 -1.05 30.37
CA GLY D 348 -34.15 -0.66 31.02
C GLY D 348 -34.38 0.05 32.33
N ASN D 349 -33.27 0.36 32.99
CA ASN D 349 -33.27 1.04 34.28
C ASN D 349 -33.16 2.55 34.16
N SER D 350 -32.88 3.06 32.96
CA SER D 350 -32.77 4.48 32.68
C SER D 350 -33.89 4.95 31.77
N PRO D 351 -34.22 6.24 31.78
CA PRO D 351 -35.37 6.71 30.97
C PRO D 351 -35.22 6.46 29.48
N ALA D 352 -34.02 6.59 28.92
CA ALA D 352 -33.84 6.33 27.50
C ALA D 352 -34.24 4.90 27.16
N ALA D 353 -33.67 3.93 27.89
CA ALA D 353 -33.92 2.53 27.60
C ALA D 353 -35.39 2.16 27.83
N MET D 354 -35.93 2.52 28.99
CA MET D 354 -37.26 2.05 29.39
C MET D 354 -38.41 2.65 28.58
N THR D 355 -38.14 3.62 27.70
CA THR D 355 -39.17 4.23 26.88
C THR D 355 -38.90 4.16 25.39
N THR D 356 -37.81 3.53 24.98
CA THR D 356 -37.45 3.48 23.57
C THR D 356 -38.28 2.42 22.84
N ARG D 357 -39.00 2.86 21.80
CA ARG D 357 -39.70 1.97 20.86
C ARG D 357 -39.41 2.49 19.45
N TYR D 358 -38.32 2.00 18.85
CA TYR D 358 -37.94 2.47 17.53
C TYR D 358 -38.89 1.89 16.48
N VAL D 359 -39.54 2.77 15.71
CA VAL D 359 -40.24 2.37 14.50
C VAL D 359 -39.36 2.78 13.33
N ASP D 360 -38.40 1.91 12.99
CA ASP D 360 -37.26 2.30 12.17
C ASP D 360 -37.63 2.83 10.79
N GLY D 361 -38.84 2.50 10.29
CA GLY D 361 -39.29 3.13 9.06
C GLY D 361 -39.36 4.64 9.16
N GLY D 362 -39.58 5.16 10.36
CA GLY D 362 -39.51 6.59 10.59
C GLY D 362 -38.14 7.19 10.36
N PHE D 363 -37.09 6.37 10.41
CA PHE D 363 -35.76 6.79 9.99
C PHE D 363 -35.50 6.44 8.53
N GLY D 364 -35.74 5.18 8.16
CA GLY D 364 -35.59 4.75 6.78
C GLY D 364 -34.67 3.57 6.59
N MET D 365 -35.23 2.40 6.27
CA MET D 365 -34.39 1.23 6.03
C MET D 365 -33.56 1.39 4.77
N GLY D 366 -34.11 2.04 3.75
CA GLY D 366 -33.35 2.35 2.54
C GLY D 366 -32.41 3.51 2.78
N LYS D 367 -32.91 4.54 3.46
CA LYS D 367 -32.12 5.74 3.71
C LYS D 367 -30.82 5.43 4.43
N TYR D 368 -30.82 4.42 5.31
CA TYR D 368 -29.64 4.06 6.08
C TYR D 368 -28.98 2.77 5.58
N THR D 369 -29.17 2.43 4.31
CA THR D 369 -28.46 1.29 3.74
C THR D 369 -26.96 1.61 3.63
N THR D 370 -26.15 0.69 4.10
CA THR D 370 -24.71 0.88 4.10
C THR D 370 -24.06 0.06 2.99
N PRO D 371 -22.84 0.41 2.59
CA PRO D 371 -22.16 -0.38 1.56
C PRO D 371 -21.82 -1.78 2.04
N LEU D 372 -21.84 -2.73 1.11
CA LEU D 372 -21.54 -4.12 1.43
C LEU D 372 -20.06 -4.38 1.21
N THR D 373 -19.36 -4.75 2.29
CA THR D 373 -17.94 -5.01 2.20
C THR D 373 -17.71 -6.33 1.47
N ARG D 374 -17.04 -6.23 0.33
CA ARG D 374 -16.78 -7.38 -0.52
C ARG D 374 -15.94 -8.42 0.21
N GLY D 375 -16.51 -9.60 0.46
CA GLY D 375 -15.82 -10.66 1.17
C GLY D 375 -16.26 -10.86 2.60
N VAL D 376 -16.91 -9.87 3.20
CA VAL D 376 -17.47 -9.99 4.54
C VAL D 376 -18.99 -10.01 4.51
N ASP D 377 -19.61 -9.02 3.88
CA ASP D 377 -21.05 -8.90 3.88
C ASP D 377 -21.69 -9.87 2.89
N CYS D 378 -20.99 -10.15 1.79
CA CYS D 378 -21.41 -11.12 0.79
C CYS D 378 -20.15 -11.88 0.36
N PRO D 379 -20.27 -12.95 -0.43
CA PRO D 379 -19.07 -13.56 -0.99
C PRO D 379 -18.32 -12.58 -1.88
N TYR D 380 -16.99 -12.71 -1.89
CA TYR D 380 -16.14 -11.79 -2.65
C TYR D 380 -16.61 -11.65 -4.08
N LEU D 381 -16.93 -12.76 -4.74
CA LEU D 381 -17.25 -12.75 -6.16
C LEU D 381 -18.74 -12.51 -6.44
N ALA D 382 -19.46 -11.91 -5.49
CA ALA D 382 -20.83 -11.50 -5.73
C ALA D 382 -20.87 -10.33 -6.71
N THR D 383 -22.06 -10.03 -7.20
CA THR D 383 -22.30 -8.86 -8.06
C THR D 383 -22.84 -7.74 -7.18
N TYR D 384 -22.06 -6.67 -7.04
CA TYR D 384 -22.43 -5.54 -6.20
C TYR D 384 -23.03 -4.44 -7.06
N VAL D 385 -24.09 -3.82 -6.53
CA VAL D 385 -24.91 -2.87 -7.28
C VAL D 385 -25.09 -1.62 -6.42
N ASP D 386 -25.10 -0.46 -7.06
CA ASP D 386 -25.22 0.82 -6.36
C ASP D 386 -26.67 1.28 -6.29
N TRP D 387 -26.98 2.07 -5.28
CA TRP D 387 -28.30 2.64 -5.08
C TRP D 387 -28.21 4.15 -5.12
N HIS D 388 -29.10 4.77 -5.89
CA HIS D 388 -29.19 6.22 -5.99
C HIS D 388 -30.40 6.71 -5.22
N PHE D 389 -30.24 7.83 -4.50
CA PHE D 389 -31.30 8.35 -3.65
C PHE D 389 -31.23 9.87 -3.59
N LEU D 390 -32.35 10.46 -3.19
CA LEU D 390 -32.46 11.90 -2.96
C LEU D 390 -33.22 12.10 -1.65
N LEU D 391 -32.48 12.30 -0.56
CA LEU D 391 -33.06 12.38 0.77
C LEU D 391 -32.33 13.44 1.58
N GLU D 392 -33.09 14.40 2.10
CA GLU D 392 -32.56 15.48 2.95
C GLU D 392 -31.41 16.21 2.26
N SER D 393 -31.59 16.53 0.97
CA SER D 393 -30.59 17.27 0.21
C SER D 393 -31.24 17.73 -1.09
N GLN D 394 -30.52 18.56 -1.85
CA GLN D 394 -30.99 19.02 -3.15
C GLN D 394 -30.34 18.30 -4.33
N ALA D 395 -29.22 17.60 -4.11
CA ALA D 395 -28.66 16.80 -5.19
C ALA D 395 -28.70 15.32 -4.82
N PRO D 396 -29.00 14.44 -5.77
CA PRO D 396 -29.01 13.01 -5.47
C PRO D 396 -27.62 12.49 -5.17
N LYS D 397 -27.55 11.52 -4.28
CA LYS D 397 -26.31 10.89 -3.88
C LYS D 397 -26.36 9.41 -4.23
N THR D 398 -25.32 8.68 -3.86
CA THR D 398 -25.20 7.27 -4.20
C THR D 398 -24.61 6.51 -3.03
N ILE D 399 -25.24 5.38 -2.69
CA ILE D 399 -24.65 4.38 -1.81
C ILE D 399 -24.04 3.31 -2.70
N ARG D 400 -22.71 3.21 -2.68
CA ARG D 400 -22.01 2.26 -3.52
C ARG D 400 -22.03 0.87 -2.89
N ASP D 401 -22.32 -0.14 -3.71
CA ASP D 401 -22.42 -1.53 -3.26
C ASP D 401 -23.53 -1.70 -2.23
N ALA D 402 -24.70 -1.09 -2.49
CA ALA D 402 -25.83 -1.21 -1.56
C ALA D 402 -26.45 -2.60 -1.64
N PHE D 403 -26.54 -3.17 -2.84
CA PHE D 403 -27.01 -4.53 -3.03
C PHE D 403 -25.86 -5.44 -3.44
N CYS D 404 -26.00 -6.72 -3.11
CA CYS D 404 -25.15 -7.75 -3.68
C CYS D 404 -26.06 -8.88 -4.14
N VAL D 405 -25.67 -9.49 -5.26
CA VAL D 405 -26.42 -10.59 -5.86
C VAL D 405 -25.43 -11.68 -6.22
N PHE D 406 -25.69 -12.91 -5.78
CA PHE D 406 -24.72 -13.97 -5.96
C PHE D 406 -25.40 -15.33 -5.88
N GLU D 407 -24.68 -16.33 -6.40
CA GLU D 407 -25.01 -17.73 -6.22
C GLU D 407 -24.20 -18.30 -5.08
N GLN D 408 -24.84 -19.08 -4.21
CA GLN D 408 -24.17 -19.74 -3.09
C GLN D 408 -24.40 -21.24 -3.19
N ASN D 409 -23.32 -21.99 -3.33
CA ASN D 409 -23.39 -23.44 -3.18
C ASN D 409 -23.59 -23.75 -1.70
N GLN D 410 -24.74 -24.34 -1.37
CA GLN D 410 -25.07 -24.56 0.02
C GLN D 410 -24.25 -25.67 0.66
N GLY D 411 -23.48 -26.42 -0.12
CA GLY D 411 -22.82 -27.59 0.41
C GLY D 411 -23.80 -28.57 1.04
N LEU D 412 -24.93 -28.79 0.40
CA LEU D 412 -25.96 -29.49 1.13
C LEU D 412 -26.61 -30.03 -0.12
N PRO D 413 -27.13 -31.26 -0.14
CA PRO D 413 -28.00 -31.61 -1.26
C PRO D 413 -29.41 -31.02 -1.20
N LEU D 414 -29.89 -30.58 -2.37
CA LEU D 414 -31.32 -30.27 -2.50
C LEU D 414 -32.17 -31.53 -2.35
N ARG D 415 -31.77 -32.61 -3.04
CA ARG D 415 -32.45 -33.89 -2.94
C ARG D 415 -31.43 -35.00 -3.19
N ARG D 416 -31.79 -36.20 -2.76
CA ARG D 416 -30.86 -37.32 -2.71
C ARG D 416 -31.63 -38.61 -2.59
N HIS D 417 -31.18 -39.65 -3.30
CA HIS D 417 -31.46 -41.00 -2.85
C HIS D 417 -30.31 -41.93 -3.20
N HIS D 418 -29.93 -42.78 -2.25
CA HIS D 418 -28.94 -43.82 -2.43
C HIS D 418 -29.61 -45.17 -2.21
N SER D 419 -29.72 -45.96 -3.26
CA SER D 419 -30.51 -47.19 -3.24
C SER D 419 -29.59 -48.39 -3.19
N ASP D 420 -29.66 -49.14 -2.10
CA ASP D 420 -29.01 -50.45 -1.97
C ASP D 420 -30.00 -51.60 -2.08
N LEU D 421 -31.27 -51.30 -2.35
CA LEU D 421 -32.35 -52.27 -2.24
C LEU D 421 -32.98 -52.50 -3.61
N TYR D 422 -32.89 -53.75 -4.11
CA TYR D 422 -33.57 -54.21 -5.31
C TYR D 422 -33.08 -53.56 -6.61
N SER D 423 -32.39 -52.44 -6.53
CA SER D 423 -31.84 -51.81 -7.71
C SER D 423 -30.83 -50.75 -7.29
N HIS D 424 -29.61 -50.85 -7.79
CA HIS D 424 -28.49 -50.06 -7.28
C HIS D 424 -28.35 -48.80 -8.12
N TYR D 425 -28.69 -47.66 -7.53
CA TYR D 425 -28.64 -46.38 -8.22
C TYR D 425 -28.45 -45.26 -7.21
N PHE D 426 -27.93 -44.14 -7.69
CA PHE D 426 -27.87 -42.90 -6.92
C PHE D 426 -28.46 -41.78 -7.78
N GLY D 427 -29.20 -40.88 -7.12
CA GLY D 427 -29.77 -39.73 -7.79
C GLY D 427 -29.91 -38.54 -6.86
N GLY D 428 -29.22 -37.44 -7.18
CA GLY D 428 -29.23 -36.31 -6.29
C GLY D 428 -28.95 -35.02 -7.03
N LEU D 429 -28.83 -33.96 -6.24
CA LEU D 429 -28.59 -32.61 -6.75
C LEU D 429 -28.14 -31.69 -5.62
N ALA D 430 -26.92 -31.17 -5.69
CA ALA D 430 -26.46 -30.22 -4.67
C ALA D 430 -27.22 -28.91 -4.80
N GLU D 431 -27.60 -28.34 -3.65
CA GLU D 431 -28.41 -27.13 -3.66
C GLU D 431 -27.53 -25.91 -3.88
N THR D 432 -27.84 -25.15 -4.93
CA THR D 432 -27.24 -23.85 -5.19
C THR D 432 -28.37 -22.82 -5.23
N VAL D 433 -28.24 -21.77 -4.43
CA VAL D 433 -29.30 -20.79 -4.26
C VAL D 433 -28.88 -19.45 -4.85
N LEU D 434 -29.87 -18.58 -5.06
CA LEU D 434 -29.67 -17.23 -5.56
C LEU D 434 -30.10 -16.24 -4.48
N VAL D 435 -29.19 -15.34 -4.11
CA VAL D 435 -29.39 -14.44 -2.99
C VAL D 435 -29.41 -13.00 -3.50
N VAL D 436 -30.24 -12.18 -2.86
CA VAL D 436 -30.22 -10.73 -3.00
C VAL D 436 -30.21 -10.13 -1.60
N ARG D 437 -29.28 -9.21 -1.36
CA ARG D 437 -29.03 -8.77 0.00
C ARG D 437 -28.78 -7.27 0.06
N SER D 438 -29.40 -6.63 1.04
CA SER D 438 -29.12 -5.26 1.43
C SER D 438 -28.82 -5.26 2.92
N MET D 439 -28.19 -4.18 3.39
CA MET D 439 -27.92 -4.03 4.80
C MET D 439 -28.23 -2.62 5.26
N SER D 440 -28.96 -2.52 6.37
CA SER D 440 -29.38 -1.26 6.95
C SER D 440 -28.73 -1.10 8.32
N THR D 441 -27.95 -0.03 8.48
CA THR D 441 -27.34 0.33 9.77
C THR D 441 -28.10 1.49 10.38
N LEU D 442 -28.94 1.19 11.36
CA LEU D 442 -29.78 2.16 12.05
C LEU D 442 -29.22 2.36 13.45
N LEU D 443 -28.46 3.44 13.62
CA LEU D 443 -27.77 3.72 14.86
C LEU D 443 -26.89 2.54 15.25
N ASN D 444 -27.16 1.89 16.38
CA ASN D 444 -26.26 0.86 16.89
C ASN D 444 -26.27 -0.46 16.11
N TPQ D 445 -27.41 -0.85 15.54
CA TPQ D 445 -27.47 -2.16 14.92
CB TPQ D 445 -28.64 -3.04 15.39
C TPQ D 445 -27.57 -2.19 13.41
O TPQ D 445 -27.96 -1.27 12.68
C1 TPQ D 445 -29.85 -2.29 15.81
C2 TPQ D 445 -30.41 -2.64 17.14
O2 TPQ D 445 -29.89 -3.51 17.84
C3 TPQ D 445 -31.59 -1.89 17.56
C4 TPQ D 445 -32.15 -0.94 16.78
O4 TPQ D 445 -33.26 -0.27 17.21
C5 TPQ D 445 -31.59 -0.59 15.44
O5 TPQ D 445 -32.14 0.28 14.76
C6 TPQ D 445 -30.41 -1.34 15.02
N ASP D 446 -27.18 -3.36 12.94
CA ASP D 446 -27.12 -3.69 11.52
C ASP D 446 -28.14 -4.76 11.16
N TYR D 447 -29.12 -4.40 10.35
CA TYR D 447 -30.02 -5.40 9.81
C TYR D 447 -29.50 -5.91 8.48
N VAL D 448 -29.50 -7.22 8.33
CA VAL D 448 -29.24 -7.87 7.04
C VAL D 448 -30.58 -8.34 6.48
N TRP D 449 -30.81 -8.08 5.20
CA TRP D 449 -32.07 -8.43 4.55
C TRP D 449 -31.79 -9.44 3.45
N ASP D 450 -32.10 -10.71 3.72
CA ASP D 450 -31.90 -11.80 2.78
C ASP D 450 -33.20 -12.14 2.04
N THR D 451 -33.08 -12.34 0.74
CA THR D 451 -34.09 -13.03 -0.05
C THR D 451 -33.38 -14.09 -0.86
N VAL D 452 -33.69 -15.35 -0.58
CA VAL D 452 -32.98 -16.50 -1.13
C VAL D 452 -33.93 -17.26 -2.04
N PHE D 453 -33.52 -17.46 -3.29
CA PHE D 453 -34.32 -18.16 -4.29
C PHE D 453 -33.77 -19.57 -4.47
N HIS D 454 -34.62 -20.58 -4.21
CA HIS D 454 -34.22 -21.98 -4.21
C HIS D 454 -34.57 -22.64 -5.53
N PRO D 455 -33.79 -23.65 -5.94
CA PRO D 455 -34.09 -24.32 -7.22
C PRO D 455 -35.33 -25.20 -7.18
N SER D 456 -35.96 -25.37 -6.02
CA SER D 456 -37.19 -26.13 -5.92
C SER D 456 -38.43 -25.31 -6.26
N GLY D 457 -38.27 -24.02 -6.50
CA GLY D 457 -39.40 -23.13 -6.63
C GLY D 457 -39.79 -22.41 -5.36
N ALA D 458 -39.05 -22.62 -4.27
CA ALA D 458 -39.34 -21.97 -3.01
C ALA D 458 -38.58 -20.66 -2.88
N ILE D 459 -39.18 -19.73 -2.14
CA ILE D 459 -38.57 -18.43 -1.85
C ILE D 459 -38.41 -18.32 -0.34
N GLU D 460 -37.32 -17.69 0.10
CA GLU D 460 -37.00 -17.59 1.53
C GLU D 460 -36.71 -16.16 1.89
N ILE D 461 -37.30 -15.70 2.99
CA ILE D 461 -37.09 -14.36 3.53
C ILE D 461 -36.55 -14.53 4.94
N ARG D 462 -35.36 -14.00 5.18
CA ARG D 462 -34.54 -14.11 6.38
C ARG D 462 -33.89 -12.77 6.64
N PHE D 463 -33.77 -12.36 7.90
CA PHE D 463 -33.42 -10.98 8.18
C PHE D 463 -32.44 -11.28 9.25
N TYR D 464 -31.37 -10.54 9.38
CA TYR D 464 -30.61 -10.79 10.58
C TYR D 464 -30.29 -9.48 11.27
N ALA D 465 -30.14 -9.55 12.58
CA ALA D 465 -29.78 -8.39 13.39
C ALA D 465 -28.37 -8.58 13.93
N THR D 466 -27.47 -7.67 13.56
CA THR D 466 -26.09 -7.71 14.03
C THR D 466 -25.68 -6.29 14.39
N GLY D 467 -24.38 -6.08 14.56
CA GLY D 467 -23.90 -4.79 14.97
C GLY D 467 -23.84 -4.65 16.48
N TYR D 468 -23.76 -3.40 16.92
CA TYR D 468 -23.62 -3.11 18.34
C TYR D 468 -24.96 -3.17 19.05
N ILE D 469 -24.95 -3.66 20.28
CA ILE D 469 -26.11 -3.53 21.15
C ILE D 469 -26.18 -2.10 21.69
N SER D 470 -27.36 -1.74 22.20
CA SER D 470 -27.53 -0.50 22.92
C SER D 470 -27.34 -0.76 24.41
N SER D 471 -26.54 0.07 25.07
CA SER D 471 -26.22 -0.12 26.47
C SER D 471 -26.61 1.10 27.28
N ALA D 472 -26.61 0.93 28.60
CA ALA D 472 -26.83 2.01 29.54
C ALA D 472 -25.82 1.86 30.68
N PHE D 473 -25.72 2.91 31.50
CA PHE D 473 -24.87 2.83 32.67
C PHE D 473 -25.51 1.95 33.71
N LEU D 474 -24.70 1.07 34.31
CA LEU D 474 -25.20 0.07 35.24
C LEU D 474 -25.29 0.67 36.64
N PHE D 475 -26.42 0.42 37.31
CA PHE D 475 -26.63 0.84 38.68
C PHE D 475 -27.68 -0.06 39.30
N GLY D 476 -27.67 -0.12 40.64
CA GLY D 476 -28.50 -1.01 41.45
C GLY D 476 -29.71 -1.65 40.80
N ALA D 477 -29.53 -2.84 40.24
CA ALA D 477 -30.62 -3.58 39.61
C ALA D 477 -30.26 -5.06 39.55
N THR D 478 -31.28 -5.90 39.68
CA THR D 478 -31.10 -7.35 39.80
C THR D 478 -31.39 -8.08 38.50
N GLY D 479 -30.94 -7.53 37.37
CA GLY D 479 -31.15 -8.17 36.09
C GLY D 479 -32.57 -8.14 35.57
N LYS D 480 -33.50 -7.43 36.23
CA LYS D 480 -34.84 -7.27 35.69
C LYS D 480 -34.84 -6.64 34.30
N TYR D 481 -33.73 -5.99 33.91
CA TYR D 481 -33.68 -5.27 32.65
C TYR D 481 -32.49 -5.66 31.78
N GLY D 482 -31.79 -6.74 32.12
CA GLY D 482 -30.73 -7.24 31.28
C GLY D 482 -29.58 -7.76 32.10
N ASN D 483 -28.46 -8.01 31.42
CA ASN D 483 -27.25 -8.54 32.03
C ASN D 483 -26.16 -7.48 31.97
N GLN D 484 -25.21 -7.57 32.89
CA GLN D 484 -24.01 -6.76 32.80
C GLN D 484 -23.09 -7.37 31.75
N VAL D 485 -22.71 -6.59 30.75
CA VAL D 485 -21.89 -7.08 29.66
C VAL D 485 -20.44 -6.64 29.81
N SER D 486 -20.17 -5.43 30.27
CA SER D 486 -18.79 -5.02 30.52
C SER D 486 -18.79 -4.11 31.74
N GLU D 487 -17.62 -3.53 32.03
CA GLU D 487 -17.45 -2.67 33.20
C GLU D 487 -18.43 -1.49 33.15
N HIS D 488 -19.38 -1.47 34.08
CA HIS D 488 -20.37 -0.41 34.25
C HIS D 488 -21.39 -0.36 33.13
N THR D 489 -21.57 -1.44 32.38
CA THR D 489 -22.44 -1.45 31.21
C THR D 489 -23.55 -2.48 31.38
N LEU D 490 -24.78 -2.03 31.33
CA LEU D 490 -25.96 -2.89 31.28
C LEU D 490 -26.35 -3.13 29.83
N GLY D 491 -26.45 -4.39 29.44
CA GLY D 491 -27.01 -4.73 28.14
C GLY D 491 -28.53 -4.73 28.24
N THR D 492 -29.17 -3.73 27.66
CA THR D 492 -30.60 -3.52 27.87
C THR D 492 -31.42 -4.52 27.07
N VAL D 493 -32.40 -5.14 27.75
CA VAL D 493 -33.29 -6.09 27.11
C VAL D 493 -34.16 -5.39 26.08
N HIS D 494 -34.51 -6.11 25.02
CA HIS D 494 -35.33 -5.55 23.95
C HIS D 494 -35.84 -6.68 23.06
N THR D 495 -36.77 -6.34 22.18
CA THR D 495 -37.30 -7.26 21.19
C THR D 495 -37.13 -6.68 19.79
N HIS D 496 -36.76 -7.53 18.84
CA HIS D 496 -36.78 -7.20 17.43
C HIS D 496 -38.01 -7.82 16.77
N SER D 497 -38.56 -7.14 15.78
CA SER D 497 -39.66 -7.70 15.00
C SER D 497 -39.83 -6.88 13.72
N ALA D 498 -40.10 -7.57 12.61
CA ALA D 498 -40.27 -6.92 11.32
C ALA D 498 -41.51 -7.44 10.63
N HIS D 499 -42.00 -6.65 9.69
CA HIS D 499 -43.26 -6.92 9.03
C HIS D 499 -42.99 -7.00 7.54
N PHE D 500 -43.64 -7.94 6.86
CA PHE D 500 -43.43 -8.16 5.43
C PHE D 500 -44.76 -8.23 4.70
N LYS D 501 -44.84 -7.50 3.59
CA LYS D 501 -45.97 -7.59 2.67
C LYS D 501 -45.64 -8.64 1.62
N VAL D 502 -46.46 -9.68 1.52
CA VAL D 502 -46.27 -10.76 0.57
C VAL D 502 -47.53 -10.84 -0.28
N ASP D 503 -47.47 -10.28 -1.48
CA ASP D 503 -48.61 -10.27 -2.40
C ASP D 503 -48.42 -11.40 -3.40
N LEU D 504 -48.74 -12.61 -2.97
CA LEU D 504 -48.70 -13.75 -3.87
C LEU D 504 -49.85 -13.69 -4.85
N ASP D 505 -49.56 -14.05 -6.11
CA ASP D 505 -50.57 -14.23 -7.15
C ASP D 505 -50.39 -15.65 -7.68
N VAL D 506 -50.89 -16.63 -6.93
CA VAL D 506 -50.66 -18.04 -7.24
C VAL D 506 -51.52 -18.41 -8.45
N ALA D 507 -50.87 -18.61 -9.59
CA ALA D 507 -51.53 -19.01 -10.84
C ALA D 507 -52.72 -18.10 -11.14
N GLY D 508 -52.49 -16.79 -10.98
CA GLY D 508 -53.52 -15.79 -11.20
C GLY D 508 -53.77 -14.95 -9.95
N LEU D 509 -54.65 -13.96 -10.12
CA LEU D 509 -54.99 -13.06 -9.01
C LEU D 509 -55.89 -13.76 -8.00
N GLU D 510 -57.00 -14.32 -8.46
CA GLU D 510 -57.99 -14.92 -7.56
C GLU D 510 -57.36 -16.05 -6.76
N ASN D 511 -57.33 -15.90 -5.44
CA ASN D 511 -56.76 -16.90 -4.56
C ASN D 511 -57.67 -17.16 -3.37
N TRP D 512 -57.49 -18.33 -2.78
CA TRP D 512 -58.17 -18.75 -1.57
C TRP D 512 -57.13 -19.12 -0.52
N VAL D 513 -57.54 -19.13 0.75
CA VAL D 513 -56.65 -19.45 1.86
C VAL D 513 -57.07 -20.79 2.44
N TRP D 514 -56.11 -21.70 2.55
CA TRP D 514 -56.34 -23.05 3.06
C TRP D 514 -55.55 -23.29 4.33
N ALA D 515 -56.15 -24.03 5.26
CA ALA D 515 -55.48 -24.47 6.46
C ALA D 515 -55.64 -25.97 6.59
N GLU D 516 -54.51 -26.69 6.59
CA GLU D 516 -54.47 -28.13 6.77
C GLU D 516 -53.61 -28.46 7.98
N ASP D 517 -54.00 -29.50 8.72
CA ASP D 517 -53.32 -29.86 9.95
C ASP D 517 -53.73 -31.30 10.29
N MET D 518 -53.32 -31.81 11.45
CA MET D 518 -53.41 -33.24 11.73
C MET D 518 -54.29 -33.53 12.96
N VAL D 519 -54.73 -34.78 13.04
CA VAL D 519 -55.52 -35.26 14.18
C VAL D 519 -55.47 -36.78 14.21
N PHE D 520 -55.58 -37.34 15.42
CA PHE D 520 -55.65 -38.77 15.64
C PHE D 520 -57.07 -39.17 16.04
N VAL D 521 -57.53 -40.31 15.51
CA VAL D 521 -58.89 -40.79 15.74
C VAL D 521 -58.86 -42.23 16.20
N PRO D 522 -59.34 -42.55 17.40
CA PRO D 522 -59.42 -43.95 17.83
C PRO D 522 -60.34 -44.77 16.93
N MET D 523 -59.98 -46.03 16.75
CA MET D 523 -60.71 -46.96 15.89
C MET D 523 -60.42 -48.40 16.30
N ALA D 524 -61.42 -49.25 16.15
CA ALA D 524 -61.16 -50.68 16.22
C ALA D 524 -60.35 -51.10 15.01
N VAL D 525 -59.40 -52.00 15.22
CA VAL D 525 -58.57 -52.53 14.14
C VAL D 525 -59.47 -53.30 13.18
N PRO D 526 -59.49 -52.96 11.90
CA PRO D 526 -60.41 -53.63 10.96
C PRO D 526 -60.31 -55.14 10.96
N TRP D 527 -59.08 -55.68 11.02
CA TRP D 527 -58.85 -57.12 10.95
C TRP D 527 -58.72 -57.76 12.34
N SER D 528 -59.05 -57.03 13.40
CA SER D 528 -59.02 -57.55 14.77
C SER D 528 -59.72 -56.57 15.70
N PRO D 529 -61.04 -56.41 15.58
CA PRO D 529 -61.73 -55.31 16.29
C PRO D 529 -61.58 -55.36 17.81
N GLU D 530 -61.03 -56.44 18.37
CA GLU D 530 -60.74 -56.47 19.80
C GLU D 530 -59.66 -55.46 20.19
N HIS D 531 -58.98 -54.86 19.23
CA HIS D 531 -57.87 -53.94 19.49
C HIS D 531 -58.21 -52.53 19.02
N GLN D 532 -57.39 -51.59 19.48
CA GLN D 532 -57.61 -50.16 19.27
C GLN D 532 -56.41 -49.59 18.54
N LEU D 533 -56.63 -48.88 17.43
CA LEU D 533 -55.57 -48.06 16.89
C LEU D 533 -55.93 -46.58 16.92
N GLN D 534 -54.91 -45.77 16.71
CA GLN D 534 -55.01 -44.32 16.58
C GLN D 534 -54.79 -43.99 15.10
N ARG D 535 -55.87 -43.59 14.43
CA ARG D 535 -55.87 -43.38 12.99
C ARG D 535 -55.46 -41.96 12.67
N LEU D 536 -54.27 -41.79 12.10
CA LEU D 536 -53.79 -40.47 11.72
C LEU D 536 -54.56 -39.98 10.49
N GLN D 537 -55.08 -38.77 10.57
CA GLN D 537 -55.88 -38.19 9.50
C GLN D 537 -55.50 -36.72 9.31
N VAL D 538 -55.89 -36.18 8.16
CA VAL D 538 -55.63 -34.78 7.81
C VAL D 538 -56.93 -34.00 7.97
N THR D 539 -56.83 -32.86 8.66
CA THR D 539 -57.93 -31.89 8.74
C THR D 539 -57.68 -30.76 7.76
N ARG D 540 -58.74 -30.30 7.10
CA ARG D 540 -58.61 -29.24 6.11
C ARG D 540 -59.80 -28.30 6.24
N LYS D 541 -59.51 -27.00 6.26
CA LYS D 541 -60.54 -25.98 6.39
C LYS D 541 -60.22 -24.82 5.45
N LEU D 542 -61.25 -24.33 4.76
CA LEU D 542 -61.13 -23.13 3.94
C LEU D 542 -61.35 -21.91 4.83
N LEU D 543 -60.41 -20.98 4.79
CA LEU D 543 -60.51 -19.73 5.55
C LEU D 543 -61.25 -18.70 4.71
N GLU D 544 -62.46 -18.34 5.13
CA GLU D 544 -63.40 -17.58 4.32
C GLU D 544 -63.31 -16.08 4.57
N MET D 545 -63.35 -15.66 5.83
CA MET D 545 -63.34 -14.24 6.17
C MET D 545 -61.93 -13.79 6.56
N GLU D 546 -61.68 -12.49 6.41
CA GLU D 546 -60.37 -11.94 6.76
C GLU D 546 -59.99 -12.24 8.20
N GLU D 547 -60.99 -12.27 9.09
CA GLU D 547 -60.70 -12.48 10.51
C GLU D 547 -60.22 -13.89 10.78
N GLN D 548 -60.65 -14.87 9.98
CA GLN D 548 -60.20 -16.25 10.16
C GLN D 548 -58.73 -16.44 9.79
N ALA D 549 -58.17 -15.54 8.98
CA ALA D 549 -56.77 -15.64 8.56
C ALA D 549 -55.87 -14.66 9.30
N ALA D 550 -56.36 -14.05 10.37
CA ALA D 550 -55.56 -13.14 11.20
C ALA D 550 -55.13 -13.89 12.45
N PHE D 551 -53.88 -14.36 12.47
CA PHE D 551 -53.34 -15.15 13.57
C PHE D 551 -52.54 -14.25 14.49
N LEU D 552 -53.03 -14.07 15.71
CA LEU D 552 -52.33 -13.27 16.71
C LEU D 552 -51.13 -14.04 17.25
N VAL D 553 -50.16 -13.28 17.76
CA VAL D 553 -48.97 -13.91 18.35
C VAL D 553 -49.37 -14.66 19.60
N GLY D 554 -48.91 -15.92 19.70
CA GLY D 554 -49.24 -16.78 20.81
C GLY D 554 -50.33 -17.78 20.49
N SER D 555 -51.18 -17.47 19.51
CA SER D 555 -52.22 -18.39 19.11
C SER D 555 -51.61 -19.63 18.44
N ALA D 556 -52.37 -20.72 18.48
CA ALA D 556 -51.99 -21.91 17.75
C ALA D 556 -52.15 -21.65 16.26
N THR D 557 -51.19 -22.14 15.47
CA THR D 557 -51.17 -21.90 14.04
C THR D 557 -51.25 -23.22 13.26
N PRO D 558 -52.00 -23.27 12.16
CA PRO D 558 -52.05 -24.50 11.34
C PRO D 558 -50.65 -24.86 10.85
N ARG D 559 -50.28 -26.15 10.86
CA ARG D 559 -48.86 -26.37 10.51
C ARG D 559 -48.74 -26.19 9.01
N TYR D 560 -49.84 -26.40 8.28
CA TYR D 560 -49.91 -26.16 6.84
C TYR D 560 -50.91 -25.05 6.58
N LEU D 561 -50.42 -23.91 6.11
CA LEU D 561 -51.29 -22.82 5.67
C LEU D 561 -50.78 -22.32 4.33
N TYR D 562 -51.67 -22.27 3.34
CA TYR D 562 -51.25 -21.94 1.99
C TYR D 562 -52.33 -21.15 1.27
N LEU D 563 -51.89 -20.40 0.26
CA LEU D 563 -52.77 -19.70 -0.67
C LEU D 563 -52.76 -20.44 -1.99
N ALA D 564 -53.95 -20.67 -2.55
CA ALA D 564 -54.09 -21.49 -3.74
C ALA D 564 -55.01 -20.81 -4.75
N SER D 565 -54.87 -21.20 -6.00
CA SER D 565 -55.72 -20.67 -7.07
C SER D 565 -57.00 -21.49 -7.17
N ASN D 566 -57.85 -21.10 -8.12
CA ASN D 566 -59.09 -21.83 -8.37
C ASN D 566 -58.85 -23.11 -9.14
N HIS D 567 -57.77 -23.20 -9.89
CA HIS D 567 -57.51 -24.33 -10.77
C HIS D 567 -56.80 -25.44 -9.98
N SER D 568 -56.44 -26.50 -10.70
CA SER D 568 -55.80 -27.65 -10.10
C SER D 568 -54.55 -28.02 -10.89
N ASN D 569 -53.66 -28.78 -10.25
CA ASN D 569 -52.54 -29.37 -10.94
C ASN D 569 -53.01 -30.64 -11.64
N LYS D 570 -52.07 -31.40 -12.22
CA LYS D 570 -52.44 -32.60 -12.96
C LYS D 570 -53.26 -33.57 -12.11
N TRP D 571 -53.02 -33.60 -10.80
CA TRP D 571 -53.65 -34.55 -9.90
C TRP D 571 -54.84 -33.96 -9.16
N GLY D 572 -55.45 -32.91 -9.72
CA GLY D 572 -56.71 -32.42 -9.20
C GLY D 572 -56.62 -31.59 -7.93
N HIS D 573 -55.42 -31.25 -7.48
CA HIS D 573 -55.32 -30.45 -6.26
C HIS D 573 -55.14 -28.97 -6.60
N PRO D 574 -55.81 -28.08 -5.86
CA PRO D 574 -55.63 -26.65 -6.09
C PRO D 574 -54.16 -26.26 -6.02
N ARG D 575 -53.71 -25.49 -7.02
CA ARG D 575 -52.32 -25.06 -7.13
C ARG D 575 -52.08 -23.97 -6.10
N GLY D 576 -51.25 -24.24 -5.11
CA GLY D 576 -50.97 -23.27 -4.06
C GLY D 576 -49.50 -23.17 -3.71
N TYR D 577 -49.14 -22.01 -3.15
CA TYR D 577 -48.02 -21.94 -2.24
C TYR D 577 -48.44 -21.74 -0.79
N ARG D 578 -47.46 -22.05 0.05
CA ARG D 578 -47.59 -22.26 1.48
C ARG D 578 -46.60 -21.37 2.22
N ILE D 579 -47.08 -20.73 3.28
CA ILE D 579 -46.27 -19.89 4.16
C ILE D 579 -45.83 -20.75 5.34
N GLN D 580 -44.51 -20.81 5.53
CA GLN D 580 -43.90 -21.54 6.63
C GLN D 580 -42.99 -20.57 7.36
N MET D 581 -43.25 -20.39 8.66
CA MET D 581 -42.62 -19.36 9.45
C MET D 581 -41.56 -19.88 10.39
N LEU D 582 -40.38 -19.29 10.30
CA LEU D 582 -39.31 -19.46 11.27
C LEU D 582 -39.26 -18.19 12.10
N SER D 583 -39.97 -18.20 13.23
CA SER D 583 -40.04 -17.00 14.06
C SER D 583 -40.12 -17.41 15.53
N PHE D 584 -39.39 -16.67 16.36
CA PHE D 584 -39.39 -16.85 17.80
C PHE D 584 -40.04 -15.65 18.49
N ALA D 585 -41.13 -15.15 17.89
CA ALA D 585 -41.62 -13.80 18.13
C ALA D 585 -41.78 -13.49 19.61
N GLY D 586 -41.38 -12.27 19.98
CA GLY D 586 -41.51 -11.84 21.35
C GLY D 586 -42.93 -11.42 21.72
N GLU D 587 -43.16 -11.30 23.03
CA GLU D 587 -44.44 -10.83 23.53
C GLU D 587 -44.69 -9.41 23.03
N PRO D 588 -45.87 -9.12 22.47
CA PRO D 588 -46.12 -7.79 21.94
C PRO D 588 -46.46 -6.75 23.00
N LEU D 589 -46.19 -5.49 22.64
CA LEU D 589 -46.56 -4.38 23.50
C LEU D 589 -48.06 -4.43 23.78
N PRO D 590 -48.48 -4.30 25.04
CA PRO D 590 -49.90 -4.47 25.35
C PRO D 590 -50.78 -3.47 24.61
N GLN D 591 -52.04 -3.86 24.41
CA GLN D 591 -53.00 -2.97 23.77
C GLN D 591 -53.38 -1.80 24.67
N ASN D 592 -53.39 -2.00 25.99
CA ASN D 592 -53.69 -0.90 26.91
C ASN D 592 -52.79 0.30 26.69
N SER D 593 -51.60 0.08 26.12
CA SER D 593 -50.73 1.18 25.76
C SER D 593 -51.33 1.95 24.60
N SER D 594 -51.47 3.28 24.77
CA SER D 594 -51.91 4.12 23.67
C SER D 594 -50.95 4.07 22.49
N MET D 595 -49.70 3.69 22.73
CA MET D 595 -48.67 3.70 21.69
C MET D 595 -48.87 2.57 20.68
N ALA D 596 -49.54 1.49 21.08
CA ALA D 596 -49.50 0.24 20.31
C ALA D 596 -50.11 0.39 18.92
N ARG D 597 -51.08 1.29 18.75
CA ARG D 597 -51.74 1.45 17.46
C ARG D 597 -50.77 1.86 16.36
N GLY D 598 -49.63 2.45 16.71
CA GLY D 598 -48.63 2.82 15.71
C GLY D 598 -47.89 1.66 15.10
N PHE D 599 -48.01 0.47 15.68
CA PHE D 599 -47.39 -0.72 15.11
C PHE D 599 -48.23 -1.94 15.50
N SER D 600 -49.53 -1.88 15.24
CA SER D 600 -50.44 -2.98 15.59
C SER D 600 -50.14 -4.26 14.83
N TRP D 601 -49.29 -4.21 13.80
CA TRP D 601 -48.91 -5.42 13.08
C TRP D 601 -48.07 -6.36 13.93
N GLU D 602 -47.24 -5.82 14.81
CA GLU D 602 -46.64 -6.63 15.88
C GLU D 602 -47.56 -7.63 16.59
N ARG D 603 -48.85 -7.32 16.77
CA ARG D 603 -49.68 -8.25 17.51
C ARG D 603 -49.99 -9.54 16.74
N TYR D 604 -49.73 -9.59 15.44
CA TYR D 604 -50.05 -10.75 14.60
C TYR D 604 -48.76 -11.48 14.20
N GLN D 605 -48.89 -12.79 13.96
CA GLN D 605 -47.83 -13.55 13.31
C GLN D 605 -47.97 -13.48 11.79
N LEU D 606 -49.21 -13.59 11.32
CA LEU D 606 -49.53 -13.68 9.90
C LEU D 606 -50.96 -13.22 9.72
N ALA D 607 -51.21 -12.50 8.62
CA ALA D 607 -52.55 -12.02 8.32
C ALA D 607 -52.72 -11.94 6.82
N VAL D 608 -53.86 -12.41 6.33
CA VAL D 608 -54.21 -12.34 4.92
C VAL D 608 -55.40 -11.40 4.77
N THR D 609 -55.24 -10.38 3.93
CA THR D 609 -56.29 -9.40 3.68
C THR D 609 -56.49 -9.26 2.18
N GLN D 610 -57.64 -8.71 1.80
CA GLN D 610 -57.83 -8.31 0.41
C GLN D 610 -56.80 -7.25 0.04
N ARG D 611 -56.14 -7.45 -1.10
CA ARG D 611 -55.21 -6.45 -1.58
C ARG D 611 -55.98 -5.28 -2.18
N LYS D 612 -55.59 -4.07 -1.79
CA LYS D 612 -56.29 -2.87 -2.19
C LYS D 612 -55.25 -1.80 -2.49
N GLU D 613 -55.51 -0.97 -3.50
CA GLU D 613 -54.58 0.10 -3.82
C GLU D 613 -54.44 1.09 -2.67
N GLU D 614 -55.54 1.40 -1.98
CA GLU D 614 -55.52 2.32 -0.85
C GLU D 614 -54.98 1.68 0.43
N GLU D 615 -54.47 0.45 0.36
CA GLU D 615 -53.82 -0.22 1.48
C GLU D 615 -52.44 -0.71 1.07
N PRO D 616 -51.54 0.20 0.67
CA PRO D 616 -50.27 -0.25 0.11
C PRO D 616 -49.22 -0.61 1.15
N SER D 617 -49.36 -0.15 2.39
CA SER D 617 -48.33 -0.34 3.39
C SER D 617 -48.95 -0.49 4.77
N SER D 618 -48.32 -1.32 5.59
CA SER D 618 -48.78 -1.57 6.95
C SER D 618 -48.28 -0.53 7.94
N SER D 619 -47.31 0.29 7.55
CA SER D 619 -46.74 1.29 8.44
C SER D 619 -46.55 2.59 7.66
N SER D 620 -46.03 3.60 8.35
CA SER D 620 -45.78 4.90 7.74
C SER D 620 -44.58 5.52 8.45
N VAL D 621 -43.80 6.30 7.68
CA VAL D 621 -42.67 7.01 8.26
C VAL D 621 -43.13 7.96 9.36
N PHE D 622 -44.39 8.35 9.34
CA PHE D 622 -44.95 9.30 10.30
C PHE D 622 -45.45 8.65 11.57
N ASN D 623 -45.36 7.32 11.69
CA ASN D 623 -45.78 6.68 12.92
C ASN D 623 -44.73 6.80 14.02
N GLN D 624 -43.46 6.90 13.64
CA GLN D 624 -42.36 6.95 14.61
C GLN D 624 -42.54 8.08 15.62
N ASN D 625 -42.85 9.28 15.12
CA ASN D 625 -42.92 10.45 16.00
C ASN D 625 -44.32 10.68 16.57
N ASP D 626 -45.35 10.02 16.04
CA ASP D 626 -46.70 10.10 16.59
C ASP D 626 -47.39 8.74 16.44
N PRO D 627 -47.02 7.77 17.27
CA PRO D 627 -47.73 6.47 17.26
C PRO D 627 -49.07 6.51 17.99
N TRP D 628 -49.29 7.49 18.86
CA TRP D 628 -50.56 7.60 19.56
C TRP D 628 -51.69 7.99 18.62
N ALA D 629 -51.39 8.80 17.59
CA ALA D 629 -52.31 9.11 16.50
C ALA D 629 -51.68 8.59 15.21
N PRO D 630 -51.70 7.27 14.99
CA PRO D 630 -50.95 6.69 13.88
C PRO D 630 -51.47 7.16 12.53
N THR D 631 -50.54 7.47 11.64
CA THR D 631 -50.90 7.79 10.26
C THR D 631 -51.45 6.56 9.54
N VAL D 632 -50.77 5.42 9.70
CA VAL D 632 -51.26 4.14 9.22
C VAL D 632 -51.42 3.22 10.43
N ASP D 633 -52.58 2.60 10.56
CA ASP D 633 -52.88 1.66 11.63
C ASP D 633 -53.20 0.31 10.98
N PHE D 634 -52.27 -0.64 11.11
CA PHE D 634 -52.39 -1.90 10.36
C PHE D 634 -53.67 -2.64 10.68
N SER D 635 -54.07 -2.66 11.95
CA SER D 635 -55.20 -3.47 12.36
C SER D 635 -56.47 -3.13 11.60
N ASP D 636 -56.57 -1.89 11.08
CA ASP D 636 -57.75 -1.50 10.31
C ASP D 636 -57.89 -2.28 9.02
N PHE D 637 -56.80 -2.86 8.51
CA PHE D 637 -56.88 -3.63 7.27
C PHE D 637 -57.71 -4.89 7.45
N ILE D 638 -57.73 -5.43 8.66
CA ILE D 638 -58.48 -6.64 8.97
C ILE D 638 -59.89 -6.20 9.32
N ASN D 639 -60.80 -6.25 8.34
CA ASN D 639 -62.10 -5.60 8.48
C ASN D 639 -63.25 -6.48 8.02
N ASN D 640 -63.12 -7.80 8.13
CA ASN D 640 -64.24 -8.74 8.04
C ASN D 640 -64.80 -8.83 6.63
N GLU D 641 -63.90 -9.07 5.67
CA GLU D 641 -64.28 -9.24 4.29
C GLU D 641 -64.10 -10.68 3.87
N THR D 642 -64.59 -11.00 2.69
CA THR D 642 -64.27 -12.28 2.08
C THR D 642 -62.82 -12.29 1.61
N ILE D 643 -62.15 -13.41 1.85
CA ILE D 643 -60.86 -13.69 1.23
C ILE D 643 -60.96 -14.94 0.37
N ALA D 644 -62.17 -15.32 -0.02
CA ALA D 644 -62.42 -16.51 -0.82
C ALA D 644 -62.56 -16.09 -2.27
N GLY D 645 -61.44 -16.08 -2.98
CA GLY D 645 -61.43 -15.78 -4.41
C GLY D 645 -61.18 -14.35 -4.77
N LYS D 646 -60.24 -13.72 -4.07
CA LYS D 646 -59.86 -12.34 -4.31
C LYS D 646 -58.36 -12.25 -4.62
N ASP D 647 -57.94 -11.06 -5.00
CA ASP D 647 -56.52 -10.72 -4.99
C ASP D 647 -56.09 -10.58 -3.54
N LEU D 648 -55.32 -11.54 -3.05
CA LEU D 648 -54.96 -11.58 -1.65
C LEU D 648 -53.54 -11.06 -1.43
N VAL D 649 -53.24 -10.74 -0.18
CA VAL D 649 -51.91 -10.30 0.21
C VAL D 649 -51.67 -10.73 1.65
N ALA D 650 -50.55 -11.43 1.87
CA ALA D 650 -50.20 -11.95 3.18
C ALA D 650 -49.24 -11.01 3.89
N TRP D 651 -49.46 -10.82 5.19
CA TRP D 651 -48.65 -9.93 6.02
C TRP D 651 -48.01 -10.80 7.10
N VAL D 652 -46.70 -10.99 7.01
CA VAL D 652 -45.96 -11.90 7.87
C VAL D 652 -45.14 -11.09 8.85
N THR D 653 -45.31 -11.37 10.14
CA THR D 653 -44.50 -10.77 11.19
C THR D 653 -43.49 -11.78 11.70
N ALA D 654 -42.26 -11.35 11.89
CA ALA D 654 -41.18 -12.22 12.33
C ALA D 654 -40.27 -11.44 13.26
N GLY D 655 -39.86 -12.08 14.35
CA GLY D 655 -39.03 -11.40 15.33
C GLY D 655 -38.62 -12.33 16.46
N PHE D 656 -38.00 -11.74 17.48
CA PHE D 656 -37.48 -12.51 18.62
C PHE D 656 -37.17 -11.57 19.77
N LEU D 657 -37.01 -12.16 20.96
CA LEU D 657 -36.57 -11.44 22.15
C LEU D 657 -35.07 -11.57 22.31
N HIS D 658 -34.43 -10.47 22.70
CA HIS D 658 -32.98 -10.43 22.85
C HIS D 658 -32.62 -9.94 24.24
N ILE D 659 -32.05 -10.82 25.06
CA ILE D 659 -31.46 -10.44 26.34
C ILE D 659 -29.95 -10.41 26.15
N PRO D 660 -29.33 -9.24 26.07
CA PRO D 660 -27.89 -9.17 25.80
C PRO D 660 -27.06 -9.94 26.81
N HIS D 661 -25.92 -10.45 26.35
CA HIS D 661 -25.03 -11.23 27.19
C HIS D 661 -23.60 -10.94 26.75
N ALA D 662 -22.64 -11.57 27.44
CA ALA D 662 -21.23 -11.25 27.24
C ALA D 662 -20.78 -11.53 25.81
N GLU D 663 -21.37 -12.52 25.14
CA GLU D 663 -20.95 -12.88 23.79
C GLU D 663 -21.47 -11.90 22.75
N ASP D 664 -21.68 -10.65 23.16
CA ASP D 664 -22.42 -9.70 22.33
C ASP D 664 -21.79 -8.31 22.47
N ILE D 665 -20.47 -8.30 22.64
CA ILE D 665 -19.65 -7.15 23.05
C ILE D 665 -18.55 -6.88 22.02
N PRO D 666 -18.36 -7.70 21.01
CA PRO D 666 -17.71 -7.21 19.79
C PRO D 666 -18.74 -6.80 18.75
N ASN D 667 -19.71 -7.67 18.48
CA ASN D 667 -21.05 -7.31 18.03
C ASN D 667 -22.01 -8.43 18.42
N THR D 668 -23.23 -8.34 17.89
CA THR D 668 -24.14 -9.46 17.91
C THR D 668 -23.82 -10.38 16.74
N VAL D 669 -23.69 -11.67 17.02
CA VAL D 669 -23.46 -12.65 15.96
C VAL D 669 -24.80 -12.99 15.30
N THR D 670 -24.74 -13.34 14.02
CA THR D 670 -25.93 -13.74 13.28
C THR D 670 -26.35 -15.17 13.57
N VAL D 671 -25.50 -15.95 14.24
CA VAL D 671 -25.74 -17.37 14.42
C VAL D 671 -27.02 -17.61 15.20
N GLY D 672 -27.98 -18.28 14.57
CA GLY D 672 -29.24 -18.61 15.20
C GLY D 672 -30.23 -17.47 15.31
N ASN D 673 -29.80 -16.23 15.09
CA ASN D 673 -30.69 -15.07 15.17
C ASN D 673 -31.40 -14.78 13.85
N GLY D 674 -31.27 -15.67 12.87
CA GLY D 674 -31.98 -15.50 11.62
C GLY D 674 -33.46 -15.77 11.78
N VAL D 675 -34.28 -14.89 11.23
CA VAL D 675 -35.72 -14.95 11.42
C VAL D 675 -36.41 -14.54 10.12
N GLY D 676 -37.48 -15.24 9.78
CA GLY D 676 -38.28 -14.97 8.61
C GLY D 676 -39.26 -16.07 8.27
N PHE D 677 -39.39 -16.39 6.99
CA PHE D 677 -40.43 -17.32 6.56
C PHE D 677 -40.08 -17.88 5.19
N PHE D 678 -40.64 -19.05 4.90
CA PHE D 678 -40.53 -19.70 3.60
C PHE D 678 -41.81 -19.52 2.80
N LEU D 679 -41.68 -19.60 1.47
CA LEU D 679 -42.80 -19.71 0.54
C LEU D 679 -42.55 -20.91 -0.36
N ARG D 680 -43.30 -22.00 -0.12
CA ARG D 680 -42.98 -23.26 -0.76
C ARG D 680 -44.14 -23.75 -1.62
N PRO D 681 -43.84 -24.35 -2.78
CA PRO D 681 -44.90 -24.88 -3.63
C PRO D 681 -45.61 -26.08 -3.01
N TYR D 682 -46.94 -26.03 -3.05
CA TYR D 682 -47.79 -27.07 -2.47
C TYR D 682 -48.85 -27.44 -3.50
N ASN D 683 -48.59 -28.51 -4.26
CA ASN D 683 -49.43 -28.92 -5.39
C ASN D 683 -49.56 -27.81 -6.43
N PHE D 684 -48.55 -26.95 -6.51
CA PHE D 684 -48.49 -25.94 -7.56
C PHE D 684 -48.04 -26.54 -8.88
N PHE D 685 -47.01 -27.39 -8.85
CA PHE D 685 -46.50 -28.08 -10.02
C PHE D 685 -47.17 -29.45 -10.15
N ASP D 686 -46.82 -30.15 -11.22
CA ASP D 686 -47.17 -31.56 -11.35
C ASP D 686 -46.06 -32.45 -10.82
N GLU D 687 -44.86 -31.90 -10.66
CA GLU D 687 -43.74 -32.58 -10.03
C GLU D 687 -42.69 -31.52 -9.73
N ASP D 688 -41.91 -31.78 -8.70
CA ASP D 688 -40.70 -30.99 -8.47
C ASP D 688 -39.85 -30.67 -9.70
N PRO D 689 -39.76 -29.37 -9.97
CA PRO D 689 -39.04 -28.90 -11.16
C PRO D 689 -37.56 -29.25 -11.16
N SER D 690 -36.97 -29.53 -9.99
CA SER D 690 -35.56 -29.89 -9.98
C SER D 690 -35.30 -31.26 -10.59
N PHE D 691 -36.34 -32.03 -10.91
CA PHE D 691 -36.15 -33.21 -11.74
C PHE D 691 -35.56 -32.82 -13.08
N TYR D 692 -35.98 -31.68 -13.63
CA TYR D 692 -35.49 -31.15 -14.89
C TYR D 692 -34.20 -30.37 -14.74
N SER D 693 -33.58 -30.37 -13.56
CA SER D 693 -32.40 -29.56 -13.33
C SER D 693 -31.28 -29.94 -14.28
N ALA D 694 -30.67 -28.93 -14.92
CA ALA D 694 -29.50 -29.16 -15.73
C ALA D 694 -28.32 -29.68 -14.91
N ASP D 695 -28.41 -29.63 -13.58
CA ASP D 695 -27.30 -29.98 -12.71
C ASP D 695 -27.55 -31.25 -11.90
N SER D 696 -28.63 -31.96 -12.15
CA SER D 696 -28.93 -33.14 -11.36
C SER D 696 -28.02 -34.30 -11.74
N ILE D 697 -27.54 -35.01 -10.73
CA ILE D 697 -26.62 -36.14 -10.90
C ILE D 697 -27.40 -37.43 -10.76
N TYR D 698 -27.09 -38.39 -11.64
CA TYR D 698 -27.71 -39.71 -11.57
C TYR D 698 -26.79 -40.73 -12.23
N PHE D 699 -26.72 -41.93 -11.64
CA PHE D 699 -25.95 -43.02 -12.22
C PHE D 699 -26.35 -44.33 -11.55
N ARG D 700 -26.36 -45.41 -12.33
CA ARG D 700 -26.66 -46.74 -11.83
C ARG D 700 -25.40 -47.40 -11.27
N GLY D 701 -25.62 -48.50 -10.54
CA GLY D 701 -24.51 -49.22 -9.95
C GLY D 701 -23.68 -50.00 -10.95
N ASP D 702 -24.29 -50.43 -12.05
CA ASP D 702 -23.54 -51.10 -13.10
C ASP D 702 -22.87 -50.12 -14.07
N GLN D 703 -23.15 -48.83 -13.97
CA GLN D 703 -22.52 -47.83 -14.81
C GLN D 703 -21.19 -47.40 -14.21
N ASP D 704 -20.49 -46.52 -14.94
CA ASP D 704 -19.18 -46.01 -14.53
C ASP D 704 -19.37 -44.61 -13.96
N ALA D 705 -19.25 -44.49 -12.64
CA ALA D 705 -19.43 -43.19 -11.98
C ALA D 705 -18.30 -42.23 -12.33
N GLY D 706 -17.11 -42.76 -12.59
CA GLY D 706 -16.00 -41.91 -13.00
C GLY D 706 -16.01 -41.53 -14.46
N ALA D 707 -16.90 -42.11 -15.24
CA ALA D 707 -17.01 -41.76 -16.65
C ALA D 707 -17.65 -40.38 -16.78
N CYS D 708 -16.88 -39.42 -17.32
CA CYS D 708 -17.36 -38.05 -17.45
C CYS D 708 -18.65 -38.00 -18.27
N GLU D 709 -18.75 -38.84 -19.30
CA GLU D 709 -19.98 -39.08 -20.03
C GLU D 709 -21.16 -39.26 -19.09
N VAL D 710 -20.99 -40.19 -18.13
CA VAL D 710 -22.09 -40.63 -17.29
C VAL D 710 -22.37 -39.59 -16.21
N ASN D 711 -21.33 -39.11 -15.54
CA ASN D 711 -21.46 -38.30 -14.34
C ASN D 711 -20.73 -36.98 -14.55
N PRO D 712 -21.44 -35.87 -14.71
CA PRO D 712 -20.77 -34.56 -14.89
C PRO D 712 -19.77 -34.22 -13.81
N LEU D 713 -19.91 -34.80 -12.61
CA LEU D 713 -18.97 -34.51 -11.52
C LEU D 713 -17.57 -35.02 -11.85
N ALA D 714 -17.46 -36.14 -12.56
CA ALA D 714 -16.15 -36.62 -13.00
C ALA D 714 -15.46 -35.61 -13.90
N CYS D 715 -16.23 -34.76 -14.56
CA CYS D 715 -15.72 -33.77 -15.51
C CYS D 715 -15.17 -32.55 -14.78
N LEU D 716 -15.55 -32.38 -13.51
CA LEU D 716 -15.27 -31.16 -12.77
C LEU D 716 -13.78 -30.87 -12.58
N PRO D 717 -12.92 -31.83 -12.24
CA PRO D 717 -11.47 -31.52 -12.17
C PRO D 717 -10.90 -30.98 -13.47
N GLN D 718 -11.41 -31.44 -14.62
CA GLN D 718 -10.99 -30.93 -15.93
C GLN D 718 -11.46 -29.50 -16.14
N ALA D 719 -12.70 -29.18 -15.74
CA ALA D 719 -13.28 -27.87 -15.96
C ALA D 719 -12.91 -26.86 -14.87
N ALA D 720 -12.77 -27.29 -13.61
CA ALA D 720 -12.39 -26.40 -12.52
C ALA D 720 -10.87 -26.26 -12.37
N ALA D 721 -10.11 -26.52 -13.44
CA ALA D 721 -8.66 -26.35 -13.40
C ALA D 721 -8.27 -25.02 -14.02
N CYS D 722 -8.61 -23.96 -13.30
CA CYS D 722 -8.27 -22.60 -13.69
C CYS D 722 -8.26 -21.72 -12.45
N ALA D 723 -7.29 -20.82 -12.38
CA ALA D 723 -7.25 -19.84 -11.31
C ALA D 723 -8.33 -18.78 -11.56
N PRO D 724 -8.99 -18.29 -10.50
CA PRO D 724 -10.01 -17.26 -10.68
C PRO D 724 -9.43 -15.94 -11.17
N ASP D 725 -10.29 -14.96 -11.46
CA ASP D 725 -9.86 -13.62 -11.86
C ASP D 725 -10.58 -12.58 -11.00
N LEU D 726 -10.65 -12.86 -9.71
CA LEU D 726 -11.22 -12.08 -8.62
C LEU D 726 -10.70 -10.64 -8.59
N PRO D 727 -11.55 -9.67 -8.87
CA PRO D 727 -11.11 -8.28 -9.05
C PRO D 727 -10.46 -7.72 -7.78
N ALA D 728 -9.79 -6.58 -7.97
CA ALA D 728 -9.13 -5.90 -6.87
C ALA D 728 -10.16 -5.35 -5.89
N PHE D 729 -9.84 -5.45 -4.61
CA PHE D 729 -10.80 -5.10 -3.57
C PHE D 729 -11.16 -3.62 -3.63
N SER D 730 -12.46 -3.35 -3.70
CA SER D 730 -13.02 -2.01 -3.57
C SER D 730 -13.89 -1.97 -2.32
N HIS D 731 -13.99 -0.78 -1.72
CA HIS D 731 -14.97 -0.53 -0.68
C HIS D 731 -15.76 0.73 -1.03
N GLY D 732 -17.06 0.69 -0.75
CA GLY D 732 -17.96 1.75 -1.16
C GLY D 732 -17.87 3.05 -0.36
N GLY D 733 -16.96 3.15 0.61
CA GLY D 733 -16.73 4.35 1.38
C GLY D 733 -17.95 4.83 2.14
N PHE D 734 -17.95 6.08 2.58
CA PHE D 734 -18.99 6.58 3.46
C PHE D 734 -18.84 8.08 3.69
N SER D 735 -19.95 8.78 3.50
CA SER D 735 -20.11 10.22 3.67
C SER D 735 -20.16 10.56 5.16
N HIS D 736 -20.37 11.84 5.44
CA HIS D 736 -20.42 12.34 6.81
C HIS D 736 -21.85 12.56 7.31
N ASN D 737 -22.80 11.74 6.84
CA ASN D 737 -24.18 11.84 7.29
C ASN D 737 -24.57 10.63 8.14
C1 NAG E . 40.12 65.83 -29.94
C2 NAG E . 40.23 66.26 -31.40
C3 NAG E . 41.68 66.20 -31.86
C4 NAG E . 42.56 67.02 -30.91
C5 NAG E . 42.33 66.60 -29.46
C6 NAG E . 43.08 67.45 -28.47
C7 NAG E . 38.10 65.72 -32.50
C8 NAG E . 37.38 64.76 -33.40
N2 NAG E . 39.38 65.43 -32.25
O3 NAG E . 41.78 66.68 -33.20
O4 NAG E . 43.94 66.92 -31.25
O5 NAG E . 40.95 66.69 -29.14
O6 NAG E . 42.33 67.63 -27.27
O7 NAG E . 37.54 66.70 -32.03
C1 NAG E . 44.23 68.22 -31.82
C2 NAG E . 45.72 68.58 -31.76
C3 NAG E . 45.96 69.93 -32.43
C4 NAG E . 45.27 70.04 -33.79
C5 NAG E . 43.84 69.47 -33.77
C6 NAG E . 43.22 69.34 -35.13
C7 NAG E . 47.23 67.90 -29.94
C8 NAG E . 47.94 67.05 -30.95
N2 NAG E . 46.18 68.60 -30.38
O3 NAG E . 47.36 70.15 -32.58
O4 NAG E . 45.12 71.42 -34.12
O5 NAG E . 43.82 68.18 -33.17
O6 NAG E . 42.01 68.59 -35.07
O7 NAG E . 47.59 67.95 -28.77
C1 MAN E . 45.92 72.11 -35.14
C2 MAN E . 45.45 71.67 -36.61
C3 MAN E . 46.25 70.49 -37.18
C4 MAN E . 47.73 70.72 -37.04
C5 MAN E . 48.09 70.86 -35.56
C6 MAN E . 49.55 71.18 -35.36
O2 MAN E . 45.62 72.73 -37.56
O3 MAN E . 45.92 70.26 -38.54
O4 MAN E . 48.44 69.61 -37.56
O5 MAN E . 47.35 71.95 -34.93
O6 MAN E . 49.87 70.86 -34.01
C1 MAN E . 50.51 69.57 -33.98
C2 MAN E . 50.62 69.13 -32.49
C3 MAN E . 51.78 69.87 -31.78
C4 MAN E . 53.05 69.79 -32.61
C5 MAN E . 52.78 70.42 -33.99
C6 MAN E . 54.00 70.53 -34.90
O2 MAN E . 50.91 67.73 -32.36
O3 MAN E . 52.00 69.37 -30.47
O4 MAN E . 54.11 70.48 -31.96
O5 MAN E . 51.77 69.62 -34.65
O6 MAN E . 53.88 71.75 -35.70
C1 MAN E . 54.79 72.89 -35.45
C2 MAN E . 56.29 72.42 -35.02
C3 MAN E . 56.51 72.26 -33.50
C4 MAN E . 55.83 73.36 -32.69
C5 MAN E . 54.36 73.46 -33.07
C6 MAN E . 53.58 74.50 -32.28
O2 MAN E . 57.26 73.40 -35.43
O3 MAN E . 57.90 72.20 -33.17
O4 MAN E . 55.92 73.04 -31.30
O5 MAN E . 54.24 73.82 -34.47
O6 MAN E . 52.20 74.23 -32.44
C1 NAG F . 41.54 55.74 9.57
C2 NAG F . 42.39 56.86 8.98
C3 NAG F . 43.83 56.36 8.86
C4 NAG F . 44.33 55.84 10.21
C5 NAG F . 43.31 54.97 10.97
C6 NAG F . 43.63 54.90 12.44
C7 NAG F . 42.49 57.68 6.59
C8 NAG F . 41.63 58.19 5.47
N2 NAG F . 41.84 57.34 7.71
O3 NAG F . 44.65 57.43 8.43
O4 NAG F . 45.45 54.99 10.01
O5 NAG F . 41.97 55.48 10.87
O6 NAG F . 42.52 54.39 13.20
O7 NAG F . 43.71 57.59 6.46
C1 NAG F . 46.69 55.72 10.04
C2 NAG F . 47.80 54.75 10.49
C3 NAG F . 49.18 55.41 10.38
C4 NAG F . 49.36 56.11 9.03
C5 NAG F . 48.15 56.98 8.71
C6 NAG F . 48.21 57.58 7.32
C7 NAG F . 47.46 53.02 12.21
C8 NAG F . 47.22 52.76 13.67
N2 NAG F . 47.56 54.31 11.86
O3 NAG F . 50.14 54.37 10.52
O4 NAG F . 50.50 56.95 8.97
O5 NAG F . 46.96 56.18 8.76
O6 NAG F . 48.47 56.58 6.34
O7 NAG F . 47.55 52.11 11.39
C1 MAN F . 51.36 57.02 10.14
C2 MAN F . 52.13 58.34 10.08
C3 MAN F . 52.92 58.35 8.73
C4 MAN F . 53.85 57.10 8.63
C5 MAN F . 53.01 55.81 8.88
C6 MAN F . 53.86 54.56 8.99
O2 MAN F . 53.10 58.39 11.14
O3 MAN F . 53.57 59.62 8.30
O4 MAN F . 54.43 57.03 7.35
O5 MAN F . 52.26 55.93 10.11
O6 MAN F . 55.17 54.92 8.61
C1 MAN F . 54.20 60.47 9.28
C2 MAN F . 53.23 61.62 9.68
C3 MAN F . 53.01 62.58 8.49
C4 MAN F . 54.34 63.00 7.83
C5 MAN F . 55.21 61.76 7.53
C6 MAN F . 56.59 62.10 6.96
O2 MAN F . 53.76 62.42 10.74
O3 MAN F . 52.28 63.73 8.89
O4 MAN F . 54.07 63.67 6.62
O5 MAN F . 55.39 61.00 8.75
O6 MAN F . 57.38 62.68 8.00
C1 MAN F . 56.03 53.78 8.45
C2 MAN F . 57.44 54.37 8.19
C3 MAN F . 57.50 55.01 6.79
C4 MAN F . 56.99 54.02 5.71
C5 MAN F . 55.58 53.55 6.08
C6 MAN F . 55.01 52.54 5.09
O2 MAN F . 58.46 53.36 8.21
O3 MAN F . 58.81 55.46 6.46
O4 MAN F . 56.97 54.67 4.45
O5 MAN F . 55.59 52.94 7.39
O6 MAN F . 53.78 53.05 4.59
C1 NAG G . 38.34 48.60 20.63
C2 NAG G . 39.69 49.34 20.79
C3 NAG G . 40.68 48.51 21.62
C4 NAG G . 40.02 48.08 22.92
C5 NAG G . 38.81 47.26 22.57
C6 NAG G . 38.07 46.70 23.77
C7 NAG G . 41.09 50.66 19.22
C8 NAG G . 41.55 50.80 17.81
N2 NAG G . 40.26 49.64 19.47
O3 NAG G . 41.86 49.28 21.86
O4 NAG G . 40.90 47.40 23.81
O5 NAG G . 37.89 48.13 21.90
O6 NAG G . 36.78 46.22 23.40
O7 NAG G . 41.44 51.44 20.11
C1 NAG G . 41.24 48.44 24.77
C2 NAG G . 41.10 47.99 26.24
C3 NAG G . 41.54 49.13 27.17
C4 NAG G . 42.92 49.64 26.79
C5 NAG G . 43.00 49.97 25.31
C6 NAG G . 44.39 50.33 24.85
C7 NAG G . 39.37 46.31 26.76
C8 NAG G . 37.92 46.09 27.10
N2 NAG G . 39.73 47.58 26.55
O3 NAG G . 41.53 48.65 28.51
O4 NAG G . 43.23 50.80 27.55
O5 NAG G . 42.60 48.84 24.52
O6 NAG G . 44.85 49.47 23.82
O7 NAG G . 40.16 45.38 26.67
C1 NAG H . 37.87 22.41 -45.42
C2 NAG H . 37.78 21.98 -46.87
C3 NAG H . 38.96 22.52 -47.69
C4 NAG H . 39.12 24.03 -47.49
C5 NAG H . 39.12 24.37 -46.01
C6 NAG H . 39.14 25.86 -45.73
C7 NAG H . 36.64 19.80 -47.15
C8 NAG H . 35.37 20.59 -47.34
N2 NAG H . 37.75 20.53 -46.95
O3 NAG H . 38.69 22.23 -49.06
O4 NAG H . 40.36 24.48 -48.03
O5 NAG H . 37.95 23.83 -45.36
O6 NAG H . 38.21 26.57 -46.54
O7 NAG H . 36.66 18.58 -47.19
C1 NAG H . 40.45 24.67 -49.45
C2 NAG H . 41.68 25.51 -49.81
C3 NAG H . 41.91 25.54 -51.33
C4 NAG H . 41.85 24.15 -51.95
C5 NAG H . 40.60 23.41 -51.48
C6 NAG H . 40.54 21.95 -51.87
C7 NAG H . 42.57 27.72 -49.14
C8 NAG H . 42.23 29.08 -48.59
N2 NAG H . 41.55 26.87 -49.29
O3 NAG H . 43.18 26.13 -51.59
O4 NAG H . 41.84 24.33 -53.37
O5 NAG H . 40.56 23.41 -50.04
O6 NAG H . 41.51 21.18 -51.17
O7 NAG H . 43.72 27.41 -49.41
C1 MAN H . 42.30 23.24 -54.22
C2 MAN H . 43.85 23.17 -54.30
C3 MAN H . 44.41 24.31 -55.16
C4 MAN H . 43.62 24.52 -56.48
C5 MAN H . 42.10 24.55 -56.26
C6 MAN H . 41.31 24.52 -57.57
O2 MAN H . 44.28 21.97 -54.95
O3 MAN H . 45.79 24.10 -55.45
O4 MAN H . 44.03 25.75 -57.07
O5 MAN H . 41.71 23.39 -55.51
O6 MAN H . 40.12 25.36 -57.48
C1 MAN H . 38.92 24.56 -57.66
C2 MAN H . 39.03 23.70 -58.98
C3 MAN H . 38.56 24.46 -60.24
C4 MAN H . 37.24 25.18 -59.98
C5 MAN H . 37.40 26.15 -58.81
C6 MAN H . 36.12 26.91 -58.53
O2 MAN H . 38.23 22.51 -58.93
O3 MAN H . 38.40 23.59 -61.37
O4 MAN H . 36.85 25.91 -61.14
O5 MAN H . 37.72 25.38 -57.62
O6 MAN H . 36.36 27.78 -57.43
C1 FUC H . 37.07 26.91 -45.71
C2 FUC H . 36.38 28.20 -46.27
C3 FUC H . 35.53 27.90 -47.53
C4 FUC H . 34.67 26.63 -47.36
C5 FUC H . 35.54 25.48 -46.90
C6 FUC H . 34.76 24.19 -46.66
O2 FUC H . 37.31 29.24 -46.52
O3 FUC H . 34.63 28.98 -47.76
O4 FUC H . 33.64 26.87 -46.42
O5 FUC H . 36.18 25.82 -45.67
C1 NAG I . 9.16 44.94 -19.71
C2 NAG I . 8.10 45.14 -18.59
C3 NAG I . 6.68 44.68 -18.99
C4 NAG I . 6.37 44.87 -20.48
C5 NAG I . 7.56 44.53 -21.35
C6 NAG I . 7.33 44.82 -22.81
C7 NAG I . 9.41 44.97 -16.52
C8 NAG I . 9.76 44.10 -15.34
N2 NAG I . 8.53 44.46 -17.38
O3 NAG I . 5.78 45.53 -18.29
O4 NAG I . 5.28 44.03 -20.85
O5 NAG I . 8.65 45.36 -20.93
O6 NAG I . 6.52 43.81 -23.42
O7 NAG I . 9.93 46.07 -16.68
C1 NAG I . 4.64 45.08 -17.45
C2 NAG I . 3.45 44.68 -18.34
C3 NAG I . 2.24 44.43 -17.46
C4 NAG I . 2.56 43.38 -16.40
C5 NAG I . 3.87 43.69 -15.64
C6 NAG I . 4.32 42.54 -14.76
C7 NAG I . 2.42 45.44 -20.44
C8 NAG I . 2.24 46.57 -21.38
N2 NAG I . 3.18 45.69 -19.35
O3 NAG I . 1.13 44.02 -18.25
O4 NAG I . 1.49 43.32 -15.47
O5 NAG I . 4.95 43.97 -16.54
O6 NAG I . 5.41 42.89 -13.92
O7 NAG I . 1.92 44.33 -20.63
C1 NAG J . 9.79 -18.92 2.61
C2 NAG J . 8.57 -19.04 3.53
C3 NAG J . 9.02 -19.45 4.93
C4 NAG J . 9.90 -20.70 4.86
C5 NAG J . 11.05 -20.48 3.90
C6 NAG J . 11.90 -21.72 3.70
C7 NAG J . 6.92 -17.48 2.65
C8 NAG J . 6.22 -16.16 2.85
N2 NAG J . 7.82 -17.81 3.58
O3 NAG J . 7.89 -19.72 5.74
O4 NAG J . 10.38 -21.07 6.15
O5 NAG J . 10.53 -20.13 2.61
O6 NAG J . 12.77 -21.55 2.59
O7 NAG J . 6.67 -18.19 1.68
C1 NAG J . 9.61 -22.28 6.42
C2 NAG J . 10.33 -23.20 7.38
C3 NAG J . 9.48 -24.45 7.65
C4 NAG J . 8.04 -24.07 8.03
C5 NAG J . 7.48 -23.02 7.08
C6 NAG J . 6.12 -22.49 7.49
C7 NAG J . 12.80 -23.28 7.43
C8 NAG J . 12.70 -22.45 8.68
N2 NAG J . 11.64 -23.60 6.86
O3 NAG J . 10.09 -25.22 8.67
O4 NAG J . 7.19 -25.21 7.94
O5 NAG J . 8.36 -21.89 6.97
O6 NAG J . 5.11 -22.94 6.61
O7 NAG J . 13.88 -23.62 6.96
C1 MAN J . 7.00 -26.17 9.01
C2 MAN J . 5.69 -25.74 9.76
C3 MAN J . 5.88 -24.85 10.98
C4 MAN J . 7.01 -25.37 11.89
C5 MAN J . 8.31 -25.49 11.10
C6 MAN J . 9.43 -26.12 11.91
O2 MAN J . 4.98 -26.89 10.28
O3 MAN J . 4.66 -24.79 11.72
O4 MAN J . 7.24 -24.43 12.95
O5 MAN J . 8.14 -26.31 9.88
O6 MAN J . 10.71 -26.02 11.22
C1 MAN J . 4.34 -23.48 12.23
C2 MAN J . 3.65 -23.69 13.62
C3 MAN J . 2.20 -24.18 13.44
C4 MAN J . 1.43 -23.31 12.42
C5 MAN J . 2.20 -23.27 11.10
C6 MAN J . 1.53 -22.39 10.04
O2 MAN J . 3.58 -22.47 14.38
O3 MAN J . 1.49 -24.22 14.67
O4 MAN J . 0.14 -23.84 12.19
O5 MAN J . 3.52 -22.73 11.34
O6 MAN J . 1.97 -22.82 8.76
C1 MAN J . 11.59 -25.08 11.90
C2 MAN J . 13.01 -25.09 11.20
C3 MAN J . 13.85 -26.29 11.62
C4 MAN J . 13.89 -26.41 13.15
C5 MAN J . 12.46 -26.56 13.68
C6 MAN J . 12.40 -26.69 15.18
O2 MAN J . 13.77 -23.94 11.54
O3 MAN J . 15.17 -26.22 11.11
O4 MAN J . 14.65 -27.54 13.54
O5 MAN J . 11.69 -25.38 13.31
O6 MAN J . 12.06 -28.04 15.49
C1 NAG K . 42.37 -14.25 -20.98
C2 NAG K . 42.08 -15.49 -20.15
C3 NAG K . 42.94 -15.50 -18.89
C4 NAG K . 44.40 -15.17 -19.20
C5 NAG K . 44.53 -13.96 -20.12
C6 NAG K . 45.94 -13.72 -20.62
C7 NAG K . 40.01 -16.71 -19.65
C8 NAG K . 38.56 -16.59 -19.28
N2 NAG K . 40.67 -15.56 -19.81
O3 NAG K . 42.86 -16.77 -18.27
O4 NAG K . 45.06 -14.79 -17.99
O5 NAG K . 43.72 -14.17 -21.29
O6 NAG K . 45.97 -13.56 -22.02
O7 NAG K . 40.55 -17.80 -19.79
C1 NAG K . 45.77 -15.86 -17.40
C2 NAG K . 46.94 -15.18 -16.68
C3 NAG K . 47.67 -16.16 -15.76
C4 NAG K . 46.69 -16.94 -14.88
C5 NAG K . 45.63 -17.58 -15.76
C6 NAG K . 44.57 -18.33 -14.98
C7 NAG K . 48.02 -13.32 -17.88
C8 NAG K . 49.03 -12.94 -18.93
N2 NAG K . 47.88 -14.62 -17.66
O3 NAG K . 48.55 -15.42 -14.93
O4 NAG K . 47.38 -17.93 -14.10
O5 NAG K . 44.97 -16.54 -16.47
O6 NAG K . 43.86 -17.47 -14.10
O7 NAG K . 47.35 -12.48 -17.29
C1 MAN K . 48.48 -18.58 -14.79
C2 MAN K . 48.53 -20.04 -14.26
C3 MAN K . 49.16 -20.08 -12.84
C4 MAN K . 50.45 -19.25 -12.75
C5 MAN K . 50.18 -17.82 -13.23
C6 MAN K . 51.37 -16.84 -13.10
O2 MAN K . 49.34 -20.88 -15.08
O3 MAN K . 49.42 -21.41 -12.43
O4 MAN K . 50.92 -19.20 -11.41
O5 MAN K . 49.74 -17.90 -14.60
O6 MAN K . 52.51 -17.27 -13.89
C1 MAN K . 53.59 -17.86 -13.10
C2 MAN K . 53.62 -17.26 -11.63
C3 MAN K . 54.39 -15.92 -11.53
C4 MAN K . 55.70 -15.98 -12.30
C5 MAN K . 55.43 -16.36 -13.75
C6 MAN K . 56.68 -16.40 -14.60
O2 MAN K . 54.28 -18.15 -10.72
O3 MAN K . 54.62 -15.55 -10.18
O4 MAN K . 56.34 -14.71 -12.26
O5 MAN K . 54.85 -17.68 -13.78
O6 MAN K . 56.29 -16.49 -15.97
C1 NAG L . 51.00 -7.84 -31.04
C2 NAG L . 51.69 -8.68 -29.97
C3 NAG L . 53.06 -8.09 -29.64
C4 NAG L . 53.87 -7.83 -30.90
C5 NAG L . 53.06 -7.10 -31.96
C6 NAG L . 53.73 -7.04 -33.32
C7 NAG L . 50.59 -9.90 -28.12
C8 NAG L . 51.18 -11.14 -28.71
N2 NAG L . 50.86 -8.75 -28.77
O3 NAG L . 53.77 -8.99 -28.80
O4 NAG L . 55.01 -7.04 -30.59
O5 NAG L . 51.82 -7.78 -32.17
O6 NAG L . 53.24 -8.05 -34.19
O7 NAG L . 49.89 -9.92 -27.11
C1 FUC L . 52.50 -7.47 -35.32
C2 FUC L . 53.46 -7.38 -36.57
C3 FUC L . 53.49 -8.66 -37.42
C4 FUC L . 52.07 -9.16 -37.73
C5 FUC L . 51.32 -9.39 -36.42
C6 FUC L . 49.87 -9.81 -36.64
O2 FUC L . 54.79 -7.03 -36.21
O3 FUC L . 54.10 -8.38 -38.68
O4 FUC L . 51.37 -8.23 -38.55
O5 FUC L . 51.27 -8.19 -35.61
C1 NAG M . 10.09 24.89 17.44
C2 NAG M . 9.33 25.52 18.63
C3 NAG M . 9.19 24.54 19.80
C4 NAG M . 8.73 23.15 19.34
C5 NAG M . 9.61 22.68 18.20
C6 NAG M . 9.22 21.33 17.63
C7 NAG M . 9.64 27.96 18.72
C8 NAG M . 8.42 28.09 17.85
N2 NAG M . 10.00 26.73 19.06
O3 NAG M . 8.24 25.09 20.70
O4 NAG M . 8.86 22.20 20.41
O5 NAG M . 9.53 23.63 17.12
O6 NAG M . 7.81 21.20 17.52
O7 NAG M . 10.26 28.95 19.10
C1 NAG M . 7.75 22.11 21.31
C2 NAG M . 7.76 20.75 22.02
C3 NAG M . 6.72 20.70 23.15
C4 NAG M . 6.80 21.91 24.07
C5 NAG M . 6.81 23.20 23.23
C6 NAG M . 7.05 24.46 24.02
C7 NAG M . 7.74 18.38 21.30
C8 NAG M . 7.41 17.44 20.18
N2 NAG M . 7.52 19.67 21.06
O3 NAG M . 6.92 19.51 23.91
O4 NAG M . 5.66 21.85 24.93
O5 NAG M . 7.87 23.14 22.28
O6 NAG M . 8.24 24.38 24.80
O7 NAG M . 8.20 17.99 22.37
C1 MAN M . 5.71 22.54 26.23
C2 MAN M . 6.45 21.69 27.33
C3 MAN M . 5.57 20.58 27.90
C4 MAN M . 4.16 21.10 28.27
C5 MAN M . 3.50 21.82 27.06
C6 MAN M . 2.15 22.44 27.42
O2 MAN M . 6.80 22.52 28.46
O3 MAN M . 6.17 19.98 29.04
O4 MAN M . 3.35 20.01 28.69
O5 MAN M . 4.37 22.89 26.64
O6 MAN M . 1.23 22.36 26.30
C1 MAN M . 0.67 23.68 26.03
C2 MAN M . 0.05 24.27 27.36
C3 MAN M . -1.37 23.76 27.61
C4 MAN M . -2.25 23.95 26.36
C5 MAN M . -1.65 23.18 25.19
C6 MAN M . -2.47 23.37 23.92
O2 MAN M . -0.08 25.70 27.30
O3 MAN M . -1.98 24.41 28.72
O4 MAN M . -3.56 23.48 26.62
O5 MAN M . -0.29 23.66 24.93
O6 MAN M . -2.06 22.39 22.97
C1 FUC M . 7.45 21.35 16.12
C2 FUC M . 6.11 20.62 15.87
C3 FUC M . 4.93 21.36 16.56
C4 FUC M . 4.95 22.87 16.27
C5 FUC M . 6.34 23.44 16.55
C6 FUC M . 6.49 24.90 16.16
O2 FUC M . 6.16 19.25 16.27
O3 FUC M . 3.69 20.85 16.08
O4 FUC M . 4.60 23.10 14.91
O5 FUC M . 7.33 22.73 15.81
C1 NAG N . -29.33 -67.31 28.48
C2 NAG N . -28.82 -67.79 29.84
C3 NAG N . -27.41 -68.40 29.69
C4 NAG N . -27.39 -69.43 28.57
C5 NAG N . -27.99 -68.85 27.29
C6 NAG N . -28.10 -69.85 26.16
C7 NAG N . -29.88 -66.18 31.37
C8 NAG N . -29.65 -65.08 32.37
N2 NAG N . -28.79 -66.72 30.82
O3 NAG N . -27.00 -68.99 30.92
O4 NAG N . -26.04 -69.82 28.27
O5 NAG N . -29.32 -68.38 27.56
O6 NAG N . -29.05 -69.41 25.19
O7 NAG N . -31.01 -66.56 31.06
C1 NAG N . -25.69 -71.07 28.88
C2 NAG N . -24.15 -71.19 28.84
C3 NAG N . -23.65 -72.35 29.72
C4 NAG N . -24.25 -72.26 31.11
C5 NAG N . -25.76 -72.30 30.96
C6 NAG N . -26.51 -72.25 32.28
C7 NAG N . -22.76 -70.67 26.89
C8 NAG N . -22.11 -69.60 27.73
N2 NAG N . -23.72 -71.38 27.47
O3 NAG N . -22.23 -72.27 29.82
O4 NAG N . -23.76 -73.28 31.98
O5 NAG N . -26.15 -71.12 30.23
O6 NAG N . -27.88 -72.55 32.09
O7 NAG N . -22.41 -70.86 25.72
C1 MAN N . -24.01 -74.64 31.56
C2 MAN N . -24.28 -75.43 32.87
C3 MAN N . -23.00 -75.43 33.72
C4 MAN N . -21.80 -76.03 32.90
C5 MAN N . -21.65 -75.17 31.62
C6 MAN N . -20.55 -75.63 30.66
O2 MAN N . -24.58 -76.80 32.60
O3 MAN N . -23.24 -75.93 35.08
O4 MAN N . -20.59 -75.95 33.65
O5 MAN N . -22.90 -75.18 30.87
O6 MAN N . -20.11 -74.46 29.92
C1 MAN N . -22.75 -77.24 35.47
C2 MAN N . -23.86 -78.28 35.39
C3 MAN N . -25.01 -77.77 36.26
C4 MAN N . -24.48 -77.66 37.71
C5 MAN N . -23.28 -76.69 37.75
C6 MAN N . -22.63 -76.56 39.13
O2 MAN N . -23.48 -79.46 36.08
O3 MAN N . -26.14 -78.63 36.21
O4 MAN N . -25.52 -77.20 38.58
O5 MAN N . -22.28 -77.15 36.79
O6 MAN N . -22.99 -77.69 39.91
C1 MAN N . -23.10 -80.63 35.32
C2 MAN N . -23.81 -80.76 33.94
C3 MAN N . -25.31 -81.17 34.07
C4 MAN N . -25.52 -82.22 35.17
C5 MAN N . -24.83 -81.72 36.43
C6 MAN N . -25.08 -82.59 37.63
O2 MAN N . -23.21 -81.78 33.16
O3 MAN N . -25.84 -81.65 32.84
O4 MAN N . -26.91 -82.36 35.44
O5 MAN N . -23.43 -81.71 36.15
O6 MAN N . -24.69 -81.86 38.80
C1 MAN N . -18.70 -74.53 29.64
C2 MAN N . -17.91 -74.53 30.97
C3 MAN N . -16.59 -73.78 30.81
C4 MAN N . -15.99 -74.01 29.40
C5 MAN N . -16.94 -73.45 28.32
C6 MAN N . -16.92 -74.24 27.02
O2 MAN N . -17.54 -75.85 31.39
O3 MAN N . -15.64 -74.16 31.81
O4 MAN N . -14.72 -73.37 29.30
O5 MAN N . -18.31 -73.44 28.81
O6 MAN N . -15.59 -74.66 26.76
C1 NAG O . -35.08 -55.77 -9.87
C2 NAG O . -34.30 -56.87 -9.15
C3 NAG O . -32.80 -56.56 -9.22
C4 NAG O . -32.36 -56.26 -10.65
C5 NAG O . -33.29 -55.25 -11.33
C6 NAG O . -33.01 -55.08 -12.80
C7 NAG O . -34.58 -58.13 -7.07
C8 NAG O . -35.08 -58.11 -5.65
N2 NAG O . -34.72 -57.01 -7.76
O3 NAG O . -32.05 -57.66 -8.69
O4 NAG O . -31.06 -55.66 -10.66
O5 NAG O . -34.65 -55.68 -11.21
O6 NAG O . -34.10 -54.42 -13.45
O7 NAG O . -34.07 -59.14 -7.54
C1 NAG O . -30.08 -56.63 -11.04
C2 NAG O . -28.95 -55.94 -11.82
C3 NAG O . -27.80 -56.90 -12.11
C4 NAG O . -27.41 -57.72 -10.87
C5 NAG O . -28.65 -58.28 -10.17
C6 NAG O . -28.33 -58.96 -8.87
C7 NAG O . -29.29 -54.09 -13.40
C8 NAG O . -29.89 -53.69 -14.71
N2 NAG O . -29.46 -55.37 -13.05
O3 NAG O . -26.69 -56.12 -12.54
O4 NAG O . -26.56 -58.83 -11.16
O5 NAG O . -29.55 -57.22 -9.88
O6 NAG O . -27.49 -58.15 -8.05
O7 NAG O . -28.69 -53.29 -12.69
C1 MAN O . -26.08 -59.02 -12.51
C2 MAN O . -25.69 -60.51 -12.66
C3 MAN O . -24.54 -60.81 -11.65
C4 MAN O . -23.37 -59.83 -11.87
C5 MAN O . -23.90 -58.37 -11.77
C6 MAN O . -22.85 -57.33 -12.06
O2 MAN O . -25.19 -60.74 -13.98
O3 MAN O . -24.13 -62.22 -11.43
O4 MAN O . -22.38 -60.03 -10.88
O5 MAN O . -24.97 -58.19 -12.73
O6 MAN O . -21.62 -58.03 -12.18
C1 MAN O . -24.01 -63.14 -12.56
C2 MAN O . -25.31 -63.97 -12.65
C3 MAN O . -25.43 -64.94 -11.46
C4 MAN O . -24.13 -65.72 -11.22
C5 MAN O . -22.93 -64.75 -11.15
C6 MAN O . -21.59 -65.46 -10.97
O2 MAN O . -25.34 -64.81 -13.83
O3 MAN O . -26.52 -65.83 -11.61
O4 MAN O . -24.22 -66.43 -9.99
O5 MAN O . -22.89 -63.97 -12.38
O6 MAN O . -21.21 -66.07 -12.19
C1 MAN O . -20.47 -57.16 -12.20
C2 MAN O . -19.24 -58.09 -12.36
C3 MAN O . -18.95 -58.83 -11.05
C4 MAN O . -18.90 -57.87 -9.85
C5 MAN O . -20.19 -57.04 -9.77
C6 MAN O . -20.15 -56.00 -8.67
O2 MAN O . -18.05 -57.37 -12.69
O3 MAN O . -17.75 -59.58 -11.12
O4 MAN O . -18.76 -58.61 -8.64
O5 MAN O . -20.39 -56.33 -11.03
O6 MAN O . -21.26 -56.22 -7.80
C1 NAG P . -40.07 -48.67 -20.56
C2 NAG P . -39.02 -49.65 -21.11
C3 NAG P . -38.44 -49.14 -22.43
C4 NAG P . -39.54 -48.78 -23.41
C5 NAG P . -40.48 -47.76 -22.75
C6 NAG P . -41.67 -47.39 -23.60
C7 NAG P . -37.25 -50.98 -20.00
C8 NAG P . -36.19 -50.98 -18.94
N2 NAG P . -37.95 -49.84 -20.14
O3 NAG P . -37.59 -50.14 -23.00
O4 NAG P . -39.04 -48.24 -24.63
O5 NAG P . -41.00 -48.36 -21.57
O6 NAG P . -42.33 -46.24 -23.11
O7 NAG P . -37.46 -51.95 -20.71
C1 NAG P . -39.31 -49.20 -25.68
C2 NAG P . -39.92 -48.53 -26.92
C3 NAG P . -40.11 -49.57 -28.03
C4 NAG P . -38.80 -50.32 -28.30
C5 NAG P . -38.26 -50.89 -26.99
C6 NAG P . -36.91 -51.56 -27.13
C7 NAG P . -41.47 -46.62 -26.96
C8 NAG P . -42.83 -46.12 -26.56
N2 NAG P . -41.19 -47.88 -26.61
O3 NAG P . -40.55 -48.91 -29.22
O4 NAG P . -39.05 -51.39 -29.20
O5 NAG P . -38.09 -49.85 -26.03
O6 NAG P . -36.39 -51.95 -25.86
O7 NAG P . -40.67 -45.91 -27.56
C1 MAN P . -38.52 -51.16 -30.54
C2 MAN P . -37.05 -51.65 -30.60
C3 MAN P . -36.25 -50.82 -31.60
C4 MAN P . -37.12 -50.39 -32.79
C5 MAN P . -38.30 -49.51 -32.32
C6 MAN P . -39.58 -49.75 -33.11
O2 MAN P . -36.97 -53.01 -31.06
O3 MAN P . -35.09 -51.52 -32.07
O4 MAN P . -36.34 -49.66 -33.73
O5 MAN P . -38.61 -49.78 -30.92
O6 MAN P . -39.93 -48.54 -33.77
C1 NAG Q . -19.86 -24.38 43.33
C2 NAG Q . -19.70 -23.51 44.58
C3 NAG Q . -18.63 -24.08 45.53
C4 NAG Q . -18.83 -25.58 45.77
C5 NAG Q . -19.11 -26.33 44.46
C6 NAG Q . -19.55 -27.77 44.67
C7 NAG Q . -20.23 -21.13 44.16
C8 NAG Q . -21.66 -21.47 44.51
N2 NAG Q . -19.36 -22.13 44.22
O3 NAG Q . -18.73 -23.39 46.76
O4 NAG Q . -17.62 -26.15 46.27
O5 NAG Q . -20.15 -25.69 43.71
O6 NAG Q . -20.55 -27.91 45.67
O7 NAG Q . -19.90 -19.99 43.84
C1 NAG Q . -17.37 -26.01 47.68
C2 NAG Q . -16.41 -27.12 48.11
C3 NAG Q . -15.99 -26.93 49.57
C4 NAG Q . -15.49 -25.52 49.83
C5 NAG Q . -16.50 -24.49 49.31
C6 NAG Q . -16.00 -23.06 49.37
C7 NAG Q . -16.33 -29.57 47.90
C8 NAG Q . -17.14 -30.82 47.68
N2 NAG Q . -17.03 -28.43 47.92
O3 NAG Q . -14.98 -27.87 49.90
O4 NAG Q . -15.33 -25.38 51.25
O5 NAG Q . -16.78 -24.76 47.93
O6 NAG Q . -14.76 -22.91 48.68
O7 NAG Q . -15.12 -29.60 48.06
C1 MAN Q . -14.25 -24.54 51.71
C2 MAN Q . -12.84 -25.19 51.43
C3 MAN Q . -12.56 -26.37 52.38
C4 MAN Q . -12.95 -26.04 53.84
C5 MAN Q . -14.39 -25.52 53.87
C6 MAN Q . -14.89 -25.20 55.28
O2 MAN Q . -11.79 -24.25 51.67
O3 MAN Q . -11.19 -26.76 52.33
O4 MAN Q . -12.84 -27.20 54.65
O5 MAN Q . -14.44 -24.32 53.09
O6 MAN Q . -15.52 -26.36 55.79
C1 FUC Q . -21.84 -28.01 45.03
C2 FUC Q . -22.79 -28.92 45.87
C3 FUC Q . -23.18 -28.26 47.21
C4 FUC Q . -23.64 -26.81 46.99
C5 FUC Q . -22.59 -26.06 46.18
C6 FUC Q . -22.95 -24.61 45.86
O2 FUC Q . -22.25 -30.22 46.07
O3 FUC Q . -24.26 -28.97 47.81
O4 FUC Q . -24.87 -26.80 46.29
O5 FUC Q . -22.39 -26.72 44.92
C1 NAG R . -57.41 -40.49 24.97
C2 NAG R . -58.24 -39.83 23.87
C3 NAG R . -59.12 -38.73 24.45
C4 NAG R . -60.00 -39.31 25.55
C5 NAG R . -59.14 -39.98 26.61
C6 NAG R . -59.96 -40.69 27.66
C7 NAG R . -57.07 -39.96 21.71
C8 NAG R . -56.25 -39.21 20.71
N2 NAG R . -57.41 -39.29 22.81
O3 NAG R . -59.91 -38.18 23.40
O4 NAG R . -60.72 -38.25 26.16
O5 NAG R . -58.30 -40.98 26.00
O6 NAG R . -60.23 -39.86 28.78
O7 NAG R . -57.39 -41.13 21.55
C1 NAG R . -62.05 -38.20 25.64
C2 NAG R . -62.85 -37.29 26.57
C3 NAG R . -64.28 -37.12 26.07
C4 NAG R . -64.29 -36.70 24.60
C5 NAG R . -63.45 -37.64 23.76
C6 NAG R . -63.32 -37.23 22.31
C7 NAG R . -62.49 -37.09 28.99
C8 NAG R . -62.54 -37.81 30.31
N2 NAG R . -62.84 -37.81 27.92
O3 NAG R . -64.94 -36.15 26.86
O4 NAG R . -65.63 -36.71 24.11
O5 NAG R . -62.11 -37.69 24.30
O6 NAG R . -64.20 -37.99 21.49
O7 NAG R . -62.17 -35.91 28.90
C1 MAN R . -66.08 -35.36 23.89
C2 MAN R . -67.28 -35.11 24.84
C3 MAN R . -68.48 -35.99 24.43
C4 MAN R . -68.75 -35.89 22.92
C5 MAN R . -67.46 -36.12 22.11
C6 MAN R . -67.65 -35.91 20.61
O2 MAN R . -67.74 -33.76 24.75
O3 MAN R . -69.66 -35.69 25.16
O4 MAN R . -69.73 -36.84 22.54
O5 MAN R . -66.45 -35.20 22.55
O6 MAN R . -66.37 -35.69 20.04
C1 MAN R . -69.51 -35.94 26.58
C2 MAN R . -69.29 -37.46 26.81
C3 MAN R . -70.56 -38.26 26.51
C4 MAN R . -71.80 -37.65 27.18
C5 MAN R . -71.90 -36.15 26.85
C6 MAN R . -73.04 -35.45 27.57
O2 MAN R . -68.97 -37.74 28.18
O3 MAN R . -70.42 -39.63 26.89
O4 MAN R . -72.97 -38.31 26.74
O5 MAN R . -70.66 -35.49 27.26
O6 MAN R . -74.26 -35.94 27.02
C1 NAG S . -41.45 -35.21 45.52
C2 NAG S . -40.63 -34.88 46.75
C3 NAG S . -41.53 -34.87 47.99
C4 NAG S . -42.82 -34.08 47.77
C5 NAG S . -43.45 -34.36 46.39
C6 NAG S . -44.55 -33.40 46.03
C7 NAG S . -38.27 -35.57 46.61
C8 NAG S . -37.29 -36.67 46.88
N2 NAG S . -39.55 -35.83 46.93
O3 NAG S . -40.78 -34.28 49.05
O4 NAG S . -43.80 -34.49 48.72
O5 NAG S . -42.46 -34.27 45.36
O6 NAG S . -45.22 -33.76 44.83
O7 NAG S . -37.93 -34.50 46.11
C1 NAG S . -43.67 -34.00 50.07
C2 NAG S . -44.94 -34.37 50.81
C3 NAG S . -44.87 -33.90 52.26
C4 NAG S . -43.61 -34.44 52.93
C5 NAG S . -42.38 -34.10 52.10
C6 NAG S . -41.10 -34.72 52.63
C7 NAG S . -47.01 -34.59 49.51
C8 NAG S . -48.17 -33.88 48.89
N2 NAG S . -46.12 -33.83 50.15
O3 NAG S . -46.05 -34.34 52.93
O4 NAG S . -43.40 -33.83 54.21
O5 NAG S . -42.54 -34.57 50.76
O6 NAG S . -39.94 -34.07 52.12
O7 NAG S . -46.90 -35.81 49.46
C1 MAN S . -44.28 -34.24 55.29
C2 MAN S . -43.57 -33.70 56.58
C3 MAN S . -42.58 -34.68 57.20
C4 MAN S . -43.24 -36.11 57.32
C5 MAN S . -43.67 -36.61 55.92
C6 MAN S . -44.38 -37.98 55.95
O2 MAN S . -44.53 -33.41 57.61
O3 MAN S . -42.14 -34.06 58.45
O4 MAN S . -42.36 -37.09 57.87
O5 MAN S . -44.59 -35.68 55.31
O6 MAN S . -43.70 -38.92 55.10
C1 MAN S . -41.38 -34.81 59.42
C2 MAN S . -42.34 -35.02 60.60
C3 MAN S . -42.68 -33.66 61.22
C4 MAN S . -41.40 -32.89 61.60
C5 MAN S . -40.44 -32.79 60.41
C6 MAN S . -39.07 -32.23 60.81
O2 MAN S . -41.74 -35.80 61.63
O3 MAN S . -43.53 -33.79 62.35
O4 MAN S . -41.74 -31.58 62.05
O5 MAN S . -40.22 -34.11 59.82
O6 MAN S . -39.24 -31.36 61.93
C1 MAN S . -44.63 -39.72 54.33
C2 MAN S . -45.30 -40.79 55.24
C3 MAN S . -45.63 -42.07 54.45
C4 MAN S . -45.98 -41.75 52.98
C5 MAN S . -44.79 -41.07 52.28
C6 MAN S . -45.21 -40.13 51.16
O2 MAN S . -46.55 -40.35 55.78
O3 MAN S . -46.69 -42.82 55.05
O4 MAN S . -46.32 -42.94 52.30
O5 MAN S . -43.97 -40.31 53.22
O6 MAN S . -44.58 -40.56 49.95
C1 NAG T . -51.24 22.70 2.39
C2 NAG T . -52.49 23.03 1.57
C3 NAG T . -52.07 23.63 0.23
C4 NAG T . -51.13 24.81 0.43
C5 NAG T . -49.97 24.41 1.36
C6 NAG T . -49.06 25.54 1.72
C7 NAG T . -54.09 21.31 2.30
C8 NAG T . -54.87 20.11 1.89
N2 NAG T . -53.30 21.85 1.36
O3 NAG T . -53.24 24.04 -0.47
O4 NAG T . -50.56 25.20 -0.82
O5 NAG T . -50.49 23.88 2.58
O6 NAG T . -48.26 25.21 2.84
O7 NAG T . -54.14 21.76 3.43
C1 NAG T . -51.33 26.15 -1.58
C2 NAG T . -50.76 26.14 -3.02
C3 NAG T . -51.64 26.97 -3.96
C4 NAG T . -53.08 26.51 -3.88
C5 NAG T . -53.55 26.70 -2.44
C6 NAG T . -54.98 26.28 -2.20
C7 NAG T . -48.41 26.10 -3.76
C8 NAG T . -48.78 24.91 -4.58
N2 NAG T . -49.39 26.65 -3.03
O3 NAG T . -51.17 26.82 -5.30
O4 NAG T . -53.92 27.17 -4.83
O5 NAG T . -52.73 25.85 -1.60
O6 NAG T . -55.47 26.71 -0.94
O7 NAG T . -47.27 26.56 -3.75
C1 MAN T . -53.88 28.61 -4.86
C2 MAN T . -55.28 29.01 -5.32
C3 MAN T . -55.50 28.53 -6.75
C4 MAN T . -54.39 29.03 -7.69
C5 MAN T . -52.98 28.70 -7.14
C6 MAN T . -51.88 29.40 -7.95
O2 MAN T . -55.46 30.45 -5.36
O3 MAN T . -56.77 28.96 -7.23
O4 MAN T . -54.53 28.43 -8.97
O5 MAN T . -52.89 29.14 -5.75
O6 MAN T . -50.59 28.87 -7.60
C1 MAN T . -49.82 28.51 -8.78
C2 MAN T . -48.35 28.19 -8.28
C3 MAN T . -47.43 29.44 -8.27
C4 MAN T . -47.60 30.32 -9.51
C5 MAN T . -49.06 30.73 -9.68
C6 MAN T . -49.28 31.65 -10.90
O2 MAN T . -47.68 27.22 -9.11
O3 MAN T . -46.06 29.07 -8.10
O4 MAN T . -46.79 31.49 -9.38
O5 MAN T . -49.87 29.53 -9.84
O6 MAN T . -50.51 32.41 -10.73
C1 MAN T . -50.43 33.89 -10.65
C2 MAN T . -49.42 34.53 -11.73
C3 MAN T . -48.00 34.82 -11.19
C4 MAN T . -48.00 35.32 -9.75
C5 MAN T . -48.78 34.35 -8.87
C6 MAN T . -48.77 34.74 -7.41
O2 MAN T . -49.91 35.80 -12.19
O3 MAN T . -47.31 35.76 -12.02
O4 MAN T . -46.66 35.38 -9.27
O5 MAN T . -50.15 34.33 -9.29
O6 MAN T . -49.41 33.69 -6.67
C1 MAN T . -57.66 27.86 -7.52
C2 MAN T . -58.94 28.52 -8.08
C3 MAN T . -59.71 29.19 -6.95
C4 MAN T . -59.99 28.20 -5.81
C5 MAN T . -58.66 27.63 -5.28
C6 MAN T . -58.85 26.58 -4.20
O2 MAN T . -59.83 27.55 -8.64
O3 MAN T . -60.93 29.78 -7.39
O4 MAN T . -60.66 28.86 -4.74
O5 MAN T . -57.92 27.03 -6.38
O6 MAN T . -57.62 25.89 -4.03
C1 NAG U . -15.35 11.82 17.28
C2 NAG U . -15.71 13.02 16.41
C3 NAG U . -15.22 12.81 14.97
C4 NAG U . -13.76 12.38 14.92
C5 NAG U . -13.50 11.22 15.90
C6 NAG U . -12.04 10.86 16.04
C7 NAG U . -17.71 14.41 16.79
C8 NAG U . -19.20 14.47 16.75
N2 NAG U . -17.15 13.26 16.42
O3 NAG U . -15.38 14.01 14.23
O4 NAG U . -13.44 11.89 13.62
O5 NAG U . -13.95 11.59 17.22
O6 NAG U . -11.66 10.72 17.40
O7 NAG U . -17.03 15.37 17.16
C1 NAG U . -12.45 12.65 12.91
C2 NAG U . -11.55 11.71 12.09
C3 NAG U . -10.58 12.50 11.22
C4 NAG U . -11.32 13.54 10.39
C5 NAG U . -12.20 14.40 11.29
C6 NAG U . -13.07 15.37 10.52
C7 NAG U . -10.91 9.44 12.84
C8 NAG U . -10.10 8.65 13.80
N2 NAG U . -10.83 10.78 12.96
O3 NAG U . -9.92 11.56 10.38
O4 NAG U . -10.49 14.42 9.62
O5 NAG U . -13.09 13.57 12.04
O6 NAG U . -13.92 14.70 9.61
O7 NAG U . -11.62 8.91 11.98
C1 MAN U . -9.06 14.21 9.53
C2 MAN U . -8.39 15.57 9.15
C3 MAN U . -8.60 15.90 7.66
C4 MAN U . -8.25 14.69 6.77
C5 MAN U . -9.10 13.49 7.21
C6 MAN U . -8.83 12.26 6.38
O2 MAN U . -6.98 15.54 9.34
O3 MAN U . -7.83 17.03 7.25
O4 MAN U . -8.53 14.99 5.40
O5 MAN U . -8.76 13.18 8.58
O6 MAN U . -9.53 11.19 6.97
C1 NAG V . -5.58 5.13 24.83
C2 NAG V . -4.96 3.72 24.79
C3 NAG V . -3.96 3.58 23.63
C4 NAG V . -4.54 4.09 22.32
C5 NAG V . -5.05 5.51 22.51
C6 NAG V . -5.65 6.13 21.26
C7 NAG V . -4.88 2.79 27.07
C8 NAG V . -4.03 2.58 28.29
N2 NAG V . -4.29 3.42 26.04
O3 NAG V . -3.57 2.22 23.49
O4 NAG V . -3.54 4.09 21.30
O5 NAG V . -6.07 5.49 23.51
O6 NAG V . -4.66 6.41 20.25
O7 NAG V . -6.06 2.40 27.01
C1 FUC V . -4.60 7.83 19.99
C2 FUC V . -3.12 8.22 19.69
C3 FUC V . -2.65 7.70 18.33
C4 FUC V . -3.59 8.17 17.20
C5 FUC V . -5.06 7.85 17.55
C6 FUC V . -6.04 8.55 16.61
O2 FUC V . -2.24 7.80 20.73
O3 FUC V . -1.35 8.21 18.04
O4 FUC V . -3.42 9.56 16.98
O5 FUC V . -5.45 8.23 18.90
C1 NAG W . -62.19 -20.19 -11.05
C2 NAG W . -63.30 -20.65 -11.99
C3 NAG W . -63.41 -19.71 -13.20
C4 NAG W . -63.49 -18.25 -12.77
C5 NAG W . -62.37 -17.92 -11.79
C6 NAG W . -62.49 -16.54 -11.19
C7 NAG W . -63.66 -23.08 -11.91
C8 NAG W . -64.68 -22.82 -10.84
N2 NAG W . -63.05 -22.01 -12.43
O3 NAG W . -64.58 -20.07 -13.92
O4 NAG W . -63.32 -17.40 -13.91
O5 NAG W . -62.39 -18.85 -10.69
O6 NAG W . -63.77 -16.32 -10.61
O7 NAG W . -63.40 -24.21 -12.30
C1 NAG W . -64.51 -17.06 -14.67
C2 NAG W . -64.22 -15.78 -15.47
C3 NAG W . -65.36 -15.48 -16.47
C4 NAG W . -65.77 -16.70 -17.28
C5 NAG W . -66.02 -17.87 -16.34
C6 NAG W . -66.32 -19.19 -17.03
C7 NAG W . -63.59 -13.44 -14.95
C8 NAG W . -63.48 -12.42 -13.86
N2 NAG W . -64.03 -14.65 -14.57
O3 NAG W . -64.95 -14.43 -17.35
O4 NAG W . -66.94 -16.34 -18.02
O5 NAG W . -64.85 -18.11 -15.55
O6 NAG W . -65.27 -19.57 -17.90
O7 NAG W . -63.31 -13.18 -16.12
C1 MAN W . -67.29 -17.04 -19.25
C2 MAN W . -66.50 -16.53 -20.53
C3 MAN W . -67.15 -15.31 -21.21
C4 MAN W . -68.69 -15.42 -21.28
C5 MAN W . -69.28 -15.72 -19.89
C6 MAN W . -70.82 -15.85 -19.92
O2 MAN W . -66.44 -17.53 -21.55
O3 MAN W . -66.62 -15.10 -22.53
O4 MAN W . -69.23 -14.19 -21.80
O5 MAN W . -68.72 -16.98 -19.43
O6 MAN W . -71.41 -15.50 -18.63
C1 MAN W . -72.30 -16.56 -18.16
C2 MAN W . -73.32 -16.93 -19.35
C3 MAN W . -74.66 -16.20 -19.22
C4 MAN W . -75.20 -16.41 -17.83
C5 MAN W . -74.31 -15.62 -16.89
C6 MAN W . -74.85 -15.58 -15.46
O2 MAN W . -73.65 -18.33 -19.33
O3 MAN W . -75.60 -16.65 -20.19
O4 MAN W . -76.54 -15.93 -17.74
O5 MAN W . -72.97 -16.22 -16.88
O6 MAN W . -74.02 -16.39 -14.62
C1 FUC W . -63.73 -16.50 -9.18
C2 FUC W . -64.71 -15.52 -8.54
C3 FUC W . -66.17 -15.89 -8.89
C4 FUC W . -66.46 -17.39 -8.63
C5 FUC W . -65.37 -18.26 -9.26
C6 FUC W . -65.49 -19.73 -8.88
O2 FUC W . -64.43 -14.17 -8.87
O3 FUC W . -67.06 -15.14 -8.09
O4 FUC W . -66.53 -17.62 -7.24
O5 FUC W . -64.06 -17.83 -8.86
CA CA X . 38.62 31.38 -34.20
CA CA Y . 29.36 39.41 -35.45
CU CU Z . 28.97 38.30 -3.59
C1 NAG AA . 20.14 36.52 -42.77
C2 NAG AA . 20.00 36.32 -44.27
C3 NAG AA . 18.55 36.52 -44.70
C4 NAG AA . 17.62 35.64 -43.88
C5 NAG AA . 17.87 35.82 -42.38
C6 NAG AA . 17.10 34.85 -41.52
C7 NAG AA . 22.20 37.00 -45.14
C8 NAG AA . 22.97 38.04 -45.91
N2 NAG AA . 20.89 37.22 -44.99
O3 NAG AA . 18.43 36.22 -46.09
O4 NAG AA . 16.27 35.94 -44.17
O5 NAG AA . 19.26 35.61 -42.09
O6 NAG AA . 17.86 34.41 -40.41
O7 NAG AA . 22.76 36.01 -44.67
CA CA BA . 16.08 14.65 9.14
CA CA CA . 7.04 10.08 2.37
CU CU DA . 30.38 7.24 -19.56
C1 NAG EA . 4.06 8.91 -23.90
C2 NAG EA . 4.73 9.81 -24.93
C3 NAG EA . 3.84 11.02 -25.23
C4 NAG EA . 2.46 10.56 -25.67
C5 NAG EA . 1.86 9.62 -24.63
C6 NAG EA . 0.54 9.02 -25.06
C7 NAG EA . 7.18 9.88 -25.07
C8 NAG EA . 8.44 10.41 -24.48
N2 NAG EA . 6.04 10.25 -24.47
O3 NAG EA . 4.44 11.82 -26.23
O4 NAG EA . 1.61 11.68 -25.84
O5 NAG EA . 2.75 8.51 -24.38
O6 NAG EA . -0.55 9.86 -24.71
O7 NAG EA . 7.19 9.13 -26.04
C1 NAG FA . -3.53 14.80 -2.68
C2 NAG FA . -3.28 16.17 -3.32
C3 NAG FA . -3.99 16.26 -4.67
C4 NAG FA . -3.66 15.05 -5.55
C5 NAG FA . -3.91 13.75 -4.79
C6 NAG FA . -3.49 12.51 -5.54
C7 NAG FA . -2.87 17.87 -1.58
C8 NAG FA . -3.49 18.97 -0.77
N2 NAG FA . -3.69 17.26 -2.46
O3 NAG FA . -3.62 17.47 -5.31
O4 NAG FA . -4.46 15.05 -6.73
O5 NAG FA . -3.16 13.77 -3.57
O6 NAG FA . -3.99 11.33 -4.93
O7 NAG FA . -1.69 17.55 -1.47
CA CA GA . -23.82 -32.71 32.27
CA CA HA . -33.63 -39.06 35.89
CU CU IA . -41.86 -37.06 5.44
CA CA JA . -52.54 -11.47 -4.65
CA CA KA . -58.93 -5.48 4.10
CU CU LA . -31.02 -7.10 19.65
C1 NAG MA . -55.02 -4.36 30.24
C2 NAG MA . -54.18 -4.75 31.45
C3 NAG MA . -54.84 -5.91 32.20
C4 NAG MA . -56.27 -5.54 32.57
C5 NAG MA . -57.05 -5.10 31.33
C6 NAG MA . -58.44 -4.60 31.65
C7 NAG MA . -51.84 -4.19 31.01
C8 NAG MA . -50.49 -4.71 30.59
N2 NAG MA . -52.82 -5.09 31.07
O3 NAG MA . -54.10 -6.21 33.38
O4 NAG MA . -56.92 -6.65 33.17
O5 NAG MA . -56.36 -4.02 30.67
O6 NAG MA . -59.40 -5.64 31.57
O7 NAG MA . -52.03 -3.00 31.26
C1 NAG NA . -68.32 -10.06 10.61
C2 NAG NA . -69.77 -10.18 10.24
C3 NAG NA . -70.59 -10.18 11.52
C4 NAG NA . -70.03 -11.20 12.52
C5 NAG NA . -68.49 -11.29 12.54
C6 NAG NA . -67.97 -12.57 13.16
C7 NAG NA . -70.07 -9.21 8.00
C8 NAG NA . -70.56 -8.03 7.22
N2 NAG NA . -70.19 -9.12 9.34
O3 NAG NA . -71.96 -10.45 11.26
O4 NAG NA . -70.46 -10.84 13.83
O5 NAG NA . -67.92 -11.22 11.22
O6 NAG NA . -66.72 -12.94 12.62
O7 NAG NA . -69.59 -10.19 7.46
#